data_6PEQ
#
_entry.id   6PEQ
#
_cell.length_a   1.00
_cell.length_b   1.00
_cell.length_c   1.00
_cell.angle_alpha   90.00
_cell.angle_beta   90.00
_cell.angle_gamma   90.00
#
_symmetry.space_group_name_H-M   'P 1'
#
loop_
_entity.id
_entity.type
_entity.pdbx_description
1 polymer 'Glutamate receptor 2'
2 polymer 'Protein cornichon homolog 3'
3 non-polymer '{[7-morpholin-4-yl-2,3-dioxo-6-(trifluoromethyl)-3,4-dihydroquinoxalin-1(2H)-yl]methyl}phosphonic acid'
4 non-polymer '(2R)-2,3-dihydroxypropyl (9Z)-octadec-9-enoate'
5 non-polymer 'PALMITOLEIC ACID'
6 non-polymer CHOLESTEROL
#
loop_
_entity_poly.entity_id
_entity_poly.type
_entity_poly.pdbx_seq_one_letter_code
_entity_poly.pdbx_strand_id
1 'polypeptide(L)'
;MQKIMHISVLLSPVLWGLIFGVSSNSIQIGGLFPRGADQEYSAFRVGMVQFSTSEFRLTPHIDNLEVANSFAVTNAFCSQ
FSRGVYAIFGFYDKKSVNTITSFCGTLHVSFITPSFPTDGTHPFVIQMRPDLKGALLSLIEYYQWDKFAYLYDSDRGLST
LQAVLDSAAEKKWQVTAINVGNINNDKKDETYRSLFQDLELKKERRVILDCERDKVNDIVDQVITIGKHVKGYHYIIANL
GFTDGDLLKIQFGGANVSGFQIVDYDDSLVSKFIERWSTLEEKEYPGAHTATIKYTSALTYDAVQVMTEAFRNLRKQRIE
ISRRGNAGDCLANPAVPWGQGVEIERALKQVQVEGLSGNIKFDQNGKRINYTINIMELKTNGPRKIGYWSEVDKMVVTLT
ELPSGNDTSGLENKTVVVTTILESPYVMMKKNHEMLEGNERYEGYCVDLAAEIAKHCGFKYKLTIVGDGKYGARDADTKI
WNGMVGELVYGKADIAIAPLTITLVREEVIDFSKPFMSLGISIMIKKPQKSKPGVFSFLDPLAYEIWMCIVFAYIGVSVV
LFLVSRFSPYEWHTEEFEDGRETQSSESTNEFGIFNSLWFSLGAFMRQGCDISPRSLSGRIVGGVWWFFTLIIISSYTAN
LAAFLTVERMVSPIESAEDLSKQTEIAYGTLDSGSTKEFFRRSKIAVFDKMWTYMRSAEPSVFVRTTAEGVARVRKSKGK
YAYLLESTMNEYIEQRKPCDTMKVGGNLDSKGYGIATPKGSSLGNAVNLAVLKLNEQGLLDKLKNKWWYDKGECGSGGGD
SKEKTSALSLSNVAGVFYILVGGLGLAMLVALIEFCYKSRAEAKRMKVAKNPQNINPSSSQNSQNFATDYKDDDDKEGYN
VYGIESVKI
;
A,B,C,D
2 'polypeptide(L)'
;MAFTFAAFCYMLSLVLCAALIFFAIWHIIAFDELRTDFKSPIDQCNPVHARERLRNIERICFLLRKLVLPEYSIHSLFCI
MFLCAQEWLTLGLNVPLLFYHFWRYFHCPADSSELAYDPPVVMNADTLSYCQKEAWCKLAFYLLSFFYYLYCMIYTLVSS
GGRGGTETSQVAPA
;
E,F,G,H
#
loop_
_chem_comp.id
_chem_comp.type
_chem_comp.name
_chem_comp.formula
CLR non-polymer CHOLESTEROL 'C27 H46 O'
OLC non-polymer '(2R)-2,3-dihydroxypropyl (9Z)-octadec-9-enoate' 'C21 H40 O4'
PAM non-polymer 'PALMITOLEIC ACID' 'C16 H30 O2'
ZK1 non-polymer '{[7-morpholin-4-yl-2,3-dioxo-6-(trifluoromethyl)-3,4-dihydroquinoxalin-1(2H)-yl]methyl}phosphonic acid' 'C14 H15 F3 N3 O6 P'
#
# COMPACT_ATOMS: atom_id res chain seq x y z
N GLU A 412 55.71 -51.83 11.70
CA GLU A 412 54.64 -50.96 12.18
C GLU A 412 53.35 -51.15 11.43
N ASN A 413 52.81 -50.05 10.89
CA ASN A 413 51.56 -50.10 10.14
C ASN A 413 51.84 -50.64 8.74
N LYS A 414 50.84 -50.58 7.86
CA LYS A 414 50.95 -51.11 6.51
C LYS A 414 50.46 -50.09 5.49
N THR A 415 50.84 -48.82 5.67
CA THR A 415 50.49 -47.76 4.74
C THR A 415 48.98 -47.74 4.47
N VAL A 416 48.25 -47.42 5.53
CA VAL A 416 46.79 -47.50 5.51
C VAL A 416 46.25 -46.91 4.22
N VAL A 417 45.40 -47.67 3.55
CA VAL A 417 44.78 -47.23 2.31
C VAL A 417 43.69 -46.23 2.63
N VAL A 418 43.51 -45.25 1.76
CA VAL A 418 42.48 -44.24 1.95
C VAL A 418 41.78 -43.96 0.62
N THR A 419 40.61 -44.58 0.43
CA THR A 419 39.83 -44.35 -0.77
C THR A 419 38.97 -43.10 -0.61
N THR A 420 38.96 -42.26 -1.64
CA THR A 420 38.25 -40.99 -1.59
C THR A 420 37.57 -40.77 -2.94
N ILE A 421 37.12 -39.53 -3.16
CA ILE A 421 36.46 -39.14 -4.40
C ILE A 421 36.90 -37.73 -4.75
N LEU A 422 36.75 -37.39 -6.03
CA LEU A 422 37.21 -36.10 -6.56
C LEU A 422 36.02 -35.15 -6.62
N GLU A 423 35.65 -34.62 -5.45
CA GLU A 423 34.62 -33.61 -5.32
C GLU A 423 35.22 -32.37 -4.68
N SER A 424 35.04 -31.24 -5.30
CA SER A 424 35.60 -30.02 -4.76
C SER A 424 34.61 -29.34 -3.82
N PRO A 425 35.10 -28.61 -2.81
CA PRO A 425 36.51 -28.39 -2.48
C PRO A 425 37.07 -29.43 -1.52
N TYR A 426 36.38 -30.56 -1.37
CA TYR A 426 36.83 -31.58 -0.44
C TYR A 426 38.19 -32.13 -0.86
N VAL A 427 38.33 -32.49 -2.13
CA VAL A 427 39.58 -32.99 -2.68
C VAL A 427 39.75 -32.41 -4.08
N MET A 428 40.93 -31.86 -4.34
CA MET A 428 41.19 -31.20 -5.61
C MET A 428 42.62 -31.46 -6.03
N MET A 429 42.85 -31.43 -7.35
CA MET A 429 44.16 -31.65 -7.92
C MET A 429 44.91 -30.32 -7.98
N LYS A 430 46.09 -30.28 -7.38
CA LYS A 430 46.91 -29.08 -7.42
C LYS A 430 47.16 -28.66 -8.87
N LYS A 431 47.54 -27.40 -9.04
CA LYS A 431 47.75 -26.86 -10.38
C LYS A 431 48.77 -27.66 -11.18
N ASN A 432 49.72 -28.29 -10.50
CA ASN A 432 50.81 -29.02 -11.15
C ASN A 432 50.88 -30.45 -10.62
N HIS A 433 49.73 -31.13 -10.57
CA HIS A 433 49.69 -32.50 -10.09
C HIS A 433 50.50 -33.45 -10.97
N GLU A 434 50.74 -33.08 -12.23
CA GLU A 434 51.49 -33.94 -13.14
C GLU A 434 52.95 -34.07 -12.75
N MET A 435 53.43 -33.25 -11.83
CA MET A 435 54.83 -33.26 -11.37
C MET A 435 54.89 -33.32 -9.86
N LEU A 436 54.07 -34.19 -9.26
CA LEU A 436 53.99 -34.29 -7.80
C LEU A 436 53.65 -35.72 -7.42
N GLU A 437 53.78 -36.01 -6.14
CA GLU A 437 53.42 -37.30 -5.58
C GLU A 437 51.96 -37.32 -5.13
N GLY A 438 51.44 -38.52 -4.91
CA GLY A 438 50.04 -38.71 -4.59
C GLY A 438 49.55 -37.84 -3.44
N ASN A 439 50.11 -38.02 -2.25
CA ASN A 439 49.63 -37.26 -1.11
C ASN A 439 49.72 -35.75 -1.36
N GLU A 440 50.78 -35.31 -2.02
CA GLU A 440 50.89 -33.91 -2.40
C GLU A 440 50.17 -33.59 -3.69
N ARG A 441 49.79 -34.60 -4.48
CA ARG A 441 49.08 -34.35 -5.73
C ARG A 441 47.73 -33.71 -5.45
N TYR A 442 46.96 -34.28 -4.53
CA TYR A 442 45.64 -33.77 -4.19
C TYR A 442 45.73 -32.73 -3.07
N GLU A 443 44.63 -32.01 -2.87
CA GLU A 443 44.55 -31.00 -1.83
C GLU A 443 43.09 -30.72 -1.54
N GLY A 444 42.79 -30.42 -0.29
CA GLY A 444 41.43 -30.08 0.08
C GLY A 444 41.18 -30.34 1.56
N TYR A 445 39.99 -29.92 1.98
CA TYR A 445 39.50 -30.16 3.34
C TYR A 445 39.82 -31.57 3.81
N CYS A 446 39.39 -32.56 3.04
CA CYS A 446 39.60 -33.95 3.45
C CYS A 446 41.07 -34.29 3.58
N VAL A 447 41.94 -33.61 2.84
CA VAL A 447 43.36 -33.91 2.90
C VAL A 447 43.94 -33.49 4.24
N ASP A 448 43.67 -32.24 4.66
CA ASP A 448 44.11 -31.81 5.98
C ASP A 448 43.44 -32.61 7.07
N LEU A 449 42.20 -33.04 6.84
CA LEU A 449 41.52 -33.89 7.82
C LEU A 449 42.26 -35.20 8.00
N ALA A 450 42.66 -35.82 6.89
CA ALA A 450 43.40 -37.07 6.97
C ALA A 450 44.76 -36.85 7.61
N ALA A 451 45.39 -35.69 7.33
CA ALA A 451 46.65 -35.37 7.97
C ALA A 451 46.49 -35.33 9.50
N GLU A 452 45.45 -34.65 9.96
CA GLU A 452 45.21 -34.57 11.41
C GLU A 452 44.89 -35.95 11.98
N ILE A 453 44.13 -36.76 11.24
CA ILE A 453 43.80 -38.10 11.71
C ILE A 453 45.06 -38.92 11.87
N ALA A 454 45.98 -38.83 10.91
CA ALA A 454 47.25 -39.54 11.02
C ALA A 454 48.06 -39.03 12.20
N LYS A 455 48.14 -37.71 12.36
CA LYS A 455 48.86 -37.13 13.49
C LYS A 455 48.30 -37.64 14.80
N HIS A 456 46.99 -37.87 14.87
CA HIS A 456 46.38 -38.36 16.10
C HIS A 456 46.67 -39.84 16.31
N CYS A 457 46.26 -40.68 15.35
CA CYS A 457 46.49 -42.11 15.48
C CYS A 457 47.94 -42.50 15.23
N GLY A 458 48.72 -41.63 14.59
CA GLY A 458 50.12 -41.92 14.34
C GLY A 458 50.33 -43.01 13.32
N PHE A 459 49.98 -42.74 12.06
CA PHE A 459 50.15 -43.73 11.00
C PHE A 459 50.23 -43.02 9.66
N LYS A 460 51.17 -43.45 8.82
CA LYS A 460 51.26 -42.94 7.47
C LYS A 460 50.24 -43.66 6.58
N TYR A 461 49.73 -42.93 5.59
CA TYR A 461 48.65 -43.42 4.74
C TYR A 461 49.02 -43.24 3.27
N LYS A 462 48.20 -43.85 2.41
CA LYS A 462 48.32 -43.75 0.97
C LYS A 462 46.94 -43.50 0.39
N LEU A 463 46.81 -42.39 -0.34
CA LEU A 463 45.52 -42.00 -0.89
C LEU A 463 45.24 -42.69 -2.21
N THR A 464 43.96 -42.81 -2.53
CA THR A 464 43.50 -43.43 -3.76
C THR A 464 42.13 -42.87 -4.10
N ILE A 465 41.82 -42.89 -5.39
CA ILE A 465 40.52 -42.44 -5.88
C ILE A 465 39.68 -43.66 -6.21
N VAL A 466 38.37 -43.49 -6.17
CA VAL A 466 37.44 -44.58 -6.47
C VAL A 466 37.27 -44.68 -7.98
N GLY A 467 37.23 -45.91 -8.48
CA GLY A 467 37.14 -46.11 -9.91
C GLY A 467 35.81 -45.64 -10.48
N ASP A 468 34.71 -46.11 -9.91
CA ASP A 468 33.38 -45.78 -10.42
C ASP A 468 33.00 -44.32 -10.23
N GLY A 469 33.84 -43.54 -9.55
CA GLY A 469 33.49 -42.14 -9.30
C GLY A 469 32.21 -41.97 -8.52
N LYS A 470 31.82 -42.96 -7.73
CA LYS A 470 30.61 -42.91 -6.93
C LYS A 470 30.96 -43.09 -5.46
N TYR A 471 29.94 -42.99 -4.62
CA TYR A 471 30.10 -43.18 -3.18
C TYR A 471 29.81 -44.61 -2.77
N GLY A 472 28.60 -45.09 -3.05
CA GLY A 472 28.22 -46.44 -2.71
C GLY A 472 26.72 -46.65 -2.71
N ALA A 473 26.29 -47.83 -3.16
CA ALA A 473 24.87 -48.15 -3.23
C ALA A 473 24.75 -49.63 -3.56
N ARG A 474 23.53 -50.13 -3.43
CA ARG A 474 23.22 -51.53 -3.70
C ARG A 474 22.42 -51.65 -4.99
N ASP A 475 22.94 -52.42 -5.93
CA ASP A 475 22.23 -52.67 -7.18
C ASP A 475 21.07 -53.62 -6.93
N ALA A 476 19.90 -53.28 -7.45
CA ALA A 476 18.70 -54.08 -7.20
C ALA A 476 18.81 -55.49 -7.76
N ASP A 477 19.81 -55.77 -8.60
CA ASP A 477 20.00 -57.10 -9.18
C ASP A 477 21.14 -57.87 -8.52
N THR A 478 22.31 -57.26 -8.42
CA THR A 478 23.47 -57.93 -7.83
C THR A 478 23.54 -57.77 -6.32
N LYS A 479 22.83 -56.81 -5.75
CA LYS A 479 22.91 -56.52 -4.32
C LYS A 479 24.36 -56.33 -3.89
N ILE A 480 25.12 -55.64 -4.74
CA ILE A 480 26.54 -55.42 -4.53
C ILE A 480 26.76 -53.97 -4.13
N TRP A 481 27.76 -53.76 -3.28
CA TRP A 481 28.13 -52.43 -2.83
C TRP A 481 29.21 -51.88 -3.75
N ASN A 482 28.93 -50.74 -4.37
CA ASN A 482 29.88 -50.09 -5.26
C ASN A 482 30.55 -48.91 -4.55
N GLY A 483 31.38 -48.19 -5.28
CA GLY A 483 32.01 -47.02 -4.72
C GLY A 483 32.94 -47.35 -3.55
N MET A 484 33.27 -46.29 -2.80
CA MET A 484 34.14 -46.46 -1.64
C MET A 484 33.53 -47.43 -0.63
N VAL A 485 32.20 -47.49 -0.55
CA VAL A 485 31.56 -48.45 0.33
C VAL A 485 32.01 -49.87 -0.03
N GLY A 486 31.93 -50.22 -1.30
CA GLY A 486 32.39 -51.52 -1.73
C GLY A 486 33.88 -51.69 -1.56
N GLU A 487 34.66 -50.65 -1.87
CA GLU A 487 36.10 -50.73 -1.68
C GLU A 487 36.44 -51.06 -0.24
N LEU A 488 35.64 -50.59 0.71
CA LEU A 488 35.88 -50.89 2.11
C LEU A 488 35.39 -52.28 2.48
N VAL A 489 34.17 -52.62 2.06
CA VAL A 489 33.61 -53.92 2.42
C VAL A 489 34.38 -55.04 1.76
N TYR A 490 34.91 -54.81 0.56
CA TYR A 490 35.60 -55.83 -0.21
C TYR A 490 37.12 -55.73 -0.06
N GLY A 491 37.60 -55.15 1.03
CA GLY A 491 39.02 -55.07 1.30
C GLY A 491 39.80 -54.15 0.40
N LYS A 492 39.19 -53.61 -0.66
CA LYS A 492 39.90 -52.70 -1.55
C LYS A 492 40.31 -51.40 -0.88
N ALA A 493 39.77 -51.10 0.30
CA ALA A 493 40.08 -49.86 0.99
C ALA A 493 40.05 -50.11 2.49
N ASP A 494 40.89 -49.37 3.21
CA ASP A 494 40.98 -49.47 4.66
C ASP A 494 40.12 -48.44 5.37
N ILE A 495 39.92 -47.26 4.78
CA ILE A 495 39.14 -46.20 5.40
C ILE A 495 38.78 -45.19 4.33
N ALA A 496 37.68 -44.48 4.55
CA ALA A 496 37.19 -43.46 3.64
C ALA A 496 37.12 -42.12 4.37
N ILE A 497 37.69 -41.08 3.78
CA ILE A 497 37.72 -39.76 4.38
C ILE A 497 37.04 -38.78 3.44
N ALA A 498 36.06 -39.25 2.70
CA ALA A 498 35.30 -38.44 1.78
C ALA A 498 33.95 -38.08 2.36
N PRO A 499 33.29 -37.05 1.84
CA PRO A 499 31.94 -36.74 2.30
C PRO A 499 30.98 -37.87 1.96
N LEU A 500 30.51 -38.57 2.99
CA LEU A 500 29.67 -39.74 2.82
C LEU A 500 28.41 -39.55 3.66
N THR A 501 27.31 -39.20 2.99
CA THR A 501 26.06 -38.97 3.69
C THR A 501 25.66 -40.20 4.51
N ILE A 502 25.67 -40.06 5.83
CA ILE A 502 25.31 -41.18 6.69
C ILE A 502 23.88 -41.59 6.42
N THR A 503 23.65 -42.90 6.35
CA THR A 503 22.32 -43.43 6.08
C THR A 503 22.17 -44.76 6.82
N LEU A 504 20.94 -45.27 6.80
CA LEU A 504 20.66 -46.52 7.50
C LEU A 504 21.26 -47.72 6.75
N VAL A 505 20.86 -47.91 5.50
CA VAL A 505 21.36 -49.03 4.71
C VAL A 505 22.87 -49.03 4.69
N ARG A 506 23.49 -47.85 4.68
CA ARG A 506 24.94 -47.75 4.64
C ARG A 506 25.59 -48.01 5.98
N GLU A 507 24.84 -47.88 7.07
CA GLU A 507 25.38 -48.11 8.40
C GLU A 507 25.34 -49.58 8.81
N GLU A 508 24.49 -50.38 8.17
CA GLU A 508 24.35 -51.78 8.53
C GLU A 508 25.51 -52.65 8.05
N VAL A 509 26.52 -52.06 7.43
CA VAL A 509 27.61 -52.85 6.83
C VAL A 509 28.97 -52.30 7.28
N ILE A 510 28.99 -51.08 7.82
CA ILE A 510 30.21 -50.42 8.23
C ILE A 510 29.95 -49.66 9.52
N ASP A 511 31.01 -49.08 10.07
CA ASP A 511 30.96 -48.36 11.34
C ASP A 511 31.30 -46.90 11.06
N PHE A 512 30.28 -46.12 10.72
CA PHE A 512 30.48 -44.69 10.50
C PHE A 512 31.06 -44.04 11.75
N SER A 513 31.79 -42.96 11.55
CA SER A 513 32.28 -42.15 12.65
C SER A 513 31.23 -41.10 13.00
N LYS A 514 31.57 -40.18 13.89
CA LYS A 514 30.62 -39.15 14.22
C LYS A 514 30.68 -38.02 13.19
N PRO A 515 29.59 -37.28 13.02
CA PRO A 515 29.55 -36.27 11.95
C PRO A 515 30.62 -35.21 12.13
N PHE A 516 31.54 -35.16 11.17
CA PHE A 516 32.53 -34.09 11.13
C PHE A 516 32.03 -32.84 10.42
N MET A 517 30.86 -32.92 9.79
CA MET A 517 30.29 -31.77 9.11
C MET A 517 28.78 -31.99 8.99
N SER A 518 28.02 -31.17 9.70
CA SER A 518 26.56 -31.22 9.63
C SER A 518 26.06 -30.28 8.53
N LEU A 519 24.96 -30.67 7.91
CA LEU A 519 24.44 -29.94 6.76
C LEU A 519 22.99 -30.37 6.53
N GLY A 520 22.44 -29.90 5.43
CA GLY A 520 21.10 -30.28 5.05
C GLY A 520 20.78 -29.79 3.65
N ILE A 521 19.50 -29.74 3.36
CA ILE A 521 19.02 -29.26 2.07
C ILE A 521 18.74 -27.77 2.18
N SER A 522 19.15 -27.02 1.17
CA SER A 522 19.04 -25.57 1.17
C SER A 522 18.75 -25.08 -0.24
N ILE A 523 18.49 -23.78 -0.33
CA ILE A 523 18.01 -23.15 -1.54
C ILE A 523 19.10 -22.25 -2.10
N MET A 524 19.08 -22.08 -3.42
CA MET A 524 19.98 -21.19 -4.13
C MET A 524 19.20 -20.43 -5.19
N ILE A 525 19.45 -19.12 -5.25
CA ILE A 525 18.74 -18.21 -6.13
C ILE A 525 19.75 -17.23 -6.72
N LYS A 526 19.26 -16.31 -7.54
CA LYS A 526 20.08 -15.27 -8.14
C LYS A 526 20.16 -14.10 -7.18
N LYS A 527 21.38 -13.71 -6.81
CA LYS A 527 21.59 -12.58 -5.93
C LYS A 527 20.93 -11.34 -6.54
N PRO A 528 19.99 -10.68 -5.84
CA PRO A 528 19.31 -9.54 -6.46
C PRO A 528 20.20 -8.31 -6.55
N GLN A 529 21.17 -8.33 -7.45
CA GLN A 529 22.00 -7.18 -7.73
C GLN A 529 21.49 -6.38 -8.93
N LYS A 530 20.27 -6.65 -9.39
CA LYS A 530 19.70 -5.97 -10.54
C LYS A 530 19.02 -4.70 -10.05
N SER A 531 19.76 -3.60 -10.08
CA SER A 531 19.22 -2.29 -9.69
C SER A 531 19.90 -1.24 -10.56
N LYS A 532 19.23 -0.87 -11.66
CA LYS A 532 19.73 0.15 -12.58
C LYS A 532 18.54 0.96 -13.07
N PRO A 533 18.31 2.15 -12.52
CA PRO A 533 17.15 2.95 -12.94
C PRO A 533 17.43 3.79 -14.17
N GLY A 534 16.47 3.80 -15.08
CA GLY A 534 16.59 4.65 -16.25
C GLY A 534 16.67 6.11 -15.89
N VAL A 535 17.32 6.88 -16.77
CA VAL A 535 17.49 8.31 -16.51
C VAL A 535 16.13 8.99 -16.37
N PHE A 536 15.22 8.70 -17.29
CA PHE A 536 13.88 9.29 -17.31
C PHE A 536 12.83 8.33 -16.79
N SER A 537 13.18 7.55 -15.77
CA SER A 537 12.23 6.60 -15.19
C SER A 537 11.08 7.29 -14.50
N PHE A 538 11.24 8.54 -14.08
CA PHE A 538 10.16 9.25 -13.40
C PHE A 538 8.98 9.52 -14.29
N LEU A 539 9.08 9.24 -15.58
CA LEU A 539 7.96 9.36 -16.51
C LEU A 539 7.19 8.05 -16.66
N ASP A 540 7.67 6.97 -16.05
CA ASP A 540 6.99 5.69 -16.17
C ASP A 540 5.60 5.69 -15.56
N PRO A 541 5.32 6.39 -14.45
CA PRO A 541 4.00 6.29 -13.83
C PRO A 541 2.85 6.53 -14.79
N LEU A 542 3.04 7.34 -15.82
CA LEU A 542 2.00 7.58 -16.80
C LEU A 542 2.62 7.83 -18.16
N ALA A 543 1.90 7.45 -19.21
CA ALA A 543 2.46 7.43 -20.54
C ALA A 543 2.88 8.82 -21.00
N TYR A 544 3.80 8.83 -21.97
CA TYR A 544 4.24 10.10 -22.54
C TYR A 544 3.11 10.79 -23.28
N GLU A 545 2.14 10.02 -23.77
CA GLU A 545 0.95 10.60 -24.38
C GLU A 545 0.27 11.59 -23.47
N ILE A 546 0.50 11.50 -22.16
CA ILE A 546 -0.07 12.46 -21.22
C ILE A 546 0.90 13.59 -20.95
N TRP A 547 2.20 13.31 -20.93
CA TRP A 547 3.18 14.36 -20.69
C TRP A 547 3.15 15.40 -21.80
N MET A 548 3.01 14.96 -23.04
CA MET A 548 2.92 15.90 -24.16
C MET A 548 1.66 16.74 -24.04
N CYS A 549 0.53 16.12 -23.70
CA CYS A 549 -0.70 16.87 -23.48
C CYS A 549 -0.49 17.90 -22.39
N ILE A 550 0.21 17.55 -21.32
CA ILE A 550 0.42 18.48 -20.21
C ILE A 550 1.23 19.68 -20.68
N VAL A 551 2.32 19.42 -21.40
CA VAL A 551 3.17 20.50 -21.90
C VAL A 551 2.36 21.43 -22.78
N PHE A 552 1.65 20.88 -23.76
CA PHE A 552 0.93 21.72 -24.70
C PHE A 552 -0.24 22.42 -24.03
N ALA A 553 -0.82 21.83 -22.99
CA ALA A 553 -1.85 22.51 -22.24
C ALA A 553 -1.27 23.71 -21.49
N TYR A 554 -0.10 23.54 -20.89
CA TYR A 554 0.56 24.66 -20.24
C TYR A 554 0.77 25.80 -21.23
N ILE A 555 1.34 25.49 -22.39
CA ILE A 555 1.64 26.57 -23.33
C ILE A 555 0.37 27.20 -23.87
N GLY A 556 -0.67 26.39 -24.11
CA GLY A 556 -1.92 26.94 -24.60
C GLY A 556 -2.59 27.84 -23.58
N VAL A 557 -2.57 27.46 -22.31
CA VAL A 557 -3.15 28.28 -21.27
C VAL A 557 -2.39 29.59 -21.15
N SER A 558 -1.06 29.54 -21.20
CA SER A 558 -0.28 30.77 -21.16
C SER A 558 -0.62 31.67 -22.35
N VAL A 559 -0.74 31.08 -23.53
CA VAL A 559 -1.07 31.85 -24.74
C VAL A 559 -2.42 32.52 -24.57
N VAL A 560 -3.40 31.79 -24.05
CA VAL A 560 -4.75 32.32 -23.95
C VAL A 560 -4.80 33.43 -22.91
N LEU A 561 -4.09 33.26 -21.79
CA LEU A 561 -4.01 34.34 -20.81
C LEU A 561 -3.39 35.58 -21.44
N PHE A 562 -2.30 35.39 -22.19
CA PHE A 562 -1.67 36.50 -22.88
C PHE A 562 -2.67 37.24 -23.75
N LEU A 563 -3.33 36.50 -24.65
CA LEU A 563 -4.33 37.11 -25.53
C LEU A 563 -5.38 37.87 -24.73
N VAL A 564 -6.00 37.18 -23.77
CA VAL A 564 -7.11 37.76 -23.02
C VAL A 564 -6.67 39.07 -22.38
N SER A 565 -5.68 39.01 -21.50
CA SER A 565 -5.25 40.20 -20.78
C SER A 565 -4.46 41.18 -21.65
N ARG A 566 -4.27 40.86 -22.94
CA ARG A 566 -3.68 41.82 -23.87
C ARG A 566 -4.75 42.65 -24.56
N PHE A 567 -5.68 42.00 -25.26
CA PHE A 567 -6.71 42.73 -25.98
C PHE A 567 -7.88 43.12 -25.08
N SER A 568 -7.79 42.88 -23.77
CA SER A 568 -8.82 43.29 -22.82
C SER A 568 -8.15 43.74 -21.53
N PRO A 569 -7.34 44.81 -21.60
CA PRO A 569 -6.63 45.32 -20.42
C PRO A 569 -7.55 46.05 -19.45
N SER A 616 -9.82 39.95 -14.26
CA SER A 616 -11.04 39.94 -15.07
C SER A 616 -11.81 38.63 -14.88
N LEU A 617 -12.77 38.38 -15.77
CA LEU A 617 -13.59 37.18 -15.68
C LEU A 617 -12.95 36.00 -16.41
N SER A 618 -12.58 36.20 -17.68
CA SER A 618 -11.88 35.15 -18.42
C SER A 618 -10.65 34.68 -17.66
N GLY A 619 -9.86 35.62 -17.13
CA GLY A 619 -8.72 35.25 -16.32
C GLY A 619 -9.11 34.41 -15.12
N ARG A 620 -10.18 34.79 -14.44
CA ARG A 620 -10.61 34.04 -13.26
C ARG A 620 -10.98 32.61 -13.63
N ILE A 621 -11.71 32.43 -14.73
CA ILE A 621 -12.18 31.09 -15.05
C ILE A 621 -11.04 30.22 -15.58
N VAL A 622 -10.13 30.80 -16.37
CA VAL A 622 -8.97 30.02 -16.80
C VAL A 622 -8.11 29.66 -15.60
N GLY A 623 -8.00 30.56 -14.63
CA GLY A 623 -7.27 30.24 -13.42
C GLY A 623 -7.90 29.09 -12.66
N GLY A 624 -9.23 29.10 -12.54
CA GLY A 624 -9.91 28.02 -11.85
C GLY A 624 -9.76 26.69 -12.55
N VAL A 625 -9.91 26.68 -13.88
CA VAL A 625 -9.82 25.43 -14.61
C VAL A 625 -8.38 24.91 -14.59
N TRP A 626 -7.40 25.81 -14.65
CA TRP A 626 -6.00 25.39 -14.53
C TRP A 626 -5.71 24.86 -13.14
N TRP A 627 -6.30 25.47 -12.12
CA TRP A 627 -6.19 24.94 -10.77
C TRP A 627 -6.68 23.50 -10.70
N PHE A 628 -7.89 23.27 -11.19
CA PHE A 628 -8.45 21.91 -11.23
C PHE A 628 -7.52 20.97 -11.98
N PHE A 629 -7.06 21.38 -13.16
CA PHE A 629 -6.25 20.52 -14.00
C PHE A 629 -4.96 20.13 -13.32
N THR A 630 -4.20 21.11 -12.84
CA THR A 630 -2.92 20.82 -12.21
C THR A 630 -3.12 20.00 -10.94
N LEU A 631 -4.18 20.30 -10.18
CA LEU A 631 -4.52 19.47 -9.02
C LEU A 631 -4.59 18.01 -9.42
N ILE A 632 -5.49 17.70 -10.35
CA ILE A 632 -5.72 16.31 -10.72
C ILE A 632 -4.44 15.69 -11.27
N ILE A 633 -3.66 16.47 -12.03
CA ILE A 633 -2.49 15.91 -12.68
C ILE A 633 -1.43 15.53 -11.66
N ILE A 634 -1.06 16.47 -10.79
CA ILE A 634 -0.05 16.17 -9.79
C ILE A 634 -0.53 15.05 -8.88
N SER A 635 -1.82 15.03 -8.57
CA SER A 635 -2.33 13.99 -7.69
C SER A 635 -2.25 12.62 -8.35
N SER A 636 -2.60 12.54 -9.63
CA SER A 636 -2.52 11.29 -10.35
C SER A 636 -1.08 10.78 -10.41
N TYR A 637 -0.15 11.67 -10.77
CA TYR A 637 1.25 11.27 -10.83
C TYR A 637 1.72 10.76 -9.47
N THR A 638 1.44 11.53 -8.41
CA THR A 638 1.88 11.15 -7.08
C THR A 638 1.28 9.80 -6.67
N ALA A 639 0.00 9.58 -6.96
CA ALA A 639 -0.65 8.36 -6.52
C ALA A 639 -0.10 7.15 -7.26
N ASN A 640 0.08 7.26 -8.58
CA ASN A 640 0.62 6.13 -9.32
C ASN A 640 2.06 5.84 -8.90
N LEU A 641 2.85 6.88 -8.63
CA LEU A 641 4.20 6.66 -8.16
C LEU A 641 4.20 5.99 -6.80
N ALA A 642 3.29 6.39 -5.92
CA ALA A 642 3.18 5.76 -4.61
C ALA A 642 2.80 4.30 -4.75
N ALA A 643 1.89 4.00 -5.68
CA ALA A 643 1.54 2.60 -5.94
C ALA A 643 2.75 1.81 -6.38
N PHE A 644 3.50 2.34 -7.34
CA PHE A 644 4.73 1.68 -7.79
C PHE A 644 5.65 1.39 -6.62
N LEU A 645 5.96 2.42 -5.84
CA LEU A 645 6.91 2.26 -4.75
C LEU A 645 6.42 1.25 -3.72
N THR A 646 5.16 1.38 -3.31
CA THR A 646 4.62 0.47 -2.30
C THR A 646 4.66 -0.97 -2.78
N VAL A 647 4.17 -1.22 -3.99
CA VAL A 647 4.19 -2.57 -4.53
C VAL A 647 5.61 -3.12 -4.55
N GLU A 648 6.56 -2.31 -5.06
CA GLU A 648 7.95 -2.73 -5.08
C GLU A 648 8.51 -2.96 -3.69
N ARG A 649 7.88 -2.37 -2.67
CA ARG A 649 8.41 -2.45 -1.31
C ARG A 649 7.96 -3.70 -0.57
N MET A 650 6.68 -4.06 -0.68
CA MET A 650 6.14 -5.19 0.05
C MET A 650 6.25 -6.48 -0.78
N VAL A 651 7.49 -6.79 -1.15
CA VAL A 651 7.80 -8.04 -1.84
C VAL A 651 9.03 -8.65 -1.19
N SER A 652 8.81 -9.52 -0.21
CA SER A 652 9.90 -10.24 0.45
C SER A 652 10.36 -11.38 -0.45
N PRO A 653 11.64 -11.41 -0.89
CA PRO A 653 12.00 -12.40 -1.91
C PRO A 653 11.73 -13.83 -1.47
N ILE A 654 12.39 -14.27 -0.40
CA ILE A 654 12.16 -15.58 0.19
C ILE A 654 12.79 -15.58 1.57
N GLU A 655 12.24 -16.40 2.46
CA GLU A 655 12.85 -16.65 3.75
C GLU A 655 12.79 -18.12 4.16
N SER A 656 12.19 -18.98 3.34
CA SER A 656 12.03 -20.38 3.71
C SER A 656 11.37 -21.15 2.57
N ALA A 657 11.24 -22.47 2.74
CA ALA A 657 10.61 -23.28 1.70
C ALA A 657 9.15 -22.90 1.52
N GLU A 658 8.43 -22.68 2.62
CA GLU A 658 7.01 -22.34 2.53
C GLU A 658 6.79 -21.13 1.62
N ASP A 659 7.70 -20.16 1.67
CA ASP A 659 7.60 -19.01 0.78
C ASP A 659 7.53 -19.45 -0.68
N LEU A 660 8.10 -20.61 -1.00
CA LEU A 660 8.00 -21.17 -2.33
C LEU A 660 6.79 -22.07 -2.49
N SER A 661 6.47 -22.85 -1.46
CA SER A 661 5.31 -23.73 -1.53
C SER A 661 4.04 -22.94 -1.82
N LYS A 662 3.93 -21.74 -1.26
CA LYS A 662 2.73 -20.93 -1.46
C LYS A 662 2.71 -20.31 -2.85
N GLN A 663 3.73 -19.54 -3.18
CA GLN A 663 3.76 -18.84 -4.46
C GLN A 663 4.01 -19.83 -5.60
N THR A 664 3.92 -19.30 -6.83
CA THR A 664 4.15 -20.08 -8.04
C THR A 664 5.05 -19.40 -9.06
N GLU A 665 5.22 -18.07 -8.98
CA GLU A 665 6.03 -17.38 -9.99
C GLU A 665 7.44 -17.95 -10.06
N ILE A 666 8.06 -18.18 -8.91
CA ILE A 666 9.41 -18.74 -8.85
C ILE A 666 9.30 -20.26 -8.81
N ALA A 667 9.82 -20.92 -9.82
CA ALA A 667 9.82 -22.37 -9.87
C ALA A 667 11.06 -22.91 -9.19
N TYR A 668 10.87 -23.97 -8.41
CA TYR A 668 11.95 -24.62 -7.68
C TYR A 668 12.17 -26.02 -8.24
N GLY A 669 13.43 -26.34 -8.56
CA GLY A 669 13.77 -27.62 -9.12
C GLY A 669 14.93 -28.26 -8.38
N THR A 670 15.15 -29.53 -8.69
CA THR A 670 16.20 -30.32 -8.05
C THR A 670 16.92 -31.11 -9.14
N LEU A 671 17.76 -32.05 -8.72
CA LEU A 671 18.40 -32.94 -9.65
C LEU A 671 17.40 -33.97 -10.18
N ASP A 672 17.78 -34.62 -11.28
CA ASP A 672 16.91 -35.61 -11.90
C ASP A 672 16.42 -36.63 -10.88
N SER A 673 17.36 -37.33 -10.24
CA SER A 673 17.02 -38.32 -9.23
C SER A 673 18.18 -38.44 -8.26
N GLY A 674 17.87 -38.35 -6.97
CA GLY A 674 18.91 -38.46 -5.97
C GLY A 674 18.31 -38.46 -4.58
N SER A 675 19.17 -38.17 -3.60
CA SER A 675 18.71 -38.16 -2.21
C SER A 675 17.67 -37.09 -1.97
N THR A 676 17.71 -36.00 -2.74
CA THR A 676 16.76 -34.91 -2.53
C THR A 676 15.35 -35.33 -2.93
N LYS A 677 15.17 -35.77 -4.18
CA LYS A 677 13.87 -36.22 -4.62
C LYS A 677 13.39 -37.42 -3.80
N GLU A 678 14.32 -38.28 -3.38
CA GLU A 678 13.95 -39.42 -2.56
C GLU A 678 13.43 -38.97 -1.20
N PHE A 679 14.06 -37.95 -0.63
CA PHE A 679 13.57 -37.39 0.63
C PHE A 679 12.19 -36.75 0.44
N PHE A 680 11.99 -36.09 -0.71
CA PHE A 680 10.72 -35.45 -0.97
C PHE A 680 9.60 -36.47 -1.10
N ARG A 681 9.81 -37.51 -1.91
CA ARG A 681 8.80 -38.55 -2.07
C ARG A 681 8.46 -39.19 -0.73
N ARG A 682 9.48 -39.57 0.04
CA ARG A 682 9.29 -40.22 1.33
C ARG A 682 8.93 -39.25 2.43
N SER A 683 8.55 -38.02 2.09
CA SER A 683 8.23 -37.01 3.09
C SER A 683 6.78 -37.10 3.50
N LYS A 684 6.53 -36.87 4.79
CA LYS A 684 5.18 -36.84 5.34
C LYS A 684 4.79 -35.44 5.81
N ILE A 685 5.47 -34.42 5.31
CA ILE A 685 5.22 -33.03 5.71
C ILE A 685 4.34 -32.38 4.66
N ALA A 686 3.52 -31.43 5.10
CA ALA A 686 2.59 -30.77 4.19
C ALA A 686 3.33 -29.90 3.19
N VAL A 687 4.30 -29.11 3.66
CA VAL A 687 5.01 -28.20 2.77
C VAL A 687 5.81 -28.99 1.73
N PHE A 688 6.58 -29.96 2.20
CA PHE A 688 7.37 -30.76 1.27
C PHE A 688 6.49 -31.61 0.37
N ASP A 689 5.36 -32.09 0.89
CA ASP A 689 4.43 -32.84 0.04
C ASP A 689 3.89 -31.95 -1.08
N LYS A 690 3.51 -30.71 -0.74
CA LYS A 690 3.03 -29.79 -1.76
C LYS A 690 4.11 -29.47 -2.78
N MET A 691 5.35 -29.29 -2.32
CA MET A 691 6.44 -28.99 -3.24
C MET A 691 6.71 -30.18 -4.16
N TRP A 692 6.60 -31.40 -3.63
CA TRP A 692 6.78 -32.59 -4.45
C TRP A 692 5.67 -32.72 -5.47
N THR A 693 4.43 -32.42 -5.07
CA THR A 693 3.33 -32.41 -6.02
C THR A 693 3.56 -31.39 -7.12
N TYR A 694 4.03 -30.20 -6.74
CA TYR A 694 4.32 -29.16 -7.73
C TYR A 694 5.36 -29.65 -8.72
N MET A 695 6.50 -30.13 -8.21
CA MET A 695 7.57 -30.58 -9.09
C MET A 695 7.09 -31.72 -9.98
N ARG A 696 6.24 -32.60 -9.44
CA ARG A 696 5.62 -33.64 -10.27
C ARG A 696 4.69 -33.02 -11.30
N SER A 697 4.17 -31.82 -11.04
CA SER A 697 3.33 -31.08 -11.96
C SER A 697 4.13 -30.02 -12.71
N ALA A 698 5.39 -30.32 -13.00
CA ALA A 698 6.28 -29.35 -13.63
C ALA A 698 5.96 -29.19 -15.10
N GLU A 699 5.92 -27.94 -15.56
CA GLU A 699 5.65 -27.62 -16.97
C GLU A 699 6.26 -26.26 -17.26
N PRO A 700 7.46 -26.21 -17.87
CA PRO A 700 8.29 -27.34 -18.30
C PRO A 700 8.94 -28.09 -17.14
N SER A 701 9.95 -28.90 -17.44
CA SER A 701 10.62 -29.68 -16.41
C SER A 701 11.47 -28.78 -15.52
N VAL A 702 11.23 -28.88 -14.20
CA VAL A 702 12.06 -28.15 -13.25
C VAL A 702 13.32 -28.94 -12.91
N PHE A 703 13.27 -30.26 -13.02
CA PHE A 703 14.40 -31.11 -12.67
C PHE A 703 15.54 -30.88 -13.66
N VAL A 704 16.71 -31.42 -13.32
CA VAL A 704 17.88 -31.41 -14.19
C VAL A 704 18.68 -32.67 -13.91
N ARG A 705 19.61 -32.99 -14.82
CA ARG A 705 20.46 -34.16 -14.71
C ARG A 705 21.84 -33.84 -14.15
N THR A 706 22.10 -32.59 -13.80
CA THR A 706 23.40 -32.19 -13.28
C THR A 706 23.27 -30.85 -12.59
N THR A 707 23.98 -30.72 -11.46
CA THR A 707 23.89 -29.48 -10.68
C THR A 707 24.34 -28.28 -11.50
N ALA A 708 25.35 -28.45 -12.34
CA ALA A 708 25.81 -27.33 -13.16
C ALA A 708 24.71 -26.83 -14.07
N GLU A 709 23.83 -27.71 -14.55
CA GLU A 709 22.71 -27.28 -15.37
C GLU A 709 21.77 -26.39 -14.58
N GLY A 710 21.42 -26.82 -13.36
CA GLY A 710 20.60 -25.98 -12.50
C GLY A 710 21.24 -24.62 -12.24
N VAL A 711 22.54 -24.62 -11.95
CA VAL A 711 23.24 -23.36 -11.69
C VAL A 711 23.17 -22.45 -12.92
N ALA A 712 23.47 -23.01 -14.09
CA ALA A 712 23.48 -22.21 -15.31
C ALA A 712 22.11 -21.63 -15.59
N ARG A 713 21.06 -22.43 -15.41
CA ARG A 713 19.72 -21.95 -15.74
C ARG A 713 19.19 -20.97 -14.71
N VAL A 714 19.59 -21.11 -13.44
CA VAL A 714 19.15 -20.14 -12.44
C VAL A 714 19.91 -18.83 -12.62
N ARG A 715 21.16 -18.90 -13.08
CA ARG A 715 21.88 -17.68 -13.43
C ARG A 715 21.29 -17.03 -14.67
N LYS A 716 20.82 -17.83 -15.62
CA LYS A 716 20.17 -17.28 -16.79
C LYS A 716 18.80 -16.71 -16.45
N SER A 717 18.00 -17.46 -15.68
CA SER A 717 16.73 -16.94 -15.22
C SER A 717 16.94 -15.65 -14.44
N LYS A 718 15.92 -14.79 -14.44
CA LYS A 718 16.05 -13.50 -13.76
C LYS A 718 15.92 -13.66 -12.25
N GLY A 719 14.74 -14.02 -11.78
CA GLY A 719 14.53 -14.28 -10.37
C GLY A 719 13.50 -15.36 -10.11
N LYS A 720 13.08 -16.05 -11.18
CA LYS A 720 11.92 -16.95 -11.12
C LYS A 720 12.32 -18.41 -11.07
N TYR A 721 13.57 -18.71 -10.72
CA TYR A 721 14.00 -20.09 -10.56
C TYR A 721 14.85 -20.24 -9.32
N ALA A 722 14.72 -21.38 -8.65
CA ALA A 722 15.48 -21.71 -7.46
C ALA A 722 15.94 -23.15 -7.55
N TYR A 723 17.11 -23.43 -6.97
CA TYR A 723 17.70 -24.77 -7.00
C TYR A 723 17.90 -25.27 -5.58
N LEU A 724 17.50 -26.50 -5.32
CA LEU A 724 17.66 -27.13 -4.00
C LEU A 724 18.85 -28.08 -4.04
N LEU A 725 19.69 -28.01 -3.01
CA LEU A 725 20.86 -28.87 -2.96
C LEU A 725 21.46 -28.83 -1.56
N GLU A 726 22.47 -29.67 -1.36
CA GLU A 726 23.20 -29.66 -0.09
C GLU A 726 23.73 -28.27 0.20
N SER A 727 23.51 -27.80 1.43
CA SER A 727 23.95 -26.45 1.79
C SER A 727 25.43 -26.24 1.54
N THR A 728 26.22 -27.31 1.65
CA THR A 728 27.66 -27.18 1.50
C THR A 728 28.04 -26.71 0.10
N MET A 729 27.52 -27.39 -0.92
CA MET A 729 27.81 -26.98 -2.30
C MET A 729 27.24 -25.61 -2.58
N ASN A 730 26.08 -25.29 -2.00
CA ASN A 730 25.50 -23.97 -2.19
C ASN A 730 26.44 -22.88 -1.67
N GLU A 731 27.01 -23.10 -0.48
CA GLU A 731 27.94 -22.12 0.07
C GLU A 731 29.19 -22.02 -0.80
N TYR A 732 29.75 -23.17 -1.18
CA TYR A 732 30.95 -23.16 -2.02
C TYR A 732 30.69 -22.38 -3.30
N ILE A 733 29.49 -22.52 -3.87
CA ILE A 733 29.17 -21.78 -5.09
C ILE A 733 29.04 -20.30 -4.79
N GLU A 734 28.28 -19.95 -3.74
CA GLU A 734 28.12 -18.56 -3.37
C GLU A 734 29.47 -17.89 -3.17
N GLN A 735 30.49 -18.65 -2.78
CA GLN A 735 31.85 -18.14 -2.66
C GLN A 735 32.67 -18.44 -3.91
N ARG A 736 32.02 -18.55 -5.06
CA ARG A 736 32.69 -18.76 -6.33
C ARG A 736 32.15 -17.77 -7.36
N LYS A 737 32.90 -17.60 -8.45
CA LYS A 737 32.47 -16.71 -9.50
C LYS A 737 31.27 -17.30 -10.25
N PRO A 738 30.42 -16.44 -10.84
CA PRO A 738 30.50 -14.98 -10.82
C PRO A 738 30.00 -14.35 -9.52
N CYS A 739 29.82 -15.16 -8.48
CA CYS A 739 29.34 -14.67 -7.19
C CYS A 739 27.98 -14.01 -7.32
N ASP A 740 27.12 -14.61 -8.15
CA ASP A 740 25.79 -14.07 -8.43
C ASP A 740 24.68 -14.85 -7.73
N THR A 741 25.04 -15.82 -6.89
CA THR A 741 24.07 -16.64 -6.17
C THR A 741 24.25 -16.45 -4.67
N MET A 742 23.25 -16.90 -3.92
CA MET A 742 23.28 -16.75 -2.47
C MET A 742 22.39 -17.81 -1.84
N LYS A 743 22.73 -18.17 -0.61
CA LYS A 743 21.94 -19.09 0.20
C LYS A 743 21.22 -18.28 1.27
N VAL A 744 19.91 -18.52 1.41
CA VAL A 744 19.09 -17.70 2.29
C VAL A 744 18.39 -18.55 3.33
N GLY A 745 17.58 -19.51 2.87
CA GLY A 745 16.76 -20.27 3.79
C GLY A 745 17.57 -21.29 4.57
N GLY A 746 17.27 -21.40 5.86
CA GLY A 746 17.92 -22.39 6.69
C GLY A 746 17.72 -23.79 6.13
N ASN A 747 18.62 -24.69 6.55
CA ASN A 747 18.58 -26.06 6.06
C ASN A 747 17.24 -26.70 6.40
N LEU A 748 16.63 -27.34 5.40
CA LEU A 748 15.34 -27.98 5.61
C LEU A 748 15.47 -29.24 6.45
N ASP A 749 16.30 -30.18 6.02
CA ASP A 749 16.55 -31.41 6.74
C ASP A 749 17.82 -31.26 7.57
N SER A 750 18.23 -32.37 8.19
CA SER A 750 19.42 -32.40 9.04
C SER A 750 20.13 -33.71 8.82
N LYS A 751 21.37 -33.64 8.33
CA LYS A 751 22.20 -34.82 8.14
C LYS A 751 23.65 -34.41 8.36
N GLY A 752 24.55 -35.36 8.15
CA GLY A 752 25.96 -35.10 8.39
C GLY A 752 26.84 -36.07 7.66
N TYR A 753 28.00 -35.60 7.25
CA TYR A 753 29.02 -36.46 6.65
C TYR A 753 29.89 -37.06 7.74
N GLY A 754 30.37 -38.27 7.50
CA GLY A 754 31.15 -38.98 8.50
C GLY A 754 32.19 -39.89 7.86
N ILE A 755 33.23 -40.16 8.64
CA ILE A 755 34.28 -41.07 8.22
C ILE A 755 33.78 -42.50 8.35
N ALA A 756 34.09 -43.32 7.34
CA ALA A 756 33.68 -44.71 7.31
C ALA A 756 34.87 -45.62 7.57
N THR A 757 34.56 -46.87 7.86
CA THR A 757 35.58 -47.88 8.15
C THR A 757 34.90 -49.23 8.22
N PRO A 758 35.62 -50.33 7.97
CA PRO A 758 34.98 -51.65 7.98
C PRO A 758 34.23 -51.90 9.29
N LYS A 759 33.15 -52.68 9.20
CA LYS A 759 32.33 -52.97 10.36
C LYS A 759 33.12 -53.60 11.49
N GLY A 760 34.26 -54.23 11.18
CA GLY A 760 35.05 -54.89 12.20
C GLY A 760 36.48 -54.40 12.24
N SER A 761 36.68 -53.11 12.04
CA SER A 761 38.01 -52.51 12.05
C SER A 761 38.32 -51.92 13.42
N SER A 762 39.61 -51.75 13.68
CA SER A 762 40.07 -51.18 14.94
C SER A 762 40.22 -49.67 14.90
N LEU A 763 40.25 -49.08 13.70
CA LEU A 763 40.45 -47.64 13.59
C LEU A 763 39.27 -46.87 14.17
N GLY A 764 38.06 -47.42 14.05
CA GLY A 764 36.84 -46.76 14.46
C GLY A 764 36.95 -45.94 15.73
N ASN A 765 37.42 -46.57 16.80
CA ASN A 765 37.51 -45.87 18.09
C ASN A 765 38.39 -44.64 17.98
N ALA A 766 39.63 -44.81 17.52
CA ALA A 766 40.57 -43.69 17.46
C ALA A 766 40.07 -42.60 16.54
N VAL A 767 39.47 -42.98 15.41
CA VAL A 767 39.04 -41.97 14.45
C VAL A 767 37.85 -41.20 14.99
N ASN A 768 36.92 -41.88 15.66
CA ASN A 768 35.80 -41.17 16.28
C ASN A 768 36.30 -40.22 17.36
N LEU A 769 37.23 -40.70 18.20
CA LEU A 769 37.79 -39.84 19.23
C LEU A 769 38.45 -38.61 18.62
N ALA A 770 39.20 -38.80 17.53
CA ALA A 770 39.88 -37.68 16.90
C ALA A 770 38.89 -36.71 16.27
N VAL A 771 37.83 -37.23 15.66
CA VAL A 771 36.81 -36.37 15.06
C VAL A 771 36.18 -35.49 16.14
N LEU A 772 35.83 -36.11 17.27
CA LEU A 772 35.25 -35.33 18.36
C LEU A 772 36.24 -34.32 18.91
N LYS A 773 37.50 -34.73 19.06
CA LYS A 773 38.52 -33.82 19.55
C LYS A 773 38.65 -32.60 18.66
N LEU A 774 38.63 -32.81 17.35
CA LEU A 774 38.77 -31.70 16.41
C LEU A 774 37.52 -30.83 16.40
N ASN A 775 36.34 -31.44 16.46
CA ASN A 775 35.11 -30.66 16.53
C ASN A 775 35.08 -29.81 17.79
N GLU A 776 35.72 -30.28 18.87
CA GLU A 776 35.76 -29.50 20.10
C GLU A 776 36.85 -28.44 20.06
N GLN A 777 37.95 -28.69 19.35
CA GLN A 777 39.04 -27.73 19.26
C GLN A 777 38.79 -26.65 18.21
N GLY A 778 37.77 -26.80 17.38
CA GLY A 778 37.49 -25.83 16.35
C GLY A 778 38.34 -25.97 15.10
N LEU A 779 39.08 -27.07 14.97
CA LEU A 779 39.93 -27.24 13.78
C LEU A 779 39.08 -27.40 12.52
N LEU A 780 37.96 -28.12 12.63
CA LEU A 780 37.09 -28.30 11.47
C LEU A 780 36.48 -26.97 11.05
N ASP A 781 36.07 -26.15 12.02
CA ASP A 781 35.59 -24.82 11.68
C ASP A 781 36.68 -24.01 10.98
N LYS A 782 37.93 -24.18 11.41
CA LYS A 782 39.04 -23.49 10.77
C LYS A 782 39.19 -23.93 9.32
N LEU A 783 39.17 -25.24 9.09
CA LEU A 783 39.30 -25.74 7.72
C LEU A 783 38.14 -25.30 6.85
N LYS A 784 36.94 -25.21 7.42
CA LYS A 784 35.80 -24.70 6.66
C LYS A 784 36.01 -23.23 6.28
N ASN A 785 36.32 -22.39 7.27
CA ASN A 785 36.57 -20.99 6.99
C ASN A 785 37.71 -20.81 5.99
N LYS A 786 38.62 -21.78 5.93
CA LYS A 786 39.74 -21.69 5.01
C LYS A 786 39.31 -22.05 3.59
N TRP A 787 38.72 -23.22 3.41
CA TRP A 787 38.40 -23.74 2.07
C TRP A 787 37.11 -23.18 1.50
N TRP A 788 36.35 -22.41 2.26
CA TRP A 788 35.11 -21.81 1.77
C TRP A 788 35.13 -20.31 1.70
N TYR A 789 35.86 -19.64 2.60
CA TYR A 789 35.88 -18.18 2.65
C TYR A 789 37.26 -17.60 2.39
N ASP A 790 38.30 -18.10 3.06
CA ASP A 790 39.65 -17.63 2.78
C ASP A 790 40.04 -17.95 1.34
N LYS A 791 39.63 -19.10 0.84
CA LYS A 791 39.85 -19.49 -0.54
C LYS A 791 38.71 -19.05 -1.45
N GLY A 792 37.97 -18.02 -1.06
CA GLY A 792 36.78 -17.63 -1.80
C GLY A 792 37.12 -16.72 -2.97
N GLU A 793 36.37 -16.91 -4.07
CA GLU A 793 36.50 -16.05 -5.23
C GLU A 793 35.88 -14.67 -5.00
N CYS A 794 35.32 -14.42 -3.82
CA CYS A 794 34.75 -13.13 -3.50
C CYS A 794 34.86 -12.89 -2.00
N GLY A 795 34.66 -11.65 -1.59
CA GLY A 795 34.80 -11.30 -0.18
C GLY A 795 33.68 -11.86 0.67
N SER A 796 32.44 -11.57 0.29
CA SER A 796 31.27 -12.05 1.03
C SER A 796 30.00 -11.83 0.23
N THR A 805 19.16 1.33 -1.04
CA THR A 805 18.37 0.81 0.08
C THR A 805 16.90 1.16 -0.12
N SER A 806 16.29 1.82 0.87
CA SER A 806 14.88 2.18 0.82
C SER A 806 14.65 3.56 0.22
N ALA A 807 15.51 4.51 0.55
CA ALA A 807 15.34 5.87 0.06
C ALA A 807 15.52 5.92 -1.45
N LEU A 808 15.32 7.10 -2.02
CA LEU A 808 15.44 7.33 -3.46
C LEU A 808 16.80 7.95 -3.75
N SER A 809 17.51 7.35 -4.69
CA SER A 809 18.79 7.90 -5.13
C SER A 809 18.58 8.83 -6.32
N LEU A 810 19.54 9.73 -6.51
CA LEU A 810 19.41 10.72 -7.57
C LEU A 810 19.21 10.06 -8.93
N SER A 811 19.73 8.85 -9.11
CA SER A 811 19.61 8.17 -10.39
C SER A 811 18.17 8.10 -10.88
N ASN A 812 17.20 8.17 -9.97
CA ASN A 812 15.79 8.11 -10.34
C ASN A 812 15.24 9.46 -10.78
N VAL A 813 15.98 10.55 -10.61
CA VAL A 813 15.45 11.89 -10.80
C VAL A 813 16.39 12.73 -11.66
N ALA A 814 17.42 12.09 -12.22
CA ALA A 814 18.42 12.84 -12.98
C ALA A 814 17.77 13.67 -14.09
N GLY A 815 16.87 13.06 -14.85
CA GLY A 815 16.26 13.76 -15.96
C GLY A 815 15.60 15.06 -15.56
N VAL A 816 15.06 15.12 -14.33
CA VAL A 816 14.44 16.34 -13.85
C VAL A 816 15.45 17.47 -13.86
N PHE A 817 16.61 17.25 -13.24
CA PHE A 817 17.63 18.29 -13.18
C PHE A 817 18.21 18.57 -14.55
N TYR A 818 18.31 17.55 -15.41
CA TYR A 818 18.75 17.76 -16.78
C TYR A 818 17.86 18.77 -17.49
N ILE A 819 16.55 18.51 -17.50
CA ILE A 819 15.64 19.42 -18.17
C ILE A 819 15.62 20.77 -17.49
N LEU A 820 15.76 20.80 -16.15
CA LEU A 820 15.81 22.07 -15.45
C LEU A 820 16.95 22.93 -15.97
N VAL A 821 18.17 22.36 -15.99
CA VAL A 821 19.32 23.14 -16.44
C VAL A 821 19.19 23.51 -17.91
N GLY A 822 18.63 22.60 -18.72
CA GLY A 822 18.40 22.94 -20.11
C GLY A 822 17.51 24.16 -20.25
N GLY A 823 16.41 24.19 -19.50
CA GLY A 823 15.53 25.34 -19.55
C GLY A 823 16.18 26.60 -19.03
N LEU A 824 16.98 26.48 -17.97
CA LEU A 824 17.67 27.65 -17.44
C LEU A 824 18.62 28.23 -18.48
N GLY A 825 19.38 27.37 -19.15
CA GLY A 825 20.29 27.85 -20.17
C GLY A 825 19.56 28.46 -21.36
N LEU A 826 18.47 27.84 -21.77
CA LEU A 826 17.68 28.40 -22.86
C LEU A 826 17.13 29.76 -22.47
N ALA A 827 16.70 29.93 -21.22
CA ALA A 827 16.19 31.22 -20.76
C ALA A 827 17.29 32.26 -20.75
N MET A 828 18.48 31.88 -20.30
CA MET A 828 19.59 32.83 -20.32
C MET A 828 19.93 33.24 -21.74
N LEU A 829 19.93 32.28 -22.68
CA LEU A 829 20.19 32.60 -24.07
C LEU A 829 19.15 33.57 -24.62
N VAL A 830 17.87 33.29 -24.35
CA VAL A 830 16.80 34.15 -24.82
C VAL A 830 16.95 35.54 -24.24
N ALA A 831 17.26 35.63 -22.94
CA ALA A 831 17.42 36.94 -22.31
C ALA A 831 18.58 37.71 -22.93
N LEU A 832 19.68 37.02 -23.22
CA LEU A 832 20.82 37.69 -23.81
C LEU A 832 20.49 38.22 -25.20
N ILE A 833 19.89 37.39 -26.04
CA ILE A 833 19.57 37.83 -27.39
C ILE A 833 18.55 38.95 -27.36
N GLU A 834 17.61 38.90 -26.41
CA GLU A 834 16.63 39.97 -26.28
C GLU A 834 17.29 41.27 -25.85
N PHE A 835 18.17 41.20 -24.85
CA PHE A 835 18.91 42.38 -24.41
C PHE A 835 19.67 43.00 -25.57
N CYS A 836 20.33 42.17 -26.37
CA CYS A 836 21.08 42.70 -27.51
C CYS A 836 20.15 43.34 -28.53
N TYR A 837 19.20 42.56 -29.06
CA TYR A 837 18.27 43.06 -30.06
C TYR A 837 17.51 44.27 -29.59
N LYS A 838 17.41 44.49 -28.28
CA LYS A 838 16.72 45.66 -27.75
C LYS A 838 17.67 46.86 -27.66
N SER A 839 18.77 46.71 -26.94
CA SER A 839 19.69 47.83 -26.76
C SER A 839 20.25 48.31 -28.09
N ARG A 840 20.82 47.38 -28.88
CA ARG A 840 21.43 47.78 -30.14
C ARG A 840 20.42 48.44 -31.06
N ALA A 841 19.20 47.90 -31.13
CA ALA A 841 18.21 48.38 -32.07
C ALA A 841 17.46 49.62 -31.57
N GLU A 842 17.59 49.97 -30.29
CA GLU A 842 16.94 51.15 -29.75
C GLU A 842 17.90 52.34 -29.62
N ALA A 843 19.06 52.12 -29.01
CA ALA A 843 19.97 53.22 -28.75
C ALA A 843 20.52 53.80 -30.05
N LYS A 844 21.16 52.96 -30.87
CA LYS A 844 21.82 53.44 -32.08
C LYS A 844 20.91 53.36 -33.30
N ARG A 845 20.45 52.17 -33.64
CA ARG A 845 19.61 51.97 -34.82
C ARG A 845 18.18 51.60 -34.43
N THR B 415 -17.21 -61.88 -8.58
CA THR B 415 -16.92 -60.47 -8.45
C THR B 415 -18.17 -59.63 -8.68
N VAL B 416 -17.99 -58.34 -8.94
CA VAL B 416 -19.10 -57.42 -9.16
C VAL B 416 -18.84 -56.61 -10.42
N VAL B 417 -19.92 -56.23 -11.09
CA VAL B 417 -19.85 -55.41 -12.30
C VAL B 417 -20.12 -53.97 -11.89
N VAL B 418 -19.20 -53.08 -12.22
CA VAL B 418 -19.27 -51.68 -11.85
C VAL B 418 -19.42 -50.86 -13.12
N THR B 419 -20.65 -50.50 -13.46
CA THR B 419 -20.93 -49.68 -14.62
C THR B 419 -20.76 -48.20 -14.28
N THR B 420 -20.12 -47.47 -15.17
CA THR B 420 -19.85 -46.05 -14.96
C THR B 420 -19.89 -45.35 -16.31
N ILE B 421 -19.37 -44.12 -16.35
CA ILE B 421 -19.33 -43.33 -17.57
C ILE B 421 -18.17 -42.34 -17.45
N LEU B 422 -17.63 -41.96 -18.60
CA LEU B 422 -16.42 -41.14 -18.66
C LEU B 422 -16.78 -39.68 -18.46
N GLU B 423 -16.51 -39.17 -17.26
CA GLU B 423 -16.69 -37.75 -16.96
C GLU B 423 -15.72 -37.37 -15.86
N SER B 424 -15.00 -36.29 -16.07
CA SER B 424 -13.99 -35.90 -15.12
C SER B 424 -14.58 -35.00 -14.04
N PRO B 425 -13.96 -34.95 -12.84
CA PRO B 425 -12.81 -35.74 -12.41
C PRO B 425 -13.20 -37.08 -11.79
N TYR B 426 -14.34 -37.62 -12.21
CA TYR B 426 -14.85 -38.87 -11.64
C TYR B 426 -14.23 -40.08 -12.35
N VAL B 427 -14.36 -40.15 -13.66
CA VAL B 427 -13.84 -41.25 -14.46
C VAL B 427 -12.90 -40.65 -15.51
N MET B 428 -11.63 -40.98 -15.41
CA MET B 428 -10.60 -40.44 -16.30
C MET B 428 -9.63 -41.53 -16.69
N MET B 429 -9.15 -41.47 -17.93
CA MET B 429 -8.16 -42.41 -18.44
C MET B 429 -6.76 -41.88 -18.16
N LYS B 430 -5.94 -42.70 -17.50
CA LYS B 430 -4.56 -42.30 -17.23
C LYS B 430 -3.81 -42.13 -18.55
N LYS B 431 -2.64 -41.51 -18.45
CA LYS B 431 -1.82 -41.27 -19.64
C LYS B 431 -1.45 -42.57 -20.34
N ASN B 432 -1.35 -43.66 -19.60
CA ASN B 432 -0.97 -44.97 -20.13
C ASN B 432 -2.17 -45.91 -20.23
N HIS B 433 -3.33 -45.36 -20.60
CA HIS B 433 -4.53 -46.18 -20.71
C HIS B 433 -4.33 -47.33 -21.70
N GLU B 434 -3.75 -47.04 -22.86
CA GLU B 434 -3.52 -48.08 -23.84
C GLU B 434 -2.43 -49.04 -23.39
N MET B 435 -1.46 -48.56 -22.62
CA MET B 435 -0.36 -49.38 -22.13
C MET B 435 -0.71 -50.10 -20.83
N LEU B 436 -1.99 -50.19 -20.49
CA LEU B 436 -2.42 -50.87 -19.28
C LEU B 436 -3.78 -51.51 -19.53
N GLU B 437 -3.98 -52.71 -18.97
CA GLU B 437 -5.22 -53.46 -19.11
C GLU B 437 -5.67 -53.88 -17.72
N GLY B 438 -6.42 -53.00 -17.05
CA GLY B 438 -6.91 -53.30 -15.73
C GLY B 438 -7.54 -52.07 -15.10
N ASN B 439 -7.91 -52.22 -13.83
CA ASN B 439 -8.52 -51.11 -13.10
C ASN B 439 -7.58 -49.91 -12.99
N GLU B 440 -6.27 -50.13 -13.07
CA GLU B 440 -5.33 -49.02 -13.03
C GLU B 440 -5.53 -48.07 -14.19
N ARG B 441 -6.20 -48.51 -15.26
CA ARG B 441 -6.50 -47.64 -16.39
C ARG B 441 -7.20 -46.37 -15.93
N TYR B 442 -8.33 -46.53 -15.26
CA TYR B 442 -9.17 -45.40 -14.89
C TYR B 442 -8.67 -44.73 -13.61
N GLU B 443 -9.11 -43.49 -13.41
CA GLU B 443 -8.78 -42.75 -12.21
C GLU B 443 -9.81 -41.63 -12.04
N GLY B 444 -9.90 -41.12 -10.83
CA GLY B 444 -10.78 -40.01 -10.53
C GLY B 444 -11.41 -40.18 -9.16
N TYR B 445 -12.51 -39.45 -8.96
CA TYR B 445 -13.19 -39.47 -7.67
C TYR B 445 -13.89 -40.80 -7.43
N CYS B 446 -14.81 -41.17 -8.32
CA CYS B 446 -15.56 -42.41 -8.15
C CYS B 446 -14.65 -43.62 -8.10
N VAL B 447 -13.46 -43.54 -8.69
CA VAL B 447 -12.52 -44.66 -8.63
C VAL B 447 -12.12 -44.93 -7.19
N ASP B 448 -11.54 -43.93 -6.53
CA ASP B 448 -11.19 -44.09 -5.13
C ASP B 448 -12.43 -44.36 -4.28
N LEU B 449 -13.59 -43.84 -4.70
CA LEU B 449 -14.81 -44.12 -3.97
C LEU B 449 -15.10 -45.62 -3.95
N ALA B 450 -15.12 -46.24 -5.13
CA ALA B 450 -15.34 -47.68 -5.21
C ALA B 450 -14.23 -48.44 -4.50
N ALA B 451 -13.00 -47.94 -4.55
CA ALA B 451 -11.90 -48.57 -3.83
C ALA B 451 -12.20 -48.64 -2.34
N GLU B 452 -12.61 -47.52 -1.75
CA GLU B 452 -12.94 -47.49 -0.33
C GLU B 452 -14.17 -48.32 -0.03
N ILE B 453 -15.15 -48.34 -0.95
CA ILE B 453 -16.34 -49.15 -0.75
C ILE B 453 -15.96 -50.62 -0.67
N ALA B 454 -15.04 -51.06 -1.54
CA ALA B 454 -14.59 -52.45 -1.49
C ALA B 454 -13.78 -52.72 -0.23
N LYS B 455 -12.92 -51.77 0.16
CA LYS B 455 -12.16 -51.93 1.39
C LYS B 455 -13.08 -52.07 2.59
N HIS B 456 -14.27 -51.44 2.53
CA HIS B 456 -15.24 -51.56 3.62
C HIS B 456 -15.97 -52.89 3.55
N CYS B 457 -16.53 -53.22 2.39
CA CYS B 457 -17.30 -54.45 2.22
C CYS B 457 -16.44 -55.65 1.87
N GLY B 458 -15.21 -55.43 1.41
CA GLY B 458 -14.31 -56.53 1.07
C GLY B 458 -14.86 -57.44 0.00
N PHE B 459 -14.99 -56.94 -1.22
CA PHE B 459 -15.48 -57.73 -2.34
C PHE B 459 -14.57 -57.61 -3.55
N LYS B 460 -14.99 -58.16 -4.68
CA LYS B 460 -14.29 -58.04 -5.95
C LYS B 460 -15.13 -57.21 -6.91
N TYR B 461 -14.46 -56.55 -7.86
CA TYR B 461 -15.16 -55.67 -8.78
C TYR B 461 -14.28 -55.40 -9.99
N LYS B 462 -14.90 -55.30 -11.16
CA LYS B 462 -14.23 -54.95 -12.41
C LYS B 462 -14.87 -53.69 -12.96
N LEU B 463 -14.09 -52.61 -13.01
CA LEU B 463 -14.62 -51.31 -13.40
C LEU B 463 -14.89 -51.25 -14.90
N THR B 464 -16.09 -51.69 -15.30
CA THR B 464 -16.49 -51.64 -16.70
C THR B 464 -16.98 -50.23 -17.03
N ILE B 465 -17.59 -50.07 -18.20
CA ILE B 465 -18.09 -48.78 -18.66
C ILE B 465 -19.43 -49.00 -19.34
N VAL B 466 -20.25 -47.94 -19.34
CA VAL B 466 -21.55 -48.01 -19.97
C VAL B 466 -21.41 -48.05 -21.49
N GLY B 467 -22.42 -48.62 -22.14
CA GLY B 467 -22.42 -48.73 -23.58
C GLY B 467 -22.79 -47.45 -24.30
N ASP B 468 -24.01 -46.97 -24.07
CA ASP B 468 -24.50 -45.78 -24.76
C ASP B 468 -23.82 -44.50 -24.31
N GLY B 469 -22.90 -44.58 -23.36
CA GLY B 469 -22.25 -43.37 -22.87
C GLY B 469 -23.21 -42.36 -22.30
N LYS B 470 -24.26 -42.83 -21.61
CA LYS B 470 -25.25 -41.97 -21.00
C LYS B 470 -25.41 -42.35 -19.53
N TYR B 471 -26.08 -41.48 -18.78
CA TYR B 471 -26.31 -41.73 -17.37
C TYR B 471 -27.50 -42.65 -17.15
N GLY B 472 -28.69 -42.22 -17.57
CA GLY B 472 -29.88 -43.04 -17.45
C GLY B 472 -31.15 -42.27 -17.72
N ALA B 473 -32.05 -42.90 -18.45
CA ALA B 473 -33.36 -42.32 -18.75
C ALA B 473 -34.21 -43.39 -19.41
N ARG B 474 -35.44 -43.03 -19.76
CA ARG B 474 -36.37 -43.95 -20.40
C ARG B 474 -36.92 -43.34 -21.67
N ASP B 475 -37.48 -44.19 -22.52
CA ASP B 475 -38.10 -43.77 -23.77
C ASP B 475 -39.61 -43.68 -23.59
N ALA B 476 -40.18 -42.54 -23.96
CA ALA B 476 -41.61 -42.32 -23.78
C ALA B 476 -42.46 -43.20 -24.71
N ASP B 477 -41.84 -43.90 -25.65
CA ASP B 477 -42.57 -44.79 -26.55
C ASP B 477 -42.49 -46.25 -26.15
N THR B 478 -41.42 -46.66 -25.44
CA THR B 478 -41.27 -48.04 -25.02
C THR B 478 -40.75 -48.16 -23.58
N LYS B 479 -40.70 -47.05 -22.84
CA LYS B 479 -40.24 -47.03 -21.45
C LYS B 479 -38.97 -47.86 -21.25
N ILE B 480 -38.16 -48.00 -22.29
CA ILE B 480 -36.93 -48.76 -22.19
C ILE B 480 -35.86 -47.89 -21.54
N TRP B 481 -35.14 -48.45 -20.58
CA TRP B 481 -34.14 -47.71 -19.82
C TRP B 481 -32.82 -47.75 -20.57
N ASN B 482 -32.40 -46.59 -21.06
CA ASN B 482 -31.11 -46.42 -21.70
C ASN B 482 -30.15 -45.74 -20.74
N GLY B 483 -28.96 -46.32 -20.59
CA GLY B 483 -27.94 -45.84 -19.68
C GLY B 483 -27.67 -46.86 -18.59
N MET B 484 -26.89 -46.42 -17.60
CA MET B 484 -26.60 -47.29 -16.46
C MET B 484 -27.88 -47.78 -15.80
N VAL B 485 -28.95 -46.97 -15.85
CA VAL B 485 -30.23 -47.41 -15.32
C VAL B 485 -30.70 -48.66 -16.04
N GLY B 486 -30.59 -48.68 -17.36
CA GLY B 486 -30.96 -49.87 -18.11
C GLY B 486 -30.10 -51.07 -17.74
N GLU B 487 -28.83 -50.82 -17.44
CA GLU B 487 -27.94 -51.93 -17.06
C GLU B 487 -28.35 -52.52 -15.73
N LEU B 488 -28.60 -51.68 -14.73
CA LEU B 488 -28.97 -52.19 -13.42
C LEU B 488 -30.37 -52.78 -13.42
N VAL B 489 -31.26 -52.26 -14.26
CA VAL B 489 -32.63 -52.78 -14.30
C VAL B 489 -32.70 -54.09 -15.06
N TYR B 490 -31.96 -54.19 -16.17
CA TYR B 490 -32.00 -55.36 -17.04
C TYR B 490 -30.86 -56.33 -16.75
N GLY B 491 -30.27 -56.27 -15.56
CA GLY B 491 -29.25 -57.21 -15.17
C GLY B 491 -27.90 -57.03 -15.83
N LYS B 492 -27.77 -56.10 -16.78
CA LYS B 492 -26.51 -55.91 -17.47
C LYS B 492 -25.39 -55.46 -16.52
N ALA B 493 -25.75 -54.97 -15.33
CA ALA B 493 -24.77 -54.52 -14.35
C ALA B 493 -25.25 -54.86 -12.95
N ASP B 494 -24.33 -54.79 -12.00
CA ASP B 494 -24.62 -55.08 -10.60
C ASP B 494 -24.61 -53.84 -9.71
N ILE B 495 -23.88 -52.79 -10.10
CA ILE B 495 -23.78 -51.58 -9.29
C ILE B 495 -23.25 -50.48 -10.19
N ALA B 496 -23.66 -49.24 -9.90
CA ALA B 496 -23.31 -48.08 -10.71
C ALA B 496 -22.73 -47.00 -9.80
N ILE B 497 -21.42 -46.99 -9.65
CA ILE B 497 -20.73 -45.95 -8.87
C ILE B 497 -20.38 -44.84 -9.86
N ALA B 498 -21.34 -43.96 -10.09
CA ALA B 498 -21.19 -42.87 -11.03
C ALA B 498 -21.88 -41.63 -10.50
N PRO B 499 -21.59 -40.45 -11.06
CA PRO B 499 -22.31 -39.24 -10.63
C PRO B 499 -23.76 -39.26 -11.09
N LEU B 500 -24.51 -40.23 -10.60
CA LEU B 500 -25.89 -40.43 -11.03
C LEU B 500 -26.82 -39.60 -10.16
N THR B 501 -27.61 -38.74 -10.79
CA THR B 501 -28.53 -37.88 -10.06
C THR B 501 -29.71 -38.71 -9.53
N ILE B 502 -30.11 -38.41 -8.31
CA ILE B 502 -31.21 -39.10 -7.64
C ILE B 502 -32.50 -38.39 -8.00
N THR B 503 -33.47 -39.15 -8.52
CA THR B 503 -34.74 -38.60 -8.94
C THR B 503 -35.86 -39.53 -8.50
N LEU B 504 -37.10 -39.06 -8.70
CA LEU B 504 -38.26 -39.85 -8.34
C LEU B 504 -38.41 -41.07 -9.26
N VAL B 505 -38.37 -40.83 -10.57
CA VAL B 505 -38.58 -41.92 -11.52
C VAL B 505 -37.58 -43.04 -11.28
N ARG B 506 -36.31 -42.69 -11.05
CA ARG B 506 -35.28 -43.71 -10.91
C ARG B 506 -35.44 -44.49 -9.61
N GLU B 507 -35.88 -43.83 -8.55
CA GLU B 507 -36.05 -44.53 -7.27
C GLU B 507 -37.28 -45.43 -7.27
N GLU B 508 -38.27 -45.15 -8.13
CA GLU B 508 -39.44 -46.01 -8.22
C GLU B 508 -39.07 -47.40 -8.75
N VAL B 509 -37.91 -47.54 -9.39
CA VAL B 509 -37.53 -48.80 -10.01
C VAL B 509 -36.33 -49.44 -9.33
N ILE B 510 -35.38 -48.66 -8.82
CA ILE B 510 -34.17 -49.18 -8.22
C ILE B 510 -34.02 -48.57 -6.83
N ASP B 511 -32.92 -48.91 -6.16
CA ASP B 511 -32.64 -48.50 -4.79
C ASP B 511 -31.40 -47.61 -4.79
N PHE B 512 -31.59 -46.34 -4.47
CA PHE B 512 -30.50 -45.40 -4.35
C PHE B 512 -29.94 -45.42 -2.93
N SER B 513 -28.72 -44.91 -2.79
CA SER B 513 -28.08 -44.73 -1.50
C SER B 513 -28.16 -43.27 -1.09
N LYS B 514 -27.78 -43.00 0.15
CA LYS B 514 -27.79 -41.63 0.63
C LYS B 514 -26.77 -40.81 -0.16
N PRO B 515 -27.09 -39.57 -0.51
CA PRO B 515 -26.15 -38.78 -1.33
C PRO B 515 -24.77 -38.71 -0.71
N PHE B 516 -23.77 -39.02 -1.52
CA PHE B 516 -22.38 -38.85 -1.14
C PHE B 516 -21.80 -37.53 -1.61
N MET B 517 -22.50 -36.83 -2.51
CA MET B 517 -22.03 -35.56 -3.04
C MET B 517 -23.26 -34.71 -3.31
N SER B 518 -23.48 -33.69 -2.48
CA SER B 518 -24.59 -32.78 -2.65
C SER B 518 -24.15 -31.58 -3.47
N LEU B 519 -25.05 -31.08 -4.30
CA LEU B 519 -24.73 -30.00 -5.23
C LEU B 519 -26.02 -29.30 -5.63
N GLY B 520 -25.91 -28.46 -6.65
CA GLY B 520 -27.07 -27.75 -7.17
C GLY B 520 -26.63 -26.84 -8.29
N ILE B 521 -27.63 -26.27 -8.96
CA ILE B 521 -27.35 -25.37 -10.07
C ILE B 521 -26.55 -24.17 -9.56
N SER B 522 -25.68 -23.66 -10.42
CA SER B 522 -24.79 -22.56 -10.05
C SER B 522 -24.43 -21.79 -11.30
N ILE B 523 -23.90 -20.59 -11.07
CA ILE B 523 -23.64 -19.60 -12.11
C ILE B 523 -22.15 -19.50 -12.34
N MET B 524 -21.73 -19.69 -13.59
CA MET B 524 -20.35 -19.52 -14.03
C MET B 524 -20.25 -18.27 -14.89
N ILE B 525 -19.21 -17.47 -14.65
CA ILE B 525 -18.92 -16.29 -15.43
C ILE B 525 -17.42 -16.18 -15.62
N LYS B 526 -16.99 -15.13 -16.32
CA LYS B 526 -15.58 -14.81 -16.44
C LYS B 526 -15.22 -13.83 -15.31
N LYS B 527 -14.18 -14.16 -14.56
CA LYS B 527 -13.80 -13.32 -13.44
C LYS B 527 -13.59 -11.88 -13.92
N PRO B 528 -13.93 -10.89 -13.09
CA PRO B 528 -13.90 -9.50 -13.57
C PRO B 528 -12.55 -9.09 -14.11
N GLN B 529 -12.50 -8.81 -15.40
CA GLN B 529 -11.30 -8.24 -16.00
C GLN B 529 -11.26 -6.74 -15.74
N LYS B 530 -10.08 -6.16 -15.93
CA LYS B 530 -9.90 -4.75 -15.65
C LYS B 530 -10.94 -3.93 -16.40
N SER B 531 -11.83 -3.27 -15.67
CA SER B 531 -12.87 -2.48 -16.29
C SER B 531 -12.25 -1.41 -17.19
N LYS B 532 -12.99 -1.03 -18.22
CA LYS B 532 -12.55 0.06 -19.07
C LYS B 532 -12.38 1.31 -18.22
N PRO B 533 -11.32 2.10 -18.45
CA PRO B 533 -11.05 3.24 -17.55
C PRO B 533 -12.26 4.12 -17.28
N GLY B 534 -13.02 4.46 -18.32
CA GLY B 534 -14.12 5.39 -18.16
C GLY B 534 -13.67 6.82 -18.34
N VAL B 535 -14.46 7.62 -19.04
CA VAL B 535 -14.04 8.98 -19.36
C VAL B 535 -13.86 9.78 -18.08
N PHE B 536 -14.93 9.95 -17.31
CA PHE B 536 -14.88 10.70 -16.06
C PHE B 536 -14.72 9.75 -14.87
N SER B 537 -13.59 9.05 -14.88
CA SER B 537 -13.27 8.11 -13.82
C SER B 537 -12.40 8.73 -12.73
N PHE B 538 -11.62 9.75 -13.07
CA PHE B 538 -10.77 10.41 -12.08
C PHE B 538 -11.57 11.03 -10.94
N LEU B 539 -12.89 11.11 -11.07
CA LEU B 539 -13.74 11.61 -10.00
C LEU B 539 -14.21 10.50 -9.07
N ASP B 540 -13.97 9.24 -9.42
CA ASP B 540 -14.40 8.14 -8.57
C ASP B 540 -13.82 8.21 -7.17
N PRO B 541 -12.57 8.60 -6.95
CA PRO B 541 -12.04 8.63 -5.58
C PRO B 541 -12.86 9.47 -4.62
N LEU B 542 -13.54 10.49 -5.11
CA LEU B 542 -14.33 11.37 -4.27
C LEU B 542 -15.79 11.32 -4.68
N ALA B 543 -16.66 11.70 -3.76
CA ALA B 543 -18.08 11.70 -4.00
C ALA B 543 -18.49 12.91 -4.85
N TYR B 544 -19.50 12.69 -5.69
CA TYR B 544 -20.01 13.74 -6.56
C TYR B 544 -20.31 15.02 -5.78
N GLU B 545 -21.06 14.88 -4.69
CA GLU B 545 -21.40 16.04 -3.87
C GLU B 545 -20.16 16.80 -3.44
N ILE B 546 -19.08 16.08 -3.15
CA ILE B 546 -17.84 16.75 -2.75
C ILE B 546 -17.30 17.60 -3.89
N TRP B 547 -17.38 17.09 -5.12
CA TRP B 547 -16.91 17.86 -6.26
C TRP B 547 -17.71 19.14 -6.44
N MET B 548 -19.04 19.04 -6.35
CA MET B 548 -19.86 20.24 -6.49
C MET B 548 -19.58 21.22 -5.36
N CYS B 549 -19.42 20.71 -4.14
CA CYS B 549 -19.10 21.58 -3.01
C CYS B 549 -17.79 22.29 -3.23
N ILE B 550 -16.79 21.58 -3.78
CA ILE B 550 -15.49 22.19 -4.05
C ILE B 550 -15.65 23.32 -5.07
N VAL B 551 -16.37 23.05 -6.15
CA VAL B 551 -16.56 24.07 -7.18
C VAL B 551 -17.19 25.32 -6.57
N PHE B 552 -18.28 25.13 -5.84
CA PHE B 552 -19.01 26.29 -5.31
C PHE B 552 -18.19 26.99 -4.23
N ALA B 553 -17.37 26.26 -3.48
CA ALA B 553 -16.48 26.92 -2.52
C ALA B 553 -15.47 27.78 -3.23
N TYR B 554 -14.89 27.29 -4.33
CA TYR B 554 -13.94 28.07 -5.10
C TYR B 554 -14.58 29.37 -5.59
N ILE B 555 -15.75 29.26 -6.20
CA ILE B 555 -16.37 30.46 -6.76
C ILE B 555 -16.80 31.42 -5.66
N GLY B 556 -17.28 30.89 -4.53
CA GLY B 556 -17.65 31.76 -3.43
C GLY B 556 -16.46 32.50 -2.85
N VAL B 557 -15.33 31.80 -2.72
CA VAL B 557 -14.12 32.45 -2.24
C VAL B 557 -13.69 33.53 -3.21
N SER B 558 -13.74 33.26 -4.51
CA SER B 558 -13.42 34.28 -5.48
C SER B 558 -14.33 35.49 -5.33
N VAL B 559 -15.62 35.24 -5.12
CA VAL B 559 -16.57 36.34 -4.93
C VAL B 559 -16.19 37.17 -3.72
N VAL B 560 -15.80 36.51 -2.63
CA VAL B 560 -15.45 37.25 -1.42
C VAL B 560 -14.18 38.07 -1.65
N LEU B 561 -13.18 37.48 -2.30
CA LEU B 561 -11.97 38.24 -2.63
C LEU B 561 -12.33 39.46 -3.46
N PHE B 562 -13.28 39.31 -4.38
CA PHE B 562 -13.72 40.46 -5.17
C PHE B 562 -14.40 41.50 -4.30
N LEU B 563 -15.19 41.05 -3.32
CA LEU B 563 -15.93 41.96 -2.46
C LEU B 563 -15.05 42.69 -1.45
N VAL B 564 -13.87 42.18 -1.16
CA VAL B 564 -12.95 42.84 -0.24
C VAL B 564 -11.99 43.76 -0.98
N SER B 565 -12.31 44.13 -2.21
CA SER B 565 -11.50 45.05 -3.01
C SER B 565 -12.27 46.30 -3.40
N ARG B 566 -13.56 46.18 -3.71
CA ARG B 566 -14.40 47.32 -4.06
C ARG B 566 -15.27 47.77 -2.89
N PHE B 567 -15.75 46.84 -2.07
CA PHE B 567 -16.46 47.17 -0.84
C PHE B 567 -15.51 47.57 0.27
N SER B 568 -14.22 47.67 -0.01
CA SER B 568 -13.21 48.04 0.99
C SER B 568 -11.91 48.30 0.25
N PRO B 569 -11.01 49.11 0.83
CA PRO B 569 -9.73 49.40 0.18
C PRO B 569 -8.81 48.19 0.09
N SER B 616 -4.24 43.76 4.32
CA SER B 616 -5.68 44.02 4.24
C SER B 616 -6.41 43.46 5.46
N LEU B 617 -5.87 42.38 6.02
CA LEU B 617 -6.38 41.76 7.24
C LEU B 617 -7.67 41.00 6.98
N SER B 618 -8.20 41.07 5.76
CA SER B 618 -9.33 40.26 5.35
C SER B 618 -8.93 39.23 4.29
N GLY B 619 -8.20 39.66 3.26
CA GLY B 619 -7.64 38.72 2.32
C GLY B 619 -6.60 37.80 2.93
N ARG B 620 -6.03 38.19 4.07
CA ARG B 620 -5.00 37.38 4.70
C ARG B 620 -5.59 36.10 5.29
N ILE B 621 -6.58 36.24 6.17
CA ILE B 621 -7.20 35.05 6.77
C ILE B 621 -7.91 34.24 5.71
N VAL B 622 -8.47 34.91 4.70
CA VAL B 622 -9.14 34.20 3.62
C VAL B 622 -8.13 33.35 2.85
N GLY B 623 -6.98 33.94 2.51
CA GLY B 623 -5.95 33.18 1.84
C GLY B 623 -5.46 32.02 2.68
N GLY B 624 -5.34 32.24 4.00
CA GLY B 624 -4.86 31.17 4.86
C GLY B 624 -5.82 30.01 4.93
N VAL B 625 -7.11 30.31 5.11
CA VAL B 625 -8.11 29.25 5.21
C VAL B 625 -8.27 28.55 3.87
N TRP B 626 -8.15 29.28 2.76
CA TRP B 626 -8.18 28.66 1.45
C TRP B 626 -6.98 27.75 1.25
N TRP B 627 -5.82 28.17 1.76
CA TRP B 627 -4.63 27.32 1.70
C TRP B 627 -4.86 26.02 2.46
N PHE B 628 -5.37 26.12 3.68
CA PHE B 628 -5.72 24.94 4.46
C PHE B 628 -6.67 24.02 3.69
N PHE B 629 -7.74 24.61 3.14
CA PHE B 629 -8.75 23.84 2.46
C PHE B 629 -8.18 23.11 1.25
N THR B 630 -7.53 23.84 0.35
CA THR B 630 -6.97 23.21 -0.85
C THR B 630 -5.93 22.17 -0.48
N LEU B 631 -5.13 22.44 0.55
CA LEU B 631 -4.17 21.46 1.04
C LEU B 631 -4.86 20.15 1.36
N ILE B 632 -5.86 20.20 2.23
CA ILE B 632 -6.52 18.98 2.67
C ILE B 632 -7.21 18.29 1.50
N ILE B 633 -7.74 19.06 0.56
CA ILE B 633 -8.45 18.46 -0.58
C ILE B 633 -7.47 17.72 -1.47
N ILE B 634 -6.36 18.36 -1.83
CA ILE B 634 -5.33 17.70 -2.61
C ILE B 634 -4.90 16.42 -1.93
N SER B 635 -4.66 16.50 -0.62
CA SER B 635 -4.17 15.33 0.11
C SER B 635 -5.18 14.20 0.08
N SER B 636 -6.45 14.51 0.31
CA SER B 636 -7.48 13.47 0.32
C SER B 636 -7.58 12.80 -1.05
N TYR B 637 -7.62 13.61 -2.10
CA TYR B 637 -7.74 13.05 -3.44
C TYR B 637 -6.55 12.14 -3.74
N THR B 638 -5.34 12.63 -3.48
CA THR B 638 -4.15 11.83 -3.76
C THR B 638 -4.18 10.52 -2.98
N ALA B 639 -4.50 10.60 -1.69
CA ALA B 639 -4.48 9.40 -0.86
C ALA B 639 -5.48 8.37 -1.34
N ASN B 640 -6.71 8.81 -1.62
CA ASN B 640 -7.73 7.86 -2.05
C ASN B 640 -7.38 7.27 -3.41
N LEU B 641 -6.85 8.09 -4.32
CA LEU B 641 -6.48 7.55 -5.63
C LEU B 641 -5.33 6.55 -5.50
N ALA B 642 -4.39 6.82 -4.60
CA ALA B 642 -3.30 5.87 -4.39
C ALA B 642 -3.82 4.56 -3.82
N ALA B 643 -4.76 4.65 -2.87
CA ALA B 643 -5.37 3.43 -2.34
C ALA B 643 -6.08 2.67 -3.45
N PHE B 644 -6.76 3.38 -4.35
CA PHE B 644 -7.44 2.72 -5.46
C PHE B 644 -6.45 2.00 -6.35
N LEU B 645 -5.35 2.66 -6.69
CA LEU B 645 -4.40 2.12 -7.67
C LEU B 645 -3.48 1.06 -7.08
N THR B 646 -3.34 1.01 -5.76
CA THR B 646 -2.40 0.08 -5.16
C THR B 646 -2.97 -1.34 -5.10
N VAL B 647 -4.12 -1.50 -4.45
CA VAL B 647 -4.63 -2.84 -4.19
C VAL B 647 -5.43 -3.36 -5.39
N GLU B 648 -6.23 -2.52 -6.02
CA GLU B 648 -7.03 -2.89 -7.19
C GLU B 648 -7.98 -4.04 -6.84
N ARG B 649 -8.91 -3.76 -5.92
CA ARG B 649 -9.94 -4.72 -5.59
C ARG B 649 -10.96 -4.81 -6.72
N MET B 650 -11.24 -6.04 -7.14
CA MET B 650 -12.18 -6.31 -8.22
C MET B 650 -13.43 -6.97 -7.68
N VAL B 651 -14.59 -6.52 -8.14
CA VAL B 651 -15.87 -7.08 -7.71
C VAL B 651 -16.85 -6.96 -8.88
N SER B 652 -17.80 -7.89 -8.91
CA SER B 652 -18.88 -7.86 -9.87
C SER B 652 -20.21 -7.61 -9.16
N PRO B 653 -21.19 -7.03 -9.85
CA PRO B 653 -22.51 -6.80 -9.23
C PRO B 653 -23.38 -8.05 -9.16
N ILE B 654 -22.85 -9.21 -9.52
CA ILE B 654 -23.63 -10.44 -9.57
C ILE B 654 -23.17 -11.38 -8.46
N GLU B 655 -23.86 -11.31 -7.32
CA GLU B 655 -23.62 -12.24 -6.22
C GLU B 655 -24.77 -13.23 -6.04
N SER B 656 -25.66 -13.33 -7.03
CA SER B 656 -26.82 -14.19 -6.95
C SER B 656 -27.54 -14.16 -8.29
N ALA B 657 -28.56 -15.01 -8.41
CA ALA B 657 -29.37 -15.02 -9.62
C ALA B 657 -30.40 -13.90 -9.62
N GLU B 658 -30.80 -13.44 -8.44
CA GLU B 658 -31.72 -12.31 -8.36
C GLU B 658 -31.16 -11.10 -9.13
N ASP B 659 -29.85 -10.86 -8.99
CA ASP B 659 -29.24 -9.75 -9.71
C ASP B 659 -29.40 -9.91 -11.21
N LEU B 660 -29.16 -11.12 -11.72
CA LEU B 660 -29.35 -11.36 -13.14
C LEU B 660 -30.80 -11.13 -13.55
N SER B 661 -31.74 -11.57 -12.71
CA SER B 661 -33.15 -11.38 -13.03
C SER B 661 -33.52 -9.90 -13.05
N LYS B 662 -32.85 -9.09 -12.22
CA LYS B 662 -33.17 -7.67 -12.14
C LYS B 662 -32.60 -6.86 -13.29
N GLN B 663 -31.67 -7.40 -14.05
CA GLN B 663 -30.98 -6.67 -15.10
C GLN B 663 -31.07 -7.43 -16.42
N THR B 664 -30.63 -6.77 -17.48
CA THR B 664 -30.56 -7.39 -18.81
C THR B 664 -29.28 -7.01 -19.54
N GLU B 665 -28.35 -6.30 -18.90
CA GLU B 665 -27.12 -5.92 -19.57
C GLU B 665 -26.36 -7.14 -20.05
N ILE B 666 -26.39 -8.23 -19.29
CA ILE B 666 -25.74 -9.47 -19.65
C ILE B 666 -26.81 -10.56 -19.78
N ALA B 667 -26.50 -11.56 -20.60
CA ALA B 667 -27.42 -12.64 -20.89
C ALA B 667 -26.98 -13.92 -20.17
N TYR B 668 -27.90 -14.86 -20.10
CA TYR B 668 -27.64 -16.14 -19.45
C TYR B 668 -28.46 -17.22 -20.15
N GLY B 669 -27.89 -18.42 -20.22
CA GLY B 669 -28.54 -19.52 -20.90
C GLY B 669 -28.15 -20.85 -20.28
N THR B 670 -28.71 -21.91 -20.85
CA THR B 670 -28.50 -23.26 -20.36
C THR B 670 -28.30 -24.20 -21.53
N LEU B 671 -27.92 -25.44 -21.22
CA LEU B 671 -27.82 -26.47 -22.24
C LEU B 671 -29.13 -26.58 -23.02
N ASP B 672 -28.99 -26.84 -24.32
CA ASP B 672 -30.18 -26.85 -25.20
C ASP B 672 -31.28 -27.76 -24.66
N SER B 673 -30.91 -28.81 -23.94
CA SER B 673 -31.90 -29.71 -23.35
C SER B 673 -31.24 -30.51 -22.25
N GLY B 674 -31.91 -30.62 -21.12
CA GLY B 674 -31.37 -31.36 -19.99
C GLY B 674 -32.19 -31.12 -18.75
N SER B 675 -31.68 -31.65 -17.63
CA SER B 675 -32.37 -31.51 -16.36
C SER B 675 -32.52 -30.04 -15.98
N THR B 676 -31.49 -29.23 -16.24
CA THR B 676 -31.54 -27.82 -15.88
C THR B 676 -32.61 -27.09 -16.68
N LYS B 677 -32.64 -27.32 -18.00
CA LYS B 677 -33.64 -26.66 -18.83
C LYS B 677 -35.05 -27.04 -18.41
N GLU B 678 -35.27 -28.33 -18.12
CA GLU B 678 -36.61 -28.75 -17.69
C GLU B 678 -36.96 -28.13 -16.35
N PHE B 679 -36.03 -28.13 -15.40
CA PHE B 679 -36.27 -27.50 -14.12
C PHE B 679 -36.65 -26.04 -14.29
N PHE B 680 -36.04 -25.36 -15.26
CA PHE B 680 -36.38 -23.97 -15.50
C PHE B 680 -37.73 -23.81 -16.18
N ARG B 681 -38.09 -24.75 -17.07
CA ARG B 681 -39.43 -24.77 -17.62
C ARG B 681 -40.47 -24.85 -16.51
N ARG B 682 -40.30 -25.82 -15.61
CA ARG B 682 -41.04 -25.88 -14.36
C ARG B 682 -40.41 -24.88 -13.40
N SER B 683 -40.63 -25.06 -12.10
CA SER B 683 -40.16 -24.10 -11.12
C SER B 683 -40.90 -22.78 -11.26
N LYS B 684 -42.21 -22.83 -11.07
CA LYS B 684 -43.06 -21.65 -11.14
C LYS B 684 -42.80 -20.73 -9.94
N ILE B 685 -41.59 -20.18 -9.89
CA ILE B 685 -41.20 -19.21 -8.87
C ILE B 685 -40.88 -17.90 -9.58
N ALA B 686 -41.17 -16.78 -8.91
CA ALA B 686 -41.01 -15.47 -9.49
C ALA B 686 -39.69 -15.34 -10.25
N VAL B 687 -38.57 -15.58 -9.56
CA VAL B 687 -37.26 -15.37 -10.16
C VAL B 687 -37.06 -16.32 -11.32
N PHE B 688 -37.30 -17.61 -11.11
CA PHE B 688 -37.04 -18.59 -12.15
C PHE B 688 -38.07 -18.50 -13.27
N ASP B 689 -39.31 -18.12 -12.96
CA ASP B 689 -40.29 -17.87 -14.02
C ASP B 689 -39.81 -16.71 -14.90
N LYS B 690 -39.32 -15.64 -14.28
CA LYS B 690 -38.79 -14.52 -15.04
C LYS B 690 -37.61 -14.94 -15.89
N MET B 691 -36.73 -15.77 -15.34
CA MET B 691 -35.56 -16.22 -16.09
C MET B 691 -35.95 -17.09 -17.27
N TRP B 692 -36.93 -17.96 -17.08
CA TRP B 692 -37.41 -18.79 -18.20
C TRP B 692 -38.05 -17.92 -19.26
N THR B 693 -38.88 -16.95 -18.86
CA THR B 693 -39.46 -16.02 -19.80
C THR B 693 -38.37 -15.33 -20.62
N TYR B 694 -37.33 -14.83 -19.94
CA TYR B 694 -36.24 -14.16 -20.62
C TYR B 694 -35.56 -15.09 -21.62
N MET B 695 -35.10 -16.25 -21.15
CA MET B 695 -34.31 -17.14 -22.00
C MET B 695 -35.13 -17.62 -23.19
N ARG B 696 -36.40 -17.93 -22.98
CA ARG B 696 -37.25 -18.34 -24.11
C ARG B 696 -37.55 -17.15 -25.00
N SER B 697 -37.80 -15.98 -24.42
CA SER B 697 -38.10 -14.76 -25.17
C SER B 697 -36.82 -13.93 -25.25
N ALA B 698 -35.90 -14.37 -26.12
CA ALA B 698 -34.65 -13.65 -26.30
C ALA B 698 -33.96 -14.18 -27.55
N GLU B 699 -33.41 -13.26 -28.34
CA GLU B 699 -32.67 -13.60 -29.55
C GLU B 699 -31.35 -12.85 -29.51
N PRO B 700 -30.21 -13.52 -29.80
CA PRO B 700 -30.05 -14.92 -30.19
C PRO B 700 -30.35 -15.89 -29.04
N SER B 701 -30.64 -17.14 -29.38
CA SER B 701 -30.98 -18.13 -28.38
C SER B 701 -29.81 -18.34 -27.43
N VAL B 702 -30.02 -17.97 -26.16
CA VAL B 702 -28.97 -18.10 -25.15
C VAL B 702 -28.51 -19.54 -24.99
N PHE B 703 -29.33 -20.51 -25.37
CA PHE B 703 -28.97 -21.90 -25.19
C PHE B 703 -27.74 -22.24 -26.02
N VAL B 704 -27.12 -23.37 -25.67
CA VAL B 704 -25.90 -23.84 -26.31
C VAL B 704 -26.06 -25.33 -26.62
N ARG B 705 -25.03 -25.91 -27.24
CA ARG B 705 -25.08 -27.30 -27.65
C ARG B 705 -24.52 -28.23 -26.57
N THR B 706 -23.41 -27.87 -25.95
CA THR B 706 -22.80 -28.69 -24.92
C THR B 706 -22.16 -27.80 -23.87
N THR B 707 -21.56 -28.42 -22.86
CA THR B 707 -20.94 -27.68 -21.78
C THR B 707 -19.79 -26.82 -22.29
N ALA B 708 -18.84 -27.43 -22.99
CA ALA B 708 -17.68 -26.68 -23.46
C ALA B 708 -18.07 -25.50 -24.33
N GLU B 709 -19.16 -25.64 -25.10
CA GLU B 709 -19.60 -24.53 -25.94
C GLU B 709 -19.99 -23.33 -25.11
N GLY B 710 -20.81 -23.54 -24.08
CA GLY B 710 -21.17 -22.45 -23.20
C GLY B 710 -19.97 -21.89 -22.44
N VAL B 711 -19.05 -22.78 -22.04
CA VAL B 711 -17.85 -22.33 -21.35
C VAL B 711 -17.08 -21.37 -22.23
N ALA B 712 -16.82 -21.77 -23.48
CA ALA B 712 -16.09 -20.90 -24.40
C ALA B 712 -16.85 -19.62 -24.67
N ARG B 713 -18.17 -19.71 -24.84
CA ARG B 713 -18.98 -18.52 -25.06
C ARG B 713 -18.80 -17.53 -23.91
N VAL B 714 -18.74 -18.04 -22.68
CA VAL B 714 -18.47 -17.17 -21.54
C VAL B 714 -17.04 -16.64 -21.60
N ARG B 715 -16.11 -17.44 -22.10
CA ARG B 715 -14.71 -17.02 -22.18
C ARG B 715 -14.48 -15.98 -23.26
N LYS B 716 -15.34 -15.93 -24.28
CA LYS B 716 -15.23 -14.95 -25.35
C LYS B 716 -16.27 -13.84 -25.25
N SER B 717 -16.99 -13.78 -24.14
CA SER B 717 -18.04 -12.79 -23.89
C SER B 717 -17.80 -12.12 -22.55
N LYS B 718 -16.63 -11.51 -22.40
CA LYS B 718 -16.10 -11.08 -21.12
C LYS B 718 -17.17 -10.53 -20.18
N GLY B 719 -18.02 -9.66 -20.70
CA GLY B 719 -19.06 -9.05 -19.89
C GLY B 719 -20.44 -9.16 -20.49
N LYS B 720 -20.75 -10.32 -21.06
CA LYS B 720 -22.03 -10.50 -21.72
C LYS B 720 -22.79 -11.74 -21.27
N TYR B 721 -22.10 -12.86 -21.02
CA TYR B 721 -22.76 -14.14 -20.84
C TYR B 721 -22.48 -14.71 -19.46
N ALA B 722 -23.32 -15.66 -19.06
CA ALA B 722 -23.19 -16.36 -17.78
C ALA B 722 -23.92 -17.68 -17.91
N TYR B 723 -23.23 -18.78 -17.64
CA TYR B 723 -23.78 -20.11 -17.82
C TYR B 723 -24.31 -20.65 -16.50
N LEU B 724 -25.31 -21.53 -16.60
CA LEU B 724 -25.89 -22.20 -15.44
C LEU B 724 -25.62 -23.69 -15.57
N LEU B 725 -25.01 -24.28 -14.54
CA LEU B 725 -24.62 -25.67 -14.64
C LEU B 725 -24.44 -26.26 -13.24
N GLU B 726 -24.19 -27.56 -13.20
CA GLU B 726 -23.92 -28.22 -11.93
C GLU B 726 -22.72 -27.57 -11.25
N SER B 727 -22.87 -27.30 -9.95
CA SER B 727 -21.81 -26.60 -9.22
C SER B 727 -20.50 -27.38 -9.26
N THR B 728 -20.56 -28.71 -9.30
CA THR B 728 -19.35 -29.50 -9.31
C THR B 728 -18.54 -29.25 -10.57
N MET B 729 -19.18 -29.37 -11.73
CA MET B 729 -18.49 -29.08 -12.98
C MET B 729 -18.05 -27.63 -13.03
N ASN B 730 -18.82 -26.72 -12.44
CA ASN B 730 -18.43 -25.33 -12.41
C ASN B 730 -17.11 -25.15 -11.66
N GLU B 731 -17.01 -25.73 -10.48
CA GLU B 731 -15.76 -25.65 -9.72
C GLU B 731 -14.62 -26.32 -10.48
N TYR B 732 -14.91 -27.46 -11.12
CA TYR B 732 -13.89 -28.15 -11.90
C TYR B 732 -13.30 -27.24 -12.96
N ILE B 733 -14.18 -26.63 -13.77
CA ILE B 733 -13.71 -25.70 -14.80
C ILE B 733 -12.97 -24.54 -14.16
N GLU B 734 -13.50 -24.00 -13.07
CA GLU B 734 -12.87 -22.85 -12.43
C GLU B 734 -11.45 -23.18 -11.97
N GLN B 735 -11.18 -24.43 -11.63
CA GLN B 735 -9.85 -24.82 -11.19
C GLN B 735 -8.93 -25.22 -12.34
N ARG B 736 -9.49 -25.47 -13.52
CA ARG B 736 -8.69 -25.79 -14.69
C ARG B 736 -8.30 -24.50 -15.41
N LYS B 737 -7.02 -24.40 -15.79
CA LYS B 737 -6.56 -23.28 -16.59
C LYS B 737 -7.47 -23.12 -17.80
N PRO B 738 -7.50 -21.94 -18.46
CA PRO B 738 -6.71 -20.73 -18.24
C PRO B 738 -7.06 -19.93 -16.98
N CYS B 739 -7.99 -20.42 -16.17
CA CYS B 739 -8.40 -19.76 -14.94
C CYS B 739 -9.16 -18.46 -15.22
N ASP B 740 -9.90 -18.42 -16.34
CA ASP B 740 -10.67 -17.24 -16.72
C ASP B 740 -12.16 -17.42 -16.43
N THR B 741 -12.48 -18.10 -15.33
CA THR B 741 -13.88 -18.31 -14.94
C THR B 741 -13.99 -18.23 -13.43
N MET B 742 -15.23 -18.23 -12.95
CA MET B 742 -15.51 -18.21 -11.53
C MET B 742 -16.97 -18.55 -11.33
N LYS B 743 -17.24 -19.20 -10.19
CA LYS B 743 -18.59 -19.53 -9.78
C LYS B 743 -19.07 -18.48 -8.79
N VAL B 744 -20.29 -17.99 -9.00
CA VAL B 744 -20.82 -16.89 -8.20
C VAL B 744 -22.09 -17.34 -7.50
N GLY B 745 -22.43 -16.63 -6.44
CA GLY B 745 -23.64 -16.90 -5.71
C GLY B 745 -23.61 -18.26 -5.04
N GLY B 746 -24.81 -18.75 -4.74
CA GLY B 746 -25.00 -20.04 -4.11
C GLY B 746 -25.90 -20.92 -4.95
N ASN B 747 -25.98 -22.19 -4.55
CA ASN B 747 -26.78 -23.16 -5.27
C ASN B 747 -28.24 -22.72 -5.31
N LEU B 748 -28.83 -22.74 -6.50
CA LEU B 748 -30.24 -22.39 -6.65
C LEU B 748 -31.12 -23.50 -6.10
N ASP B 749 -30.94 -24.72 -6.58
CA ASP B 749 -31.64 -25.89 -6.11
C ASP B 749 -30.70 -26.75 -5.27
N SER B 750 -31.20 -27.91 -4.85
CA SER B 750 -30.43 -28.83 -4.03
C SER B 750 -30.68 -30.25 -4.52
N LYS B 751 -29.63 -30.89 -5.02
CA LYS B 751 -29.69 -32.27 -5.47
C LYS B 751 -28.49 -33.03 -4.90
N GLY B 752 -28.47 -34.32 -5.15
CA GLY B 752 -27.38 -35.15 -4.65
C GLY B 752 -27.12 -36.31 -5.59
N TYR B 753 -25.86 -36.73 -5.63
CA TYR B 753 -25.45 -37.92 -6.37
C TYR B 753 -25.35 -39.08 -5.40
N GLY B 754 -25.92 -40.22 -5.78
CA GLY B 754 -25.94 -41.38 -4.92
C GLY B 754 -25.74 -42.66 -5.71
N ILE B 755 -25.23 -43.67 -5.00
CA ILE B 755 -25.04 -44.96 -5.61
C ILE B 755 -26.39 -45.54 -6.04
N ALA B 756 -26.35 -46.46 -6.99
CA ALA B 756 -27.53 -47.13 -7.49
C ALA B 756 -27.42 -48.63 -7.29
N THR B 757 -28.56 -49.29 -7.25
CA THR B 757 -28.62 -50.73 -7.06
C THR B 757 -30.03 -51.22 -7.36
N PRO B 758 -30.21 -52.38 -8.01
CA PRO B 758 -31.56 -52.82 -8.35
C PRO B 758 -32.51 -52.84 -7.16
N LYS B 759 -33.81 -52.86 -7.45
CA LYS B 759 -34.82 -52.83 -6.38
C LYS B 759 -34.52 -53.89 -5.31
N GLY B 760 -33.98 -55.03 -5.72
CA GLY B 760 -33.60 -56.07 -4.77
C GLY B 760 -32.15 -56.47 -4.94
N SER B 761 -31.38 -56.41 -3.87
CA SER B 761 -29.96 -56.73 -3.93
C SER B 761 -29.48 -57.08 -2.53
N SER B 762 -28.17 -57.21 -2.38
CA SER B 762 -27.54 -57.53 -1.11
C SER B 762 -26.54 -56.48 -0.65
N LEU B 763 -25.97 -55.71 -1.57
CA LEU B 763 -24.97 -54.70 -1.22
C LEU B 763 -25.57 -53.32 -1.06
N GLY B 764 -26.87 -53.16 -1.19
CA GLY B 764 -27.49 -51.85 -1.06
C GLY B 764 -27.32 -51.25 0.32
N ASN B 765 -27.74 -51.98 1.36
CA ASN B 765 -27.64 -51.46 2.72
C ASN B 765 -26.18 -51.31 3.14
N ALA B 766 -25.34 -52.28 2.78
CA ALA B 766 -23.92 -52.18 3.09
C ALA B 766 -23.32 -50.94 2.45
N VAL B 767 -23.71 -50.64 1.21
CA VAL B 767 -23.18 -49.48 0.52
C VAL B 767 -23.67 -48.19 1.18
N ASN B 768 -24.94 -48.17 1.59
CA ASN B 768 -25.47 -47.02 2.30
C ASN B 768 -24.66 -46.76 3.58
N LEU B 769 -24.45 -47.82 4.37
CA LEU B 769 -23.69 -47.66 5.60
C LEU B 769 -22.26 -47.23 5.33
N ALA B 770 -21.66 -47.74 4.25
CA ALA B 770 -20.31 -47.34 3.89
C ALA B 770 -20.26 -45.86 3.53
N VAL B 771 -21.23 -45.41 2.74
CA VAL B 771 -21.29 -44.00 2.36
C VAL B 771 -21.42 -43.12 3.60
N LEU B 772 -22.27 -43.52 4.54
CA LEU B 772 -22.43 -42.73 5.75
C LEU B 772 -21.15 -42.72 6.58
N LYS B 773 -20.51 -43.88 6.72
CA LYS B 773 -19.27 -43.94 7.49
C LYS B 773 -18.19 -43.08 6.85
N LEU B 774 -18.16 -43.04 5.52
CA LEU B 774 -17.18 -42.20 4.84
C LEU B 774 -17.48 -40.73 5.05
N ASN B 775 -18.74 -40.33 4.83
CA ASN B 775 -19.11 -38.93 5.02
C ASN B 775 -18.83 -38.48 6.44
N GLU B 776 -19.01 -39.35 7.42
CA GLU B 776 -18.77 -38.99 8.81
C GLU B 776 -17.31 -39.15 9.21
N GLN B 777 -16.51 -39.85 8.41
CA GLN B 777 -15.12 -40.09 8.74
C GLN B 777 -14.19 -39.01 8.20
N GLY B 778 -14.67 -38.16 7.29
CA GLY B 778 -13.84 -37.12 6.73
C GLY B 778 -13.02 -37.62 5.56
N LEU B 779 -13.66 -38.32 4.63
CA LEU B 779 -12.98 -38.93 3.50
C LEU B 779 -13.46 -38.37 2.17
N LEU B 780 -14.77 -38.31 1.95
CA LEU B 780 -15.29 -37.78 0.69
C LEU B 780 -14.78 -36.36 0.45
N ASP B 781 -14.77 -35.54 1.50
CA ASP B 781 -14.25 -34.19 1.36
C ASP B 781 -12.78 -34.20 0.98
N LYS B 782 -12.02 -35.16 1.50
CA LYS B 782 -10.61 -35.27 1.15
C LYS B 782 -10.44 -35.59 -0.32
N LEU B 783 -11.17 -36.60 -0.81
CA LEU B 783 -11.10 -36.95 -2.23
C LEU B 783 -11.51 -35.77 -3.09
N LYS B 784 -12.52 -35.02 -2.67
CA LYS B 784 -12.97 -33.87 -3.46
C LYS B 784 -11.90 -32.80 -3.50
N ASN B 785 -11.35 -32.43 -2.34
CA ASN B 785 -10.27 -31.46 -2.32
C ASN B 785 -9.09 -31.91 -3.17
N LYS B 786 -8.86 -33.21 -3.25
CA LYS B 786 -7.76 -33.72 -4.05
C LYS B 786 -8.04 -33.57 -5.53
N TRP B 787 -9.18 -34.06 -5.99
CA TRP B 787 -9.50 -34.08 -7.41
C TRP B 787 -9.97 -32.73 -7.95
N TRP B 788 -10.22 -31.75 -7.09
CA TRP B 788 -10.68 -30.44 -7.50
C TRP B 788 -9.68 -29.33 -7.19
N TYR B 789 -9.18 -29.28 -5.95
CA TYR B 789 -8.37 -28.17 -5.49
C TYR B 789 -6.88 -28.51 -5.45
N ASP B 790 -6.50 -29.62 -4.82
CA ASP B 790 -5.11 -30.04 -4.86
C ASP B 790 -4.63 -30.21 -6.30
N LYS B 791 -5.38 -30.96 -7.10
CA LYS B 791 -5.13 -31.06 -8.52
C LYS B 791 -5.34 -29.74 -9.26
N GLY B 792 -5.97 -28.77 -8.61
CA GLY B 792 -6.29 -27.51 -9.25
C GLY B 792 -5.11 -26.80 -9.85
N GLU B 793 -5.21 -26.43 -11.14
CA GLU B 793 -4.13 -25.68 -11.78
C GLU B 793 -4.11 -24.23 -11.31
N CYS B 794 -5.26 -23.69 -10.91
CA CYS B 794 -5.37 -22.28 -10.54
C CYS B 794 -5.10 -22.09 -9.05
N GLY B 795 -3.95 -22.59 -8.62
CA GLY B 795 -3.55 -22.47 -7.23
C GLY B 795 -3.15 -21.05 -6.85
N THR B 805 0.82 -0.77 -9.82
CA THR B 805 1.43 -1.85 -10.59
C THR B 805 1.73 -1.40 -12.01
N SER B 806 0.70 -1.31 -12.83
CA SER B 806 0.85 -0.89 -14.21
C SER B 806 0.86 0.64 -14.31
N ALA B 807 1.26 1.13 -15.48
CA ALA B 807 1.32 2.56 -15.71
C ALA B 807 -0.10 3.09 -15.89
N LEU B 808 -0.20 4.38 -16.20
CA LEU B 808 -1.48 5.08 -16.31
C LEU B 808 -1.62 5.64 -17.72
N SER B 809 -2.76 5.36 -18.34
CA SER B 809 -3.02 5.76 -19.72
C SER B 809 -3.89 7.00 -19.76
N LEU B 810 -3.92 7.63 -20.94
CA LEU B 810 -4.68 8.86 -21.10
C LEU B 810 -6.17 8.64 -20.87
N SER B 811 -6.68 7.49 -21.28
CA SER B 811 -8.10 7.20 -21.15
C SER B 811 -8.60 7.41 -19.73
N ASN B 812 -7.72 7.37 -18.74
CA ASN B 812 -8.13 7.56 -17.36
C ASN B 812 -8.34 9.02 -16.99
N VAL B 813 -7.82 9.95 -17.79
CA VAL B 813 -7.83 11.36 -17.42
C VAL B 813 -8.31 12.23 -18.57
N ALA B 814 -8.87 11.63 -19.62
CA ALA B 814 -9.30 12.40 -20.77
C ALA B 814 -10.32 13.46 -20.39
N GLY B 815 -11.17 13.16 -19.40
CA GLY B 815 -12.16 14.13 -18.96
C GLY B 815 -11.54 15.42 -18.48
N VAL B 816 -10.36 15.34 -17.87
CA VAL B 816 -9.68 16.54 -17.41
C VAL B 816 -9.36 17.46 -18.58
N PHE B 817 -8.84 16.88 -19.67
CA PHE B 817 -8.48 17.70 -20.83
C PHE B 817 -9.73 18.21 -21.52
N TYR B 818 -10.79 17.41 -21.57
CA TYR B 818 -12.06 17.89 -22.10
C TYR B 818 -12.52 19.12 -21.34
N ILE B 819 -12.54 19.03 -20.00
CA ILE B 819 -12.96 20.14 -19.16
C ILE B 819 -12.08 21.35 -19.39
N LEU B 820 -10.76 21.12 -19.48
CA LEU B 820 -9.84 22.22 -19.69
C LEU B 820 -10.15 22.96 -20.99
N VAL B 821 -10.27 22.21 -22.08
CA VAL B 821 -10.52 22.83 -23.37
C VAL B 821 -11.87 23.54 -23.37
N GLY B 822 -12.86 22.96 -22.70
CA GLY B 822 -14.16 23.61 -22.63
C GLY B 822 -14.09 24.95 -21.93
N GLY B 823 -13.55 24.96 -20.71
CA GLY B 823 -13.38 26.21 -20.00
C GLY B 823 -12.52 27.20 -20.76
N LEU B 824 -11.56 26.71 -21.52
CA LEU B 824 -10.65 27.59 -22.24
C LEU B 824 -11.36 28.28 -23.38
N GLY B 825 -12.08 27.52 -24.21
CA GLY B 825 -12.88 28.12 -25.26
C GLY B 825 -13.94 29.05 -24.71
N LEU B 826 -14.50 28.71 -23.55
CA LEU B 826 -15.49 29.58 -22.91
C LEU B 826 -14.87 30.91 -22.55
N ALA B 827 -13.70 30.88 -21.90
CA ALA B 827 -13.01 32.12 -21.55
C ALA B 827 -12.68 32.93 -22.79
N MET B 828 -12.26 32.25 -23.85
CA MET B 828 -11.92 32.94 -25.09
C MET B 828 -13.14 33.67 -25.66
N LEU B 829 -14.27 32.97 -25.74
CA LEU B 829 -15.48 33.60 -26.24
C LEU B 829 -15.91 34.77 -25.37
N VAL B 830 -15.83 34.60 -24.06
CA VAL B 830 -16.19 35.67 -23.15
C VAL B 830 -15.31 36.89 -23.40
N ALA B 831 -14.00 36.68 -23.53
CA ALA B 831 -13.11 37.78 -23.80
C ALA B 831 -13.43 38.44 -25.14
N LEU B 832 -13.79 37.64 -26.14
CA LEU B 832 -14.11 38.20 -27.44
C LEU B 832 -15.32 39.12 -27.36
N ILE B 833 -16.38 38.68 -26.70
CA ILE B 833 -17.57 39.53 -26.61
C ILE B 833 -17.29 40.74 -25.73
N GLU B 834 -16.51 40.57 -24.66
CA GLU B 834 -16.16 41.69 -23.82
C GLU B 834 -15.42 42.75 -24.61
N PHE B 835 -14.50 42.32 -25.48
CA PHE B 835 -13.76 43.27 -26.31
C PHE B 835 -14.68 43.93 -27.32
N CYS B 836 -15.51 43.14 -28.00
CA CYS B 836 -16.40 43.72 -29.01
C CYS B 836 -17.36 44.73 -28.39
N TYR B 837 -17.66 44.58 -27.10
CA TYR B 837 -18.52 45.55 -26.42
C TYR B 837 -17.73 46.77 -25.97
N LYS B 838 -16.59 46.54 -25.30
CA LYS B 838 -15.81 47.64 -24.76
C LYS B 838 -15.31 48.55 -25.87
N SER B 839 -14.62 48.00 -26.87
CA SER B 839 -14.07 48.83 -27.92
C SER B 839 -15.17 49.50 -28.73
N ARG B 840 -16.29 48.80 -28.95
CA ARG B 840 -17.40 49.39 -29.68
C ARG B 840 -17.95 50.60 -28.94
N ALA B 841 -18.22 50.44 -27.64
CA ALA B 841 -18.74 51.56 -26.86
C ALA B 841 -17.74 52.71 -26.81
N GLU B 842 -16.43 52.39 -26.74
CA GLU B 842 -15.43 53.43 -26.62
C GLU B 842 -15.30 54.23 -27.92
N ALA B 843 -15.24 53.53 -29.05
CA ALA B 843 -15.06 54.20 -30.33
C ALA B 843 -16.34 54.89 -30.78
N LYS B 844 -17.44 54.14 -30.89
CA LYS B 844 -18.70 54.72 -31.30
C LYS B 844 -19.15 55.83 -30.38
N ARG B 845 -18.68 55.83 -29.13
CA ARG B 845 -19.04 56.87 -28.17
C ARG B 845 -17.83 57.29 -27.35
N ALA C 2 27.49 8.44 -11.37
CA ALA C 2 27.34 9.06 -12.69
C ALA C 2 27.00 10.53 -12.54
N PHE C 3 26.20 10.85 -11.53
CA PHE C 3 25.79 12.23 -11.27
C PHE C 3 26.52 12.82 -10.06
N THR C 4 26.41 12.19 -8.90
CA THR C 4 27.17 12.53 -7.70
C THR C 4 26.89 13.94 -7.20
N PHE C 5 25.90 14.62 -7.76
CA PHE C 5 25.47 15.94 -7.30
C PHE C 5 26.51 17.03 -7.58
N ALA C 6 27.68 16.65 -8.06
CA ALA C 6 28.70 17.65 -8.40
C ALA C 6 28.57 18.09 -9.85
N ALA C 7 28.20 17.16 -10.73
CA ALA C 7 27.89 17.53 -12.10
C ALA C 7 26.82 18.61 -12.15
N PHE C 8 25.91 18.61 -11.17
CA PHE C 8 24.87 19.63 -11.15
C PHE C 8 25.45 21.01 -10.83
N CYS C 9 26.31 21.08 -9.81
CA CYS C 9 26.97 22.34 -9.51
C CYS C 9 27.78 22.83 -10.70
N TYR C 10 28.45 21.91 -11.39
CA TYR C 10 29.24 22.30 -12.56
C TYR C 10 28.33 22.80 -13.67
N MET C 11 27.20 22.14 -13.89
CA MET C 11 26.26 22.59 -14.90
C MET C 11 25.75 23.99 -14.59
N LEU C 12 25.39 24.23 -13.34
CA LEU C 12 24.88 25.55 -12.94
C LEU C 12 25.94 26.62 -13.13
N SER C 13 27.16 26.36 -12.65
CA SER C 13 28.25 27.31 -12.85
C SER C 13 28.52 27.54 -14.32
N LEU C 14 28.36 26.52 -15.14
CA LEU C 14 28.58 26.66 -16.58
C LEU C 14 27.52 27.57 -17.20
N VAL C 15 26.26 27.36 -16.83
CA VAL C 15 25.18 28.17 -17.36
C VAL C 15 25.35 29.63 -16.93
N LEU C 16 25.88 29.86 -15.72
CA LEU C 16 26.05 31.23 -15.27
C LEU C 16 27.28 31.89 -15.92
N CYS C 17 28.36 31.13 -16.13
CA CYS C 17 29.53 31.69 -16.77
C CYS C 17 29.28 31.94 -18.25
N ALA C 18 28.38 31.17 -18.88
CA ALA C 18 28.02 31.45 -20.26
C ALA C 18 27.39 32.82 -20.40
N ALA C 19 26.76 33.31 -19.34
CA ALA C 19 26.24 34.68 -19.32
C ALA C 19 27.33 35.67 -18.92
N LEU C 20 28.19 35.27 -17.98
CA LEU C 20 29.25 36.17 -17.53
C LEU C 20 30.20 36.52 -18.66
N ILE C 21 30.48 35.58 -19.56
CA ILE C 21 31.42 35.86 -20.64
C ILE C 21 30.87 36.94 -21.56
N PHE C 22 29.59 36.84 -21.92
CA PHE C 22 28.97 37.88 -22.73
C PHE C 22 28.88 39.18 -21.95
N PHE C 23 28.67 39.08 -20.64
CA PHE C 23 28.63 40.26 -19.78
C PHE C 23 29.95 41.02 -19.85
N ALA C 24 31.06 40.29 -19.70
CA ALA C 24 32.38 40.91 -19.78
C ALA C 24 32.66 41.44 -21.17
N ILE C 25 32.20 40.74 -22.20
CA ILE C 25 32.38 41.22 -23.56
C ILE C 25 31.67 42.55 -23.73
N TRP C 26 30.45 42.66 -23.20
CA TRP C 26 29.72 43.92 -23.29
C TRP C 26 30.41 45.00 -22.47
N HIS C 27 31.03 44.65 -21.34
CA HIS C 27 31.85 45.64 -20.63
C HIS C 27 32.96 46.18 -21.54
N ILE C 28 33.68 45.26 -22.20
CA ILE C 28 34.78 45.68 -23.05
C ILE C 28 34.28 46.57 -24.18
N ILE C 29 33.11 46.25 -24.73
CA ILE C 29 32.58 47.04 -25.84
C ILE C 29 32.12 48.42 -25.35
N ALA C 30 31.53 48.47 -24.15
CA ALA C 30 31.15 49.76 -23.59
C ALA C 30 32.39 50.62 -23.33
N PHE C 31 33.49 49.98 -22.90
CA PHE C 31 34.73 50.71 -22.72
C PHE C 31 35.24 51.25 -24.06
N ASP C 32 35.22 50.41 -25.09
CA ASP C 32 35.59 50.88 -26.43
C ASP C 32 34.74 52.06 -26.85
N GLU C 33 33.45 52.03 -26.53
CA GLU C 33 32.57 53.15 -26.86
C GLU C 33 32.99 54.41 -26.12
N LEU C 34 33.10 54.34 -24.80
CA LEU C 34 33.49 55.49 -24.01
C LEU C 34 34.88 56.00 -24.38
N ARG C 35 35.69 55.16 -25.04
CA ARG C 35 37.00 55.60 -25.48
C ARG C 35 36.93 56.83 -26.39
N THR C 36 35.75 57.15 -26.92
CA THR C 36 35.62 58.30 -27.81
C THR C 36 36.24 59.56 -27.22
N ASP C 37 36.25 59.67 -25.89
CA ASP C 37 36.81 60.84 -25.23
C ASP C 37 38.28 61.02 -25.61
N ALA C 50 25.90 68.26 -27.56
CA ALA C 50 26.50 68.06 -26.25
C ALA C 50 25.68 67.07 -25.44
N ARG C 51 24.39 67.38 -25.25
CA ARG C 51 23.51 66.48 -24.50
C ARG C 51 23.46 65.10 -25.13
N GLU C 52 23.60 65.02 -26.45
CA GLU C 52 23.56 63.72 -27.12
C GLU C 52 24.63 62.78 -26.59
N ARG C 53 25.90 63.21 -26.65
CA ARG C 53 26.98 62.35 -26.18
C ARG C 53 26.91 62.15 -24.66
N LEU C 54 26.58 63.21 -23.92
CA LEU C 54 26.46 63.09 -22.47
C LEU C 54 25.49 61.98 -22.10
N ARG C 55 24.29 61.98 -22.70
CA ARG C 55 23.30 60.95 -22.40
C ARG C 55 23.74 59.59 -22.94
N ASN C 56 24.20 59.55 -24.19
CA ASN C 56 24.60 58.28 -24.78
C ASN C 56 25.71 57.61 -24.00
N ILE C 57 26.50 58.36 -23.24
CA ILE C 57 27.53 57.77 -22.41
C ILE C 57 27.04 57.52 -20.99
N GLU C 58 26.19 58.41 -20.46
CA GLU C 58 25.74 58.27 -19.08
C GLU C 58 24.78 57.11 -18.91
N ARG C 59 23.96 56.84 -19.93
CA ARG C 59 23.08 55.67 -19.86
C ARG C 59 23.88 54.39 -19.75
N ILE C 60 24.92 54.25 -20.58
CA ILE C 60 25.77 53.06 -20.51
C ILE C 60 26.50 53.02 -19.17
N CYS C 61 26.94 54.16 -18.66
CA CYS C 61 27.60 54.18 -17.36
C CYS C 61 26.65 53.75 -16.25
N PHE C 62 25.36 54.09 -16.39
CA PHE C 62 24.37 53.66 -15.41
C PHE C 62 24.16 52.16 -15.49
N LEU C 63 24.02 51.63 -16.70
CA LEU C 63 23.93 50.18 -16.87
C LEU C 63 25.14 49.49 -16.26
N LEU C 64 26.32 50.12 -16.36
CA LEU C 64 27.53 49.53 -15.79
C LEU C 64 27.48 49.55 -14.26
N ARG C 65 27.37 50.75 -13.67
CA ARG C 65 27.29 50.88 -12.22
C ARG C 65 26.19 50.02 -11.64
N LYS C 66 25.16 49.71 -12.43
CA LYS C 66 24.09 48.85 -11.96
C LYS C 66 24.57 47.41 -11.77
N LEU C 67 25.07 46.80 -12.84
CA LEU C 67 25.40 45.39 -12.86
C LEU C 67 26.74 45.16 -12.15
N VAL C 68 26.69 45.28 -10.83
CA VAL C 68 27.82 44.97 -9.95
C VAL C 68 27.45 43.89 -8.95
N LEU C 69 26.28 44.01 -8.32
CA LEU C 69 25.81 42.98 -7.41
C LEU C 69 25.73 41.61 -8.07
N PRO C 70 25.35 41.47 -9.35
CA PRO C 70 25.24 40.12 -9.92
C PRO C 70 26.54 39.32 -9.88
N GLU C 71 27.67 39.95 -10.23
CA GLU C 71 28.93 39.22 -10.24
C GLU C 71 29.28 38.70 -8.86
N TYR C 72 29.19 39.56 -7.84
CA TYR C 72 29.47 39.13 -6.48
C TYR C 72 28.51 38.03 -6.04
N SER C 73 27.22 38.18 -6.37
CA SER C 73 26.24 37.19 -5.97
C SER C 73 26.59 35.82 -6.54
N ILE C 74 26.84 35.76 -7.84
CA ILE C 74 27.09 34.47 -8.48
C ILE C 74 28.44 33.91 -8.07
N HIS C 75 29.43 34.76 -7.79
CA HIS C 75 30.71 34.24 -7.34
C HIS C 75 30.58 33.64 -5.95
N SER C 76 29.86 34.30 -5.06
CA SER C 76 29.55 33.72 -3.76
C SER C 76 28.79 32.41 -3.94
N LEU C 77 27.89 32.36 -4.91
CA LEU C 77 27.14 31.14 -5.17
C LEU C 77 28.07 30.01 -5.58
N PHE C 78 28.97 30.28 -6.52
CA PHE C 78 29.92 29.28 -6.97
C PHE C 78 30.75 28.76 -5.81
N CYS C 79 31.30 29.67 -5.01
CA CYS C 79 32.17 29.25 -3.92
C CYS C 79 31.39 28.42 -2.91
N ILE C 80 30.18 28.85 -2.56
CA ILE C 80 29.38 28.12 -1.60
C ILE C 80 29.07 26.72 -2.12
N MET C 81 28.69 26.61 -3.39
CA MET C 81 28.35 25.32 -3.96
C MET C 81 29.56 24.39 -3.95
N PHE C 82 30.68 24.86 -4.51
CA PHE C 82 31.87 24.03 -4.55
C PHE C 82 32.40 23.72 -3.15
N LEU C 83 32.00 24.50 -2.15
CA LEU C 83 32.35 24.18 -0.77
C LEU C 83 31.46 23.08 -0.21
N CYS C 84 30.16 23.13 -0.54
CA CYS C 84 29.24 22.11 -0.06
C CYS C 84 29.36 20.80 -0.81
N ALA C 85 29.99 20.81 -1.99
CA ALA C 85 30.18 19.61 -2.78
C ALA C 85 31.51 18.93 -2.49
N GLN C 86 32.21 19.34 -1.45
CA GLN C 86 33.51 18.81 -1.07
C GLN C 86 34.57 19.00 -2.15
N GLU C 87 34.29 19.84 -3.15
CA GLU C 87 35.26 20.13 -4.20
C GLU C 87 36.06 21.35 -3.79
N TRP C 88 37.19 21.11 -3.12
CA TRP C 88 38.01 22.20 -2.61
C TRP C 88 38.95 22.78 -3.65
N LEU C 89 39.28 22.01 -4.69
CA LEU C 89 40.16 22.51 -5.73
C LEU C 89 39.57 23.72 -6.43
N THR C 90 38.34 23.58 -6.93
CA THR C 90 37.69 24.70 -7.60
C THR C 90 37.51 25.88 -6.67
N LEU C 91 37.26 25.62 -5.39
CA LEU C 91 37.15 26.70 -4.42
C LEU C 91 38.46 27.45 -4.30
N GLY C 92 39.58 26.73 -4.27
CA GLY C 92 40.88 27.38 -4.23
C GLY C 92 41.15 28.18 -5.48
N LEU C 93 40.69 27.67 -6.63
CA LEU C 93 40.82 28.42 -7.87
C LEU C 93 39.97 29.68 -7.87
N ASN C 94 38.85 29.68 -7.15
CA ASN C 94 37.90 30.79 -7.20
C ASN C 94 38.13 31.84 -6.13
N VAL C 95 38.72 31.49 -4.99
CA VAL C 95 38.87 32.44 -3.88
C VAL C 95 39.70 33.66 -4.26
N PRO C 96 40.68 33.57 -5.18
CA PRO C 96 41.42 34.79 -5.52
C PRO C 96 40.52 35.89 -6.06
N LEU C 97 39.61 35.54 -6.97
CA LEU C 97 38.67 36.54 -7.48
C LEU C 97 37.74 37.04 -6.39
N LEU C 98 37.46 36.22 -5.38
CA LEU C 98 36.65 36.68 -4.26
C LEU C 98 37.38 37.77 -3.49
N PHE C 99 38.65 37.53 -3.15
CA PHE C 99 39.42 38.57 -2.46
C PHE C 99 39.57 39.81 -3.34
N TYR C 100 39.69 39.61 -4.65
CA TYR C 100 39.77 40.75 -5.55
C TYR C 100 38.52 41.60 -5.50
N HIS C 101 37.36 40.95 -5.57
CA HIS C 101 36.09 41.67 -5.48
C HIS C 101 35.94 42.37 -4.14
N PHE C 102 36.42 41.72 -3.06
CA PHE C 102 36.36 42.35 -1.74
C PHE C 102 37.18 43.63 -1.72
N TRP C 103 38.43 43.56 -2.19
CA TRP C 103 39.26 44.76 -2.22
C TRP C 103 38.66 45.82 -3.14
N ARG C 104 38.02 45.40 -4.23
CA ARG C 104 37.38 46.37 -5.12
C ARG C 104 36.27 47.10 -4.38
N TYR C 105 35.36 46.36 -3.75
CA TYR C 105 34.32 46.99 -2.94
C TYR C 105 34.94 47.94 -1.92
N PHE C 106 36.05 47.54 -1.30
CA PHE C 106 36.76 48.43 -0.39
C PHE C 106 37.16 49.72 -1.10
N HIS C 107 37.91 49.59 -2.19
CA HIS C 107 38.38 50.76 -2.95
C HIS C 107 38.37 50.40 -4.43
N CYS C 108 37.40 50.97 -5.17
CA CYS C 108 37.32 50.79 -6.61
C CYS C 108 37.36 52.14 -7.31
N PRO C 109 38.14 52.29 -8.37
CA PRO C 109 38.19 53.57 -9.08
C PRO C 109 36.94 53.77 -9.92
N ALA C 110 36.33 54.95 -9.79
CA ALA C 110 35.11 55.27 -10.53
C ALA C 110 34.91 56.77 -10.60
N ASP C 126 42.56 58.21 -16.67
CA ASP C 126 42.07 58.31 -15.30
C ASP C 126 41.73 56.93 -14.75
N THR C 127 40.51 56.46 -15.05
CA THR C 127 40.05 55.15 -14.62
C THR C 127 39.89 54.16 -15.75
N LEU C 128 40.03 54.61 -17.00
CA LEU C 128 39.75 53.73 -18.14
C LEU C 128 40.70 52.56 -18.18
N SER C 129 42.01 52.81 -18.01
CA SER C 129 42.99 51.74 -18.11
C SER C 129 42.69 50.62 -17.13
N TYR C 130 42.54 50.97 -15.85
CA TYR C 130 42.24 49.96 -14.83
C TYR C 130 40.98 49.18 -15.18
N CYS C 131 39.94 49.89 -15.62
CA CYS C 131 38.67 49.24 -15.92
C CYS C 131 38.84 48.22 -17.04
N GLN C 132 39.46 48.62 -18.15
CA GLN C 132 39.59 47.71 -19.28
C GLN C 132 40.51 46.54 -18.94
N LYS C 133 41.56 46.79 -18.17
CA LYS C 133 42.47 45.70 -17.81
C LYS C 133 41.78 44.69 -16.91
N GLU C 134 41.06 45.17 -15.89
CA GLU C 134 40.29 44.27 -15.05
C GLU C 134 39.27 43.50 -15.86
N ALA C 135 38.60 44.18 -16.81
CA ALA C 135 37.61 43.51 -17.63
C ALA C 135 38.23 42.39 -18.44
N TRP C 136 39.37 42.66 -19.09
CA TRP C 136 40.03 41.63 -19.89
C TRP C 136 40.47 40.46 -19.02
N CYS C 137 41.06 40.74 -17.86
CA CYS C 137 41.53 39.66 -17.00
C CYS C 137 40.37 38.81 -16.50
N LYS C 138 39.28 39.45 -16.06
CA LYS C 138 38.13 38.69 -15.59
C LYS C 138 37.49 37.91 -16.72
N LEU C 139 37.51 38.45 -17.94
CA LEU C 139 36.96 37.75 -19.08
C LEU C 139 37.75 36.47 -19.36
N ALA C 140 39.08 36.59 -19.39
CA ALA C 140 39.90 35.41 -19.61
C ALA C 140 39.69 34.40 -18.49
N PHE C 141 39.58 34.88 -17.24
CA PHE C 141 39.37 33.97 -16.11
C PHE C 141 38.06 33.20 -16.27
N TYR C 142 36.99 33.91 -16.62
CA TYR C 142 35.70 33.26 -16.79
C TYR C 142 35.72 32.27 -17.97
N LEU C 143 36.36 32.67 -19.07
CA LEU C 143 36.41 31.78 -20.23
C LEU C 143 37.19 30.51 -19.93
N LEU C 144 38.22 30.61 -19.09
CA LEU C 144 38.98 29.41 -18.73
C LEU C 144 38.22 28.57 -17.71
N SER C 145 37.55 29.22 -16.75
CA SER C 145 36.71 28.48 -15.82
C SER C 145 35.60 27.74 -16.54
N PHE C 146 35.14 28.28 -17.67
CA PHE C 146 34.18 27.55 -18.50
C PHE C 146 34.70 26.17 -18.85
N PHE C 147 35.86 26.11 -19.50
CA PHE C 147 36.44 24.84 -19.89
C PHE C 147 36.78 23.97 -18.69
N TYR C 148 37.22 24.59 -17.59
CA TYR C 148 37.52 23.83 -16.39
C TYR C 148 36.28 23.10 -15.88
N TYR C 149 35.18 23.85 -15.72
CA TYR C 149 33.94 23.23 -15.28
C TYR C 149 33.48 22.16 -16.26
N LEU C 150 33.61 22.43 -17.56
CA LEU C 150 33.18 21.45 -18.55
C LEU C 150 33.94 20.14 -18.40
N TYR C 151 35.27 20.24 -18.34
CA TYR C 151 36.08 19.03 -18.22
C TYR C 151 35.82 18.32 -16.90
N CYS C 152 35.64 19.07 -15.81
CA CYS C 152 35.39 18.43 -14.53
C CYS C 152 34.06 17.69 -14.53
N MET C 153 33.03 18.30 -15.11
CA MET C 153 31.74 17.63 -15.21
C MET C 153 31.84 16.39 -16.09
N ILE C 154 32.55 16.49 -17.22
CA ILE C 154 32.70 15.33 -18.09
C ILE C 154 33.40 14.20 -17.35
N TYR C 155 34.43 14.52 -16.58
CA TYR C 155 35.14 13.50 -15.82
C TYR C 155 34.24 12.89 -14.76
N THR C 156 33.43 13.71 -14.08
CA THR C 156 32.55 13.20 -13.05
C THR C 156 31.45 12.32 -13.63
N LEU C 157 31.04 12.59 -14.87
CA LEU C 157 29.92 11.84 -15.45
C LEU C 157 30.33 10.42 -15.81
N VAL C 158 31.58 10.21 -16.23
CA VAL C 158 32.02 8.91 -16.69
C VAL C 158 32.98 8.30 -15.67
N SER C 159 32.82 8.67 -14.40
CA SER C 159 33.63 8.13 -13.33
C SER C 159 33.07 6.82 -12.78
N SER C 160 32.11 6.22 -13.46
CA SER C 160 31.54 4.95 -13.02
C SER C 160 32.61 3.87 -12.94
N ALA D 2 -10.03 6.23 -27.79
CA ALA D 2 -9.76 6.94 -29.03
C ALA D 2 -9.45 8.41 -28.77
N PHE D 3 -8.20 8.68 -28.40
CA PHE D 3 -7.73 10.04 -28.16
C PHE D 3 -6.62 10.46 -29.10
N THR D 4 -5.62 9.59 -29.31
CA THR D 4 -4.58 9.80 -30.32
C THR D 4 -3.57 10.87 -29.92
N PHE D 5 -3.86 11.62 -28.86
CA PHE D 5 -3.09 12.80 -28.48
C PHE D 5 -3.24 13.91 -29.52
N ALA D 6 -3.89 13.61 -30.64
CA ALA D 6 -4.10 14.61 -31.67
C ALA D 6 -5.46 15.28 -31.54
N ALA D 7 -6.40 14.65 -30.85
CA ALA D 7 -7.67 15.31 -30.58
C ALA D 7 -7.47 16.55 -29.72
N PHE D 8 -6.56 16.47 -28.74
CA PHE D 8 -6.28 17.63 -27.89
C PHE D 8 -5.70 18.77 -28.71
N CYS D 9 -4.66 18.48 -29.49
CA CYS D 9 -4.07 19.50 -30.35
C CYS D 9 -5.12 20.08 -31.29
N TYR D 10 -5.98 19.22 -31.84
CA TYR D 10 -6.96 19.69 -32.82
C TYR D 10 -7.99 20.61 -32.17
N MET D 11 -8.49 20.25 -30.98
CA MET D 11 -9.47 21.11 -30.33
C MET D 11 -8.85 22.42 -29.87
N LEU D 12 -7.62 22.36 -29.36
CA LEU D 12 -6.90 23.60 -29.06
C LEU D 12 -6.79 24.47 -30.30
N SER D 13 -6.49 23.86 -31.45
CA SER D 13 -6.41 24.59 -32.69
C SER D 13 -7.76 25.17 -33.08
N LEU D 14 -8.84 24.43 -32.82
CA LEU D 14 -10.18 24.95 -33.09
C LEU D 14 -10.43 26.23 -32.29
N VAL D 15 -10.09 26.20 -31.00
CA VAL D 15 -10.31 27.38 -30.15
C VAL D 15 -9.49 28.56 -30.66
N LEU D 16 -8.19 28.35 -30.83
CA LEU D 16 -7.32 29.43 -31.27
C LEU D 16 -7.72 29.94 -32.65
N CYS D 17 -8.21 29.06 -33.51
CA CYS D 17 -8.63 29.48 -34.84
C CYS D 17 -9.94 30.26 -34.77
N ALA D 18 -10.82 29.94 -33.84
CA ALA D 18 -12.01 30.77 -33.67
C ALA D 18 -11.62 32.18 -33.27
N ALA D 19 -10.74 32.30 -32.28
CA ALA D 19 -10.23 33.63 -31.93
C ALA D 19 -9.59 34.33 -33.12
N LEU D 20 -8.83 33.59 -33.91
CA LEU D 20 -8.13 34.18 -35.06
C LEU D 20 -9.12 34.64 -36.13
N ILE D 21 -10.19 33.88 -36.34
CA ILE D 21 -11.22 34.29 -37.30
C ILE D 21 -11.88 35.57 -36.81
N PHE D 22 -12.17 35.66 -35.51
CA PHE D 22 -12.73 36.88 -34.96
C PHE D 22 -11.80 38.06 -35.24
N PHE D 23 -10.50 37.88 -34.96
CA PHE D 23 -9.55 38.97 -35.17
C PHE D 23 -9.47 39.36 -36.64
N ALA D 24 -9.54 38.38 -37.54
CA ALA D 24 -9.47 38.68 -38.96
C ALA D 24 -10.70 39.46 -39.42
N ILE D 25 -11.88 39.07 -38.93
CA ILE D 25 -13.08 39.82 -39.26
C ILE D 25 -12.97 41.25 -38.75
N TRP D 26 -12.44 41.40 -37.54
CA TRP D 26 -12.26 42.74 -36.99
C TRP D 26 -11.30 43.56 -37.84
N HIS D 27 -10.23 42.92 -38.34
CA HIS D 27 -9.29 43.63 -39.20
C HIS D 27 -9.94 44.06 -40.51
N ILE D 28 -10.75 43.16 -41.10
CA ILE D 28 -11.44 43.53 -42.33
C ILE D 28 -12.36 44.72 -42.08
N ILE D 29 -13.09 44.71 -40.96
CA ILE D 29 -14.01 45.79 -40.66
C ILE D 29 -13.22 47.09 -40.45
N ALA D 30 -12.07 47.01 -39.79
CA ALA D 30 -11.26 48.21 -39.57
C ALA D 30 -10.75 48.76 -40.89
N PHE D 31 -10.31 47.89 -41.79
CA PHE D 31 -9.82 48.34 -43.09
C PHE D 31 -10.94 48.97 -43.90
N ASP D 32 -12.15 48.42 -43.80
CA ASP D 32 -13.29 49.03 -44.48
C ASP D 32 -13.60 50.41 -43.90
N GLU D 33 -13.56 50.53 -42.57
CA GLU D 33 -13.78 51.82 -41.94
C GLU D 33 -12.74 52.84 -42.39
N LEU D 34 -11.48 52.41 -42.50
CA LEU D 34 -10.44 53.31 -42.95
C LEU D 34 -10.65 53.72 -44.40
N ARG D 35 -11.01 52.76 -45.26
CA ARG D 35 -11.33 53.10 -46.64
C ARG D 35 -12.43 54.14 -46.72
N THR D 36 -13.46 53.98 -45.88
CA THR D 36 -14.53 54.98 -45.83
C THR D 36 -13.98 56.34 -45.38
N ASP D 37 -13.11 56.34 -44.36
CA ASP D 37 -12.53 57.58 -43.89
C ASP D 37 -11.61 58.22 -44.93
N PHE D 38 -11.11 57.44 -45.87
CA PHE D 38 -10.22 57.96 -46.91
C PHE D 38 -11.02 58.40 -48.13
N VAL D 48 -12.40 70.33 -35.32
CA VAL D 48 -11.19 69.52 -35.27
C VAL D 48 -11.51 68.06 -35.56
N HIS D 49 -12.57 67.82 -36.32
CA HIS D 49 -12.95 66.45 -36.65
C HIS D 49 -11.87 65.76 -37.47
N ALA D 50 -11.07 66.53 -38.22
CA ALA D 50 -9.97 65.93 -38.97
C ALA D 50 -8.94 65.32 -38.04
N ARG D 51 -8.52 66.08 -37.03
CA ARG D 51 -7.60 65.53 -36.04
C ARG D 51 -8.24 64.39 -35.27
N GLU D 52 -9.56 64.41 -35.10
CA GLU D 52 -10.24 63.30 -34.44
C GLU D 52 -10.10 62.03 -35.27
N ARG D 53 -10.38 62.11 -36.57
CA ARG D 53 -10.23 60.94 -37.42
C ARG D 53 -8.78 60.49 -37.52
N LEU D 54 -7.85 61.43 -37.52
CA LEU D 54 -6.43 61.07 -37.50
C LEU D 54 -6.08 60.29 -36.24
N ARG D 55 -6.54 60.77 -35.09
CA ARG D 55 -6.29 60.06 -33.84
C ARG D 55 -7.00 58.72 -33.82
N ASN D 56 -8.14 58.62 -34.49
CA ASN D 56 -8.86 57.35 -34.53
C ASN D 56 -8.13 56.31 -35.36
N ILE D 57 -7.61 56.72 -36.53
CA ILE D 57 -6.79 55.80 -37.31
C ILE D 57 -5.50 55.48 -36.57
N GLU D 58 -5.00 56.42 -35.76
CA GLU D 58 -3.85 56.11 -34.91
C GLU D 58 -4.20 55.01 -33.91
N ARG D 59 -5.36 55.13 -33.26
CA ARG D 59 -5.78 54.10 -32.31
C ARG D 59 -5.95 52.75 -32.99
N ILE D 60 -6.57 52.74 -34.17
CA ILE D 60 -6.78 51.47 -34.87
C ILE D 60 -5.44 50.86 -35.26
N CYS D 61 -4.50 51.69 -35.75
CA CYS D 61 -3.18 51.17 -36.08
C CYS D 61 -2.47 50.63 -34.85
N PHE D 62 -2.69 51.27 -33.70
CA PHE D 62 -2.12 50.77 -32.45
C PHE D 62 -2.66 49.39 -32.12
N LEU D 63 -3.97 49.22 -32.23
CA LEU D 63 -4.57 47.91 -31.99
C LEU D 63 -4.05 46.87 -32.98
N LEU D 64 -3.92 47.27 -34.26
CA LEU D 64 -3.36 46.36 -35.26
C LEU D 64 -1.97 45.89 -34.86
N ARG D 65 -1.07 46.84 -34.59
CA ARG D 65 0.28 46.48 -34.17
C ARG D 65 0.25 45.60 -32.93
N LYS D 66 -0.72 45.80 -32.05
CA LYS D 66 -0.86 44.94 -30.88
C LYS D 66 -1.36 43.55 -31.25
N LEU D 67 -2.01 43.41 -32.39
CA LEU D 67 -2.59 42.13 -32.83
C LEU D 67 -1.76 41.48 -33.93
N VAL D 68 -0.44 41.58 -33.86
CA VAL D 68 0.47 40.94 -34.81
C VAL D 68 1.17 39.75 -34.18
N LEU D 69 1.78 39.93 -33.01
CA LEU D 69 2.44 38.83 -32.34
C LEU D 69 1.50 37.65 -32.10
N PRO D 70 0.22 37.84 -31.74
CA PRO D 70 -0.66 36.68 -31.55
C PRO D 70 -0.78 35.80 -32.77
N GLU D 71 -0.83 36.39 -33.97
CA GLU D 71 -0.90 35.60 -35.19
C GLU D 71 0.26 34.62 -35.27
N TYR D 72 1.48 35.17 -35.27
CA TYR D 72 2.67 34.33 -35.34
C TYR D 72 2.68 33.31 -34.22
N SER D 73 2.32 33.74 -33.01
CA SER D 73 2.34 32.82 -31.87
C SER D 73 1.44 31.63 -32.10
N ILE D 74 0.17 31.87 -32.42
CA ILE D 74 -0.78 30.77 -32.55
C ILE D 74 -0.42 29.90 -33.73
N HIS D 75 0.05 30.48 -34.83
CA HIS D 75 0.36 29.66 -36.00
C HIS D 75 1.60 28.80 -35.75
N SER D 76 2.64 29.38 -35.15
CA SER D 76 3.80 28.58 -34.77
C SER D 76 3.42 27.47 -33.82
N LEU D 77 2.51 27.76 -32.87
CA LEU D 77 2.05 26.72 -31.96
C LEU D 77 1.34 25.61 -32.72
N PHE D 78 0.46 25.98 -33.66
CA PHE D 78 -0.23 24.99 -34.48
C PHE D 78 0.77 24.07 -35.16
N CYS D 79 1.76 24.67 -35.83
CA CYS D 79 2.69 23.87 -36.62
C CYS D 79 3.56 22.99 -35.72
N ILE D 80 4.06 23.54 -34.62
CA ILE D 80 4.93 22.75 -33.75
C ILE D 80 4.16 21.64 -33.07
N MET D 81 2.90 21.86 -32.72
CA MET D 81 2.11 20.80 -32.12
C MET D 81 1.77 19.73 -33.14
N PHE D 82 1.47 20.14 -34.37
CA PHE D 82 1.26 19.16 -35.44
C PHE D 82 2.50 18.30 -35.64
N LEU D 83 3.67 18.92 -35.55
CA LEU D 83 4.92 18.17 -35.66
C LEU D 83 5.06 17.18 -34.51
N CYS D 84 4.93 17.66 -33.28
CA CYS D 84 5.12 16.81 -32.11
C CYS D 84 4.09 15.68 -32.04
N ALA D 85 2.99 15.79 -32.78
CA ALA D 85 1.97 14.76 -32.80
C ALA D 85 2.12 13.80 -33.98
N GLN D 86 3.27 13.81 -34.65
CA GLN D 86 3.58 12.92 -35.75
C GLN D 86 2.70 13.15 -36.98
N GLU D 87 1.87 14.19 -36.96
CA GLU D 87 1.05 14.51 -38.12
C GLU D 87 1.91 15.08 -39.23
N TRP D 88 1.55 14.75 -40.48
CA TRP D 88 2.34 15.18 -41.63
C TRP D 88 1.50 15.66 -42.81
N LEU D 89 0.18 15.57 -42.75
CA LEU D 89 -0.67 15.96 -43.86
C LEU D 89 -1.32 17.31 -43.65
N THR D 90 -1.28 17.84 -42.43
CA THR D 90 -1.81 19.15 -42.09
C THR D 90 -0.71 20.18 -41.93
N LEU D 91 0.33 19.82 -41.17
CA LEU D 91 1.50 20.67 -41.03
C LEU D 91 1.97 21.21 -42.38
N GLY D 92 2.13 20.32 -43.36
CA GLY D 92 2.54 20.72 -44.69
C GLY D 92 1.61 21.75 -45.30
N LEU D 93 0.37 21.81 -44.84
CA LEU D 93 -0.58 22.77 -45.36
C LEU D 93 -0.51 24.11 -44.64
N ASN D 94 -0.12 24.11 -43.37
CA ASN D 94 0.10 25.36 -42.64
C ASN D 94 1.46 25.96 -42.93
N VAL D 95 2.40 25.16 -43.44
CA VAL D 95 3.75 25.67 -43.69
C VAL D 95 3.75 26.89 -44.59
N PRO D 96 3.08 26.89 -45.76
CA PRO D 96 3.11 28.08 -46.62
C PRO D 96 2.76 29.36 -45.89
N LEU D 97 1.84 29.30 -44.93
CA LEU D 97 1.47 30.50 -44.20
C LEU D 97 2.62 30.98 -43.33
N LEU D 98 3.35 30.06 -42.69
CA LEU D 98 4.52 30.45 -41.93
C LEU D 98 5.59 31.03 -42.83
N PHE D 99 5.76 30.45 -44.03
CA PHE D 99 6.70 31.00 -45.00
C PHE D 99 6.32 32.43 -45.35
N TYR D 100 5.03 32.67 -45.62
CA TYR D 100 4.58 34.01 -45.94
C TYR D 100 4.83 34.96 -44.77
N HIS D 101 4.58 34.50 -43.55
CA HIS D 101 4.78 35.35 -42.38
C HIS D 101 6.25 35.76 -42.26
N PHE D 102 7.15 34.79 -42.31
CA PHE D 102 8.58 35.12 -42.24
C PHE D 102 9.02 35.96 -43.42
N TRP D 103 8.34 35.83 -44.56
CA TRP D 103 8.66 36.62 -45.74
C TRP D 103 8.22 38.07 -45.56
N ARG D 104 7.14 38.29 -44.82
CA ARG D 104 6.61 39.64 -44.66
C ARG D 104 7.64 40.59 -44.07
N TYR D 105 8.51 40.10 -43.20
CA TYR D 105 9.49 40.97 -42.55
C TYR D 105 10.35 41.69 -43.59
N PHE D 106 11.14 40.93 -44.35
CA PHE D 106 11.95 41.53 -45.41
C PHE D 106 11.18 41.72 -46.71
N HIS D 107 9.85 41.68 -46.66
CA HIS D 107 9.00 42.12 -47.74
C HIS D 107 8.23 43.38 -47.42
N CYS D 108 7.90 43.61 -46.15
CA CYS D 108 7.21 44.82 -45.73
C CYS D 108 7.66 45.22 -44.33
N ASN D 124 -1.48 56.12 -44.85
CA ASN D 124 -1.74 54.92 -45.64
C ASN D 124 -2.82 55.20 -46.68
N ALA D 125 -2.46 55.12 -47.96
CA ALA D 125 -3.39 55.40 -49.04
C ALA D 125 -3.37 54.31 -50.10
N ASP D 126 -2.24 53.60 -50.23
CA ASP D 126 -2.08 52.59 -51.26
C ASP D 126 -1.82 51.19 -50.73
N THR D 127 -1.28 51.06 -49.51
CA THR D 127 -1.03 49.74 -48.95
C THR D 127 -2.32 48.92 -48.90
N LEU D 128 -3.41 49.55 -48.43
CA LEU D 128 -4.68 48.84 -48.30
C LEU D 128 -5.07 48.17 -49.62
N SER D 129 -4.77 48.82 -50.74
CA SER D 129 -5.12 48.27 -52.06
C SER D 129 -4.78 46.80 -52.16
N TYR D 130 -3.75 46.34 -51.44
CA TYR D 130 -3.46 44.92 -51.33
C TYR D 130 -3.86 44.34 -49.98
N CYS D 131 -3.58 45.05 -48.89
CA CYS D 131 -3.79 44.52 -47.55
C CYS D 131 -5.14 43.82 -47.44
N GLN D 132 -6.21 44.57 -47.69
CA GLN D 132 -7.56 44.01 -47.63
C GLN D 132 -7.60 42.63 -48.27
N LYS D 133 -7.28 42.57 -49.57
CA LYS D 133 -7.28 41.29 -50.28
C LYS D 133 -6.63 40.22 -49.43
N GLU D 134 -5.35 40.42 -49.12
CA GLU D 134 -4.61 39.47 -48.31
C GLU D 134 -5.45 39.04 -47.11
N ALA D 135 -5.79 40.00 -46.26
CA ALA D 135 -6.57 39.70 -45.07
C ALA D 135 -7.76 38.82 -45.43
N TRP D 136 -8.58 39.26 -46.37
CA TRP D 136 -9.73 38.48 -46.79
C TRP D 136 -9.32 37.04 -47.04
N CYS D 137 -8.42 36.84 -48.00
CA CYS D 137 -7.98 35.48 -48.33
C CYS D 137 -7.55 34.75 -47.07
N LYS D 138 -6.69 35.39 -46.27
CA LYS D 138 -6.23 34.77 -45.04
C LYS D 138 -7.41 34.24 -44.23
N LEU D 139 -8.38 35.11 -43.95
CA LEU D 139 -9.57 34.68 -43.22
C LEU D 139 -10.09 33.37 -43.81
N ALA D 140 -10.42 33.39 -45.10
CA ALA D 140 -10.92 32.19 -45.76
C ALA D 140 -10.08 30.99 -45.39
N PHE D 141 -8.77 31.08 -45.64
CA PHE D 141 -7.87 29.98 -45.31
C PHE D 141 -8.15 29.47 -43.90
N TYR D 142 -7.97 30.35 -42.91
CA TYR D 142 -8.18 29.93 -41.53
C TYR D 142 -9.53 29.26 -41.38
N LEU D 143 -10.59 29.90 -41.89
CA LEU D 143 -11.91 29.32 -41.83
C LEU D 143 -11.87 27.88 -42.32
N LEU D 144 -11.43 27.67 -43.56
CA LEU D 144 -11.30 26.31 -44.06
C LEU D 144 -10.54 25.46 -43.08
N SER D 145 -9.34 25.89 -42.69
CA SER D 145 -8.55 25.15 -41.73
C SER D 145 -9.41 24.69 -40.56
N PHE D 146 -10.13 25.64 -39.95
CA PHE D 146 -11.01 25.30 -38.85
C PHE D 146 -11.83 24.06 -39.15
N PHE D 147 -12.70 24.15 -40.16
CA PHE D 147 -13.49 22.99 -40.56
C PHE D 147 -12.61 21.75 -40.59
N TYR D 148 -11.57 21.80 -41.41
CA TYR D 148 -10.70 20.65 -41.59
C TYR D 148 -10.25 20.10 -40.25
N TYR D 149 -9.72 20.97 -39.38
CA TYR D 149 -9.29 20.51 -38.06
C TYR D 149 -10.38 19.66 -37.42
N LEU D 150 -11.57 20.25 -37.29
CA LEU D 150 -12.70 19.51 -36.75
C LEU D 150 -12.80 18.14 -37.43
N TYR D 151 -12.94 18.15 -38.77
CA TYR D 151 -12.98 16.91 -39.51
C TYR D 151 -11.95 15.92 -38.98
N CYS D 152 -10.68 16.32 -38.98
CA CYS D 152 -9.62 15.45 -38.49
C CYS D 152 -9.97 14.87 -37.13
N MET D 153 -10.19 15.74 -36.14
CA MET D 153 -10.40 15.23 -34.79
C MET D 153 -11.55 14.23 -34.78
N ILE D 154 -12.59 14.49 -35.56
CA ILE D 154 -13.69 13.53 -35.69
C ILE D 154 -13.15 12.19 -36.16
N TYR D 155 -12.54 12.18 -37.35
CA TYR D 155 -11.93 10.96 -37.86
C TYR D 155 -10.80 10.48 -36.96
N THR D 156 -10.33 11.30 -36.03
CA THR D 156 -9.31 10.89 -35.07
C THR D 156 -9.89 10.55 -33.71
N LEU D 157 -11.13 10.92 -33.46
CA LEU D 157 -11.78 10.66 -32.18
C LEU D 157 -12.52 9.33 -32.16
N VAL D 158 -12.76 8.72 -33.32
CA VAL D 158 -13.46 7.44 -33.42
C VAL D 158 -12.72 6.61 -34.46
N SER D 159 -12.14 5.49 -34.02
CA SER D 159 -11.40 4.61 -34.92
C SER D 159 -11.06 3.30 -34.23
N ALA E 2 -26.66 14.34 6.87
CA ALA E 2 -26.43 15.40 7.84
C ALA E 2 -25.97 16.67 7.13
N PHE E 3 -25.16 16.51 6.09
CA PHE E 3 -24.65 17.63 5.31
C PHE E 3 -25.34 17.76 3.96
N THR E 4 -25.30 16.72 3.14
CA THR E 4 -26.05 16.62 1.90
C THR E 4 -25.66 17.69 0.88
N PHE E 5 -24.61 18.46 1.15
CA PHE E 5 -24.06 19.44 0.21
C PHE E 5 -25.00 20.64 0.02
N ALA E 6 -26.20 20.59 0.59
CA ALA E 6 -27.12 21.71 0.49
C ALA E 6 -26.93 22.67 1.66
N ALA E 7 -26.62 22.14 2.84
CA ALA E 7 -26.26 22.99 3.96
C ALA E 7 -25.11 23.90 3.60
N PHE E 8 -24.21 23.44 2.72
CA PHE E 8 -23.08 24.28 2.32
C PHE E 8 -23.56 25.47 1.48
N CYS E 9 -24.42 25.20 0.50
CA CYS E 9 -24.97 26.30 -0.29
C CYS E 9 -25.72 27.29 0.59
N TYR E 10 -26.46 26.77 1.58
CA TYR E 10 -27.18 27.65 2.49
C TYR E 10 -26.22 28.48 3.33
N MET E 11 -25.14 27.86 3.81
CA MET E 11 -24.14 28.58 4.59
C MET E 11 -23.52 29.70 3.76
N LEU E 12 -23.17 29.40 2.51
CA LEU E 12 -22.56 30.40 1.65
C LEU E 12 -23.52 31.55 1.39
N SER E 13 -24.76 31.23 1.02
CA SER E 13 -25.77 32.27 0.81
C SER E 13 -25.98 33.09 2.06
N LEU E 14 -25.90 32.46 3.24
CA LEU E 14 -26.08 33.16 4.49
C LEU E 14 -24.94 34.14 4.71
N VAL E 15 -23.71 33.70 4.49
CA VAL E 15 -22.56 34.57 4.68
C VAL E 15 -22.61 35.74 3.71
N LEU E 16 -23.12 35.53 2.50
CA LEU E 16 -23.19 36.63 1.55
C LEU E 16 -24.34 37.58 1.86
N CYS E 17 -25.48 37.05 2.33
CA CYS E 17 -26.59 37.92 2.68
C CYS E 17 -26.30 38.72 3.94
N ALA E 18 -25.46 38.18 4.83
CA ALA E 18 -25.05 38.95 6.01
C ALA E 18 -24.31 40.21 5.61
N ALA E 19 -23.65 40.19 4.45
CA ALA E 19 -23.02 41.39 3.91
C ALA E 19 -24.01 42.23 3.13
N LEU E 20 -24.92 41.57 2.42
CA LEU E 20 -25.91 42.31 1.63
C LEU E 20 -26.81 43.16 2.51
N ILE E 21 -27.15 42.67 3.69
CA ILE E 21 -28.05 43.43 4.56
C ILE E 21 -27.39 44.73 4.99
N PHE E 22 -26.12 44.67 5.39
CA PHE E 22 -25.39 45.89 5.74
C PHE E 22 -25.21 46.77 4.51
N PHE E 23 -25.03 46.14 3.35
CA PHE E 23 -24.90 46.89 2.11
C PHE E 23 -26.14 47.72 1.84
N ALA E 24 -27.31 47.09 1.97
CA ALA E 24 -28.57 47.80 1.77
C ALA E 24 -28.79 48.86 2.84
N ILE E 25 -28.37 48.58 4.08
CA ILE E 25 -28.49 49.57 5.14
C ILE E 25 -27.66 50.79 4.78
N TRP E 26 -26.45 50.58 4.27
CA TRP E 26 -25.61 51.70 3.88
C TRP E 26 -26.22 52.44 2.68
N HIS E 27 -26.89 51.73 1.77
CA HIS E 27 -27.63 52.43 0.72
C HIS E 27 -28.67 53.36 1.33
N ILE E 28 -29.46 52.85 2.27
CA ILE E 28 -30.51 53.66 2.87
C ILE E 28 -29.91 54.88 3.57
N ILE E 29 -28.77 54.70 4.22
CA ILE E 29 -28.15 55.81 4.94
C ILE E 29 -27.58 56.83 3.96
N ALA E 30 -27.01 56.37 2.85
CA ALA E 30 -26.53 57.29 1.83
C ALA E 30 -27.69 58.09 1.24
N PHE E 31 -28.84 57.44 1.07
CA PHE E 31 -30.02 58.14 0.59
C PHE E 31 -30.46 59.20 1.60
N ASP E 32 -30.49 58.84 2.89
CA ASP E 32 -30.81 59.81 3.92
C ASP E 32 -29.85 61.00 3.87
N GLU E 33 -28.57 60.73 3.60
CA GLU E 33 -27.59 61.80 3.49
C GLU E 33 -27.91 62.71 2.31
N LEU E 34 -28.05 62.12 1.12
CA LEU E 34 -28.35 62.91 -0.07
C LEU E 34 -29.68 63.63 0.05
N ARG E 35 -30.56 63.20 0.97
CA ARG E 35 -31.82 63.90 1.17
C ARG E 35 -31.63 65.37 1.52
N THR E 36 -30.42 65.76 1.92
CA THR E 36 -30.18 67.15 2.29
C THR E 36 -30.68 68.13 1.23
N ASP E 37 -30.71 67.72 -0.03
CA ASP E 37 -31.19 68.58 -1.11
C ASP E 37 -32.62 69.01 -0.86
N ALA E 50 -19.63 75.35 -1.68
CA ALA E 50 -20.27 74.70 -2.82
C ALA E 50 -19.55 73.40 -3.16
N ARG E 51 -18.25 73.50 -3.42
CA ARG E 51 -17.46 72.32 -3.75
C ARG E 51 -17.51 71.29 -2.62
N GLU E 52 -17.64 71.74 -1.38
CA GLU E 52 -17.70 70.81 -0.25
C GLU E 52 -18.86 69.84 -0.39
N ARG E 53 -20.07 70.35 -0.53
CA ARG E 53 -21.25 69.48 -0.64
C ARG E 53 -21.22 68.70 -1.95
N LEU E 54 -20.81 69.35 -3.05
CA LEU E 54 -20.72 68.66 -4.33
C LEU E 54 -19.85 67.41 -4.23
N ARG E 55 -18.65 67.56 -3.65
CA ARG E 55 -17.76 66.41 -3.50
C ARG E 55 -18.31 65.41 -2.49
N ASN E 56 -18.75 65.89 -1.33
CA ASN E 56 -19.25 65.01 -0.29
C ASN E 56 -20.42 64.17 -0.76
N ILE E 57 -21.16 64.63 -1.78
CA ILE E 57 -22.25 63.85 -2.33
C ILE E 57 -21.81 63.02 -3.53
N GLU E 58 -20.89 63.56 -4.34
CA GLU E 58 -20.49 62.85 -5.56
C GLU E 58 -19.62 61.64 -5.23
N ARG E 59 -18.82 61.72 -4.17
CA ARG E 59 -18.04 60.56 -3.77
C ARG E 59 -18.95 59.40 -3.37
N ILE E 60 -19.99 59.69 -2.58
CA ILE E 60 -20.94 58.65 -2.20
C ILE E 60 -21.69 58.14 -3.43
N CYS E 61 -22.03 59.03 -4.35
CA CYS E 61 -22.71 58.59 -5.57
C CYS E 61 -21.82 57.68 -6.40
N PHE E 62 -20.51 57.94 -6.39
CA PHE E 62 -19.57 57.08 -7.09
C PHE E 62 -19.49 55.71 -6.43
N LEU E 63 -19.39 55.70 -5.10
CA LEU E 63 -19.41 54.43 -4.38
C LEU E 63 -20.70 53.66 -4.70
N LEU E 64 -21.81 54.37 -4.87
CA LEU E 64 -23.07 53.72 -5.18
C LEU E 64 -23.05 53.13 -6.59
N ARG E 65 -22.84 53.98 -7.60
CA ARG E 65 -22.77 53.53 -8.98
C ARG E 65 -21.77 52.41 -9.16
N LYS E 66 -20.75 52.35 -8.30
CA LYS E 66 -19.76 51.28 -8.38
C LYS E 66 -20.38 49.94 -8.00
N LEU E 67 -20.91 49.85 -6.77
CA LEU E 67 -21.36 48.59 -6.21
C LEU E 67 -22.72 48.22 -6.80
N VAL E 68 -22.69 47.80 -8.06
CA VAL E 68 -23.86 47.27 -8.77
C VAL E 68 -23.60 45.86 -9.27
N LEU E 69 -22.43 45.63 -9.86
CA LEU E 69 -22.07 44.28 -10.29
C LEU E 69 -22.09 43.27 -9.15
N PRO E 70 -21.71 43.62 -7.91
CA PRO E 70 -21.71 42.59 -6.85
C PRO E 70 -23.07 41.96 -6.60
N GLU E 71 -24.13 42.76 -6.54
CA GLU E 71 -25.45 42.22 -6.27
C GLU E 71 -25.86 41.22 -7.35
N TYR E 72 -25.73 41.61 -8.61
CA TYR E 72 -26.06 40.70 -9.71
C TYR E 72 -25.20 39.44 -9.65
N SER E 73 -23.91 39.60 -9.39
CA SER E 73 -23.02 38.44 -9.35
C SER E 73 -23.48 37.45 -8.30
N ILE E 74 -23.72 37.92 -7.08
CA ILE E 74 -24.06 37.01 -5.99
C ILE E 74 -25.46 36.46 -6.17
N HIS E 75 -26.38 37.22 -6.78
CA HIS E 75 -27.71 36.67 -7.02
C HIS E 75 -27.65 35.56 -8.05
N SER E 76 -26.89 35.76 -9.13
CA SER E 76 -26.65 34.69 -10.09
C SER E 76 -26.01 33.49 -9.40
N LEU E 77 -25.10 33.75 -8.47
CA LEU E 77 -24.45 32.67 -7.74
C LEU E 77 -25.48 31.87 -6.94
N PHE E 78 -26.33 32.58 -6.19
CA PHE E 78 -27.36 31.91 -5.40
C PHE E 78 -28.26 31.05 -6.28
N CYS E 79 -28.74 31.63 -7.39
CA CYS E 79 -29.65 30.88 -8.24
C CYS E 79 -28.96 29.66 -8.83
N ILE E 80 -27.73 29.82 -9.30
CA ILE E 80 -27.00 28.69 -9.87
C ILE E 80 -26.81 27.59 -8.84
N MET E 81 -26.42 27.96 -7.62
CA MET E 81 -26.19 26.97 -6.59
C MET E 81 -27.47 26.22 -6.26
N PHE E 82 -28.54 26.96 -5.94
CA PHE E 82 -29.80 26.32 -5.61
C PHE E 82 -30.38 25.55 -6.78
N LEU E 83 -29.92 25.83 -8.00
CA LEU E 83 -30.32 25.02 -9.14
C LEU E 83 -29.53 23.72 -9.21
N CYS E 84 -28.24 23.78 -8.92
CA CYS E 84 -27.41 22.59 -8.94
C CYS E 84 -27.63 21.68 -7.73
N ALA E 85 -28.23 22.21 -6.66
CA ALA E 85 -28.52 21.44 -5.47
C ALA E 85 -29.92 20.82 -5.49
N GLN E 86 -30.60 20.85 -6.63
CA GLN E 86 -31.95 20.31 -6.79
C GLN E 86 -32.96 21.01 -5.89
N GLU E 87 -32.60 22.15 -5.29
CA GLU E 87 -33.51 22.91 -4.45
C GLU E 87 -34.21 23.94 -5.33
N TRP E 88 -35.37 23.56 -5.86
CA TRP E 88 -36.10 24.42 -6.79
C TRP E 88 -36.97 25.44 -6.07
N LEU E 89 -37.34 25.17 -4.82
CA LEU E 89 -38.17 26.11 -4.07
C LEU E 89 -37.45 27.45 -3.89
N THR E 90 -36.24 27.40 -3.36
CA THR E 90 -35.48 28.64 -3.16
C THR E 90 -35.21 29.34 -4.49
N LEU E 91 -35.01 28.57 -5.56
CA LEU E 91 -34.82 29.17 -6.87
C LEU E 91 -36.06 29.92 -7.29
N GLY E 92 -37.24 29.35 -7.06
CA GLY E 92 -38.48 30.05 -7.38
C GLY E 92 -38.65 31.28 -6.54
N LEU E 93 -38.22 31.23 -5.29
CA LEU E 93 -38.27 32.41 -4.44
C LEU E 93 -37.31 33.50 -4.92
N ASN E 94 -36.21 33.13 -5.55
CA ASN E 94 -35.17 34.07 -5.93
C ASN E 94 -35.33 34.64 -7.33
N VAL E 95 -35.96 33.92 -8.25
CA VAL E 95 -36.05 34.36 -9.64
C VAL E 95 -36.76 35.71 -9.79
N PRO E 96 -37.73 36.06 -8.93
CA PRO E 96 -38.36 37.39 -9.11
C PRO E 96 -37.36 38.53 -9.02
N LEU E 97 -36.46 38.49 -8.04
CA LEU E 97 -35.44 39.52 -7.94
C LEU E 97 -34.50 39.47 -9.12
N LEU E 98 -34.30 38.30 -9.72
CA LEU E 98 -33.47 38.21 -10.92
C LEU E 98 -34.11 38.96 -12.07
N PHE E 99 -35.40 38.72 -12.31
CA PHE E 99 -36.09 39.47 -13.36
C PHE E 99 -36.11 40.96 -13.04
N TYR E 100 -36.23 41.31 -11.76
CA TYR E 100 -36.21 42.72 -11.38
C TYR E 100 -34.88 43.36 -11.74
N HIS E 101 -33.77 42.68 -11.40
CA HIS E 101 -32.45 43.22 -11.75
C HIS E 101 -32.28 43.30 -13.25
N PHE E 102 -32.82 42.34 -13.99
CA PHE E 102 -32.73 42.38 -15.45
C PHE E 102 -33.44 43.62 -15.99
N TRP E 103 -34.68 43.85 -15.56
CA TRP E 103 -35.40 45.03 -16.01
C TRP E 103 -34.70 46.31 -15.56
N ARG E 104 -34.07 46.30 -14.39
CA ARG E 104 -33.33 47.48 -13.94
C ARG E 104 -32.18 47.77 -14.89
N TYR E 105 -31.34 46.76 -15.16
CA TYR E 105 -30.28 46.93 -16.13
C TYR E 105 -30.83 47.46 -17.45
N PHE E 106 -31.98 46.95 -17.88
CA PHE E 106 -32.62 47.46 -19.08
C PHE E 106 -32.90 48.96 -18.95
N HIS E 107 -33.64 49.34 -17.90
CA HIS E 107 -34.00 50.74 -17.67
C HIS E 107 -33.99 51.00 -16.17
N CYS E 108 -32.97 51.72 -15.70
CA CYS E 108 -32.87 52.11 -14.30
C CYS E 108 -32.78 53.63 -14.19
N PRO E 109 -33.54 54.24 -13.28
CA PRO E 109 -33.46 55.71 -13.14
C PRO E 109 -32.19 56.11 -12.42
N ALA E 110 -31.47 57.07 -12.99
CA ALA E 110 -30.22 57.56 -12.41
C ALA E 110 -29.89 58.95 -12.94
N ASP E 126 -37.28 63.31 -8.06
CA ASP E 126 -36.80 62.82 -9.36
C ASP E 126 -36.60 61.31 -9.31
N THR E 127 -35.43 60.89 -8.82
CA THR E 127 -35.08 59.48 -8.70
C THR E 127 -34.99 59.00 -7.26
N LEU E 128 -35.06 59.91 -6.29
CA LEU E 128 -34.85 59.54 -4.90
C LEU E 128 -35.90 58.55 -4.41
N SER E 129 -37.17 58.84 -4.69
CA SER E 129 -38.25 57.98 -4.20
C SER E 129 -38.07 56.54 -4.65
N TYR E 130 -37.90 56.34 -5.97
CA TYR E 130 -37.71 55.00 -6.50
C TYR E 130 -36.51 54.32 -5.86
N CYS E 131 -35.41 55.05 -5.71
CA CYS E 131 -34.20 54.46 -5.15
C CYS E 131 -34.44 53.97 -3.72
N GLN E 132 -35.00 54.83 -2.87
CA GLN E 132 -35.19 54.45 -1.49
C GLN E 132 -36.21 53.33 -1.35
N LYS E 133 -37.25 53.34 -2.19
CA LYS E 133 -38.26 52.29 -2.10
C LYS E 133 -37.67 50.94 -2.52
N GLU E 134 -36.93 50.92 -3.63
CA GLU E 134 -36.25 49.70 -4.04
C GLU E 134 -35.28 49.23 -2.97
N ALA E 135 -34.56 50.16 -2.36
CA ALA E 135 -33.60 49.79 -1.31
C ALA E 135 -34.31 49.13 -0.14
N TRP E 136 -35.40 49.74 0.33
CA TRP E 136 -36.14 49.18 1.46
C TRP E 136 -36.69 47.79 1.11
N CYS E 137 -37.27 47.65 -0.08
CA CYS E 137 -37.85 46.36 -0.45
C CYS E 137 -36.77 45.29 -0.55
N LYS E 138 -35.65 45.60 -1.20
CA LYS E 138 -34.57 44.63 -1.32
C LYS E 138 -33.98 44.29 0.05
N LEU E 139 -33.93 45.28 0.95
CA LEU E 139 -33.42 45.02 2.29
C LEU E 139 -34.33 44.04 3.03
N ALA E 140 -35.64 44.27 2.99
CA ALA E 140 -36.55 43.34 3.63
C ALA E 140 -36.45 41.96 3.01
N PHE E 141 -36.33 41.90 1.68
CA PHE E 141 -36.20 40.61 1.00
C PHE E 141 -34.97 39.85 1.47
N TYR E 142 -33.83 40.54 1.54
CA TYR E 142 -32.59 39.91 1.97
C TYR E 142 -32.69 39.47 3.44
N LEU E 143 -33.27 40.32 4.28
CA LEU E 143 -33.38 39.97 5.70
C LEU E 143 -34.28 38.76 5.91
N LEU E 144 -35.30 38.60 5.07
CA LEU E 144 -36.16 37.42 5.20
C LEU E 144 -35.50 36.18 4.60
N SER E 145 -34.79 36.35 3.48
CA SER E 145 -34.03 35.24 2.93
C SER E 145 -32.99 34.74 3.91
N PHE E 146 -32.45 35.64 4.74
CA PHE E 146 -31.55 35.22 5.81
C PHE E 146 -32.18 34.13 6.66
N PHE E 147 -33.33 34.44 7.26
CA PHE E 147 -34.01 33.47 8.12
C PHE E 147 -34.45 32.24 7.33
N TYR E 148 -34.85 32.42 6.07
CA TYR E 148 -35.24 31.27 5.26
C TYR E 148 -34.08 30.31 5.10
N TYR E 149 -32.91 30.82 4.69
CA TYR E 149 -31.73 29.99 4.54
C TYR E 149 -31.35 29.35 5.87
N LEU E 150 -31.44 30.11 6.95
CA LEU E 150 -31.07 29.57 8.26
C LEU E 150 -31.95 28.38 8.63
N TYR E 151 -33.27 28.54 8.50
CA TYR E 151 -34.18 27.47 8.84
C TYR E 151 -34.01 26.28 7.92
N CYS E 152 -33.79 26.52 6.63
CA CYS E 152 -33.62 25.42 5.70
C CYS E 152 -32.35 24.62 6.02
N MET E 153 -31.26 25.33 6.34
CA MET E 153 -30.04 24.64 6.72
C MET E 153 -30.23 23.84 8.00
N ILE E 154 -30.90 24.44 8.99
CA ILE E 154 -31.14 23.75 10.24
C ILE E 154 -31.94 22.47 10.00
N TYR E 155 -32.95 22.56 9.14
CA TYR E 155 -33.76 21.38 8.83
C TYR E 155 -32.94 20.33 8.11
N THR E 156 -32.08 20.75 7.19
CA THR E 156 -31.26 19.79 6.45
C THR E 156 -30.23 19.13 7.34
N LEU E 157 -29.77 19.82 8.39
CA LEU E 157 -28.72 19.27 9.23
C LEU E 157 -29.24 18.14 10.12
N VAL E 158 -30.49 18.23 10.56
CA VAL E 158 -31.04 17.24 11.49
C VAL E 158 -32.06 16.37 10.77
N SER E 159 -31.90 16.21 9.46
CA SER E 159 -32.76 15.36 8.66
C SER E 159 -32.34 13.90 8.69
N SER E 160 -31.42 13.53 9.58
CA SER E 160 -30.96 12.14 9.68
C SER E 160 -32.13 11.21 10.00
N ALA F 2 10.90 15.63 23.49
CA ALA F 2 10.70 16.78 24.36
C ALA F 2 10.50 18.05 23.54
N PHE F 3 9.28 18.26 23.07
CA PHE F 3 8.93 19.47 22.32
C PHE F 3 7.86 20.29 23.01
N THR F 4 6.80 19.66 23.52
CA THR F 4 5.79 20.32 24.35
C THR F 4 4.87 21.23 23.55
N PHE F 5 5.20 21.49 22.29
CA PHE F 5 4.52 22.50 21.47
C PHE F 5 4.78 23.90 22.00
N ALA F 6 5.42 24.01 23.15
CA ALA F 6 5.73 25.30 23.73
C ALA F 6 7.12 25.77 23.37
N ALA F 7 8.00 24.84 22.99
CA ALA F 7 9.31 25.24 22.51
C ALA F 7 9.20 26.07 21.25
N PHE F 8 8.28 25.69 20.36
CA PHE F 8 8.09 26.44 19.12
C PHE F 8 7.61 27.86 19.41
N CYS F 9 6.56 27.97 20.23
CA CYS F 9 6.07 29.29 20.63
C CYS F 9 7.17 30.10 21.29
N TYR F 10 7.97 29.46 22.14
CA TYR F 10 9.00 30.19 22.88
C TYR F 10 10.08 30.70 21.95
N MET F 11 10.53 29.87 21.00
CA MET F 11 11.59 30.33 20.09
C MET F 11 11.06 31.41 19.15
N LEU F 12 9.83 31.26 18.68
CA LEU F 12 9.20 32.33 17.91
C LEU F 12 9.18 33.62 18.71
N SER F 13 8.85 33.52 20.00
CA SER F 13 8.84 34.69 20.86
C SER F 13 10.25 35.26 21.02
N LEU F 14 11.25 34.40 21.10
CA LEU F 14 12.63 34.87 21.16
C LEU F 14 12.97 35.72 19.95
N VAL F 15 12.62 35.22 18.76
CA VAL F 15 12.92 35.96 17.53
C VAL F 15 12.20 37.31 17.53
N LEU F 16 10.89 37.28 17.74
CA LEU F 16 10.12 38.52 17.70
C LEU F 16 10.58 39.48 18.79
N CYS F 17 11.01 38.97 19.95
CA CYS F 17 11.49 39.83 21.01
C CYS F 17 12.83 40.43 20.67
N ALA F 18 13.69 39.70 19.95
CA ALA F 18 14.93 40.29 19.49
C ALA F 18 14.66 41.48 18.57
N ALA F 19 13.77 41.28 17.60
CA ALA F 19 13.37 42.40 16.76
C ALA F 19 12.80 43.56 17.56
N LEU F 20 12.00 43.24 18.58
CA LEU F 20 11.37 44.28 19.39
C LEU F 20 12.40 45.03 20.22
N ILE F 21 13.41 44.33 20.73
CA ILE F 21 14.48 44.99 21.47
C ILE F 21 15.23 45.93 20.54
N PHE F 22 15.52 45.48 19.31
CA PHE F 22 16.17 46.36 18.35
C PHE F 22 15.34 47.63 18.12
N PHE F 23 14.03 47.45 17.91
CA PHE F 23 13.18 48.61 17.66
C PHE F 23 13.14 49.54 18.88
N ALA F 24 13.14 48.98 20.08
CA ALA F 24 13.11 49.81 21.27
C ALA F 24 14.40 50.60 21.43
N ILE F 25 15.54 49.97 21.15
CA ILE F 25 16.81 50.68 21.19
C ILE F 25 16.80 51.81 20.16
N TRP F 26 16.27 51.53 18.97
CA TRP F 26 16.20 52.57 17.95
C TRP F 26 15.32 53.73 18.40
N HIS F 27 14.21 53.42 19.09
CA HIS F 27 13.33 54.46 19.59
C HIS F 27 14.04 55.31 20.64
N ILE F 28 14.77 54.67 21.55
CA ILE F 28 15.52 55.41 22.56
C ILE F 28 16.53 56.33 21.89
N ILE F 29 17.23 55.83 20.88
CA ILE F 29 18.22 56.65 20.19
C ILE F 29 17.56 57.82 19.49
N ALA F 30 16.39 57.58 18.87
CA ALA F 30 15.69 58.66 18.20
C ALA F 30 15.23 59.72 19.20
N PHE F 31 14.73 59.30 20.35
CA PHE F 31 14.29 60.26 21.37
C PHE F 31 15.49 61.06 21.89
N ASP F 32 16.64 60.41 22.05
CA ASP F 32 17.83 61.15 22.45
C ASP F 32 18.23 62.17 21.39
N GLU F 33 18.20 61.77 20.13
CA GLU F 33 18.51 62.71 19.04
C GLU F 33 17.56 63.89 19.05
N LEU F 34 16.28 63.63 19.30
CA LEU F 34 15.31 64.72 19.35
C LEU F 34 15.57 65.65 20.53
N ARG F 35 15.87 65.07 21.70
CA ARG F 35 16.23 65.88 22.86
C ARG F 35 17.42 66.78 22.54
N THR F 36 18.42 66.23 21.84
CA THR F 36 19.56 67.05 21.43
C THR F 36 19.11 68.17 20.49
N ASP F 37 18.24 67.84 19.53
CA ASP F 37 17.75 68.84 18.60
C ASP F 37 16.91 69.91 19.30
N PHE F 38 16.35 69.59 20.47
CA PHE F 38 15.53 70.54 21.20
C PHE F 38 16.37 71.36 22.17
N VAL F 48 18.55 77.27 5.78
CA VAL F 48 17.27 76.60 6.02
C VAL F 48 17.48 75.34 6.86
N HIS F 49 18.54 75.33 7.68
CA HIS F 49 18.80 74.17 8.53
C HIS F 49 17.67 73.94 9.52
N ALA F 50 16.95 74.99 9.90
CA ALA F 50 15.82 74.83 10.80
C ALA F 50 14.73 73.99 10.16
N ARG F 51 14.35 74.33 8.92
CA ARG F 51 13.39 73.52 8.20
C ARG F 51 13.92 72.11 7.94
N GLU F 52 15.23 71.97 7.80
CA GLU F 52 15.81 70.63 7.63
C GLU F 52 15.60 69.79 8.89
N ARG F 53 15.88 70.36 10.06
CA ARG F 53 15.66 69.62 11.31
C ARG F 53 14.18 69.35 11.53
N LEU F 54 13.32 70.30 11.16
CA LEU F 54 11.88 70.07 11.25
C LEU F 54 11.45 68.89 10.38
N ARG F 55 11.92 68.86 9.13
CA ARG F 55 11.60 67.75 8.25
C ARG F 55 12.21 66.45 8.76
N ASN F 56 13.34 66.52 9.45
CA ASN F 56 13.96 65.31 9.98
C ASN F 56 13.15 64.74 11.14
N ILE F 57 12.68 65.61 12.05
CA ILE F 57 11.81 65.12 13.11
C ILE F 57 10.48 64.66 12.52
N GLU F 58 10.05 65.25 11.40
CA GLU F 58 8.87 64.73 10.72
C GLU F 58 9.11 63.30 10.23
N ARG F 59 10.27 63.06 9.61
CA ARG F 59 10.59 61.72 9.13
C ARG F 59 10.67 60.73 10.28
N ILE F 60 11.30 61.12 11.38
CA ILE F 60 11.41 60.21 12.51
C ILE F 60 10.03 59.91 13.10
N CYS F 61 9.17 60.93 13.22
CA CYS F 61 7.82 60.68 13.69
C CYS F 61 7.06 59.77 12.74
N PHE F 62 7.31 59.90 11.44
CA PHE F 62 6.68 59.00 10.48
C PHE F 62 7.10 57.56 10.71
N LEU F 63 8.41 57.34 10.91
CA LEU F 63 8.88 56.00 11.21
C LEU F 63 8.29 55.48 12.51
N LEU F 64 8.22 56.33 13.53
CA LEU F 64 7.60 55.93 14.79
C LEU F 64 6.17 55.45 14.57
N ARG F 65 5.35 56.30 13.95
CA ARG F 65 3.97 55.91 13.66
C ARG F 65 3.91 54.62 12.86
N LYS F 66 4.89 54.40 11.98
CA LYS F 66 4.93 53.14 11.25
C LYS F 66 5.32 51.96 12.14
N LEU F 67 5.98 52.22 13.26
CA LEU F 67 6.45 51.17 14.16
C LEU F 67 5.59 51.05 15.41
N VAL F 68 4.28 51.22 15.28
CA VAL F 68 3.33 51.09 16.39
C VAL F 68 2.53 49.81 16.26
N LEU F 69 1.93 49.58 15.09
CA LEU F 69 1.18 48.34 14.88
C LEU F 69 2.01 47.09 15.13
N PRO F 70 3.29 47.04 14.75
CA PRO F 70 4.07 45.82 15.04
C PRO F 70 4.14 45.48 16.52
N GLU F 71 4.26 46.47 17.40
CA GLU F 71 4.28 46.21 18.83
C GLU F 71 3.05 45.45 19.26
N TYR F 72 1.87 46.03 19.01
CA TYR F 72 0.61 45.39 19.38
C TYR F 72 0.50 44.02 18.74
N SER F 73 0.89 43.91 17.46
CA SER F 73 0.78 42.64 16.76
C SER F 73 1.58 41.55 17.46
N ILE F 74 2.87 41.80 17.69
CA ILE F 74 3.73 40.77 18.25
C ILE F 74 3.32 40.44 19.67
N HIS F 75 2.90 41.45 20.45
CA HIS F 75 2.54 41.16 21.84
C HIS F 75 1.24 40.38 21.92
N SER F 76 0.24 40.75 21.11
CA SER F 76 -0.99 39.97 21.06
C SER F 76 -0.70 38.54 20.61
N LEU F 77 0.21 38.38 19.65
CA LEU F 77 0.58 37.04 19.21
C LEU F 77 1.21 36.25 20.36
N PHE F 78 2.12 36.89 21.09
CA PHE F 78 2.73 36.24 22.24
C PHE F 78 1.67 35.74 23.20
N CYS F 79 0.75 36.63 23.57
CA CYS F 79 -0.23 36.26 24.60
C CYS F 79 -1.18 35.18 24.09
N ILE F 80 -1.65 35.29 22.85
CA ILE F 80 -2.60 34.31 22.34
C ILE F 80 -1.94 32.96 22.15
N MET F 81 -0.65 32.93 21.76
CA MET F 81 0.04 31.65 21.63
C MET F 81 0.30 31.04 23.00
N PHE F 82 0.66 31.87 23.99
CA PHE F 82 0.80 31.37 25.34
C PHE F 82 -0.51 30.75 25.83
N LEU F 83 -1.64 31.38 25.50
CA LEU F 83 -2.93 30.83 25.86
C LEU F 83 -3.16 29.49 25.18
N CYS F 84 -3.01 29.45 23.86
CA CYS F 84 -3.28 28.23 23.11
C CYS F 84 -2.35 27.09 23.49
N ALA F 85 -1.24 27.38 24.16
CA ALA F 85 -0.30 26.35 24.60
C ALA F 85 -0.52 25.94 26.05
N GLN F 86 -1.65 26.31 26.64
CA GLN F 86 -2.01 25.93 28.00
C GLN F 86 -1.11 26.54 29.05
N GLU F 87 -0.19 27.44 28.66
CA GLU F 87 0.67 28.11 29.62
C GLU F 87 -0.14 29.13 30.41
N TRP F 88 0.21 29.28 31.69
CA TRP F 88 -0.53 30.18 32.57
C TRP F 88 0.36 31.01 33.49
N LEU F 89 1.67 30.80 33.49
CA LEU F 89 2.57 31.51 34.38
C LEU F 89 3.32 32.63 33.69
N THR F 90 3.31 32.65 32.36
CA THR F 90 3.94 33.67 31.54
C THR F 90 2.92 34.64 30.97
N LEU F 91 1.84 34.11 30.41
CA LEU F 91 0.75 34.93 29.92
C LEU F 91 0.35 35.98 30.94
N GLY F 92 0.12 35.55 32.18
CA GLY F 92 -0.23 36.47 33.25
C GLY F 92 0.78 37.58 33.45
N LEU F 93 2.01 37.36 33.02
CA LEU F 93 3.06 38.36 33.14
C LEU F 93 3.08 39.33 31.97
N ASN F 94 2.69 38.86 30.78
CA ASN F 94 2.55 39.75 29.63
C ASN F 94 1.24 40.52 29.64
N VAL F 95 0.24 40.06 30.40
CA VAL F 95 -1.06 40.72 30.41
C VAL F 95 -0.94 42.20 30.76
N PRO F 96 -0.27 42.59 31.85
CA PRO F 96 -0.19 44.02 32.20
C PRO F 96 0.27 44.89 31.04
N LEU F 97 1.16 44.39 30.19
CA LEU F 97 1.61 45.18 29.06
C LEU F 97 0.49 45.38 28.05
N LEU F 98 -0.31 44.35 27.81
CA LEU F 98 -1.46 44.50 26.92
C LEU F 98 -2.47 45.48 27.51
N PHE F 99 -2.66 45.41 28.82
CA PHE F 99 -3.54 46.37 29.49
C PHE F 99 -3.04 47.79 29.27
N TYR F 100 -1.74 48.01 29.46
CA TYR F 100 -1.18 49.34 29.24
C TYR F 100 -1.35 49.78 27.80
N HIS F 101 -1.17 48.87 26.85
CA HIS F 101 -1.32 49.21 25.44
C HIS F 101 -2.74 49.66 25.14
N PHE F 102 -3.73 48.85 25.55
CA PHE F 102 -5.12 49.24 25.33
C PHE F 102 -5.47 50.51 26.09
N TRP F 103 -4.79 50.77 27.20
CA TRP F 103 -5.03 51.98 27.97
C TRP F 103 -4.49 53.21 27.27
N ARG F 104 -3.40 53.03 26.52
CA ARG F 104 -2.76 54.17 25.86
C ARG F 104 -3.71 54.90 24.92
N TYR F 105 -4.64 54.18 24.29
CA TYR F 105 -5.55 54.81 23.34
C TYR F 105 -6.34 55.94 24.00
N PHE F 106 -7.17 55.61 25.00
CA PHE F 106 -7.92 56.63 25.71
C PHE F 106 -7.12 57.24 26.86
N HIS F 107 -5.80 57.07 26.85
CA HIS F 107 -4.90 57.83 27.70
C HIS F 107 -4.03 58.81 26.93
N CYS F 108 -3.71 58.50 25.68
CA CYS F 108 -2.92 59.39 24.84
C CYS F 108 -3.36 59.26 23.39
N ASN F 124 6.63 68.75 19.85
CA ASN F 124 6.81 67.93 21.04
C ASN F 124 7.93 68.51 21.91
N ALA F 125 7.57 68.95 23.11
CA ALA F 125 8.53 69.55 24.02
C ALA F 125 8.45 68.96 25.42
N ASP F 126 7.27 68.45 25.79
CA ASP F 126 7.03 67.93 27.14
C ASP F 126 6.66 66.46 27.17
N THR F 127 6.09 65.91 26.09
CA THR F 127 5.73 64.49 26.08
C THR F 127 6.95 63.63 26.36
N LEU F 128 8.08 63.94 25.72
CA LEU F 128 9.28 63.14 25.90
C LEU F 128 9.63 62.99 27.37
N SER F 129 9.40 64.05 28.16
CA SER F 129 9.72 64.02 29.57
C SER F 129 9.27 62.73 30.24
N TYR F 130 8.20 62.11 29.72
CA TYR F 130 7.79 60.79 30.17
C TYR F 130 8.12 59.71 29.16
N CYS F 131 7.89 59.97 27.87
CA CYS F 131 8.04 58.94 26.84
C CYS F 131 9.33 58.15 27.04
N GLN F 132 10.46 58.85 27.00
CA GLN F 132 11.75 58.22 27.19
C GLN F 132 11.69 57.19 28.32
N LYS F 133 11.38 57.65 29.53
CA LYS F 133 11.29 56.76 30.68
C LYS F 133 10.54 55.50 30.29
N GLU F 134 9.27 55.66 29.91
CA GLU F 134 8.46 54.53 29.51
C GLU F 134 9.24 53.61 28.59
N ALA F 135 9.65 54.13 27.43
CA ALA F 135 10.39 53.34 26.46
C ALA F 135 11.50 52.56 27.16
N TRP F 136 12.36 53.28 27.87
CA TRP F 136 13.46 52.63 28.58
C TRP F 136 12.94 51.43 29.36
N CYS F 137 12.04 51.69 30.32
CA CYS F 137 11.50 50.60 31.13
C CYS F 137 10.99 49.47 30.23
N LYS F 138 10.18 49.83 29.24
CA LYS F 138 9.65 48.82 28.33
C LYS F 138 10.77 47.93 27.83
N LEU F 139 11.80 48.54 27.24
CA LEU F 139 12.94 47.77 26.76
C LEU F 139 13.36 46.75 27.81
N ALA F 140 13.72 47.24 29.00
CA ALA F 140 14.12 46.36 30.09
C ALA F 140 13.18 45.17 30.19
N PHE F 141 11.89 45.45 30.36
CA PHE F 141 10.90 44.39 30.46
C PHE F 141 11.12 43.37 29.36
N TYR F 142 11.00 43.79 28.11
CA TYR F 142 11.15 42.86 27.00
C TYR F 142 12.45 42.08 27.14
N LEU F 143 13.56 42.79 27.38
CA LEU F 143 14.83 42.12 27.58
C LEU F 143 14.68 40.98 28.59
N LEU F 144 14.23 41.32 29.80
CA LEU F 144 14.00 40.27 30.79
C LEU F 144 13.17 39.15 30.19
N SER F 145 12.00 39.51 29.65
CA SER F 145 11.13 38.51 29.03
C SER F 145 11.94 37.58 28.14
N PHE F 146 12.73 38.15 27.24
CA PHE F 146 13.57 37.36 26.36
C PHE F 146 14.29 36.26 27.14
N PHE F 147 15.17 36.66 28.05
CA PHE F 147 15.86 35.69 28.89
C PHE F 147 14.89 34.63 29.37
N TYR F 148 13.87 35.08 30.09
CA TYR F 148 12.91 34.15 30.67
C TYR F 148 12.40 33.17 29.64
N TYR F 149 11.93 33.68 28.50
CA TYR F 149 11.45 32.78 27.46
C TYR F 149 12.46 31.67 27.20
N LEU F 150 13.69 32.06 26.88
CA LEU F 150 14.74 31.08 26.70
C LEU F 150 14.76 30.08 27.85
N TYR F 151 14.91 30.59 29.07
CA TYR F 151 14.85 29.73 30.25
C TYR F 151 13.75 28.70 30.11
N CYS F 152 12.51 29.18 29.94
CA CYS F 152 11.38 28.25 29.80
C CYS F 152 11.67 27.18 28.77
N MET F 153 11.95 27.58 27.53
CA MET F 153 12.09 26.57 26.49
C MET F 153 13.16 25.56 26.88
N ILE F 154 14.22 26.02 27.53
CA ILE F 154 15.23 25.10 28.02
C ILE F 154 14.59 24.09 28.98
N TYR F 155 14.01 24.59 30.07
CA TYR F 155 13.30 23.71 30.99
C TYR F 155 12.13 23.00 30.34
N THR F 156 11.71 23.44 29.14
CA THR F 156 10.65 22.79 28.40
C THR F 156 11.18 21.90 27.29
N LEU F 157 12.46 22.04 26.93
CA LEU F 157 13.06 21.25 25.87
C LEU F 157 13.69 19.97 26.38
N VAL F 158 13.89 19.84 27.68
CA VAL F 158 14.48 18.65 28.29
C VAL F 158 13.70 18.33 29.55
N SER F 159 13.03 17.19 29.57
CA SER F 159 12.23 16.79 30.72
C SER F 159 11.77 15.34 30.58
N GLU G 412 -59.84 -47.79 8.23
CA GLU G 412 -58.72 -47.26 7.48
C GLU G 412 -57.42 -47.25 8.26
N ASN G 413 -56.80 -46.08 8.35
CA ASN G 413 -55.55 -45.93 9.08
C ASN G 413 -55.84 -45.87 10.59
N LYS G 414 -54.83 -45.56 11.39
CA LYS G 414 -54.96 -45.51 12.83
C LYS G 414 -54.37 -44.22 13.38
N THR G 415 -54.66 -43.09 12.73
CA THR G 415 -54.22 -41.78 13.20
C THR G 415 -52.70 -41.78 13.45
N VAL G 416 -51.96 -41.96 12.36
CA VAL G 416 -50.52 -42.12 12.43
C VAL G 416 -49.91 -41.14 13.41
N VAL G 417 -49.12 -41.65 14.34
CA VAL G 417 -48.44 -40.81 15.32
C VAL G 417 -47.28 -40.11 14.66
N VAL G 418 -47.02 -38.87 15.09
CA VAL G 418 -45.91 -38.10 14.55
C VAL G 418 -45.16 -37.40 15.67
N THR G 419 -44.05 -37.98 16.10
CA THR G 419 -43.23 -37.37 17.14
C THR G 419 -42.28 -36.35 16.52
N THR G 420 -42.18 -35.18 17.15
CA THR G 420 -41.38 -34.08 16.64
C THR G 420 -40.66 -33.42 17.80
N ILE G 421 -40.11 -32.23 17.55
CA ILE G 421 -39.41 -31.45 18.55
C ILE G 421 -39.72 -29.97 18.32
N LEU G 422 -39.53 -29.18 19.37
CA LEU G 422 -39.88 -27.76 19.36
C LEU G 422 -38.62 -26.95 19.06
N GLU G 423 -38.23 -26.95 17.79
CA GLU G 423 -37.12 -26.14 17.30
C GLU G 423 -37.64 -25.21 16.22
N SER G 424 -37.35 -23.95 16.37
CA SER G 424 -37.82 -22.99 15.38
C SER G 424 -36.80 -22.81 14.27
N PRO G 425 -37.24 -22.48 13.05
CA PRO G 425 -38.63 -22.29 12.63
C PRO G 425 -39.30 -23.57 12.15
N TYR G 426 -38.68 -24.72 12.45
CA TYR G 426 -39.24 -25.99 11.98
C TYR G 426 -40.62 -26.22 12.56
N VAL G 427 -40.77 -26.06 13.86
CA VAL G 427 -42.06 -26.21 14.54
C VAL G 427 -42.15 -25.12 15.60
N MET G 428 -43.28 -24.42 15.62
CA MET G 428 -43.47 -23.30 16.52
C MET G 428 -44.92 -23.27 17.00
N MET G 429 -45.12 -22.72 18.19
CA MET G 429 -46.45 -22.60 18.78
C MET G 429 -47.08 -21.30 18.31
N LYS G 430 -48.27 -21.40 17.71
CA LYS G 430 -48.98 -20.21 17.29
C LYS G 430 -49.17 -19.24 18.46
N LYS G 431 -49.46 -17.98 18.12
CA LYS G 431 -49.59 -16.95 19.14
C LYS G 431 -50.66 -17.32 20.18
N ASN G 432 -51.67 -18.08 19.79
CA ASN G 432 -52.81 -18.41 20.64
C ASN G 432 -53.00 -19.92 20.70
N HIS G 433 -51.91 -20.66 20.93
CA HIS G 433 -51.99 -22.11 21.02
C HIS G 433 -52.86 -22.57 22.17
N GLU G 434 -53.04 -21.74 23.20
CA GLU G 434 -53.84 -22.12 24.35
C GLU G 434 -55.32 -22.27 24.02
N MET G 435 -55.76 -21.83 22.84
CA MET G 435 -57.14 -21.91 22.41
C MET G 435 -57.23 -22.54 21.03
N LEU G 436 -56.50 -23.64 20.82
CA LEU G 436 -56.45 -24.29 19.52
C LEU G 436 -56.22 -25.78 19.72
N GLU G 437 -56.39 -26.54 18.64
CA GLU G 437 -56.15 -27.96 18.64
C GLU G 437 -54.70 -28.26 18.26
N GLY G 438 -54.28 -29.50 18.53
CA GLY G 438 -52.91 -29.92 18.32
C GLY G 438 -52.36 -29.58 16.95
N ASN G 439 -52.95 -30.17 15.90
CA ASN G 439 -52.44 -29.95 14.55
C ASN G 439 -52.40 -28.46 14.21
N GLU G 440 -53.41 -27.71 14.63
CA GLU G 440 -53.41 -26.26 14.44
C GLU G 440 -52.64 -25.53 15.52
N ARG G 441 -52.34 -26.19 16.65
CA ARG G 441 -51.59 -25.54 17.71
C ARG G 441 -50.19 -25.15 17.24
N TYR G 442 -49.49 -26.10 16.61
CA TYR G 442 -48.14 -25.86 16.13
C TYR G 442 -48.16 -25.32 14.70
N GLU G 443 -47.01 -24.84 14.25
CA GLU G 443 -46.87 -24.32 12.91
C GLU G 443 -45.39 -24.28 12.55
N GLY G 444 -45.09 -24.51 11.29
CA GLY G 444 -43.72 -24.45 10.84
C GLY G 444 -43.50 -25.27 9.58
N TYR G 445 -42.28 -25.14 9.06
CA TYR G 445 -41.84 -25.92 7.90
C TYR G 445 -42.28 -27.38 8.00
N CYS G 446 -41.92 -28.04 9.10
CA CYS G 446 -42.24 -29.44 9.26
C CYS G 446 -43.74 -29.69 9.23
N VAL G 447 -44.53 -28.70 9.65
CA VAL G 447 -45.98 -28.90 9.68
C VAL G 447 -46.54 -28.99 8.26
N ASP G 448 -46.18 -28.02 7.42
CA ASP G 448 -46.60 -28.09 6.02
C ASP G 448 -46.01 -29.31 5.33
N LEU G 449 -44.81 -29.71 5.73
CA LEU G 449 -44.21 -30.92 5.16
C LEU G 449 -45.05 -32.14 5.49
N ALA G 450 -45.48 -32.25 6.74
CA ALA G 450 -46.34 -33.38 7.13
C ALA G 450 -47.68 -33.31 6.43
N ALA G 451 -48.20 -32.09 6.24
CA ALA G 451 -49.45 -31.93 5.50
C ALA G 451 -49.31 -32.50 4.08
N GLU G 452 -48.22 -32.14 3.40
CA GLU G 452 -48.00 -32.64 2.05
C GLU G 452 -47.80 -34.15 2.06
N ILE G 453 -47.10 -34.67 3.07
CA ILE G 453 -46.88 -36.11 3.16
C ILE G 453 -48.22 -36.83 3.30
N ALA G 454 -49.10 -36.30 4.14
CA ALA G 454 -50.42 -36.90 4.29
C ALA G 454 -51.20 -36.83 2.99
N LYS G 455 -51.18 -35.66 2.33
CA LYS G 455 -51.87 -35.51 1.06
C LYS G 455 -51.38 -36.53 0.04
N HIS G 456 -50.09 -36.86 0.09
CA HIS G 456 -49.54 -37.83 -0.85
C HIS G 456 -49.95 -39.25 -0.47
N CYS G 457 -49.60 -39.69 0.73
CA CYS G 457 -49.93 -41.04 1.18
C CYS G 457 -51.40 -41.18 1.53
N GLY G 458 -52.10 -40.08 1.77
CA GLY G 458 -53.51 -40.15 2.09
C GLY G 458 -53.79 -40.74 3.45
N PHE G 459 -53.41 -40.03 4.51
CA PHE G 459 -53.65 -40.52 5.87
C PHE G 459 -53.65 -39.33 6.83
N LYS G 460 -54.61 -39.34 7.75
CA LYS G 460 -54.63 -38.35 8.81
C LYS G 460 -53.66 -38.73 9.92
N TYR G 461 -53.08 -37.72 10.55
CA TYR G 461 -52.04 -37.93 11.55
C TYR G 461 -52.36 -37.17 12.83
N LYS G 462 -51.58 -37.48 13.86
CA LYS G 462 -51.68 -36.81 15.16
C LYS G 462 -50.28 -36.46 15.62
N LEU G 463 -50.04 -35.19 15.88
CA LEU G 463 -48.71 -34.71 16.24
C LEU G 463 -48.47 -34.87 17.74
N THR G 464 -47.20 -34.95 18.10
CA THR G 464 -46.77 -35.08 19.48
C THR G 464 -45.36 -34.55 19.62
N ILE G 465 -45.03 -34.09 20.81
CA ILE G 465 -43.69 -33.59 21.11
C ILE G 465 -42.95 -34.65 21.90
N VAL G 466 -41.63 -34.62 21.82
CA VAL G 466 -40.79 -35.57 22.53
C VAL G 466 -40.60 -35.10 23.96
N GLY G 467 -40.65 -36.04 24.90
CA GLY G 467 -40.55 -35.68 26.30
C GLY G 467 -39.19 -35.13 26.66
N ASP G 468 -38.13 -35.87 26.34
CA ASP G 468 -36.78 -35.49 26.71
C ASP G 468 -36.29 -34.25 25.98
N GLY G 469 -37.07 -33.71 25.04
CA GLY G 469 -36.62 -32.56 24.28
C GLY G 469 -35.34 -32.79 23.51
N LYS G 470 -35.03 -34.03 23.17
CA LYS G 470 -33.83 -34.39 22.43
C LYS G 470 -34.22 -35.10 21.13
N TYR G 471 -33.20 -35.42 20.33
CA TYR G 471 -33.41 -36.13 19.07
C TYR G 471 -33.24 -37.64 19.26
N GLY G 472 -32.07 -38.05 19.72
CA GLY G 472 -31.80 -39.46 19.93
C GLY G 472 -30.32 -39.77 20.04
N ALA G 473 -29.97 -40.70 20.91
CA ALA G 473 -28.58 -41.09 21.13
C ALA G 473 -28.57 -42.34 22.00
N ARG G 474 -27.40 -42.95 22.10
CA ARG G 474 -27.20 -44.16 22.89
C ARG G 474 -26.40 -43.83 24.13
N ASP G 475 -26.96 -44.14 25.30
CA ASP G 475 -26.25 -43.94 26.56
C ASP G 475 -25.18 -45.01 26.71
N ALA G 476 -23.97 -44.58 27.08
CA ALA G 476 -22.85 -45.51 27.18
C ALA G 476 -23.06 -46.58 28.23
N ASP G 477 -24.06 -46.44 29.10
CA ASP G 477 -24.35 -47.42 30.14
C ASP G 477 -25.55 -48.29 29.81
N THR G 478 -26.68 -47.68 29.46
CA THR G 478 -27.89 -48.42 29.16
C THR G 478 -27.98 -48.86 27.70
N LYS G 479 -27.20 -48.25 26.82
CA LYS G 479 -27.28 -48.53 25.38
C LYS G 479 -28.72 -48.41 24.90
N ILE G 480 -29.40 -47.38 25.39
CA ILE G 480 -30.80 -47.15 25.10
C ILE G 480 -30.91 -45.96 24.16
N TRP G 481 -31.91 -46.01 23.28
CA TRP G 481 -32.18 -44.92 22.34
C TRP G 481 -33.20 -43.99 22.97
N ASN G 482 -32.83 -42.72 23.11
CA ASN G 482 -33.71 -41.71 23.66
C ASN G 482 -34.28 -40.85 22.53
N GLY G 483 -35.05 -39.83 22.92
CA GLY G 483 -35.59 -38.92 21.94
C GLY G 483 -36.55 -39.60 20.98
N MET G 484 -36.81 -38.90 19.87
CA MET G 484 -37.71 -39.42 18.85
C MET G 484 -37.20 -40.75 18.30
N VAL G 485 -35.89 -40.94 18.28
CA VAL G 485 -35.34 -42.22 17.84
C VAL G 485 -35.89 -43.34 18.71
N GLY G 486 -35.82 -43.17 20.03
CA GLY G 486 -36.38 -44.18 20.92
C GLY G 486 -37.87 -44.28 20.79
N GLU G 487 -38.56 -43.15 20.67
CA GLU G 487 -40.00 -43.17 20.49
C GLU G 487 -40.40 -44.01 19.29
N LEU G 488 -39.57 -44.01 18.25
CA LEU G 488 -39.86 -44.80 17.06
C LEU G 488 -39.48 -46.26 17.27
N VAL G 489 -38.29 -46.51 17.80
CA VAL G 489 -37.84 -47.89 17.98
C VAL G 489 -38.69 -48.61 19.02
N TYR G 490 -39.17 -47.89 20.02
CA TYR G 490 -39.95 -48.47 21.11
C TYR G 490 -41.45 -48.32 20.92
N GLY G 491 -41.89 -48.17 19.67
CA GLY G 491 -43.31 -48.08 19.37
C GLY G 491 -44.00 -46.82 19.83
N LYS G 492 -43.33 -45.98 20.61
CA LYS G 492 -43.96 -44.74 21.08
C LYS G 492 -44.26 -43.77 19.95
N ALA G 493 -43.73 -43.99 18.76
CA ALA G 493 -43.94 -43.10 17.63
C ALA G 493 -43.97 -43.91 16.35
N ASP G 494 -44.75 -43.43 15.39
CA ASP G 494 -44.86 -44.08 14.08
C ASP G 494 -43.93 -43.47 13.04
N ILE G 495 -43.63 -42.17 13.14
CA ILE G 495 -42.79 -41.50 12.16
C ILE G 495 -42.32 -40.19 12.78
N ALA G 496 -41.18 -39.70 12.31
CA ALA G 496 -40.60 -38.45 12.77
C ALA G 496 -40.43 -37.52 11.58
N ILE G 497 -40.90 -36.28 11.73
CA ILE G 497 -40.85 -35.29 10.66
C ILE G 497 -40.07 -34.08 11.15
N ALA G 498 -39.12 -34.32 12.04
CA ALA G 498 -38.29 -33.26 12.59
C ALA G 498 -36.92 -33.28 11.95
N PRO G 499 -36.18 -32.18 12.03
CA PRO G 499 -34.81 -32.17 11.51
C PRO G 499 -33.94 -33.15 12.27
N LEU G 500 -33.54 -34.23 11.61
CA LEU G 500 -32.79 -35.32 12.23
C LEU G 500 -31.54 -35.56 11.40
N THR G 501 -30.39 -35.07 11.90
CA THR G 501 -29.14 -35.23 11.18
C THR G 501 -28.86 -36.69 10.91
N ILE G 502 -28.87 -37.08 9.63
CA ILE G 502 -28.62 -38.47 9.28
C ILE G 502 -27.22 -38.86 9.70
N THR G 503 -27.10 -40.05 10.29
CA THR G 503 -25.82 -40.54 10.76
C THR G 503 -25.77 -42.05 10.60
N LEU G 504 -24.60 -42.62 10.83
CA LEU G 504 -24.42 -44.06 10.68
C LEU G 504 -25.10 -44.82 11.81
N VAL G 505 -24.69 -44.55 13.04
CA VAL G 505 -25.26 -45.23 14.19
C VAL G 505 -26.78 -45.11 14.19
N ARG G 506 -27.31 -43.98 13.73
CA ARG G 506 -28.74 -43.75 13.72
C ARG G 506 -29.42 -44.45 12.55
N GLU G 507 -28.68 -44.81 11.52
CA GLU G 507 -29.27 -45.50 10.37
C GLU G 507 -29.34 -47.01 10.55
N GLU G 508 -28.55 -47.57 11.46
CA GLU G 508 -28.52 -49.01 11.68
C GLU G 508 -29.74 -49.53 12.43
N VAL G 509 -30.71 -48.66 12.77
CA VAL G 509 -31.84 -49.07 13.59
C VAL G 509 -33.16 -48.64 12.96
N ILE G 510 -33.08 -47.72 11.99
CA ILE G 510 -34.25 -47.16 11.34
C ILE G 510 -33.95 -46.99 9.86
N ASP G 511 -34.97 -46.58 9.11
CA ASP G 511 -34.88 -46.41 7.66
C ASP G 511 -35.10 -44.94 7.35
N PHE G 512 -34.03 -44.17 7.38
CA PHE G 512 -34.11 -42.76 7.02
C PHE G 512 -34.65 -42.60 5.61
N SER G 513 -35.30 -41.46 5.37
CA SER G 513 -35.74 -41.10 4.04
C SER G 513 -34.60 -40.35 3.33
N LYS G 514 -34.88 -39.82 2.15
CA LYS G 514 -33.86 -39.07 1.47
C LYS G 514 -33.81 -37.65 1.98
N PRO G 515 -32.67 -36.98 1.87
CA PRO G 515 -32.53 -35.64 2.46
C PRO G 515 -33.52 -34.65 1.87
N PHE G 516 -34.42 -34.17 2.72
CA PHE G 516 -35.33 -33.09 2.34
C PHE G 516 -34.70 -31.71 2.52
N MET G 517 -33.53 -31.64 3.15
CA MET G 517 -32.87 -30.36 3.35
C MET G 517 -31.39 -30.63 3.56
N SER G 518 -30.57 -30.21 2.61
CA SER G 518 -29.12 -30.34 2.72
C SER G 518 -28.53 -29.10 3.38
N LEU G 519 -27.45 -29.30 4.12
CA LEU G 519 -26.86 -28.23 4.91
C LEU G 519 -25.45 -28.64 5.31
N GLY G 520 -24.84 -27.83 6.16
CA GLY G 520 -23.53 -28.14 6.68
C GLY G 520 -23.16 -27.18 7.77
N ILE G 521 -21.87 -27.13 8.06
CA ILE G 521 -21.33 -26.22 9.07
C ILE G 521 -20.94 -24.92 8.40
N SER G 522 -21.28 -23.80 9.04
CA SER G 522 -21.05 -22.48 8.47
C SER G 522 -20.70 -21.52 9.60
N ILE G 523 -20.34 -20.31 9.19
CA ILE G 523 -19.79 -19.29 10.07
C ILE G 523 -20.80 -18.16 10.22
N MET G 524 -20.74 -17.50 11.38
CA MET G 524 -21.56 -16.34 11.67
C MET G 524 -20.71 -15.30 12.37
N ILE G 525 -20.85 -14.05 11.92
CA ILE G 525 -20.06 -12.93 12.39
C ILE G 525 -20.98 -11.72 12.54
N LYS G 526 -20.40 -10.60 12.94
CA LYS G 526 -21.13 -9.35 13.08
C LYS G 526 -21.14 -8.63 11.75
N LYS G 527 -22.33 -8.32 11.25
CA LYS G 527 -22.45 -7.60 9.99
C LYS G 527 -21.69 -6.28 10.09
N PRO G 528 -20.71 -6.02 9.21
CA PRO G 528 -19.93 -4.78 9.34
C PRO G 528 -20.72 -3.54 8.93
N GLN G 529 -21.67 -3.14 9.77
CA GLN G 529 -22.42 -1.90 9.58
C GLN G 529 -21.83 -0.76 10.38
N LYS G 530 -20.63 -0.93 10.93
CA LYS G 530 -19.97 0.09 11.74
C LYS G 530 -19.21 1.03 10.80
N SER G 531 -19.86 2.12 10.40
CA SER G 531 -19.23 3.11 9.55
C SER G 531 -19.81 4.48 9.93
N LYS G 532 -19.10 5.18 10.81
CA LYS G 532 -19.49 6.52 11.26
C LYS G 532 -18.24 7.36 11.43
N PRO G 533 -17.93 8.22 10.46
CA PRO G 533 -16.70 9.02 10.56
C PRO G 533 -16.90 10.30 11.36
N GLY G 534 -15.92 10.59 12.22
CA GLY G 534 -15.95 11.81 12.98
C GLY G 534 -15.92 13.03 12.07
N VAL G 535 -16.49 14.13 12.57
CA VAL G 535 -16.55 15.35 11.79
C VAL G 535 -15.16 15.82 11.42
N PHE G 536 -14.25 15.83 12.40
CA PHE G 536 -12.87 16.28 12.21
C PHE G 536 -11.91 15.11 12.12
N SER G 537 -12.34 14.03 11.47
CA SER G 537 -11.47 12.86 11.32
C SER G 537 -10.27 13.13 10.43
N PHE G 538 -10.35 14.14 9.56
CA PHE G 538 -9.24 14.44 8.68
C PHE G 538 -8.01 14.95 9.42
N LEU G 539 -8.12 15.20 10.73
CA LEU G 539 -6.98 15.57 11.55
C LEU G 539 -6.31 14.37 12.20
N ASP G 540 -6.89 13.18 12.05
CA ASP G 540 -6.30 11.99 12.66
C ASP G 540 -4.92 11.65 12.13
N PRO G 541 -4.63 11.83 10.84
CA PRO G 541 -3.31 11.40 10.32
C PRO G 541 -2.13 11.90 11.13
N LEU G 542 -2.25 13.06 11.77
CA LEU G 542 -1.17 13.57 12.60
C LEU G 542 -1.76 14.39 13.74
N ALA G 543 -1.05 14.38 14.87
CA ALA G 543 -1.59 14.90 16.10
C ALA G 543 -1.89 16.39 15.99
N TYR G 544 -2.79 16.86 16.86
CA TYR G 544 -3.13 18.28 16.89
C TYR G 544 -1.93 19.11 17.32
N GLU G 545 -1.02 18.51 18.09
CA GLU G 545 0.22 19.18 18.46
C GLU G 545 0.97 19.69 17.24
N ILE G 546 0.71 19.12 16.07
CA ILE G 546 1.34 19.59 14.84
C ILE G 546 0.46 20.62 14.14
N TRP G 547 -0.86 20.45 14.20
CA TRP G 547 -1.75 21.40 13.56
C TRP G 547 -1.62 22.78 14.18
N MET G 548 -1.50 22.83 15.51
CA MET G 548 -1.32 24.12 16.18
C MET G 548 0.00 24.76 15.77
N CYS G 549 1.07 23.96 15.71
CA CYS G 549 2.35 24.47 15.24
C CYS G 549 2.21 25.03 13.82
N ILE G 550 1.47 24.34 12.97
CA ILE G 550 1.31 24.79 11.58
C ILE G 550 0.61 26.13 11.55
N VAL G 551 -0.49 26.25 12.29
CA VAL G 551 -1.24 27.50 12.32
C VAL G 551 -0.35 28.65 12.78
N PHE G 552 0.33 28.45 13.91
CA PHE G 552 1.13 29.53 14.47
C PHE G 552 2.35 29.83 13.60
N ALA G 553 2.85 28.83 12.88
CA ALA G 553 3.93 29.09 11.93
C ALA G 553 3.44 29.95 10.78
N TYR G 554 2.25 29.66 10.27
CA TYR G 554 1.66 30.50 9.23
C TYR G 554 1.57 31.93 9.69
N ILE G 555 0.98 32.15 10.88
CA ILE G 555 0.78 33.53 11.32
C ILE G 555 2.11 34.20 11.61
N GLY G 556 3.08 33.48 12.15
CA GLY G 556 4.38 34.07 12.42
C GLY G 556 5.11 34.46 11.14
N VAL G 557 5.04 33.61 10.12
CA VAL G 557 5.67 33.92 8.85
C VAL G 557 5.01 35.14 8.23
N SER G 558 3.68 35.22 8.27
CA SER G 558 3.00 36.40 7.75
C SER G 558 3.43 37.65 8.50
N VAL G 559 3.51 37.56 9.83
CA VAL G 559 3.92 38.70 10.64
C VAL G 559 5.32 39.16 10.25
N VAL G 560 6.23 38.20 10.07
CA VAL G 560 7.62 38.55 9.79
C VAL G 560 7.74 39.16 8.40
N LEU G 561 7.01 38.63 7.43
CA LEU G 561 6.99 39.25 6.11
C LEU G 561 6.48 40.68 6.19
N PHE G 562 5.39 40.88 6.95
CA PHE G 562 4.86 42.22 7.15
C PHE G 562 5.94 43.15 7.69
N LEU G 563 6.55 42.77 8.81
CA LEU G 563 7.60 43.59 9.41
C LEU G 563 8.70 43.90 8.39
N VAL G 564 9.26 42.85 7.78
CA VAL G 564 10.39 43.00 6.88
C VAL G 564 10.05 44.00 5.78
N SER G 565 9.04 43.69 4.98
CA SER G 565 8.71 44.54 3.85
C SER G 565 8.01 45.82 4.27
N ARG G 566 7.80 46.05 5.57
CA ARG G 566 7.31 47.33 6.05
C ARG G 566 8.45 48.27 6.39
N PHE G 567 9.33 47.88 7.30
CA PHE G 567 10.43 48.75 7.70
C PHE G 567 11.62 48.67 6.74
N SER G 568 11.49 47.94 5.62
CA SER G 568 12.53 47.87 4.60
C SER G 568 11.89 47.86 3.23
N PRO G 569 11.16 48.93 2.87
CA PRO G 569 10.47 48.99 1.57
C PRO G 569 11.43 49.23 0.41
N SER G 616 13.15 41.43 -1.99
CA SER G 616 14.36 41.64 -1.21
C SER G 616 15.02 40.31 -0.89
N LEU G 617 15.98 40.33 0.05
CA LEU G 617 16.69 39.13 0.45
C LEU G 617 15.96 38.38 1.56
N SER G 618 15.63 39.08 2.65
CA SER G 618 14.87 38.46 3.72
C SER G 618 13.60 37.83 3.18
N GLY G 619 12.88 38.55 2.32
CA GLY G 619 11.70 37.99 1.70
C GLY G 619 11.99 36.73 0.92
N ARG G 620 13.09 36.73 0.16
CA ARG G 620 13.44 35.56 -0.63
C ARG G 620 13.70 34.35 0.26
N ILE G 621 14.43 34.55 1.36
CA ILE G 621 14.80 33.40 2.19
C ILE G 621 13.61 32.91 2.99
N VAL G 622 12.75 33.80 3.47
CA VAL G 622 11.55 33.35 4.15
C VAL G 622 10.64 32.61 3.17
N GLY G 623 10.59 33.09 1.92
CA GLY G 623 9.81 32.37 0.92
C GLY G 623 10.35 30.98 0.67
N GLY G 624 11.67 30.85 0.58
CA GLY G 624 12.25 29.54 0.37
C GLY G 624 12.00 28.59 1.53
N VAL G 625 12.17 29.08 2.75
CA VAL G 625 11.98 28.22 3.92
C VAL G 625 10.51 27.85 4.07
N TRP G 626 9.61 28.77 3.76
CA TRP G 626 8.18 28.45 3.79
C TRP G 626 7.83 27.44 2.71
N TRP G 627 8.45 27.57 1.54
CA TRP G 627 8.28 26.57 0.49
C TRP G 627 8.65 25.19 0.99
N PHE G 628 9.85 25.07 1.55
CA PHE G 628 10.29 23.79 2.13
C PHE G 628 9.30 23.28 3.16
N PHE G 629 8.91 24.15 4.08
CA PHE G 629 8.04 23.76 5.19
C PHE G 629 6.71 23.23 4.67
N THR G 630 6.01 24.01 3.85
CA THR G 630 4.71 23.59 3.34
C THR G 630 4.83 22.34 2.50
N LEU G 631 5.90 22.24 1.70
CA LEU G 631 6.16 21.00 0.95
C LEU G 631 6.12 19.80 1.89
N ILE G 632 7.00 19.81 2.88
CA ILE G 632 7.12 18.66 3.76
C ILE G 632 5.81 18.40 4.50
N ILE G 633 5.11 19.46 4.87
CA ILE G 633 3.90 19.30 5.67
C ILE G 633 2.80 18.64 4.86
N ILE G 634 2.49 19.20 3.69
CA ILE G 634 1.44 18.62 2.87
C ILE G 634 1.82 17.20 2.47
N SER G 635 3.11 16.96 2.20
CA SER G 635 3.51 15.63 1.80
C SER G 635 3.34 14.63 2.93
N SER G 636 3.70 15.02 4.15
CA SER G 636 3.53 14.14 5.29
C SER G 636 2.06 13.82 5.53
N TYR G 637 1.21 14.84 5.50
CA TYR G 637 -0.22 14.61 5.67
C TYR G 637 -0.74 13.66 4.61
N THR G 638 -0.43 13.93 3.35
CA THR G 638 -0.91 13.10 2.25
C THR G 638 -0.44 11.66 2.41
N ALA G 639 0.83 11.47 2.79
CA ALA G 639 1.38 10.13 2.86
C ALA G 639 0.75 9.34 4.00
N ASN G 640 0.59 9.97 5.16
CA ASN G 640 -0.03 9.25 6.28
C ASN G 640 -1.49 8.93 5.98
N LEU G 641 -2.19 9.86 5.32
CA LEU G 641 -3.57 9.58 4.94
C LEU G 641 -3.64 8.44 3.94
N ALA G 642 -2.71 8.40 2.98
CA ALA G 642 -2.68 7.30 2.03
C ALA G 642 -2.40 5.98 2.73
N ALA G 643 -1.52 5.99 3.72
CA ALA G 643 -1.27 4.79 4.50
C ALA G 643 -2.54 4.31 5.19
N PHE G 644 -3.23 5.23 5.86
CA PHE G 644 -4.49 4.89 6.52
C PHE G 644 -5.45 4.25 5.53
N LEU G 645 -5.69 4.93 4.40
CA LEU G 645 -6.67 4.44 3.44
C LEU G 645 -6.27 3.08 2.89
N THR G 646 -5.01 2.92 2.49
CA THR G 646 -4.56 1.67 1.91
C THR G 646 -4.71 0.53 2.91
N VAL G 647 -4.22 0.72 4.14
CA VAL G 647 -4.34 -0.31 5.15
C VAL G 647 -5.80 -0.68 5.35
N GLU G 648 -6.67 0.33 5.48
CA GLU G 648 -8.09 0.05 5.65
C GLU G 648 -8.68 -0.66 4.44
N ARG G 649 -8.03 -0.55 3.28
CA ARG G 649 -8.58 -1.10 2.05
C ARG G 649 -8.24 -2.57 1.86
N MET G 650 -7.00 -2.96 2.13
CA MET G 650 -6.56 -4.33 1.89
C MET G 650 -6.76 -5.18 3.15
N VAL G 651 -8.01 -5.22 3.59
CA VAL G 651 -8.42 -6.09 4.70
C VAL G 651 -9.70 -6.81 4.32
N SER G 652 -9.56 -8.00 3.75
CA SER G 652 -10.71 -8.83 3.40
C SER G 652 -11.26 -9.49 4.66
N PRO G 653 -12.52 -9.26 5.06
CA PRO G 653 -12.95 -9.74 6.37
C PRO G 653 -12.80 -11.25 6.53
N ILE G 654 -13.50 -12.01 5.69
CA ILE G 654 -13.38 -13.46 5.65
C ILE G 654 -14.03 -13.95 4.37
N GLU G 655 -13.56 -15.09 3.88
CA GLU G 655 -14.21 -15.76 2.77
C GLU G 655 -14.28 -17.27 2.96
N SER G 656 -13.73 -17.80 4.05
CA SER G 656 -13.69 -19.24 4.26
C SER G 656 -13.07 -19.57 5.61
N ALA G 657 -13.05 -20.85 5.98
CA ALA G 657 -12.47 -21.24 7.25
C ALA G 657 -10.98 -20.94 7.30
N GLU G 658 -10.26 -21.21 6.21
CA GLU G 658 -8.83 -20.98 6.19
C GLU G 658 -8.49 -19.54 6.56
N ASP G 659 -9.33 -18.59 6.13
CA ASP G 659 -9.13 -17.20 6.51
C ASP G 659 -9.06 -17.05 8.03
N LEU G 660 -9.72 -17.95 8.75
CA LEU G 660 -9.65 -17.96 10.21
C LEU G 660 -8.50 -18.82 10.72
N SER G 661 -8.27 -19.96 10.07
CA SER G 661 -7.17 -20.84 10.50
C SER G 661 -5.85 -20.10 10.49
N LYS G 662 -5.65 -19.21 9.51
CA LYS G 662 -4.38 -18.49 9.39
C LYS G 662 -4.30 -17.39 10.44
N GLN G 663 -5.25 -16.47 10.44
CA GLN G 663 -5.20 -15.34 11.34
C GLN G 663 -5.51 -15.78 12.77
N THR G 664 -5.37 -14.83 13.71
CA THR G 664 -5.64 -15.07 15.11
C THR G 664 -6.46 -13.97 15.78
N GLU G 665 -6.54 -12.78 15.20
CA GLU G 665 -7.26 -11.69 15.85
C GLU G 665 -8.72 -12.08 16.11
N ILE G 666 -9.37 -12.68 15.12
CA ILE G 666 -10.76 -13.10 15.26
C ILE G 666 -10.77 -14.52 15.81
N ALA G 667 -11.33 -14.70 16.99
CA ALA G 667 -11.45 -16.02 17.60
C ALA G 667 -12.74 -16.68 17.15
N TYR G 668 -12.64 -17.98 16.84
CA TYR G 668 -13.78 -18.76 16.40
C TYR G 668 -14.10 -19.81 17.46
N GLY G 669 -15.38 -19.89 17.85
CA GLY G 669 -15.80 -20.83 18.86
C GLY G 669 -17.02 -21.61 18.39
N THR G 670 -17.34 -22.64 19.17
CA THR G 670 -18.46 -23.52 18.87
C THR G 670 -19.22 -23.78 20.16
N LEU G 671 -20.14 -24.74 20.11
CA LEU G 671 -20.85 -25.16 21.31
C LEU G 671 -19.91 -25.96 22.21
N ASP G 672 -20.33 -26.12 23.47
CA ASP G 672 -19.52 -26.86 24.45
C ASP G 672 -19.14 -28.23 23.90
N SER G 673 -20.14 -29.04 23.56
CA SER G 673 -19.89 -30.37 23.03
C SER G 673 -21.07 -30.77 22.14
N GLY G 674 -20.78 -31.20 20.93
CA GLY G 674 -21.83 -31.60 20.02
C GLY G 674 -21.26 -32.18 18.75
N SER G 675 -22.10 -32.22 17.72
CA SER G 675 -21.67 -32.78 16.44
C SER G 675 -20.55 -31.97 15.83
N THR G 676 -20.50 -30.67 16.11
CA THR G 676 -19.46 -29.82 15.53
C THR G 676 -18.09 -30.16 16.08
N LYS G 677 -17.93 -30.11 17.41
CA LYS G 677 -16.65 -30.46 18.01
C LYS G 677 -16.29 -31.92 17.73
N GLU G 678 -17.29 -32.79 17.65
CA GLU G 678 -17.02 -34.19 17.34
C GLU G 678 -16.49 -34.34 15.92
N PHE G 679 -17.04 -33.56 14.97
CA PHE G 679 -16.52 -33.58 13.62
C PHE G 679 -15.11 -33.02 13.57
N PHE G 680 -14.84 -32.00 14.38
CA PHE G 680 -13.50 -31.40 14.39
C PHE G 680 -12.46 -32.38 14.93
N ARG G 681 -12.76 -33.01 16.07
CA ARG G 681 -11.83 -33.98 16.63
C ARG G 681 -11.56 -35.11 15.65
N ARG G 682 -12.62 -35.67 15.07
CA ARG G 682 -12.50 -36.78 14.14
C ARG G 682 -12.07 -36.35 12.74
N SER G 683 -11.60 -35.11 12.59
CA SER G 683 -11.22 -34.59 11.29
C SER G 683 -9.78 -34.95 10.96
N LYS G 684 -9.53 -35.25 9.69
CA LYS G 684 -8.19 -35.54 9.19
C LYS G 684 -7.69 -34.47 8.23
N ILE G 685 -8.29 -33.28 8.28
CA ILE G 685 -7.94 -32.19 7.39
C ILE G 685 -6.99 -31.24 8.12
N ALA G 686 -6.11 -30.60 7.37
CA ALA G 686 -5.11 -29.73 7.96
C ALA G 686 -5.76 -28.47 8.54
N VAL G 687 -6.67 -27.86 7.79
CA VAL G 687 -7.30 -26.62 8.24
C VAL G 687 -8.13 -26.89 9.50
N PHE G 688 -9.00 -27.91 9.44
CA PHE G 688 -9.83 -28.23 10.58
C PHE G 688 -9.01 -28.72 11.75
N ASP G 689 -7.93 -29.46 11.49
CA ASP G 689 -7.05 -29.88 12.57
C ASP G 689 -6.43 -28.68 13.27
N LYS G 690 -5.96 -27.71 12.49
CA LYS G 690 -5.38 -26.50 13.08
C LYS G 690 -6.42 -25.73 13.88
N MET G 691 -7.64 -25.65 13.36
CA MET G 691 -8.70 -24.93 14.08
C MET G 691 -9.04 -25.64 15.38
N TRP G 692 -9.04 -26.98 15.35
CA TRP G 692 -9.31 -27.74 16.58
C TRP G 692 -8.19 -27.55 17.59
N THR G 693 -6.94 -27.53 17.11
CA THR G 693 -5.82 -27.25 18.01
C THR G 693 -5.96 -25.87 18.63
N TYR G 694 -6.34 -24.88 17.82
CA TYR G 694 -6.52 -23.52 18.32
C TYR G 694 -7.60 -23.51 19.41
N MET G 695 -8.78 -24.05 19.10
CA MET G 695 -9.86 -24.05 20.08
C MET G 695 -9.46 -24.80 21.34
N ARG G 696 -8.69 -25.88 21.19
CA ARG G 696 -8.15 -26.56 22.36
C ARG G 696 -7.16 -25.66 23.10
N SER G 697 -6.55 -24.70 22.40
CA SER G 697 -5.63 -23.73 22.98
C SER G 697 -6.34 -22.41 23.25
N ALA G 698 -7.62 -22.47 23.61
CA ALA G 698 -8.41 -21.27 23.80
C ALA G 698 -8.06 -20.58 25.11
N GLU G 699 -7.91 -19.26 25.05
CA GLU G 699 -7.61 -18.45 26.23
C GLU G 699 -8.10 -17.04 25.96
N PRO G 700 -9.28 -16.67 26.49
CA PRO G 700 -10.20 -17.47 27.31
C PRO G 700 -10.92 -18.55 26.52
N SER G 701 -11.98 -19.10 27.09
CA SER G 701 -12.73 -20.16 26.43
C SER G 701 -13.51 -19.62 25.24
N VAL G 702 -13.31 -20.22 24.07
CA VAL G 702 -14.09 -19.86 22.91
C VAL G 702 -15.41 -20.62 22.86
N PHE G 703 -15.46 -21.80 23.47
CA PHE G 703 -16.66 -22.61 23.46
C PHE G 703 -17.76 -21.94 24.27
N VAL G 704 -18.98 -22.48 24.14
CA VAL G 704 -20.14 -22.04 24.92
C VAL G 704 -21.04 -23.25 25.14
N ARG G 705 -21.97 -23.10 26.08
CA ARG G 705 -22.91 -24.16 26.41
C ARG G 705 -24.27 -23.97 25.76
N THR G 706 -24.44 -22.93 24.94
CA THR G 706 -25.71 -22.68 24.29
C THR G 706 -25.49 -21.71 23.13
N THR G 707 -26.19 -21.97 22.03
CA THR G 707 -26.03 -21.14 20.83
C THR G 707 -26.36 -19.68 21.11
N ALA G 708 -27.37 -19.43 21.94
CA ALA G 708 -27.73 -18.06 22.28
C ALA G 708 -26.57 -17.33 22.93
N GLU G 709 -25.77 -18.04 23.73
CA GLU G 709 -24.60 -17.40 24.35
C GLU G 709 -23.61 -16.96 23.28
N GLY G 710 -23.31 -17.85 22.33
CA GLY G 710 -22.44 -17.47 21.23
C GLY G 710 -22.96 -16.28 20.45
N VAL G 711 -24.27 -16.28 20.16
CA VAL G 711 -24.87 -15.17 19.43
C VAL G 711 -24.71 -13.88 20.21
N ALA G 712 -25.05 -13.90 21.50
CA ALA G 712 -24.98 -12.70 22.31
C ALA G 712 -23.55 -12.16 22.38
N ARG G 713 -22.57 -13.06 22.54
CA ARG G 713 -21.20 -12.59 22.69
C ARG G 713 -20.60 -12.13 21.36
N VAL G 714 -21.03 -12.72 20.24
CA VAL G 714 -20.52 -12.24 18.95
C VAL G 714 -21.18 -10.92 18.60
N ARG G 715 -22.43 -10.70 19.03
CA ARG G 715 -23.04 -9.39 18.86
C ARG G 715 -22.38 -8.36 19.77
N LYS G 716 -21.96 -8.77 20.97
CA LYS G 716 -21.26 -7.85 21.86
C LYS G 716 -19.86 -7.57 21.34
N SER G 717 -19.13 -8.61 20.93
CA SER G 717 -17.82 -8.42 20.32
C SER G 717 -17.95 -7.52 19.10
N LYS G 718 -16.86 -6.82 18.78
CA LYS G 718 -16.90 -5.88 17.68
C LYS G 718 -16.81 -6.62 16.34
N GLY G 719 -15.65 -7.22 16.06
CA GLY G 719 -15.49 -8.02 14.86
C GLY G 719 -14.55 -9.19 15.06
N LYS G 720 -14.17 -9.45 16.31
CA LYS G 720 -13.09 -10.39 16.62
C LYS G 720 -13.61 -11.72 17.14
N TYR G 721 -14.88 -12.03 16.92
CA TYR G 721 -15.42 -13.33 17.29
C TYR G 721 -16.30 -13.88 16.17
N ALA G 722 -16.27 -15.20 16.01
CA ALA G 722 -17.08 -15.89 15.02
C ALA G 722 -17.65 -17.15 15.65
N TYR G 723 -18.83 -17.54 15.20
CA TYR G 723 -19.53 -18.70 15.73
C TYR G 723 -19.80 -19.69 14.60
N LEU G 724 -19.50 -20.96 14.85
CA LEU G 724 -19.72 -22.03 13.88
C LEU G 724 -20.97 -22.80 14.25
N LEU G 725 -21.82 -23.07 13.27
CA LEU G 725 -23.06 -23.80 13.53
C LEU G 725 -23.69 -24.24 12.22
N GLU G 726 -24.76 -25.01 12.32
CA GLU G 726 -25.51 -25.43 11.14
C GLU G 726 -25.93 -24.22 10.33
N SER G 727 -25.69 -24.28 9.02
CA SER G 727 -26.02 -23.14 8.16
C SER G 727 -27.48 -22.74 8.28
N THR G 728 -28.35 -23.70 8.60
CA THR G 728 -29.77 -23.41 8.65
C THR G 728 -30.08 -22.40 9.75
N MET G 729 -29.61 -22.69 10.97
CA MET G 729 -29.85 -21.76 12.07
C MET G 729 -29.17 -20.43 11.82
N ASN G 730 -27.99 -20.45 11.18
CA ASN G 730 -27.32 -19.21 10.85
C ASN G 730 -28.16 -18.34 9.94
N GLU G 731 -28.77 -18.95 8.92
CA GLU G 731 -29.63 -18.18 8.02
C GLU G 731 -30.86 -17.67 8.76
N TYR G 732 -31.50 -18.53 9.55
CA TYR G 732 -32.68 -18.10 10.30
C TYR G 732 -32.35 -16.91 11.18
N ILE G 733 -31.16 -16.91 11.78
CA ILE G 733 -30.74 -15.79 12.63
C ILE G 733 -30.51 -14.56 11.78
N GLU G 734 -29.74 -14.70 10.70
CA GLU G 734 -29.48 -13.57 9.82
C GLU G 734 -30.77 -12.92 9.35
N GLN G 735 -31.85 -13.70 9.27
CA GLN G 735 -33.17 -13.17 8.95
C GLN G 735 -34.00 -12.90 10.20
N ARG G 736 -33.34 -12.61 11.32
CA ARG G 736 -34.01 -12.26 12.55
C ARG G 736 -33.37 -11.00 13.12
N LYS G 737 -34.09 -10.37 14.05
CA LYS G 737 -33.58 -9.17 14.68
C LYS G 737 -32.42 -9.51 15.62
N PRO G 738 -31.50 -8.57 15.86
CA PRO G 738 -31.45 -7.22 15.28
C PRO G 738 -30.93 -7.18 13.85
N CYS G 739 -30.83 -8.35 13.20
CA CYS G 739 -30.33 -8.43 11.83
C CYS G 739 -28.92 -7.88 11.72
N ASP G 740 -28.09 -8.18 12.73
CA ASP G 740 -26.73 -7.68 12.79
C ASP G 740 -25.70 -8.76 12.47
N THR G 741 -26.14 -9.94 12.07
CA THR G 741 -25.24 -11.04 11.74
C THR G 741 -25.44 -11.44 10.28
N MET G 742 -24.48 -12.21 9.77
CA MET G 742 -24.52 -12.63 8.37
C MET G 742 -23.73 -13.92 8.21
N LYS G 743 -24.12 -14.70 7.21
CA LYS G 743 -23.41 -15.92 6.84
C LYS G 743 -22.65 -15.65 5.55
N VAL G 744 -21.37 -16.02 5.53
CA VAL G 744 -20.49 -15.66 4.42
C VAL G 744 -19.88 -16.91 3.81
N GLY G 745 -19.15 -17.68 4.60
CA GLY G 745 -18.40 -18.80 4.06
C GLY G 745 -19.31 -19.97 3.72
N GLY G 746 -19.02 -20.59 2.58
CA GLY G 746 -19.76 -21.77 2.19
C GLY G 746 -19.68 -22.86 3.24
N ASN G 747 -20.65 -23.77 3.19
CA ASN G 747 -20.71 -24.85 4.17
C ASN G 747 -19.42 -25.68 4.12
N LEU G 748 -18.86 -25.93 5.30
CA LEU G 748 -17.62 -26.70 5.36
C LEU G 748 -17.87 -28.17 5.07
N ASP G 749 -18.76 -28.79 5.82
CA ASP G 749 -19.11 -30.19 5.62
C ASP G 749 -20.38 -30.28 4.78
N SER G 750 -20.89 -31.50 4.63
CA SER G 750 -22.08 -31.76 3.83
C SER G 750 -22.90 -32.83 4.53
N LYS G 751 -24.12 -32.48 4.93
CA LYS G 751 -25.04 -33.42 5.54
C LYS G 751 -26.45 -33.01 5.16
N GLY G 752 -27.43 -33.74 5.70
CA GLY G 752 -28.81 -33.48 5.36
C GLY G 752 -29.76 -34.03 6.39
N TYR G 753 -30.87 -33.34 6.57
CA TYR G 753 -31.94 -33.82 7.43
C TYR G 753 -32.87 -34.73 6.65
N GLY G 754 -33.44 -35.71 7.34
CA GLY G 754 -34.29 -36.68 6.68
C GLY G 754 -35.39 -37.18 7.59
N ILE G 755 -36.46 -37.66 6.95
CA ILE G 755 -37.57 -38.25 7.67
C ILE G 755 -37.19 -39.65 8.12
N ALA G 756 -37.55 -40.00 9.35
CA ALA G 756 -37.25 -41.29 9.93
C ALA G 756 -38.51 -42.13 10.02
N THR G 757 -38.31 -43.42 10.23
CA THR G 757 -39.40 -44.38 10.34
C THR G 757 -38.83 -45.71 10.82
N PRO G 758 -39.64 -46.56 11.45
CA PRO G 758 -39.11 -47.83 11.94
C PRO G 758 -38.39 -48.62 10.85
N LYS G 759 -37.38 -49.39 11.26
CA LYS G 759 -36.60 -50.16 10.32
C LYS G 759 -37.46 -51.13 9.50
N GLY G 760 -38.63 -51.50 10.00
CA GLY G 760 -39.49 -52.43 9.31
C GLY G 760 -40.88 -51.88 9.06
N SER G 761 -40.98 -50.60 8.74
CA SER G 761 -42.25 -49.95 8.48
C SER G 761 -42.53 -49.91 6.98
N SER G 762 -43.81 -49.75 6.65
CA SER G 762 -44.25 -49.68 5.26
C SER G 762 -44.28 -48.25 4.72
N LEU G 763 -44.25 -47.25 5.60
CA LEU G 763 -44.33 -45.87 5.14
C LEU G 763 -43.09 -45.48 4.33
N GLY G 764 -41.93 -46.03 4.68
CA GLY G 764 -40.67 -45.67 4.06
C GLY G 764 -40.73 -45.41 2.57
N ASN G 765 -41.27 -46.36 1.82
CA ASN G 765 -41.32 -46.21 0.36
C ASN G 765 -42.10 -44.96 -0.03
N ALA G 766 -43.34 -44.84 0.45
CA ALA G 766 -44.18 -43.72 0.04
C ALA G 766 -43.59 -42.40 0.49
N VAL G 767 -43.01 -42.36 1.69
CA VAL G 767 -42.47 -41.11 2.20
C VAL G 767 -41.24 -40.69 1.42
N ASN G 768 -40.38 -41.64 1.07
CA ASN G 768 -39.22 -41.31 0.25
C ASN G 768 -39.66 -40.83 -1.13
N LEU G 769 -40.63 -41.51 -1.73
CA LEU G 769 -41.14 -41.07 -3.02
C LEU G 769 -41.69 -39.65 -2.93
N ALA G 770 -42.43 -39.35 -1.87
CA ALA G 770 -43.01 -38.02 -1.73
C ALA G 770 -41.94 -36.97 -1.51
N VAL G 771 -40.91 -37.29 -0.72
CA VAL G 771 -39.83 -36.35 -0.49
C VAL G 771 -39.14 -36.02 -1.81
N LEU G 772 -38.86 -37.04 -2.62
CA LEU G 772 -38.23 -36.80 -3.91
C LEU G 772 -39.14 -36.00 -4.83
N LYS G 773 -40.44 -36.33 -4.81
CA LYS G 773 -41.39 -35.61 -5.65
C LYS G 773 -41.41 -34.13 -5.29
N LEU G 774 -41.39 -33.82 -3.99
CA LEU G 774 -41.43 -32.43 -3.57
C LEU G 774 -40.11 -31.72 -3.87
N ASN G 775 -38.99 -32.40 -3.66
CA ASN G 775 -37.71 -31.81 -4.01
C ASN G 775 -37.63 -31.51 -5.50
N GLU G 776 -38.31 -32.31 -6.32
CA GLU G 776 -38.31 -32.06 -7.76
C GLU G 776 -39.31 -30.98 -8.15
N GLN G 777 -40.41 -30.86 -7.42
CA GLN G 777 -41.42 -29.86 -7.72
C GLN G 777 -41.08 -28.47 -7.17
N GLY G 778 -40.05 -28.38 -6.32
CA GLY G 778 -39.69 -27.10 -5.74
C GLY G 778 -40.53 -26.69 -4.56
N LEU G 779 -41.35 -27.59 -4.02
CA LEU G 779 -42.19 -27.23 -2.87
C LEU G 779 -41.34 -26.96 -1.64
N LEU G 780 -40.28 -27.75 -1.44
CA LEU G 780 -39.41 -27.53 -0.28
C LEU G 780 -38.68 -26.20 -0.40
N ASP G 781 -38.23 -25.84 -1.59
CA ASP G 781 -37.64 -24.53 -1.79
C ASP G 781 -38.65 -23.43 -1.48
N LYS G 782 -39.92 -23.65 -1.83
CA LYS G 782 -40.95 -22.68 -1.52
C LYS G 782 -41.12 -22.53 -0.02
N LEU G 783 -41.20 -23.64 0.71
CA LEU G 783 -41.36 -23.56 2.16
C LEU G 783 -40.15 -22.91 2.81
N LYS G 784 -38.95 -23.14 2.26
CA LYS G 784 -37.77 -22.47 2.79
C LYS G 784 -37.86 -20.97 2.58
N ASN G 785 -38.11 -20.55 1.33
CA ASN G 785 -38.24 -19.13 1.05
C ASN G 785 -39.35 -18.50 1.88
N LYS G 786 -40.34 -19.28 2.28
CA LYS G 786 -41.43 -18.76 3.10
C LYS G 786 -41.01 -18.58 4.55
N TRP G 787 -40.51 -19.64 5.18
CA TRP G 787 -40.22 -19.61 6.61
C TRP G 787 -38.88 -18.99 6.95
N TRP G 788 -38.06 -18.63 5.95
CA TRP G 788 -36.77 -18.00 6.21
C TRP G 788 -36.68 -16.57 5.69
N TYR G 789 -37.37 -16.25 4.59
CA TYR G 789 -37.27 -14.92 3.99
C TYR G 789 -38.60 -14.18 3.99
N ASP G 790 -39.68 -14.83 3.54
CA ASP G 790 -40.98 -14.18 3.59
C ASP G 790 -41.39 -13.88 5.03
N LYS G 791 -41.06 -14.78 5.95
CA LYS G 791 -41.28 -14.59 7.38
C LYS G 791 -40.09 -13.93 8.06
N GLY G 792 -39.28 -13.18 7.31
CA GLY G 792 -38.07 -12.64 7.87
C GLY G 792 -38.30 -11.32 8.60
N GLU G 793 -37.57 -11.13 9.69
CA GLU G 793 -37.61 -9.88 10.43
C GLU G 793 -36.89 -8.75 9.69
N CYS G 794 -36.32 -9.02 8.52
CA CYS G 794 -35.65 -8.00 7.73
C CYS G 794 -35.77 -8.36 6.26
N GLY G 795 -35.47 -7.38 5.41
CA GLY G 795 -35.61 -7.60 3.97
C GLY G 795 -34.54 -8.52 3.42
N SER G 796 -33.28 -8.21 3.68
CA SER G 796 -32.17 -9.02 3.20
C SER G 796 -30.87 -8.62 3.89
N THR G 805 -19.00 3.12 0.16
CA THR G 805 -18.28 2.15 -0.65
C THR G 805 -16.77 2.43 -0.58
N SER G 806 -16.14 2.61 -1.74
CA SER G 806 -14.70 2.84 -1.80
C SER G 806 -14.35 4.32 -1.78
N ALA G 807 -15.13 5.14 -2.46
CA ALA G 807 -14.85 6.57 -2.52
C ALA G 807 -15.00 7.21 -1.15
N LEU G 808 -14.70 8.49 -1.08
CA LEU G 808 -14.79 9.27 0.15
C LEU G 808 -16.09 10.06 0.17
N SER G 809 -16.84 9.94 1.25
CA SER G 809 -18.06 10.70 1.43
C SER G 809 -17.75 11.99 2.16
N LEU G 810 -18.64 12.97 1.98
CA LEU G 810 -18.42 14.29 2.58
C LEU G 810 -18.25 14.19 4.09
N SER G 811 -18.86 13.18 4.72
CA SER G 811 -18.78 13.04 6.16
C SER G 811 -17.33 13.05 6.66
N ASN G 812 -16.38 12.69 5.81
CA ASN G 812 -14.98 12.67 6.21
C ASN G 812 -14.31 14.03 6.10
N VAL G 813 -14.97 15.02 5.50
CA VAL G 813 -14.33 16.29 5.17
C VAL G 813 -15.18 17.46 5.63
N ALA G 814 -16.26 17.19 6.37
CA ALA G 814 -17.18 18.24 6.77
C ALA G 814 -16.46 19.38 7.48
N GLY G 815 -15.60 19.04 8.45
CA GLY G 815 -14.91 20.06 9.21
C GLY G 815 -14.15 21.05 8.34
N VAL G 816 -13.64 20.59 7.21
CA VAL G 816 -12.92 21.48 6.30
C VAL G 816 -13.84 22.61 5.85
N PHE G 817 -15.03 22.25 5.35
CA PHE G 817 -15.95 23.27 4.88
C PHE G 817 -16.49 24.10 6.03
N TYR G 818 -16.66 23.48 7.21
CA TYR G 818 -17.07 24.25 8.38
C TYR G 818 -16.08 25.38 8.66
N ILE G 819 -14.80 25.04 8.79
CA ILE G 819 -13.81 26.07 9.08
C ILE G 819 -13.69 27.05 7.93
N LEU G 820 -13.84 26.57 6.69
CA LEU G 820 -13.82 27.46 5.54
C LEU G 820 -14.88 28.54 5.67
N VAL G 821 -16.12 28.14 5.90
CA VAL G 821 -17.22 29.10 5.99
C VAL G 821 -17.03 30.00 7.20
N GLY G 822 -16.53 29.44 8.31
CA GLY G 822 -16.25 30.27 9.47
C GLY G 822 -15.27 31.38 9.14
N GLY G 823 -14.18 31.02 8.46
CA GLY G 823 -13.20 32.03 8.08
C GLY G 823 -13.77 33.04 7.10
N LEU G 824 -14.58 32.59 6.16
CA LEU G 824 -15.19 33.51 5.21
C LEU G 824 -16.07 34.52 5.93
N GLY G 825 -16.90 34.05 6.86
CA GLY G 825 -17.75 34.95 7.61
C GLY G 825 -16.96 35.91 8.47
N LEU G 826 -15.91 35.41 9.11
CA LEU G 826 -15.06 36.28 9.92
C LEU G 826 -14.41 37.36 9.05
N ALA G 827 -13.99 36.98 7.83
CA ALA G 827 -13.38 37.95 6.93
C ALA G 827 -14.40 39.00 6.49
N MET G 828 -15.63 38.57 6.20
CA MET G 828 -16.67 39.53 5.84
C MET G 828 -16.94 40.49 7.00
N LEU G 829 -17.00 39.97 8.21
CA LEU G 829 -17.22 40.82 9.38
C LEU G 829 -16.08 41.84 9.53
N VAL G 830 -14.85 41.37 9.40
CA VAL G 830 -13.70 42.26 9.53
C VAL G 830 -13.75 43.33 8.45
N ALA G 831 -14.07 42.94 7.22
CA ALA G 831 -14.13 43.91 6.13
C ALA G 831 -15.22 44.94 6.38
N LEU G 832 -16.37 44.51 6.90
CA LEU G 832 -17.46 45.44 7.17
C LEU G 832 -17.05 46.44 8.25
N ILE G 833 -16.50 45.95 9.36
CA ILE G 833 -16.13 46.85 10.45
C ILE G 833 -15.02 47.79 10.00
N GLU G 834 -14.12 47.31 9.15
CA GLU G 834 -13.05 48.16 8.65
C GLU G 834 -13.61 49.25 7.74
N PHE G 835 -14.50 48.86 6.82
CA PHE G 835 -15.15 49.83 5.95
C PHE G 835 -15.84 50.91 6.77
N CYS G 836 -16.56 50.52 7.81
CA CYS G 836 -17.25 51.50 8.66
C CYS G 836 -16.25 52.40 9.37
N TYR G 837 -15.36 51.81 10.16
CA TYR G 837 -14.39 52.58 10.92
C TYR G 837 -13.53 53.47 10.02
N LYS G 838 -13.44 53.16 8.73
CA LYS G 838 -12.67 53.97 7.81
C LYS G 838 -13.52 55.12 7.25
N SER G 839 -14.64 54.79 6.61
CA SER G 839 -15.47 55.82 6.01
C SER G 839 -15.97 56.81 7.04
N ARG G 840 -16.60 56.32 8.11
CA ARG G 840 -17.16 57.20 9.12
C ARG G 840 -16.08 58.10 9.73
N ALA G 841 -14.91 57.52 10.03
CA ALA G 841 -13.86 58.26 10.72
C ALA G 841 -13.03 59.13 9.80
N GLU G 842 -13.16 58.97 8.48
CA GLU G 842 -12.42 59.81 7.54
C GLU G 842 -13.28 60.92 6.94
N ALA G 843 -14.47 60.58 6.44
CA ALA G 843 -15.30 61.56 5.77
C ALA G 843 -15.78 62.64 6.73
N LYS G 844 -16.46 62.24 7.81
CA LYS G 844 -17.07 63.19 8.73
C LYS G 844 -16.15 63.52 9.90
N ARG G 845 -15.78 62.51 10.68
CA ARG G 845 -14.94 62.72 11.86
C ARG G 845 -13.55 62.12 11.66
N THR H 415 12.47 -54.97 32.05
CA THR H 415 12.28 -53.69 31.37
C THR H 415 13.59 -52.93 31.29
N VAL H 416 13.51 -51.62 31.02
CA VAL H 416 14.69 -50.78 30.89
C VAL H 416 14.51 -49.53 31.74
N VAL H 417 15.64 -49.00 32.23
CA VAL H 417 15.66 -47.78 33.01
C VAL H 417 16.03 -46.63 32.09
N VAL H 418 15.18 -45.61 32.05
CA VAL H 418 15.35 -44.47 31.15
C VAL H 418 15.59 -43.25 32.03
N THR H 419 16.85 -42.88 32.21
CA THR H 419 17.21 -41.70 32.97
C THR H 419 17.16 -40.46 32.09
N THR H 420 16.59 -39.39 32.62
CA THR H 420 16.42 -38.15 31.87
C THR H 420 16.55 -36.99 32.85
N ILE H 421 16.12 -35.80 32.40
CA ILE H 421 16.17 -34.60 33.22
C ILE H 421 15.09 -33.65 32.72
N LEU H 422 14.60 -32.81 33.62
CA LEU H 422 13.44 -31.95 33.34
C LEU H 422 13.91 -30.70 32.60
N GLU H 423 13.67 -30.67 31.30
CA GLU H 423 13.95 -29.49 30.49
C GLU H 423 12.99 -29.49 29.30
N SER H 424 12.37 -28.37 29.06
CA SER H 424 11.37 -28.29 28.02
C SER H 424 12.01 -27.92 26.69
N PRO H 425 11.38 -28.29 25.56
CA PRO H 425 10.17 -29.10 25.46
C PRO H 425 10.44 -30.60 25.40
N TYR H 426 11.54 -31.03 26.01
CA TYR H 426 11.94 -32.44 25.98
C TYR H 426 11.24 -33.23 27.08
N VAL H 427 11.38 -32.78 28.33
CA VAL H 427 10.81 -33.45 29.48
C VAL H 427 9.94 -32.43 30.20
N MET H 428 8.62 -32.67 30.22
CA MET H 428 7.67 -31.75 30.81
C MET H 428 6.61 -32.53 31.58
N MET H 429 6.16 -31.96 32.70
CA MET H 429 5.12 -32.55 33.51
C MET H 429 3.76 -32.06 33.03
N LYS H 430 2.86 -32.99 32.72
CA LYS H 430 1.51 -32.63 32.31
C LYS H 430 0.80 -31.91 33.44
N LYS H 431 -0.33 -31.28 33.10
CA LYS H 431 -1.09 -30.54 34.09
C LYS H 431 -1.56 -31.44 35.23
N ASN H 432 -1.76 -32.72 34.96
CA ASN H 432 -2.23 -33.69 35.95
C ASN H 432 -1.11 -34.60 36.42
N HIS H 433 0.10 -34.06 36.58
CA HIS H 433 1.23 -34.87 37.00
C HIS H 433 0.96 -35.52 38.35
N GLU H 434 0.44 -34.75 39.31
CA GLU H 434 0.14 -35.31 40.62
C GLU H 434 -1.03 -36.29 40.55
N MET H 435 -1.97 -36.07 39.64
CA MET H 435 -3.14 -36.94 39.48
C MET H 435 -2.88 -38.12 38.57
N LEU H 436 -1.60 -38.44 38.30
CA LEU H 436 -1.26 -39.56 37.46
C LEU H 436 0.06 -40.16 37.96
N GLU H 437 0.16 -41.49 37.90
CA GLU H 437 1.34 -42.23 38.34
C GLU H 437 1.73 -43.18 37.22
N GLY H 438 2.52 -42.69 36.29
CA GLY H 438 2.98 -43.51 35.18
C GLY H 438 3.69 -42.67 34.14
N ASN H 439 4.03 -43.32 33.03
CA ASN H 439 4.70 -42.64 31.94
C ASN H 439 3.86 -41.50 31.36
N GLU H 440 2.54 -41.57 31.50
CA GLU H 440 1.69 -40.49 31.03
C GLU H 440 1.98 -39.19 31.74
N ARG H 441 2.64 -39.24 32.90
CA ARG H 441 3.02 -38.02 33.61
C ARG H 441 3.80 -37.08 32.70
N TYR H 442 4.91 -37.58 32.16
CA TYR H 442 5.83 -36.75 31.40
C TYR H 442 5.36 -36.59 29.96
N GLU H 443 5.90 -35.56 29.31
CA GLU H 443 5.61 -35.30 27.90
C GLU H 443 6.71 -34.42 27.33
N GLY H 444 6.82 -34.43 26.01
CA GLY H 444 7.78 -33.59 25.32
C GLY H 444 8.37 -34.33 24.14
N TYR H 445 9.52 -33.82 23.69
CA TYR H 445 10.18 -34.38 22.51
C TYR H 445 10.77 -35.76 22.82
N CYS H 446 11.67 -35.82 23.80
CA CYS H 446 12.31 -37.08 24.13
C CYS H 446 11.31 -38.15 24.54
N VAL H 447 10.14 -37.75 25.02
CA VAL H 447 9.12 -38.73 25.39
C VAL H 447 8.67 -39.51 24.17
N ASP H 448 8.17 -38.80 23.16
CA ASP H 448 7.78 -39.45 21.91
C ASP H 448 8.97 -40.12 21.25
N LEU H 449 10.17 -39.58 21.47
CA LEU H 449 11.37 -40.22 20.92
C LEU H 449 11.55 -41.61 21.48
N ALA H 450 11.54 -41.74 22.81
CA ALA H 450 11.64 -43.05 23.44
C ALA H 450 10.46 -43.94 23.05
N ALA H 451 9.28 -43.35 22.89
CA ALA H 451 8.12 -44.13 22.46
C ALA H 451 8.39 -44.79 21.11
N GLU H 452 8.87 -44.01 20.15
CA GLU H 452 9.17 -44.57 18.83
C GLU H 452 10.35 -45.54 18.89
N ILE H 453 11.32 -45.28 19.75
CA ILE H 453 12.45 -46.20 19.90
C ILE H 453 11.96 -47.55 20.39
N ALA H 454 11.02 -47.55 21.34
CA ALA H 454 10.46 -48.81 21.83
C ALA H 454 9.60 -49.47 20.75
N LYS H 455 8.81 -48.68 20.03
CA LYS H 455 8.04 -49.25 18.93
C LYS H 455 8.92 -49.91 17.89
N HIS H 456 10.14 -49.39 17.71
CA HIS H 456 11.08 -50.01 16.78
C HIS H 456 11.71 -51.26 17.37
N CYS H 457 12.27 -51.16 18.58
CA CYS H 457 12.94 -52.28 19.21
C CYS H 457 12.00 -53.19 19.99
N GLY H 458 10.80 -52.72 20.31
CA GLY H 458 9.83 -53.52 21.03
C GLY H 458 10.32 -54.00 22.38
N PHE H 459 10.49 -53.07 23.32
CA PHE H 459 10.95 -53.41 24.66
C PHE H 459 10.07 -52.76 25.71
N LYS H 460 10.47 -52.86 26.98
CA LYS H 460 9.80 -52.20 28.09
C LYS H 460 10.72 -51.14 28.67
N TYR H 461 10.12 -50.12 29.29
CA TYR H 461 10.89 -49.01 29.80
C TYR H 461 10.06 -48.23 30.80
N LYS H 462 10.71 -47.73 31.85
CA LYS H 462 10.09 -46.88 32.85
C LYS H 462 10.83 -45.55 32.89
N LEU H 463 10.14 -44.48 32.52
CA LEU H 463 10.78 -43.17 32.38
C LEU H 463 11.08 -42.58 33.74
N THR H 464 12.24 -42.91 34.31
CA THR H 464 12.67 -42.37 35.58
C THR H 464 13.27 -40.98 35.35
N ILE H 465 13.91 -40.42 36.37
CA ILE H 465 14.52 -39.10 36.31
C ILE H 465 15.85 -39.14 37.04
N VAL H 466 16.75 -38.23 36.65
CA VAL H 466 18.05 -38.16 37.28
C VAL H 466 17.93 -37.60 38.68
N GLY H 467 18.91 -37.94 39.52
CA GLY H 467 18.92 -37.50 40.90
C GLY H 467 19.41 -36.08 41.08
N ASP H 468 20.65 -35.82 40.69
CA ASP H 468 21.25 -34.50 40.88
C ASP H 468 20.66 -33.44 39.96
N GLY H 469 19.72 -33.80 39.09
CA GLY H 469 19.15 -32.83 38.17
C GLY H 469 20.18 -32.20 37.27
N LYS H 470 21.18 -32.97 36.84
CA LYS H 470 22.23 -32.49 35.95
C LYS H 470 22.33 -33.42 34.75
N TYR H 471 23.07 -32.96 33.73
CA TYR H 471 23.25 -33.75 32.52
C TYR H 471 24.35 -34.78 32.71
N GLY H 472 25.57 -34.31 32.95
CA GLY H 472 26.69 -35.21 33.15
C GLY H 472 28.03 -34.50 33.13
N ALA H 473 28.89 -34.86 34.06
CA ALA H 473 30.25 -34.31 34.13
C ALA H 473 31.02 -35.11 35.17
N ARG H 474 32.28 -34.75 35.37
CA ARG H 474 33.15 -35.42 36.32
C ARG H 474 33.76 -34.41 37.27
N ASP H 475 34.28 -34.91 38.39
CA ASP H 475 34.94 -34.09 39.39
C ASP H 475 36.45 -34.20 39.20
N ALA H 476 37.11 -33.05 39.12
CA ALA H 476 38.56 -33.03 38.90
C ALA H 476 39.35 -33.54 40.10
N ASP H 477 38.69 -33.78 41.24
CA ASP H 477 39.36 -34.31 42.41
C ASP H 477 39.16 -35.80 42.60
N THR H 478 38.06 -36.36 42.09
CA THR H 478 37.78 -37.78 42.23
C THR H 478 37.23 -38.40 40.95
N LYS H 479 37.26 -37.67 39.83
CA LYS H 479 36.78 -38.14 38.53
C LYS H 479 35.45 -38.88 38.65
N ILE H 480 34.65 -38.54 39.66
CA ILE H 480 33.35 -39.19 39.84
C ILE H 480 32.35 -38.56 38.88
N TRP H 481 31.57 -39.39 38.21
CA TRP H 481 30.62 -38.93 37.21
C TRP H 481 29.32 -38.56 37.90
N ASN H 482 28.99 -37.27 37.89
CA ASN H 482 27.72 -36.77 38.40
C ASN H 482 26.80 -36.44 37.24
N GLY H 483 25.58 -36.93 37.31
CA GLY H 483 24.59 -36.77 36.26
C GLY H 483 24.22 -38.11 35.65
N MET H 484 23.46 -38.03 34.55
CA MET H 484 23.08 -39.24 33.83
C MET H 484 24.31 -40.05 33.43
N VAL H 485 25.43 -39.37 33.18
CA VAL H 485 26.68 -40.07 32.88
C VAL H 485 27.05 -40.99 34.03
N GLY H 486 26.97 -40.48 35.26
CA GLY H 486 27.25 -41.31 36.41
C GLY H 486 26.31 -42.49 36.52
N GLU H 487 25.04 -42.29 36.13
CA GLU H 487 24.07 -43.37 36.19
C GLU H 487 24.41 -44.47 35.20
N LEU H 488 24.71 -44.09 33.96
CA LEU H 488 25.01 -45.10 32.94
C LEU H 488 26.36 -45.76 33.20
N VAL H 489 27.31 -45.03 33.79
CA VAL H 489 28.63 -45.59 34.04
C VAL H 489 28.60 -46.51 35.25
N TYR H 490 27.89 -46.11 36.30
CA TYR H 490 27.84 -46.86 37.55
C TYR H 490 26.63 -47.77 37.64
N GLY H 491 26.02 -48.12 36.51
CA GLY H 491 24.93 -49.06 36.49
C GLY H 491 23.61 -48.53 37.02
N LYS H 492 23.58 -47.31 37.54
CA LYS H 492 22.34 -46.77 38.07
C LYS H 492 21.25 -46.64 37.01
N ALA H 493 21.62 -46.67 35.73
CA ALA H 493 20.66 -46.54 34.65
C ALA H 493 21.09 -47.44 33.50
N ASP H 494 20.16 -47.67 32.56
CA ASP H 494 20.41 -48.50 31.40
C ASP H 494 20.47 -47.70 30.10
N ILE H 495 19.83 -46.53 30.04
CA ILE H 495 19.82 -45.73 28.82
C ILE H 495 19.39 -44.32 29.22
N ALA H 496 19.89 -43.33 28.49
CA ALA H 496 19.64 -41.92 28.78
C ALA H 496 19.14 -41.23 27.52
N ILE H 497 17.83 -41.18 27.36
CA ILE H 497 17.20 -40.46 26.23
C ILE H 497 16.96 -39.05 26.72
N ALA H 498 17.99 -38.22 26.60
CA ALA H 498 17.94 -36.84 27.05
C ALA H 498 18.72 -35.96 26.09
N PRO H 499 18.53 -34.63 26.15
CA PRO H 499 19.33 -33.75 25.29
C PRO H 499 20.79 -33.69 25.75
N LEU H 500 21.46 -34.84 25.68
CA LEU H 500 22.81 -34.97 26.17
C LEU H 500 23.79 -34.61 25.06
N THR H 501 24.66 -33.64 25.34
CA THR H 501 25.63 -33.20 24.34
C THR H 501 26.73 -34.26 24.18
N ILE H 502 27.13 -34.49 22.93
CA ILE H 502 28.16 -35.46 22.62
C ILE H 502 29.52 -34.78 22.68
N THR H 503 30.42 -35.35 23.47
CA THR H 503 31.75 -34.77 23.67
C THR H 503 32.79 -35.88 23.63
N LEU H 504 34.06 -35.47 23.66
CA LEU H 504 35.15 -36.44 23.64
C LEU H 504 35.22 -37.21 24.96
N VAL H 505 35.22 -36.49 26.08
CA VAL H 505 35.36 -37.14 27.38
C VAL H 505 34.27 -38.18 27.59
N ARG H 506 33.03 -37.85 27.21
CA ARG H 506 31.92 -38.76 27.46
C ARG H 506 32.00 -39.99 26.57
N GLU H 507 32.47 -39.84 25.34
CA GLU H 507 32.57 -40.98 24.44
C GLU H 507 33.72 -41.90 24.80
N GLU H 508 34.74 -41.39 25.49
CA GLU H 508 35.84 -42.23 25.93
C GLU H 508 35.38 -43.28 26.93
N VAL H 509 34.23 -43.07 27.57
CA VAL H 509 33.75 -43.96 28.62
C VAL H 509 32.49 -44.72 28.21
N ILE H 510 31.60 -44.13 27.43
CA ILE H 510 30.34 -44.73 27.06
C ILE H 510 30.21 -44.70 25.54
N ASP H 511 29.07 -45.18 25.05
CA ASP H 511 28.81 -45.32 23.62
C ASP H 511 27.65 -44.41 23.25
N PHE H 512 27.94 -43.37 22.47
CA PHE H 512 26.91 -42.47 21.98
C PHE H 512 26.32 -42.99 20.68
N SER H 513 25.15 -42.48 20.34
CA SER H 513 24.50 -42.76 19.07
C SER H 513 24.70 -41.58 18.13
N LYS H 514 24.32 -41.78 16.87
CA LYS H 514 24.43 -40.70 15.90
C LYS H 514 23.48 -39.57 16.30
N PRO H 515 23.90 -38.32 16.14
CA PRO H 515 23.05 -37.20 16.59
C PRO H 515 21.67 -37.26 15.96
N PHE H 516 20.65 -37.17 16.82
CA PHE H 516 19.26 -37.05 16.38
C PHE H 516 18.80 -35.60 16.31
N MET H 517 19.57 -34.68 16.87
CA MET H 517 19.22 -33.26 16.87
C MET H 517 20.51 -32.46 16.81
N SER H 518 20.80 -31.88 15.65
CA SER H 518 21.98 -31.05 15.48
C SER H 518 21.65 -29.60 15.76
N LEU H 519 22.60 -28.88 16.35
CA LEU H 519 22.37 -27.52 16.79
C LEU H 519 23.71 -26.82 16.91
N GLY H 520 23.70 -25.64 17.53
CA GLY H 520 24.91 -24.88 17.74
C GLY H 520 24.57 -23.58 18.42
N ILE H 521 25.62 -22.87 18.84
CA ILE H 521 25.43 -21.60 19.51
C ILE H 521 24.71 -20.63 18.57
N SER H 522 23.90 -19.76 19.15
CA SER H 522 23.10 -18.82 18.37
C SER H 522 22.82 -17.60 19.21
N ILE H 523 22.37 -16.54 18.54
CA ILE H 523 22.21 -15.22 19.12
C ILE H 523 20.73 -14.91 19.27
N MET H 524 20.33 -14.58 20.49
CA MET H 524 18.97 -14.15 20.80
C MET H 524 18.98 -12.66 21.12
N ILE H 525 18.01 -11.95 20.58
CA ILE H 525 17.83 -10.52 20.84
C ILE H 525 16.33 -10.23 20.94
N LYS H 526 16.00 -8.96 21.20
CA LYS H 526 14.62 -8.51 21.14
C LYS H 526 14.33 -8.02 19.74
N LYS H 527 13.25 -8.53 19.15
CA LYS H 527 12.92 -8.15 17.79
C LYS H 527 12.83 -6.63 17.67
N PRO H 528 13.22 -6.07 16.53
CA PRO H 528 13.31 -4.60 16.43
C PRO H 528 12.00 -3.91 16.76
N GLN H 529 11.99 -3.15 17.84
CA GLN H 529 10.86 -2.31 18.16
C GLN H 529 10.93 -1.03 17.34
N LYS H 530 9.80 -0.32 17.27
CA LYS H 530 9.73 0.89 16.46
C LYS H 530 10.84 1.85 16.86
N SER H 531 11.77 2.09 15.94
CA SER H 531 12.88 2.99 16.23
C SER H 531 12.36 4.36 16.64
N LYS H 532 13.14 5.05 17.45
CA LYS H 532 12.80 6.41 17.81
C LYS H 532 12.71 7.25 16.53
N PRO H 533 11.72 8.15 16.43
CA PRO H 533 11.53 8.86 15.15
C PRO H 533 12.80 9.47 14.59
N GLY H 534 13.59 10.14 15.43
CA GLY H 534 14.76 10.84 14.93
C GLY H 534 14.43 12.25 14.54
N VAL H 535 15.29 13.20 14.91
CA VAL H 535 15.00 14.61 14.67
C VAL H 535 14.85 14.87 13.17
N PHE H 536 15.91 14.64 12.42
CA PHE H 536 15.91 14.85 10.97
C PHE H 536 15.65 13.54 10.24
N SER H 537 14.47 12.99 10.49
CA SER H 537 14.06 11.74 9.87
C SER H 537 13.22 11.95 8.62
N PHE H 538 12.53 13.10 8.53
CA PHE H 538 11.72 13.38 7.35
C PHE H 538 12.54 13.45 6.07
N LEU H 539 13.87 13.47 6.18
CA LEU H 539 14.73 13.44 5.01
C LEU H 539 15.10 12.03 4.59
N ASP H 540 14.77 11.03 5.39
CA ASP H 540 15.10 9.65 5.04
C ASP H 540 14.51 9.23 3.71
N PRO H 541 13.29 9.60 3.33
CA PRO H 541 12.73 9.15 2.06
C PRO H 541 13.60 9.47 0.86
N LEU H 542 14.37 10.55 0.92
CA LEU H 542 15.21 10.98 -0.18
C LEU H 542 16.67 10.98 0.24
N ALA H 543 17.54 10.90 -0.75
CA ALA H 543 18.97 10.89 -0.49
C ALA H 543 19.48 12.28 -0.17
N TYR H 544 20.49 12.33 0.69
CA TYR H 544 21.09 13.59 1.10
C TYR H 544 21.49 14.44 -0.09
N GLU H 545 22.21 13.84 -1.04
CA GLU H 545 22.62 14.56 -2.24
C GLU H 545 21.43 15.19 -2.95
N ILE H 546 20.29 14.51 -2.95
CA ILE H 546 19.10 15.06 -3.60
C ILE H 546 18.65 16.33 -2.88
N TRP H 547 18.71 16.33 -1.54
CA TRP H 547 18.31 17.51 -0.80
C TRP H 547 19.23 18.69 -1.11
N MET H 548 20.53 18.46 -1.13
CA MET H 548 21.44 19.55 -1.45
C MET H 548 21.23 20.04 -2.88
N CYS H 549 21.01 19.12 -3.81
CA CYS H 549 20.74 19.50 -5.19
C CYS H 549 19.48 20.35 -5.29
N ILE H 550 18.45 19.99 -4.53
CA ILE H 550 17.21 20.75 -4.52
C ILE H 550 17.47 22.17 -4.02
N VAL H 551 18.19 22.29 -2.91
CA VAL H 551 18.47 23.61 -2.35
C VAL H 551 19.19 24.47 -3.38
N PHE H 552 20.25 23.92 -3.97
CA PHE H 552 21.04 24.73 -4.89
C PHE H 552 20.27 25.03 -6.17
N ALA H 553 19.38 24.14 -6.60
CA ALA H 553 18.54 24.43 -7.74
C ALA H 553 17.60 25.58 -7.44
N TYR H 554 17.01 25.59 -6.24
CA TYR H 554 16.13 26.69 -5.86
C TYR H 554 16.88 28.01 -5.89
N ILE H 555 18.06 28.06 -5.26
CA ILE H 555 18.77 29.33 -5.20
C ILE H 555 19.25 29.76 -6.57
N GLY H 556 19.68 28.80 -7.40
CA GLY H 556 20.09 29.15 -8.75
C GLY H 556 18.95 29.69 -9.59
N VAL H 557 17.77 29.09 -9.46
CA VAL H 557 16.61 29.59 -10.17
C VAL H 557 16.27 31.00 -9.70
N SER H 558 16.33 31.24 -8.39
CA SER H 558 16.09 32.59 -7.89
C SER H 558 17.10 33.57 -8.48
N VAL H 559 18.37 33.16 -8.57
CA VAL H 559 19.39 34.02 -9.14
C VAL H 559 19.06 34.35 -10.59
N VAL H 560 18.60 33.35 -11.35
CA VAL H 560 18.28 33.60 -12.76
C VAL H 560 17.09 34.54 -12.87
N LEU H 561 16.05 34.32 -12.07
CA LEU H 561 14.93 35.23 -12.07
C LEU H 561 15.38 36.66 -11.77
N PHE H 562 16.34 36.81 -10.85
CA PHE H 562 16.88 38.12 -10.55
C PHE H 562 17.62 38.69 -11.75
N LEU H 563 18.36 37.84 -12.46
CA LEU H 563 19.16 38.29 -13.59
C LEU H 563 18.32 38.64 -14.82
N VAL H 564 17.09 38.15 -14.90
CA VAL H 564 16.22 38.47 -16.03
C VAL H 564 15.34 39.68 -15.72
N SER H 565 15.71 40.47 -14.71
CA SER H 565 14.99 41.68 -14.35
C SER H 565 15.86 42.93 -14.44
N ARG H 566 17.14 42.83 -14.10
CA ARG H 566 18.07 43.95 -14.21
C ARG H 566 18.96 43.84 -15.44
N PHE H 567 19.35 42.64 -15.83
CA PHE H 567 20.05 42.41 -17.08
C PHE H 567 19.13 42.42 -18.29
N SER H 568 17.85 42.73 -18.09
CA SER H 568 16.86 42.77 -19.16
C SER H 568 15.59 43.39 -18.60
N PRO H 569 14.75 43.98 -19.47
CA PRO H 569 13.50 44.60 -18.99
C PRO H 569 12.50 43.59 -18.46
N SER H 616 7.53 38.24 -20.73
CA SER H 616 8.98 38.40 -20.72
C SER H 616 9.64 37.36 -21.62
N LEU H 617 9.01 36.20 -21.74
CA LEU H 617 9.46 35.12 -22.61
C LEU H 617 10.69 34.41 -22.06
N SER H 618 11.25 34.91 -20.96
CA SER H 618 12.32 34.23 -20.24
C SER H 618 11.85 33.73 -18.89
N GLY H 619 11.17 34.57 -18.11
CA GLY H 619 10.56 34.11 -16.89
C GLY H 619 9.44 33.12 -17.11
N ARG H 620 8.88 33.07 -18.32
CA ARG H 620 7.78 32.17 -18.60
C ARG H 620 8.26 30.72 -18.64
N ILE H 621 9.24 30.43 -19.49
CA ILE H 621 9.75 29.07 -19.59
C ILE H 621 10.42 28.67 -18.29
N VAL H 622 11.05 29.63 -17.60
CA VAL H 622 11.68 29.33 -16.32
C VAL H 622 10.62 28.93 -15.30
N GLY H 623 9.53 29.70 -15.23
CA GLY H 623 8.45 29.33 -14.33
C GLY H 623 7.86 27.98 -14.67
N GLY H 624 7.73 27.68 -15.96
CA GLY H 624 7.16 26.41 -16.37
C GLY H 624 8.03 25.24 -15.97
N VAL H 625 9.33 25.35 -16.23
CA VAL H 625 10.24 24.26 -15.90
C VAL H 625 10.36 24.11 -14.39
N TRP H 626 10.32 25.22 -13.66
CA TRP H 626 10.34 25.15 -12.19
C TRP H 626 9.07 24.49 -11.68
N TRP H 627 7.93 24.76 -12.33
CA TRP H 627 6.68 24.11 -11.98
C TRP H 627 6.81 22.60 -12.16
N PHE H 628 7.29 22.18 -13.33
CA PHE H 628 7.53 20.76 -13.58
C PHE H 628 8.43 20.15 -12.51
N PHE H 629 9.54 20.82 -12.22
CA PHE H 629 10.51 20.30 -11.27
C PHE H 629 9.90 20.12 -9.88
N THR H 630 9.32 21.19 -9.33
CA THR H 630 8.74 21.12 -8.00
C THR H 630 7.61 20.11 -7.95
N LEU H 631 6.82 20.02 -9.03
CA LEU H 631 5.78 19.00 -9.12
C LEU H 631 6.36 17.61 -8.89
N ILE H 632 7.35 17.26 -9.71
CA ILE H 632 7.91 15.91 -9.62
C ILE H 632 8.55 15.68 -8.27
N ILE H 633 9.16 16.71 -7.69
CA ILE H 633 9.84 16.54 -6.41
C ILE H 633 8.81 16.27 -5.30
N ILE H 634 7.76 17.09 -5.24
CA ILE H 634 6.69 16.86 -4.27
C ILE H 634 6.16 15.44 -4.42
N SER H 635 5.91 15.03 -5.67
CA SER H 635 5.32 13.73 -5.89
C SER H 635 6.24 12.61 -5.41
N SER H 636 7.52 12.71 -5.73
CA SER H 636 8.47 11.68 -5.32
C SER H 636 8.55 11.58 -3.81
N TYR H 637 8.66 12.73 -3.13
CA TYR H 637 8.75 12.71 -1.68
C TYR H 637 7.50 12.09 -1.07
N THR H 638 6.33 12.53 -1.52
CA THR H 638 5.08 12.00 -0.98
C THR H 638 5.00 10.50 -1.19
N ALA H 639 5.31 10.04 -2.40
CA ALA H 639 5.18 8.62 -2.72
C ALA H 639 6.11 7.79 -1.85
N ASN H 640 7.37 8.20 -1.74
CA ASN H 640 8.32 7.41 -0.98
C ASN H 640 7.96 7.42 0.50
N LEU H 641 7.50 8.56 1.03
CA LEU H 641 7.10 8.60 2.43
C LEU H 641 5.89 7.72 2.68
N ALA H 642 4.95 7.69 1.74
CA ALA H 642 3.79 6.82 1.89
C ALA H 642 4.20 5.36 1.88
N ALA H 643 5.11 4.99 0.97
CA ALA H 643 5.63 3.64 0.97
C ALA H 643 6.30 3.30 2.29
N PHE H 644 7.04 4.25 2.86
CA PHE H 644 7.69 4.01 4.15
C PHE H 644 6.66 3.78 5.24
N LEU H 645 5.62 4.60 5.28
CA LEU H 645 4.66 4.55 6.38
C LEU H 645 3.64 3.42 6.22
N THR H 646 3.47 2.88 5.03
CA THR H 646 2.45 1.86 4.81
C THR H 646 2.91 0.49 5.31
N VAL H 647 4.03 0.01 4.80
CA VAL H 647 4.45 -1.36 5.08
C VAL H 647 5.20 -1.44 6.40
N GLU H 648 6.09 -0.49 6.67
CA GLU H 648 6.87 -0.45 7.90
C GLU H 648 7.73 -1.71 8.04
N ARG H 649 8.65 -1.87 7.10
CA ARG H 649 9.61 -2.97 7.17
C ARG H 649 10.63 -2.70 8.26
N MET H 650 10.83 -3.69 9.14
CA MET H 650 11.76 -3.60 10.25
C MET H 650 12.94 -4.52 10.01
N VAL H 651 14.14 -4.01 10.29
CA VAL H 651 15.37 -4.78 10.13
C VAL H 651 16.37 -4.31 11.16
N SER H 652 17.25 -5.23 11.56
CA SER H 652 18.35 -4.91 12.47
C SER H 652 19.67 -5.06 11.74
N PRO H 653 20.72 -4.33 12.16
CA PRO H 653 22.03 -4.48 11.51
C PRO H 653 22.80 -5.71 11.94
N ILE H 654 22.18 -6.60 12.71
CA ILE H 654 22.87 -7.77 13.25
C ILE H 654 22.33 -9.02 12.58
N GLU H 655 22.99 -9.45 11.51
CA GLU H 655 22.67 -10.71 10.84
C GLU H 655 23.73 -11.78 11.08
N SER H 656 24.63 -11.56 12.04
CA SER H 656 25.71 -12.48 12.31
C SER H 656 26.46 -11.99 13.55
N ALA H 657 27.41 -12.80 14.00
CA ALA H 657 28.24 -12.41 15.13
C ALA H 657 29.35 -11.46 14.72
N GLU H 658 29.78 -11.53 13.46
CA GLU H 658 30.77 -10.58 12.98
C GLU H 658 30.32 -9.14 13.20
N ASP H 659 29.04 -8.87 12.97
CA ASP H 659 28.52 -7.52 13.18
C ASP H 659 28.68 -7.10 14.64
N LEU H 660 28.36 -8.00 15.58
CA LEU H 660 28.56 -7.69 16.99
C LEU H 660 30.03 -7.43 17.28
N SER H 661 30.92 -8.24 16.70
CA SER H 661 32.34 -8.05 16.94
C SER H 661 32.83 -6.71 16.40
N LYS H 662 32.22 -6.22 15.31
CA LYS H 662 32.64 -4.99 14.69
C LYS H 662 32.15 -3.75 15.43
N GLN H 663 31.19 -3.88 16.33
CA GLN H 663 30.59 -2.74 17.01
C GLN H 663 30.63 -2.95 18.51
N THR H 664 30.28 -1.90 19.24
CA THR H 664 30.17 -1.96 20.69
C THR H 664 28.94 -1.22 21.21
N GLU H 665 28.06 -0.74 20.34
CA GLU H 665 26.86 -0.03 20.79
C GLU H 665 26.02 -0.91 21.70
N ILE H 666 25.96 -2.21 21.40
CA ILE H 666 25.22 -3.17 22.21
C ILE H 666 26.20 -4.19 22.76
N ALA H 667 25.83 -4.77 23.89
CA ALA H 667 26.67 -5.74 24.59
C ALA H 667 26.12 -7.14 24.42
N TYR H 668 26.96 -8.12 24.74
CA TYR H 668 26.59 -9.53 24.63
C TYR H 668 27.33 -10.31 25.69
N GLY H 669 26.67 -11.34 26.21
CA GLY H 669 27.25 -12.15 27.27
C GLY H 669 26.75 -13.57 27.20
N THR H 670 27.23 -14.38 28.15
CA THR H 670 26.91 -15.79 28.21
C THR H 670 26.65 -16.19 29.66
N LEU H 671 26.17 -17.42 29.84
CA LEU H 671 26.01 -17.97 31.17
C LEU H 671 27.32 -17.86 31.95
N ASP H 672 27.20 -17.59 33.25
CA ASP H 672 28.38 -17.36 34.07
C ASP H 672 29.39 -18.48 33.95
N SER H 673 28.94 -19.71 33.68
CA SER H 673 29.85 -20.83 33.51
C SER H 673 29.10 -21.95 32.79
N GLY H 674 29.75 -22.53 31.78
CA GLY H 674 29.14 -23.61 31.04
C GLY H 674 29.95 -23.93 29.80
N SER H 675 29.38 -24.79 28.97
CA SER H 675 30.06 -25.21 27.75
C SER H 675 30.31 -24.03 26.83
N THR H 676 29.35 -23.11 26.75
CA THR H 676 29.51 -21.94 25.87
C THR H 676 30.65 -21.05 26.36
N LYS H 677 30.69 -20.75 27.65
CA LYS H 677 31.75 -19.90 28.19
C LYS H 677 33.12 -20.54 27.96
N GLU H 678 33.23 -21.84 28.19
CA GLU H 678 34.51 -22.51 27.98
C GLU H 678 34.90 -22.47 26.51
N PHE H 679 33.94 -22.76 25.62
CA PHE H 679 34.22 -22.69 24.19
C PHE H 679 34.72 -21.31 23.80
N PHE H 680 34.17 -20.27 24.42
CA PHE H 680 34.63 -18.92 24.11
C PHE H 680 36.00 -18.63 24.70
N ARG H 681 36.30 -19.17 25.88
CA ARG H 681 37.65 -19.08 26.42
C ARG H 681 38.66 -19.66 25.45
N ARG H 682 38.39 -20.89 24.99
CA ARG H 682 39.10 -21.49 23.87
C ARG H 682 38.54 -20.89 22.58
N SER H 683 38.72 -21.57 21.46
CA SER H 683 38.31 -21.02 20.17
C SER H 683 39.16 -19.81 19.82
N LYS H 684 40.46 -20.04 19.67
CA LYS H 684 41.39 -18.99 19.29
C LYS H 684 41.18 -18.59 17.84
N ILE H 685 40.02 -18.01 17.55
CA ILE H 685 39.71 -17.47 16.23
C ILE H 685 39.49 -15.97 16.38
N ALA H 686 39.86 -15.24 15.33
CA ALA H 686 39.81 -13.78 15.37
C ALA H 686 38.51 -13.26 15.99
N VAL H 687 37.38 -13.68 15.43
CA VAL H 687 36.09 -13.15 15.88
C VAL H 687 35.83 -13.55 17.32
N PHE H 688 35.97 -14.84 17.62
CA PHE H 688 35.65 -15.32 18.97
C PHE H 688 36.70 -14.89 19.98
N ASP H 689 37.97 -14.76 19.56
CA ASP H 689 38.97 -14.19 20.45
C ASP H 689 38.60 -12.75 20.81
N LYS H 690 38.19 -11.96 19.82
CA LYS H 690 37.76 -10.60 20.08
C LYS H 690 36.57 -10.57 21.02
N MET H 691 35.61 -11.48 20.82
CA MET H 691 34.42 -11.50 21.65
C MET H 691 34.76 -11.88 23.09
N TRP H 692 35.67 -12.84 23.27
CA TRP H 692 36.11 -13.20 24.62
C TRP H 692 36.83 -12.05 25.28
N THR H 693 37.72 -11.38 24.55
CA THR H 693 38.39 -10.19 25.07
C THR H 693 37.37 -9.16 25.54
N TYR H 694 36.37 -8.89 24.70
CA TYR H 694 35.33 -7.92 25.06
C TYR H 694 34.61 -8.35 26.34
N MET H 695 34.05 -9.56 26.33
CA MET H 695 33.21 -9.97 27.46
C MET H 695 33.99 -10.03 28.75
N ARG H 696 35.25 -10.49 28.69
CA ARG H 696 36.07 -10.50 29.90
C ARG H 696 36.49 -9.08 30.28
N SER H 697 36.81 -8.25 29.29
CA SER H 697 37.22 -6.87 29.52
C SER H 697 36.01 -5.97 29.25
N ALA H 698 35.07 -5.97 30.20
CA ALA H 698 33.89 -5.15 30.09
C ALA H 698 33.18 -5.09 31.43
N GLU H 699 32.70 -3.90 31.80
CA GLU H 699 31.98 -3.69 33.03
C GLU H 699 30.71 -2.91 32.70
N PRO H 700 29.53 -3.33 33.19
CA PRO H 700 29.27 -4.46 34.09
C PRO H 700 29.47 -5.81 33.42
N SER H 701 29.66 -6.85 34.21
CA SER H 701 29.91 -8.19 33.67
C SER H 701 28.72 -8.65 32.86
N VAL H 702 28.93 -8.82 31.55
CA VAL H 702 27.87 -9.24 30.64
C VAL H 702 27.28 -10.57 31.05
N PHE H 703 28.03 -11.39 31.78
CA PHE H 703 27.57 -12.71 32.15
C PHE H 703 26.32 -12.62 33.03
N VAL H 704 25.61 -13.74 33.14
CA VAL H 704 24.37 -13.84 33.88
C VAL H 704 24.43 -15.08 34.75
N ARG H 705 23.36 -15.29 35.53
CA ARG H 705 23.30 -16.43 36.44
C ARG H 705 22.66 -17.66 35.80
N THR H 706 21.57 -17.48 35.06
CA THR H 706 20.89 -18.59 34.42
C THR H 706 20.29 -18.10 33.11
N THR H 707 19.63 -19.03 32.41
CA THR H 707 19.04 -18.72 31.11
C THR H 707 17.99 -17.64 31.23
N ALA H 708 17.00 -17.85 32.11
CA ALA H 708 15.91 -16.90 32.23
C ALA H 708 16.40 -15.51 32.59
N GLU H 709 17.49 -15.42 33.36
CA GLU H 709 18.03 -14.11 33.73
C GLU H 709 18.49 -13.36 32.49
N GLY H 710 19.28 -14.02 31.64
CA GLY H 710 19.71 -13.37 30.40
C GLY H 710 18.55 -13.06 29.48
N VAL H 711 17.57 -13.96 29.43
CA VAL H 711 16.38 -13.72 28.61
C VAL H 711 15.70 -12.43 29.04
N ALA H 712 15.44 -12.30 30.34
CA ALA H 712 14.79 -11.09 30.85
C ALA H 712 15.66 -9.87 30.62
N ARG H 713 16.97 -9.99 30.83
CA ARG H 713 17.86 -8.88 30.57
C ARG H 713 17.74 -8.39 29.13
N VAL H 714 17.63 -9.33 28.19
CA VAL H 714 17.41 -8.95 26.81
C VAL H 714 16.03 -8.32 26.64
N ARG H 715 15.04 -8.80 27.41
CA ARG H 715 13.69 -8.27 27.28
C ARG H 715 13.54 -6.88 27.88
N LYS H 716 14.43 -6.51 28.80
CA LYS H 716 14.41 -5.19 29.42
C LYS H 716 15.53 -4.28 28.92
N SER H 717 16.24 -4.71 27.88
CA SER H 717 17.36 -3.98 27.29
C SER H 717 17.15 -3.86 25.79
N LYS H 718 16.02 -3.27 25.40
CA LYS H 718 15.50 -3.33 24.04
C LYS H 718 16.59 -3.26 22.98
N GLY H 719 17.53 -2.33 23.14
CA GLY H 719 18.59 -2.16 22.16
C GLY H 719 19.97 -2.14 22.79
N LYS H 720 20.21 -3.01 23.76
CA LYS H 720 21.48 -3.02 24.46
C LYS H 720 22.13 -4.40 24.53
N TYR H 721 21.36 -5.46 24.73
CA TYR H 721 21.90 -6.77 25.05
C TYR H 721 21.55 -7.80 23.99
N ALA H 722 22.32 -8.89 24.01
CA ALA H 722 22.11 -10.02 23.10
C ALA H 722 22.74 -11.24 23.72
N TYR H 723 21.95 -12.30 23.89
CA TYR H 723 22.41 -13.50 24.59
C TYR H 723 22.87 -14.54 23.58
N LEU H 724 23.81 -15.39 24.02
CA LEU H 724 24.31 -16.50 23.23
C LEU H 724 23.93 -17.80 23.92
N LEU H 725 23.25 -18.68 23.18
CA LEU H 725 22.76 -19.90 23.80
C LEU H 725 22.51 -20.97 22.73
N GLU H 726 22.16 -22.16 23.18
CA GLU H 726 21.81 -23.24 22.27
C GLU H 726 20.66 -22.81 21.38
N SER H 727 20.81 -23.06 20.08
CA SER H 727 19.80 -22.62 19.12
C SER H 727 18.43 -23.22 19.43
N THR H 728 18.39 -24.43 19.98
CA THR H 728 17.12 -25.07 20.27
C THR H 728 16.35 -24.29 21.34
N MET H 729 17.00 -24.01 22.46
CA MET H 729 16.36 -23.20 23.49
C MET H 729 16.03 -21.82 22.97
N ASN H 730 16.86 -21.26 22.09
CA ASN H 730 16.58 -19.96 21.51
C ASN H 730 15.27 -19.98 20.75
N GLU H 731 15.10 -20.96 19.86
CA GLU H 731 13.85 -21.08 19.13
C GLU H 731 12.68 -21.31 20.07
N TYR H 732 12.88 -22.15 21.10
CA TYR H 732 11.82 -22.40 22.06
C TYR H 732 11.33 -21.10 22.69
N ILE H 733 12.26 -20.31 23.22
CA ILE H 733 11.89 -19.02 23.80
C ILE H 733 11.22 -18.13 22.76
N GLU H 734 11.78 -18.10 21.55
CA GLU H 734 11.23 -17.25 20.50
C GLU H 734 9.78 -17.60 20.19
N GLN H 735 9.41 -18.87 20.36
CA GLN H 735 8.04 -19.29 20.08
C GLN H 735 7.12 -19.14 21.28
N ARG H 736 7.67 -18.97 22.48
CA ARG H 736 6.86 -18.75 23.66
C ARG H 736 6.59 -17.26 23.83
N LYS H 737 5.33 -16.92 24.11
CA LYS H 737 4.97 -15.53 24.42
C LYS H 737 5.92 -14.99 25.48
N PRO H 738 6.05 -13.67 25.64
CA PRO H 738 5.36 -12.56 24.96
C PRO H 738 5.73 -12.35 23.50
N CYS H 739 6.61 -13.19 22.95
CA CYS H 739 7.06 -13.08 21.57
C CYS H 739 7.92 -11.84 21.35
N ASP H 740 8.68 -11.42 22.36
CA ASP H 740 9.54 -10.25 22.27
C ASP H 740 11.01 -10.65 22.09
N THR H 741 11.27 -11.72 21.34
CA THR H 741 12.63 -12.17 21.09
C THR H 741 12.72 -12.70 19.67
N MET H 742 13.95 -12.97 19.25
CA MET H 742 14.20 -13.53 17.93
C MET H 742 15.64 -14.04 17.89
N LYS H 743 15.83 -15.10 17.10
CA LYS H 743 17.15 -15.67 16.86
C LYS H 743 17.69 -15.11 15.56
N VAL H 744 18.94 -14.67 15.57
CA VAL H 744 19.55 -14.01 14.43
C VAL H 744 20.77 -14.80 13.97
N GLY H 745 21.15 -14.57 12.72
CA GLY H 745 22.32 -15.20 12.17
C GLY H 745 22.17 -16.71 12.09
N GLY H 746 23.33 -17.36 12.00
CA GLY H 746 23.40 -18.80 11.92
C GLY H 746 24.25 -19.36 13.06
N ASN H 747 24.21 -20.69 13.16
CA ASN H 747 24.95 -21.36 14.22
C ASN H 747 26.44 -21.06 14.11
N LEU H 748 27.04 -20.66 15.23
CA LEU H 748 28.47 -20.40 15.24
C LEU H 748 29.27 -21.71 15.18
N ASP H 749 28.99 -22.62 16.09
CA ASP H 749 29.60 -23.94 16.11
C ASP H 749 28.58 -24.98 15.65
N SER H 750 28.98 -26.25 15.72
CA SER H 750 28.13 -27.35 15.31
C SER H 750 28.28 -28.48 16.32
N LYS H 751 27.18 -28.80 17.01
CA LYS H 751 27.14 -29.90 17.95
C LYS H 751 25.88 -30.72 17.71
N GLY H 752 25.76 -31.81 18.43
CA GLY H 752 24.60 -32.68 18.28
C GLY H 752 24.27 -33.38 19.58
N TYR H 753 22.99 -33.63 19.77
CA TYR H 753 22.49 -34.42 20.90
C TYR H 753 22.29 -35.85 20.45
N GLY H 754 22.78 -36.79 21.25
CA GLY H 754 22.69 -38.19 20.90
C GLY H 754 22.40 -39.05 22.11
N ILE H 755 21.81 -40.21 21.84
CA ILE H 755 21.53 -41.16 22.91
C ILE H 755 22.84 -41.62 23.54
N ALA H 756 22.74 -42.10 24.77
CA ALA H 756 23.88 -42.61 25.52
C ALA H 756 23.63 -44.07 25.90
N THR H 757 24.72 -44.78 26.13
CA THR H 757 24.67 -46.18 26.52
C THR H 757 26.05 -46.62 27.00
N PRO H 758 26.14 -47.46 28.04
CA PRO H 758 27.46 -47.84 28.56
C PRO H 758 28.39 -48.38 27.47
N LYS H 759 29.69 -48.39 27.77
CA LYS H 759 30.67 -48.86 26.78
C LYS H 759 30.28 -50.21 26.21
N GLY H 760 29.66 -51.07 27.01
CA GLY H 760 29.18 -52.35 26.53
C GLY H 760 27.71 -52.55 26.83
N SER H 761 26.93 -52.85 25.80
CA SER H 761 25.49 -53.00 25.96
C SER H 761 24.97 -53.83 24.79
N SER H 762 23.64 -53.91 24.68
CA SER H 762 22.97 -54.63 23.62
C SER H 762 22.05 -53.77 22.78
N LEU H 763 21.55 -52.67 23.32
CA LEU H 763 20.63 -51.79 22.61
C LEU H 763 21.32 -50.63 21.92
N GLY H 764 22.65 -50.53 22.01
CA GLY H 764 23.37 -49.43 21.39
C GLY H 764 23.21 -49.39 19.88
N ASN H 765 23.56 -50.50 19.21
CA ASN H 765 23.47 -50.53 17.76
C ASN H 765 22.02 -50.45 17.30
N ALA H 766 21.12 -51.15 17.98
CA ALA H 766 19.71 -51.06 17.63
C ALA H 766 19.21 -49.62 17.73
N VAL H 767 19.65 -48.90 18.77
CA VAL H 767 19.22 -47.51 18.96
C VAL H 767 19.80 -46.64 17.86
N ASN H 768 21.06 -46.87 17.49
CA ASN H 768 21.66 -46.12 16.39
C ASN H 768 20.86 -46.31 15.11
N LEU H 769 20.55 -47.57 14.79
CA LEU H 769 19.79 -47.85 13.58
C LEU H 769 18.39 -47.23 13.64
N ALA H 770 17.78 -47.24 14.83
CA ALA H 770 16.47 -46.63 14.98
C ALA H 770 16.54 -45.12 14.75
N VAL H 771 17.56 -44.47 15.30
CA VAL H 771 17.73 -43.04 15.11
C VAL H 771 17.91 -42.72 13.65
N LEU H 772 18.71 -43.52 12.94
CA LEU H 772 18.92 -43.28 11.52
C LEU H 772 17.63 -43.48 10.73
N LYS H 773 16.89 -44.56 11.03
CA LYS H 773 15.64 -44.81 10.34
C LYS H 773 14.64 -43.69 10.58
N LEU H 774 14.63 -43.13 11.79
CA LEU H 774 13.73 -42.02 12.09
C LEU H 774 14.14 -40.77 11.33
N ASN H 775 15.44 -40.42 11.39
CA ASN H 775 15.91 -39.24 10.69
C ASN H 775 15.64 -39.33 9.19
N GLU H 776 15.74 -40.54 8.63
CA GLU H 776 15.50 -40.72 7.21
C GLU H 776 14.03 -40.90 6.87
N GLN H 777 13.19 -41.18 7.87
CA GLN H 777 11.77 -41.41 7.64
C GLN H 777 10.95 -40.14 7.71
N GLY H 778 11.51 -39.05 8.23
CA GLY H 778 10.77 -37.80 8.34
C GLY H 778 9.92 -37.76 9.60
N LEU H 779 10.53 -38.10 10.74
CA LEU H 779 9.82 -38.16 12.00
C LEU H 779 10.36 -37.18 13.02
N LEU H 780 11.68 -37.14 13.22
CA LEU H 780 12.26 -36.21 14.18
C LEU H 780 11.87 -34.78 13.85
N ASP H 781 11.90 -34.42 12.57
CA ASP H 781 11.49 -33.08 12.16
C ASP H 781 10.03 -32.83 12.50
N LYS H 782 9.20 -33.86 12.37
CA LYS H 782 7.78 -33.71 12.72
C LYS H 782 7.61 -33.43 14.21
N LEU H 783 8.27 -34.22 15.05
CA LEU H 783 8.20 -33.99 16.49
C LEU H 783 8.72 -32.61 16.85
N LYS H 784 9.78 -32.16 16.18
CA LYS H 784 10.32 -30.84 16.47
C LYS H 784 9.33 -29.75 16.09
N ASN H 785 8.80 -29.81 14.86
CA ASN H 785 7.79 -28.84 14.44
C ASN H 785 6.61 -28.83 15.38
N LYS H 786 6.28 -29.99 15.95
CA LYS H 786 5.15 -30.07 16.87
C LYS H 786 5.47 -29.38 18.19
N TRP H 787 6.58 -29.74 18.82
CA TRP H 787 6.91 -29.24 20.15
C TRP H 787 7.49 -27.83 20.13
N TRP H 788 7.80 -27.28 18.96
CA TRP H 788 8.37 -25.95 18.84
C TRP H 788 7.46 -24.97 18.12
N TYR H 789 6.95 -25.36 16.94
CA TYR H 789 6.21 -24.45 16.08
C TYR H 789 4.70 -24.66 16.15
N ASP H 790 4.22 -25.90 16.00
CA ASP H 790 2.80 -26.16 16.17
C ASP H 790 2.35 -25.72 17.56
N LYS H 791 3.04 -26.16 18.60
CA LYS H 791 2.80 -25.69 19.95
C LYS H 791 3.13 -24.22 20.12
N GLY H 792 3.83 -23.61 19.17
CA GLY H 792 4.26 -22.23 19.27
C GLY H 792 3.14 -21.26 19.53
N GLU H 793 3.29 -20.43 20.57
CA GLU H 793 2.30 -19.41 20.86
C GLU H 793 2.38 -18.25 19.89
N CYS H 794 3.56 -18.00 19.32
CA CYS H 794 3.77 -16.86 18.44
C CYS H 794 3.49 -17.24 16.98
N GLY H 795 2.30 -17.77 16.76
CA GLY H 795 1.88 -18.16 15.42
C GLY H 795 1.59 -16.97 14.52
N THR H 805 -0.74 3.13 9.40
CA THR H 805 -1.42 2.49 10.51
C THR H 805 -1.67 3.47 11.64
N SER H 806 -0.62 3.79 12.38
CA SER H 806 -0.71 4.72 13.49
C SER H 806 -0.60 6.16 12.99
N ALA H 807 -0.94 7.09 13.88
CA ALA H 807 -0.88 8.50 13.54
C ALA H 807 0.57 8.95 13.52
N LEU H 808 0.78 10.25 13.31
CA LEU H 808 2.11 10.82 13.17
C LEU H 808 2.32 11.87 14.25
N SER H 809 3.44 11.77 14.96
CA SER H 809 3.75 12.65 16.07
C SER H 809 4.72 13.74 15.65
N LEU H 810 4.82 14.76 16.50
CA LEU H 810 5.68 15.91 16.18
C LEU H 810 7.13 15.50 16.08
N SER H 811 7.56 14.55 16.91
CA SER H 811 8.96 14.13 16.92
C SER H 811 9.45 13.73 15.53
N ASN H 812 8.54 13.38 14.62
CA ASN H 812 8.94 12.99 13.27
C ASN H 812 9.27 14.18 12.39
N VAL H 813 8.84 15.38 12.75
CA VAL H 813 8.95 16.53 11.86
C VAL H 813 9.51 17.75 12.60
N ALA H 814 10.04 17.54 13.81
CA ALA H 814 10.55 18.67 14.58
C ALA H 814 11.64 19.41 13.84
N GLY H 815 12.45 18.69 13.05
CA GLY H 815 13.50 19.34 12.29
C GLY H 815 12.98 20.39 11.34
N VAL H 816 11.79 20.17 10.79
CA VAL H 816 11.20 21.15 9.89
C VAL H 816 10.97 22.47 10.62
N PHE H 817 10.43 22.40 11.83
CA PHE H 817 10.15 23.62 12.57
C PHE H 817 11.45 24.27 13.04
N TYR H 818 12.44 23.46 13.42
CA TYR H 818 13.74 24.01 13.74
C TYR H 818 14.29 24.81 12.56
N ILE H 819 14.29 24.21 11.37
CA ILE H 819 14.77 24.88 10.17
C ILE H 819 13.99 26.15 9.91
N LEU H 820 12.66 26.08 10.05
CA LEU H 820 11.83 27.24 9.81
C LEU H 820 12.22 28.39 10.73
N VAL H 821 12.30 28.12 12.03
CA VAL H 821 12.63 29.17 12.99
C VAL H 821 14.02 29.72 12.73
N GLY H 822 14.96 28.84 12.36
CA GLY H 822 16.29 29.30 12.05
C GLY H 822 16.31 30.28 10.89
N GLY H 823 15.75 29.86 9.75
CA GLY H 823 15.68 30.75 8.61
C GLY H 823 14.91 32.02 8.92
N LEU H 824 13.92 31.93 9.80
CA LEU H 824 13.10 33.09 10.11
C LEU H 824 13.89 34.12 10.92
N GLY H 825 14.56 33.67 11.97
CA GLY H 825 15.42 34.57 12.72
C GLY H 825 16.53 35.13 11.87
N LEU H 826 17.05 34.33 10.94
CA LEU H 826 18.09 34.81 10.04
C LEU H 826 17.56 35.94 9.17
N ALA H 827 16.39 35.75 8.57
CA ALA H 827 15.79 36.80 7.76
C ALA H 827 15.54 38.05 8.59
N MET H 828 15.10 37.87 9.83
CA MET H 828 14.83 39.01 10.70
C MET H 828 16.10 39.80 10.96
N LEU H 829 17.19 39.10 11.32
CA LEU H 829 18.45 39.79 11.57
C LEU H 829 18.96 40.50 10.32
N VAL H 830 18.84 39.83 9.16
CA VAL H 830 19.27 40.45 7.91
C VAL H 830 18.49 41.74 7.66
N ALA H 831 17.17 41.69 7.86
CA ALA H 831 16.36 42.88 7.66
C ALA H 831 16.76 43.97 8.64
N LEU H 832 17.08 43.60 9.88
CA LEU H 832 17.46 44.59 10.88
C LEU H 832 18.73 45.31 10.45
N ILE H 833 19.75 44.56 10.03
CA ILE H 833 21.00 45.21 9.65
C ILE H 833 20.81 46.02 8.37
N GLU H 834 20.00 45.50 7.44
CA GLU H 834 19.72 46.25 6.22
C GLU H 834 19.07 47.58 6.54
N PHE H 835 18.13 47.60 7.49
CA PHE H 835 17.49 48.83 7.88
C PHE H 835 18.48 49.77 8.57
N CYS H 836 19.25 49.24 9.51
CA CYS H 836 20.21 50.07 10.23
C CYS H 836 21.22 50.70 9.28
N TYR H 837 21.50 50.04 8.16
CA TYR H 837 22.42 50.61 7.18
C TYR H 837 21.71 51.62 6.27
N LYS H 838 20.55 51.24 5.72
CA LYS H 838 19.84 52.10 4.80
C LYS H 838 19.44 53.41 5.46
N SER H 839 18.73 53.34 6.58
CA SER H 839 18.25 54.55 7.23
C SER H 839 19.42 55.39 7.73
N ARG H 840 20.48 54.74 8.22
CA ARG H 840 21.65 55.47 8.68
C ARG H 840 22.28 56.27 7.54
N ALA H 841 22.52 55.60 6.41
CA ALA H 841 23.11 56.29 5.26
C ALA H 841 22.19 57.40 4.76
N GLU H 842 20.87 57.18 4.80
CA GLU H 842 19.95 58.18 4.27
C GLU H 842 19.91 59.41 5.17
N ALA H 843 19.81 59.22 6.48
CA ALA H 843 19.70 60.34 7.40
C ALA H 843 21.04 61.05 7.56
N LYS H 844 22.07 60.31 7.97
CA LYS H 844 23.39 60.91 8.15
C LYS H 844 23.90 61.54 6.87
N ARG H 845 23.42 61.09 5.72
CA ARG H 845 23.84 61.65 4.44
C ARG H 845 22.66 61.82 3.50
OAA ZK1 I . 26.96 -40.54 0.08
OAB ZK1 I . 24.87 -40.67 -1.86
OAC ZK1 I . 23.04 -36.08 -3.47
OAD ZK1 I . 22.82 -37.59 -1.52
OAE ZK1 I . 21.65 -38.11 -3.62
FAF ZK1 I . 29.87 -33.84 -1.52
FAG ZK1 I . 28.03 -32.59 -1.59
FAH ZK1 I . 29.06 -33.14 -3.48
CAI ZK1 I . 26.04 -36.03 -3.40
CAJ ZK1 I . 28.11 -35.91 -1.48
CAK ZK1 I . 25.06 -32.12 -5.04
CAL ZK1 I . 26.80 -32.86 -6.42
CAM ZK1 I . 25.22 -33.36 -4.18
CAN ZK1 I . 27.02 -34.08 -5.52
CAO ZK1 I . 24.37 -38.49 -3.60
NAP ZK1 I . 27.53 -38.29 -0.67
OAQ ZK1 I . 26.28 -31.81 -5.64
CAR ZK1 I . 26.83 -34.88 -3.30
CAS ZK1 I . 27.88 -34.82 -2.33
CAT ZK1 I . 26.73 -39.45 -0.77
CAU ZK1 I . 25.66 -39.53 -1.75
CAV ZK1 I . 27.26 -37.15 -1.58
CAW ZK1 I . 26.28 -37.21 -2.50
NAX ZK1 I . 26.62 -33.75 -4.17
NAY ZK1 I . 25.43 -38.42 -2.62
CAZ ZK1 I . 28.74 -33.57 -2.22
PBA ZK1 I . 22.90 -37.51 -3.02
HAI ZK1 I . 25.36 -36.07 -4.04
HAJ ZK1 I . 28.79 -35.87 -0.84
HAK ZK1 I . 24.78 -31.37 -4.48
HAKA ZK1 I . 24.40 -32.28 -5.73
HAL ZK1 I . 27.65 -32.59 -6.80
HALA ZK1 I . 26.18 -33.09 -7.11
HAM ZK1 I . 24.93 -33.17 -3.27
HAMA ZK1 I . 24.68 -34.07 -4.55
HAN ZK1 I . 27.96 -34.32 -5.52
HANA ZK1 I . 26.48 -34.82 -5.85
HAO ZK1 I . 24.12 -39.41 -3.74
HAOA ZK1 I . 24.69 -38.12 -4.45
HNAP ZK1 I . 28.15 -38.24 -0.08
C18 OLC J . 8.57 25.58 -27.13
C10 OLC J . 10.74 17.56 -26.77
C9 OLC J . 10.09 16.36 -26.99
C17 OLC J . 8.32 24.06 -27.13
C11 OLC J . 10.30 18.74 -25.93
C8 OLC J . 9.29 15.89 -28.20
C24 OLC J . 7.42 5.56 -25.83
C16 OLC J . 8.72 23.39 -25.78
C12 OLC J . 8.78 18.89 -25.54
C7 OLC J . 9.37 14.38 -28.69
C15 OLC J . 9.05 21.87 -25.87
C13 OLC J . 7.91 19.60 -26.64
C6 OLC J . 10.67 13.60 -28.27
C14 OLC J . 8.29 21.08 -26.99
C5 OLC J . 10.46 12.06 -28.07
C4 OLC J . 11.62 11.16 -28.63
C3 OLC J . 11.20 9.67 -28.90
C2 OLC J . 10.36 9.00 -27.74
C21 OLC J . 7.47 6.59 -28.25
C1 OLC J . 8.93 8.56 -28.20
C22 OLC J . 7.04 5.31 -27.37
O19 OLC J . 8.42 9.04 -29.18
O25 OLC J . 8.44 6.53 -25.75
O23 OLC J . 5.68 5.12 -27.48
O20 OLC J . 8.21 7.59 -27.51
H18 OLC J . 9.48 25.79 -27.10
H18A OLC J . 8.22 25.98 -26.36
H18B OLC J . 8.19 26.05 -27.85
H10 OLC J . 11.68 17.48 -26.83
H9 OLC J . 9.79 15.96 -26.18
H17 OLC J . 8.78 23.65 -27.84
H17A OLC J . 7.41 23.88 -27.26
H11 OLC J . 10.55 19.53 -26.37
H11A OLC J . 10.78 18.71 -25.13
H8 OLC J . 8.39 16.07 -28.00
H8A OLC J . 9.51 16.42 -28.92
H24 OLC J . 7.68 4.76 -25.42
H24A OLC J . 6.66 5.87 -25.37
H16 OLC J . 9.46 23.85 -25.44
H16A OLC J . 8.03 23.52 -25.16
H12 OLC J . 8.41 18.05 -25.38
H12A OLC J . 8.70 19.36 -24.75
H7 OLC J . 8.62 13.90 -28.36
H7A OLC J . 9.29 14.35 -29.62
H15 OLC J . 9.98 21.77 -25.98
H15A OLC J . 8.87 21.48 -25.04
H13 OLC J . 7.94 19.09 -27.44
H13A OLC J . 7.01 19.57 -26.38
H6 OLC J . 11.35 13.75 -28.91
H6A OLC J . 11.01 13.95 -27.48
H14 OLC J . 7.52 21.55 -27.21
H14A OLC J . 8.81 21.10 -27.77
H5 OLC J . 9.66 11.81 -28.48
H5A OLC J . 10.34 11.88 -27.16
H4 OLC J . 11.93 11.53 -29.43
H4A OLC J . 12.35 11.19 -28.05
H3 OLC J . 11.98 9.16 -29.03
H3A OLC J . 10.73 9.63 -29.71
H2 OLC J . 10.32 9.60 -27.01
H2A OLC J . 10.85 8.27 -27.43
H21 OLC J . 7.96 6.30 -28.99
H21A OLC J . 6.69 6.99 -28.57
H22 OLC J . 7.54 4.57 -27.66
HO25 OLC J . 8.79 6.53 -24.99
HO23 OLC J . 5.43 4.48 -27.02
C1 PAM K . 4.35 7.82 -30.78
O1 PAM K . 3.76 6.83 -30.24
O2 PAM K . 5.03 7.79 -31.81
C2 PAM K . 4.20 9.17 -30.04
C3 PAM K . 5.04 9.21 -28.77
C4 PAM K . 4.87 10.52 -27.95
C5 PAM K . 5.72 10.58 -26.65
C6 PAM K . 7.00 11.46 -26.71
C7 PAM K . 8.01 11.28 -25.53
C8 PAM K . 8.54 12.62 -24.90
C9 PAM K . 7.95 13.12 -23.58
C10 PAM K . 8.63 13.78 -22.61
C11 PAM K . 8.47 15.24 -22.22
C12 PAM K . 8.15 15.64 -20.76
C13 PAM K . 8.04 17.17 -20.52
C14 PAM K . 9.35 17.88 -20.11
C15 PAM K . 9.43 19.37 -20.51
C16 PAM K . 8.90 20.33 -19.45
H21 PAM K . 3.28 9.24 -29.86
H22 PAM K . 4.41 9.86 -30.64
H31 PAM K . 5.93 9.08 -29.00
H32 PAM K . 4.83 8.46 -28.25
H41 PAM K . 5.09 11.25 -28.50
H42 PAM K . 3.97 10.62 -27.75
H51 PAM K . 5.93 9.70 -26.39
H52 PAM K . 5.16 10.89 -25.97
H61 PAM K . 7.43 11.28 -27.52
H62 PAM K . 6.73 12.35 -26.76
H71 PAM K . 7.62 10.76 -24.87
H72 PAM K . 8.74 10.77 -25.84
H81 PAM K . 9.46 12.52 -24.75
H82 PAM K . 8.46 13.29 -25.54
H9 PAM K . 7.13 12.70 -23.35
H10 PAM K . 9.41 13.38 -22.25
H111 PAM K . 7.84 15.65 -22.77
H112 PAM K . 9.29 15.65 -22.44
H121 PAM K . 8.81 15.31 -20.19
H122 PAM K . 7.37 15.23 -20.47
H131 PAM K . 7.71 17.59 -21.29
H132 PAM K . 7.39 17.35 -19.87
H141 PAM K . 9.46 17.82 -19.18
H142 PAM K . 10.09 17.44 -20.47
H151 PAM K . 8.97 19.53 -21.30
H152 PAM K . 10.32 19.61 -20.70
H161 PAM K . 9.15 21.22 -19.60
H162 PAM K . 9.18 20.12 -18.58
H163 PAM K . 7.97 20.34 -19.42
C1 PAM L . 13.24 4.45 -23.42
O1 PAM L . 12.28 3.62 -23.45
O2 PAM L . 14.25 4.35 -22.72
C2 PAM L . 13.10 5.68 -24.34
C3 PAM L . 12.29 6.78 -23.67
C4 PAM L . 11.79 7.87 -24.66
C5 PAM L . 11.74 9.31 -24.06
C6 PAM L . 13.12 9.94 -23.72
C7 PAM L . 13.06 11.26 -22.89
C8 PAM L . 13.52 12.55 -23.65
C9 PAM L . 12.75 13.84 -23.46
C10 PAM L . 13.16 14.91 -22.75
C11 PAM L . 13.44 16.30 -23.28
C12 PAM L . 12.53 17.49 -22.90
C13 PAM L . 13.09 18.90 -23.26
C14 PAM L . 13.23 19.89 -22.07
C15 PAM L . 13.61 21.33 -22.44
C16 PAM L . 12.57 22.37 -22.04
H21 PAM L . 12.67 5.36 -25.12
H22 PAM L . 13.96 5.96 -24.60
H31 PAM L . 12.82 7.16 -23.00
H32 PAM L . 11.58 6.38 -23.22
H41 PAM L . 12.34 7.86 -25.42
H42 PAM L . 10.94 7.63 -24.97
H51 PAM L . 11.20 9.29 -23.30
H52 PAM L . 11.29 9.86 -24.67
H61 PAM L . 13.63 9.31 -23.25
H62 PAM L . 13.59 10.09 -24.51
H71 PAM L . 12.18 11.39 -22.59
H72 PAM L . 13.58 11.15 -22.11
H81 PAM L . 14.41 12.73 -23.39
H82 PAM L . 13.58 12.33 -24.57
H9 PAM L . 11.84 13.76 -23.69
H10 PAM L . 13.05 14.90 -21.81
H111 PAM L . 13.51 16.27 -24.22
H112 PAM L . 14.31 16.51 -22.98
H121 PAM L . 12.34 17.47 -21.98
H122 PAM L . 11.69 17.40 -23.30
H131 PAM L . 13.93 18.82 -23.67
H132 PAM L . 12.56 19.31 -23.90
H141 PAM L . 12.43 19.92 -21.58
H142 PAM L . 13.87 19.56 -21.46
H151 PAM L . 13.76 21.41 -23.37
H152 PAM L . 14.43 21.58 -22.05
H161 PAM L . 12.86 23.25 -22.12
H162 PAM L . 12.26 22.27 -21.16
H163 PAM L . 11.80 22.33 -22.57
C1 PAM M . 18.99 2.84 -22.92
O1 PAM M . 18.36 1.73 -22.96
O2 PAM M . 20.13 2.99 -22.47
C2 PAM M . 18.22 4.06 -23.47
C3 PAM M . 18.49 5.31 -22.62
C4 PAM M . 18.35 6.63 -23.42
C5 PAM M . 18.46 7.91 -22.57
C6 PAM M . 19.48 8.98 -23.06
C7 PAM M . 20.58 9.41 -22.04
C8 PAM M . 21.07 10.88 -22.17
C9 PAM M . 20.04 12.00 -22.23
C10 PAM M . 20.30 13.33 -22.19
C11 PAM M . 19.42 14.42 -22.76
C12 PAM M . 18.95 15.61 -21.87
C13 PAM M . 18.08 16.67 -22.62
C14 PAM M . 18.63 18.12 -22.58
C15 PAM M . 17.75 19.14 -23.29
C16 PAM M . 16.38 19.35 -22.61
H21 PAM M . 17.31 3.81 -23.44
H22 PAM M . 18.45 4.17 -24.36
H31 PAM M . 19.36 5.24 -22.26
H32 PAM M . 17.93 5.29 -21.88
H41 PAM M . 18.99 6.64 -24.11
H42 PAM M . 17.53 6.61 -23.87
H51 PAM M . 18.68 7.66 -21.68
H52 PAM M . 17.61 8.29 -22.50
H61 PAM M . 19.89 8.67 -23.84
H62 PAM M . 19.00 9.73 -23.33
H71 PAM M . 20.25 9.26 -21.17
H72 PAM M . 21.31 8.82 -22.11
H81 PAM M . 21.62 11.07 -21.43
H82 PAM M . 21.64 10.93 -22.92
H9 PAM M . 19.15 11.71 -22.14
H10 PAM M . 21.17 13.63 -21.97
H111 PAM M . 18.65 14.05 -23.16
H112 PAM M . 19.91 14.79 -23.47
H121 PAM M . 19.69 16.04 -21.51
H122 PAM M . 18.47 15.30 -21.13
H131 PAM M . 17.97 16.43 -23.51
H132 PAM M . 17.22 16.67 -22.27
H141 PAM M . 18.75 18.39 -21.69
H142 PAM M . 19.49 18.15 -22.95
H151 PAM M . 17.58 18.91 -24.18
H152 PAM M . 18.17 19.98 -23.35
H161 PAM M . 15.84 19.96 -23.07
H162 PAM M . 16.45 19.66 -21.73
H163 PAM M . 15.89 18.57 -22.56
OAA ZK1 N . -28.41 -38.65 -13.52
OAB ZK1 N . -29.52 -37.22 -15.71
OAC ZK1 N . -27.34 -32.55 -16.64
OAD ZK1 N . -29.67 -33.00 -17.31
OAE ZK1 N . -28.93 -33.53 -15.03
FAF ZK1 N . -21.64 -35.51 -13.12
FAG ZK1 N . -21.99 -33.37 -13.62
FAH ZK1 N . -21.16 -34.75 -15.16
CAI ZK1 N . -25.29 -34.56 -16.11
CAJ ZK1 N . -24.18 -35.99 -13.92
CAK ZK1 N . -22.99 -30.89 -16.86
CAL ZK1 N . -22.15 -32.49 -18.36
CAM ZK1 N . -23.86 -31.95 -16.19
CAN ZK1 N . -23.04 -33.55 -17.72
CAO ZK1 N . -28.04 -35.19 -17.03
NAP ZK1 N . -26.35 -37.37 -13.71
OAQ ZK1 N . -21.85 -31.51 -17.41
CAR ZK1 N . -23.99 -34.26 -15.67
CAS ZK1 N . -23.43 -34.99 -14.57
CAT ZK1 N . -27.67 -37.67 -14.15
CAU ZK1 N . -28.23 -36.93 -15.27
CAV ZK1 N . -25.57 -36.30 -14.40
CAW ZK1 N . -26.10 -35.63 -15.43
NAX ZK1 N . -23.21 -33.23 -16.32
NAY ZK1 N . -27.47 -35.93 -15.91
CAZ ZK1 N . -22.02 -34.65 -14.11
PBA ZK1 N . -28.51 -33.49 -16.48
HAI ZK1 N . -25.65 -34.09 -16.82
HAJ ZK1 N . -23.81 -36.45 -13.21
HAK ZK1 N . -22.71 -30.24 -16.21
HAKA ZK1 N . -23.49 -30.46 -17.56
HAL ZK1 N . -21.33 -32.90 -18.67
HALA ZK1 N . -22.62 -32.08 -19.11
HAM ZK1 N . -23.98 -31.73 -15.26
HAMA ZK1 N . -24.72 -31.97 -16.64
HAN ZK1 N . -22.62 -34.41 -17.82
HANA ZK1 N . -23.90 -33.54 -18.16
HAO ZK1 N . -28.82 -35.65 -17.36
HAOA ZK1 N . -27.38 -35.12 -17.74
HNAP ZK1 N . -26.01 -37.79 -13.05
C18 OLC O . -20.45 29.79 -12.69
C10 OLC O . -23.29 20.21 -13.41
C9 OLC O . -23.45 18.83 -13.49
C17 OLC O . -19.77 28.41 -12.73
C11 OLC O . -22.05 21.07 -13.64
C8 OLC O . -24.51 17.94 -12.86
C24 OLC O . -26.80 12.71 -4.80
C16 OLC O . -20.79 27.25 -12.76
C12 OLC O . -22.08 22.59 -13.23
C7 OLC O . -24.23 16.40 -12.63
C15 OLC O . -20.15 25.82 -12.71
C13 OLC O . -20.69 23.31 -13.28
C6 OLC O . -24.70 15.46 -13.80
C14 OLC O . -20.75 24.81 -13.73
C5 OLC O . -25.24 14.06 -13.33
C4 OLC O . -26.45 14.13 -12.34
C3 OLC O . -26.13 13.62 -10.89
C2 OLC O . -25.84 12.07 -10.79
C21 OLC O . -26.13 12.29 -7.35
C1 OLC O . -25.08 11.67 -9.48
C22 OLC O . -25.60 12.35 -5.81
O19 OLC O . -24.45 10.64 -9.42
O25 OLC O . -28.01 12.82 -5.50
O23 OLC O . -25.08 11.11 -5.48
O20 OLC O . -25.09 12.47 -8.33
H18 OLC O . -21.04 29.92 -13.39
H18A OLC O . -19.82 30.48 -12.77
H18B OLC O . -20.90 29.98 -11.88
H10 OLC O . -24.10 20.68 -13.52
H9 OLC O . -23.10 18.46 -14.29
H17 OLC O . -19.19 28.31 -12.00
H17A OLC O . -19.24 28.34 -13.51
H11 OLC O . -21.34 20.68 -13.19
H11A OLC O . -21.85 21.03 -14.55
H8 OLC O . -24.70 18.30 -12.01
H8A OLC O . -25.30 17.99 -13.35
H24 OLC O . -26.60 13.51 -4.34
H24A OLC O . -26.87 12.04 -4.14
H16 OLC O . -21.37 27.34 -12.04
H16A OLC O . -21.31 27.32 -13.52
H12 OLC O . -22.68 23.06 -13.79
H12A OLC O . -22.43 22.69 -12.37
H7 OLC O . -24.62 16.10 -11.84
H7A OLC O . -23.30 16.26 -12.52
H15 OLC O . -19.22 25.89 -12.84
H15A OLC O . -20.24 25.48 -11.84
H13 OLC O . -20.28 23.26 -12.45
H13A OLC O . -20.14 22.84 -13.87
H6 OLC O . -24.00 15.32 -14.41
H6A OLC O . -25.38 15.89 -14.29
H14 OLC O . -21.64 25.05 -13.90
H14A OLC O . -20.31 24.91 -14.55
H5 OLC O . -25.51 13.57 -14.09
H5A OLC O . -24.54 13.56 -12.95
H4 OLC O . -27.16 13.63 -12.68
H4A OLC O . -26.77 15.01 -12.29
H3 OLC O . -25.38 14.08 -10.56
H3A OLC O . -26.83 13.86 -10.32
H2 OLC O . -25.36 11.80 -11.56
H2A OLC O . -26.65 11.62 -10.84
H21 OLC O . -26.58 11.47 -7.49
H21A OLC O . -26.77 12.96 -7.47
H22 OLC O . -24.96 13.03 -5.75
HO25 OLC O . -28.12 13.59 -5.79
HO23 OLC O . -24.39 11.18 -5.03
C18 OLC P . -12.98 25.28 -10.24
C10 OLC P . -16.23 33.81 -10.34
C9 OLC P . -16.09 35.06 -9.74
C17 OLC P . -14.20 26.13 -10.63
C11 OLC P . -15.17 32.83 -10.83
C8 OLC P . -16.85 36.35 -9.97
C24 OLC P . -13.32 46.95 -12.74
C16 OLC P . -13.84 27.33 -11.53
C12 OLC P . -15.58 31.57 -11.69
C7 OLC P . -16.08 37.74 -9.94
C15 OLC P . -15.05 28.00 -12.23
C13 OLC P . -14.42 30.53 -11.92
C6 OLC P . -16.85 38.92 -10.63
C14 OLC P . -14.75 29.37 -12.91
C5 OLC P . -16.00 39.77 -11.63
C4 OLC P . -16.83 40.45 -12.77
C3 OLC P . -16.00 40.85 -14.05
C2 OLC P . -15.60 42.36 -14.12
C21 OLC P . -15.20 45.13 -13.06
C1 OLC P . -14.55 42.77 -13.03
C22 OLC P . -14.83 46.56 -12.39
O19 OLC P . -14.00 41.92 -12.35
O25 OLC P . -13.24 48.32 -13.01
O23 OLC P . -15.69 47.52 -12.92
O20 OLC P . -14.21 44.10 -12.80
H18 OLC P . -13.22 24.48 -9.82
H18A OLC P . -12.44 25.72 -9.63
H18B OLC P . -12.41 25.06 -10.95
H10 OLC P . -17.03 33.74 -10.83
H9 OLC P . -15.21 35.20 -9.42
H17 OLC P . -14.62 26.45 -9.85
H17A OLC P . -14.83 25.61 -11.08
H11 OLC P . -14.54 33.30 -11.32
H11A OLC P . -14.72 32.51 -10.06
H8 OLC P . -17.26 36.28 -10.80
H8A OLC P . -17.54 36.41 -9.34
H24 OLC P . -13.02 46.44 -13.47
H24A OLC P . -12.76 46.74 -12.02
H16 OLC P . -13.38 27.97 -11.03
H16A OLC P . -13.22 27.05 -12.18
H12 OLC P . -16.29 31.11 -11.28
H12A OLC P . -15.90 31.84 -12.52
H7 OLC P . -15.24 37.66 -10.35
H7A OLC P . -15.91 37.99 -9.05
H15 OLC P . -15.41 27.41 -12.87
H15A OLC P . -15.74 28.12 -11.60
H13 OLC P . -13.66 30.98 -12.21
H13A OLC P . -14.17 30.17 -11.09
H6 OLC P . -17.22 39.49 -9.99
H6A OLC P . -17.60 38.57 -11.09
H14 OLC P . -14.04 29.26 -13.50
H14A OLC P . -15.47 29.62 -13.45
H5 OLC P . -15.54 40.43 -11.16
H5A OLC P . -15.34 39.24 -12.01
H4 OLC P . -17.24 41.22 -12.43
H4A OLC P . -17.54 39.89 -13.03
H3 OLC P . -15.22 40.32 -14.07
H3A OLC P . -16.48 40.60 -14.81
H2 OLC P . -16.37 42.88 -14.06
H2A OLC P . -15.25 42.53 -14.98
H21 OLC P . -16.04 44.85 -12.76
H21A OLC P . -15.26 45.25 -13.99
H22 OLC P . -14.91 46.48 -11.46
HO25 OLC P . -12.47 48.60 -12.92
HO23 OLC P . -15.36 47.86 -13.60
C1 PAM Q . -26.05 16.32 -6.04
O1 PAM Q . -25.47 15.45 -5.34
O2 PAM Q . -27.19 16.78 -5.85
C2 PAM Q . -25.24 16.88 -7.24
C3 PAM Q . -24.62 15.76 -8.09
C4 PAM Q . -23.15 16.05 -8.42
C5 PAM Q . -22.54 15.36 -9.65
C6 PAM Q . -20.99 15.54 -9.78
C7 PAM Q . -20.34 15.12 -11.12
C8 PAM Q . -19.79 16.33 -11.92
C9 PAM Q . -18.74 17.20 -11.26
C10 PAM Q . -18.16 18.28 -11.82
C11 PAM Q . -16.95 19.01 -11.27
C12 PAM Q . -15.77 19.33 -12.21
C13 PAM Q . -15.36 20.83 -12.25
C14 PAM Q . -15.03 21.37 -13.66
C15 PAM Q . -14.87 22.89 -13.73
C16 PAM Q . -13.98 23.45 -12.62
H21 PAM Q . -24.59 17.42 -6.85
H22 PAM Q . -25.80 17.44 -7.73
H31 PAM Q . -25.13 15.66 -8.87
H32 PAM Q . -24.72 14.95 -7.64
H41 PAM Q . -23.08 16.97 -8.53
H42 PAM Q . -22.64 15.88 -7.66
H51 PAM Q . -22.96 15.67 -10.41
H52 PAM Q . -22.75 14.44 -9.61
H61 PAM Q . -20.79 16.45 -9.61
H62 PAM Q . -20.57 15.08 -9.09
H71 PAM Q . -19.64 14.52 -10.94
H72 PAM Q . -20.96 14.65 -11.63
H81 PAM Q . -19.40 15.99 -12.71
H82 PAM Q . -20.51 16.84 -12.20
H9 PAM Q . -18.39 16.85 -10.46
H10 PAM Q . -18.30 18.46 -12.73
H111 PAM Q . -16.61 18.56 -10.52
H112 PAM Q . -17.28 19.82 -10.94
H121 PAM Q . -15.97 19.06 -13.09
H122 PAM Q . -15.02 18.82 -11.98
H131 PAM Q . -16.02 21.36 -11.87
H132 PAM Q . -14.60 20.96 -11.71
H141 PAM Q . -14.25 20.98 -13.98
H142 PAM Q . -15.69 21.11 -14.26
H151 PAM Q . -15.69 23.33 -13.70
H152 PAM Q . -14.49 23.15 -14.55
H161 PAM Q . -14.43 23.55 -11.81
H162 PAM Q . -13.60 24.28 -12.82
H163 PAM Q . -13.26 22.88 -12.44
C1 PAM R . -22.59 9.06 -14.56
O1 PAM R . -22.05 7.92 -14.39
O2 PAM R . -23.46 9.33 -15.40
C2 PAM R . -22.10 10.18 -13.62
C3 PAM R . -22.00 11.52 -14.35
C4 PAM R . -21.22 11.43 -15.70
C5 PAM R . -20.84 12.78 -16.37
C6 PAM R . -20.43 13.93 -15.42
C7 PAM R . -19.34 14.90 -15.96
C8 PAM R . -19.50 16.39 -15.53
C9 PAM R . -19.38 17.49 -16.58
C10 PAM R . -18.63 18.61 -16.46
C11 PAM R . -18.76 19.87 -17.30
C12 PAM R . -18.18 21.22 -16.77
C13 PAM R . -18.20 22.39 -17.81
C14 PAM R . -16.81 22.96 -18.22
C15 PAM R . -16.75 24.49 -18.35
C16 PAM R . -16.23 25.19 -17.09
H21 PAM R . -21.27 9.89 -13.30
H22 PAM R . -22.68 10.22 -12.88
H31 PAM R . -21.59 12.13 -13.78
H32 PAM R . -22.86 11.85 -14.47
H41 PAM R . -20.44 10.91 -15.56
H42 PAM R . -21.74 10.92 -16.30
H51 PAM R . -21.56 13.06 -16.90
H52 PAM R . -20.15 12.62 -16.97
H61 PAM R . -21.20 14.41 -15.19
H62 PAM R . -20.14 13.57 -14.61
H71 PAM R . -18.51 14.59 -15.69
H72 PAM R . -19.33 14.83 -16.89
H81 PAM R . -20.36 16.50 -15.16
H82 PAM R . -18.91 16.56 -14.83
H9 PAM R . -19.63 17.21 -17.45
H10 PAM R . -18.12 18.74 -15.68
H111 PAM R . -19.65 20.01 -17.52
H112 PAM R . -18.32 19.68 -18.11
H121 PAM R . -17.30 21.10 -16.50
H122 PAM R . -18.64 21.49 -16.00
H131 PAM R . -18.65 22.13 -18.59
H132 PAM R . -18.72 23.10 -17.47
H141 PAM R . -16.15 22.68 -17.62
H142 PAM R . -16.55 22.59 -19.04
H151 PAM R . -17.59 24.85 -18.55
H152 PAM R . -16.21 24.74 -19.07
H161 PAM R . -16.89 25.42 -16.48
H162 PAM R . -15.74 25.97 -17.27
H163 PAM R . -15.63 24.64 -16.61
C1 PAM S . -19.48 6.02 -18.72
O1 PAM S . -19.70 7.26 -18.52
O2 PAM S . -19.31 5.16 -17.83
C2 PAM S . -19.43 5.57 -20.20
C3 PAM S . -18.19 6.13 -20.89
C4 PAM S . -18.28 6.18 -22.44
C5 PAM S . -19.28 7.21 -23.04
C6 PAM S . -19.38 8.59 -22.32
C7 PAM S . -19.30 9.86 -23.21
C8 PAM S . -19.56 11.19 -22.43
C9 PAM S . -19.45 12.54 -23.14
C10 PAM S . -18.60 13.52 -22.80
C11 PAM S . -18.92 15.01 -22.77
C12 PAM S . -17.91 16.02 -22.17
C13 PAM S . -18.42 17.48 -22.07
C14 PAM S . -17.48 18.47 -21.37
C15 PAM S . -17.42 19.86 -22.04
C16 PAM S . -17.33 21.00 -21.03
H21 PAM S . -20.22 5.90 -20.58
H22 PAM S . -19.47 4.64 -20.22
H31 PAM S . -17.45 5.61 -20.62
H32 PAM S . -18.01 6.97 -20.53
H41 PAM S . -17.42 6.32 -22.78
H42 PAM S . -18.50 5.31 -22.74
H51 PAM S . -20.13 6.82 -23.08
H52 PAM S . -19.04 7.35 -23.94
H61 PAM S . -20.17 8.60 -21.83
H62 PAM S . -18.70 8.63 -21.68
H71 PAM S . -18.46 9.90 -23.62
H72 PAM S . -19.91 9.78 -23.92
H81 PAM S . -20.44 11.15 -22.10
H82 PAM S . -19.02 11.19 -21.67
H9 PAM S . -19.84 12.53 -24.00
H10 PAM S . -17.67 13.36 -22.81
H111 PAM S . -19.75 15.15 -22.35
H112 PAM S . -19.05 15.25 -23.66
H121 PAM S . -17.12 16.02 -22.67
H122 PAM S . -17.65 15.74 -21.31
H131 PAM S . -18.63 17.81 -22.92
H132 PAM S . -19.25 17.50 -21.61
H141 PAM S . -17.73 18.59 -20.48
H142 PAM S . -16.61 18.13 -21.33
H151 PAM S . -18.16 20.01 -22.60
H152 PAM S . -16.67 19.92 -22.61
H161 PAM S . -17.92 20.91 -20.31
H162 PAM S . -17.50 21.85 -21.40
H163 PAM S . -16.49 21.07 -20.65
C1 CLR T . 22.75 15.84 -20.22
C2 CLR T . 22.67 14.51 -19.50
C3 CLR T . 23.80 13.57 -19.95
C4 CLR T . 25.15 14.31 -19.75
C5 CLR T . 25.21 15.71 -20.32
C6 CLR T . 26.24 16.10 -21.12
C7 CLR T . 26.38 17.44 -21.71
C8 CLR T . 25.50 18.49 -21.04
C9 CLR T . 24.03 17.91 -20.87
C10 CLR T . 24.06 16.63 -19.97
C11 CLR T . 23.05 19.03 -20.46
C12 CLR T . 23.17 20.35 -21.26
C13 CLR T . 24.58 20.93 -21.19
C14 CLR T . 25.49 19.85 -21.81
C15 CLR T . 26.81 20.62 -22.00
C16 CLR T . 26.39 22.09 -22.24
C17 CLR T . 24.86 22.21 -22.03
C18 CLR T . 24.99 21.17 -19.73
C19 CLR T . 24.09 17.14 -18.53
C20 CLR T . 24.38 23.60 -21.43
C21 CLR T . 23.09 23.52 -20.64
C22 CLR T . 24.25 24.72 -22.49
C23 CLR T . 24.35 26.17 -21.94
C24 CLR T . 23.86 27.24 -22.92
C25 CLR T . 24.34 28.69 -22.61
C26 CLR T . 24.10 28.99 -21.13
C27 CLR T . 23.63 29.74 -23.45
O1 CLR T . 23.76 12.41 -19.16
H11 CLR T . 21.98 16.36 -20.00
H12 CLR T . 22.59 15.67 -21.17
H21 CLR T . 21.82 14.07 -19.67
H22 CLR T . 22.67 14.61 -18.55
H3 CLR T . 23.67 13.31 -20.87
H41 CLR T . 25.84 13.73 -20.11
H42 CLR T . 25.36 14.30 -18.81
H6 CLR T . 26.84 15.48 -21.49
H71 CLR T . 26.23 17.44 -22.67
H72 CLR T . 27.31 17.74 -21.72
H8 CLR T . 25.90 18.60 -20.16
H9 CLR T . 23.72 17.52 -21.69
H111 CLR T . 23.08 19.24 -19.53
H112 CLR T . 22.12 18.75 -20.55
H121 CLR T . 22.49 20.98 -20.97
H122 CLR T . 22.90 20.19 -22.18
H14 CLR T . 25.18 19.61 -22.70
H151 CLR T . 27.35 20.25 -22.71
H152 CLR T . 27.41 20.54 -21.24
H161 CLR T . 26.66 22.42 -23.11
H162 CLR T . 26.88 22.70 -21.67
H17 CLR T . 24.42 22.13 -22.89
H181 CLR T . 25.68 20.59 -19.38
H182 CLR T . 25.45 22.00 -19.57
H183 CLR T . 24.24 21.09 -19.12
H191 CLR T . 24.41 16.47 -17.92
H192 CLR T . 24.65 17.91 -18.41
H193 CLR T . 23.21 17.36 -18.20
H20 CLR T . 25.06 23.91 -20.82
H211 CLR T . 23.15 23.00 -19.82
H212 CLR T . 22.81 24.38 -20.31
H213 CLR T . 22.35 23.17 -21.14
H221 CLR T . 23.41 24.61 -22.94
H222 CLR T . 24.92 24.59 -23.18
H231 CLR T . 25.26 26.36 -21.67
H232 CLR T . 23.83 26.23 -21.12
H241 CLR T . 22.90 27.23 -22.97
H242 CLR T . 24.14 27.00 -23.82
H25 CLR T . 25.29 28.76 -22.77
H261 CLR T . 24.79 28.63 -20.54
H262 CLR T . 24.09 29.94 -20.94
H263 CLR T . 23.27 28.64 -20.80
H271 CLR T . 22.69 29.87 -23.21
H272 CLR T . 24.02 30.63 -23.38
H273 CLR T . 23.63 29.54 -24.40
H1 CLR T . 23.55 12.63 -18.37
C1 CLR U . -14.62 15.28 -27.35
C2 CLR U . -15.04 13.83 -27.17
C3 CLR U . -15.68 13.63 -25.80
C4 CLR U . -16.87 14.62 -25.71
C5 CLR U . -16.57 16.05 -26.06
C6 CLR U . -16.83 17.03 -25.15
C7 CLR U . -16.17 18.33 -25.17
C8 CLR U . -15.99 18.82 -26.58
C9 CLR U . -15.16 17.76 -27.41
C10 CLR U . -15.79 16.31 -27.33
C11 CLR U . -14.87 18.36 -28.82
C12 CLR U . -14.27 19.79 -28.82
C13 CLR U . -15.17 20.77 -28.07
C14 CLR U . -15.28 20.20 -26.64
C15 CLR U . -15.84 21.39 -25.86
C16 CLR U . -15.27 22.65 -26.55
C17 CLR U . -14.63 22.23 -27.89
C18 CLR U . -16.56 20.83 -28.72
C19 CLR U . -16.62 16.13 -28.61
C20 CLR U . -14.90 23.22 -29.08
C21 CLR U . -14.37 22.68 -30.40
C22 CLR U . -14.41 24.66 -28.85
C23 CLR U . -15.25 25.75 -29.54
C24 CLR U . -14.82 27.19 -29.23
C25 CLR U . -15.70 28.30 -29.86
C26 CLR U . -15.72 28.14 -31.38
C27 CLR U . -15.22 29.71 -29.49
O1 CLR U . -16.13 12.31 -25.70
H11 CLR U . -14.10 15.35 -28.16
H12 CLR U . -13.95 15.47 -26.67
H21 CLR U . -14.29 13.22 -27.26
H22 CLR U . -15.64 13.55 -27.87
H3 CLR U . -15.03 13.80 -25.11
H41 CLR U . -17.23 14.53 -24.81
H42 CLR U . -17.61 14.26 -26.23
H6 CLR U . -17.64 17.05 -24.69
H71 CLR U . -15.34 18.33 -24.69
H72 CLR U . -16.65 19.00 -24.64
H8 CLR U . -16.88 18.88 -26.93
H9 CLR U . -14.31 17.60 -26.99
H111 CLR U . -15.65 18.37 -29.38
H112 CLR U . -14.26 17.81 -29.32
H121 CLR U . -14.09 20.08 -29.73
H122 CLR U . -13.40 19.76 -28.43
H14 CLR U . -14.39 20.04 -26.28
H151 CLR U . -15.64 21.34 -24.91
H152 CLR U . -16.81 21.40 -25.83
H161 CLR U . -14.64 23.12 -25.99
H162 CLR U . -15.95 23.33 -26.68
H17 CLR U . -13.67 22.20 -27.78
H181 CLR U . -17.05 20.00 -28.74
H182 CLR U . -17.23 21.35 -28.25
H183 CLR U . -16.51 21.12 -29.64
H191 CLR U . -17.16 15.33 -28.58
H192 CLR U . -17.23 16.87 -28.78
H193 CLR U . -16.07 16.01 -29.39
H20 CLR U . -15.87 23.32 -29.18
H211 CLR U . -15.01 22.14 -30.90
H212 CLR U . -14.18 23.40 -31.02
H213 CLR U . -13.56 22.18 -30.31
H221 CLR U . -13.49 24.72 -29.17
H222 CLR U . -14.35 24.83 -27.91
H231 CLR U . -16.18 25.64 -29.31
H232 CLR U . -15.20 25.62 -30.50
H241 CLR U . -13.90 27.32 -29.49
H242 CLR U . -14.80 27.30 -28.28
H25 CLR U . -16.61 28.20 -29.54
H261 CLR U . -16.35 27.49 -31.71
H262 CLR U . -15.95 28.97 -31.84
H263 CLR U . -14.86 27.87 -31.75
H271 CLR U . -14.33 29.91 -29.83
H272 CLR U . -15.79 30.41 -29.83
H273 CLR U . -15.18 29.86 -28.54
H1 CLR U . -16.86 12.30 -25.26
C1 PAM V . 9.21 5.42 -34.41
O1 PAM V . 9.35 5.78 -33.20
O2 PAM V . 8.88 4.28 -34.78
C2 PAM V . 9.49 6.49 -35.48
C3 PAM V . 8.27 7.39 -35.68
C4 PAM V . 8.48 8.46 -36.79
C5 PAM V . 8.67 9.90 -36.26
C6 PAM V . 9.91 10.14 -35.37
C7 PAM V . 9.73 11.14 -34.18
C8 PAM V . 9.96 12.64 -34.54
C9 PAM V . 9.06 13.70 -33.93
C10 PAM V . 9.35 14.48 -32.87
C11 PAM V . 10.22 15.73 -32.87
C12 PAM V . 9.93 16.90 -31.89
C13 PAM V . 10.94 18.07 -31.96
C14 PAM V . 10.32 19.49 -31.84
C15 PAM V . 11.29 20.63 -32.20
C16 PAM V . 10.79 22.00 -31.78
H21 PAM V . 9.71 6.01 -36.26
H22 PAM V . 10.26 6.97 -35.24
H31 PAM V . 8.07 7.81 -34.86
H32 PAM V . 7.54 6.85 -35.86
H41 PAM V . 9.21 8.21 -37.31
H42 PAM V . 7.74 8.42 -37.38
H51 PAM V . 7.90 10.14 -35.79
H52 PAM V . 8.69 10.49 -37.00
H61 PAM V . 10.20 9.31 -35.04
H62 PAM V . 10.62 10.43 -35.92
H71 PAM V . 8.87 11.03 -33.84
H72 PAM V . 10.30 10.88 -33.49
H81 PAM V . 10.84 12.87 -34.25
H82 PAM V . 9.98 12.72 -35.47
H9 PAM V . 8.36 13.97 -34.52
H10 PAM V . 8.88 14.37 -32.06
H111 PAM V . 10.27 16.08 -33.74
H112 PAM V . 11.09 15.42 -32.68
H121 PAM V . 9.91 16.58 -31.02
H122 PAM V . 9.06 17.23 -32.04
H131 PAM V . 11.58 17.98 -31.30
H132 PAM V . 11.42 18.03 -32.77
H141 PAM V . 9.56 19.56 -32.39
H142 PAM V . 10.00 19.63 -30.97
H151 PAM V . 11.46 20.65 -33.12
H152 PAM V . 12.13 20.49 -31.82
H161 PAM V . 11.44 22.69 -31.85
H162 PAM V . 10.48 22.04 -30.89
H163 PAM V . 10.07 22.31 -32.30
C1 CLR W . -22.77 23.28 11.28
C2 CLR W . -23.15 21.93 11.87
C3 CLR W . -21.95 21.31 12.58
C4 CLR W . -21.48 22.30 13.67
C5 CLR W . -21.26 23.72 13.21
C6 CLR W . -20.23 24.45 13.73
C7 CLR W . -19.83 25.79 13.25
C8 CLR W . -20.94 26.53 12.51
C9 CLR W . -21.65 25.53 11.51
C10 CLR W . -22.29 24.36 12.31
C11 CLR W . -22.57 26.28 10.51
C12 CLR W . -21.98 27.57 9.90
C13 CLR W . -21.55 28.55 10.99
C14 CLR W . -20.44 27.81 11.76
C15 CLR W . -19.77 28.95 12.55
C16 CLR W . -20.00 30.23 11.71
C17 CLR W . -20.91 29.88 10.52
C18 CLR W . -22.73 28.86 11.93
C19 CLR W . -23.50 24.94 13.04
C20 CLR W . -21.91 31.04 10.11
C21 CLR W . -22.93 30.58 9.10
C22 CLR W . -21.24 32.34 9.62
C23 CLR W . -21.99 33.64 9.98
C24 CLR W . -21.24 34.93 9.60
C25 CLR W . -21.89 36.24 10.11
C26 CLR W . -23.30 36.37 9.55
C27 CLR W . -21.09 37.49 9.73
O1 CLR W . -22.35 20.09 13.15
H11 CLR W . -23.51 23.61 10.75
H12 CLR W . -22.11 23.12 10.59
H21 CLR W . -23.47 21.33 11.19
H22 CLR W . -23.91 22.01 12.47
H3 CLR W . -21.25 21.14 11.93
H41 CLR W . -20.70 21.91 14.08
H42 CLR W . -22.12 22.26 14.40
H6 CLR W . -19.85 24.25 14.54
H71 CLR W . -19.02 25.76 12.71
H72 CLR W . -19.49 26.34 13.97
H8 CLR W . -21.56 26.78 13.20
H9 CLR W . -21.01 25.04 10.99
H111 CLR W . -23.44 26.49 10.89
H112 CLR W . -22.81 25.72 9.76
H121 CLR W . -22.59 27.97 9.27
H122 CLR W . -21.23 27.33 9.35
H14 CLR W . -19.77 27.48 11.14
H151 CLR W . -18.83 28.77 12.74
H152 CLR W . -20.11 29.04 13.45
H161 CLR W . -19.16 30.63 11.42
H162 CLR W . -20.36 30.94 12.25
H17 CLR W . -20.36 29.73 9.74
H181 CLR W . -23.07 28.12 12.44
H182 CLR W . -22.54 29.44 12.68
H183 CLR W . -23.49 29.20 11.44
H191 CLR W . -23.51 24.69 13.99
H192 CLR W . -23.55 25.90 13.03
H193 CLR W . -24.35 24.59 12.72
H20 CLR W . -22.40 31.31 10.90
H211 CLR W . -23.68 30.10 9.47
H212 CLR W . -23.36 31.33 8.66
H213 CLR W . -22.57 30.03 8.38
H221 CLR W . -21.15 32.29 8.66
H222 CLR W . -20.33 32.37 9.95
H231 CLR W . -22.18 33.65 10.93
H232 CLR W . -22.84 33.63 9.53
H241 CLR W . -21.13 34.98 8.64
H242 CLR W . -20.33 34.88 9.93
H25 CLR W . -21.96 36.21 11.08
H261 CLR W . -23.98 35.88 10.05
H262 CLR W . -23.61 37.28 9.54
H263 CLR W . -23.38 36.05 8.64
H271 CLR W . -20.99 37.60 8.77
H272 CLR W . -21.50 38.32 10.05
H273 CLR W . -20.20 37.50 10.11
H1 CLR W . -21.90 19.97 13.87
C1 CLR X . 17.87 23.27 17.69
C2 CLR X . 17.44 21.83 17.88
C3 CLR X . 17.96 21.33 19.22
C4 CLR X . 17.36 22.25 20.33
C5 CLR X . 17.46 23.74 20.08
C6 CLR X . 17.83 24.57 21.11
C7 CLR X . 18.09 26.03 20.97
C8 CLR X . 17.52 26.61 19.68
C9 CLR X . 17.91 25.65 18.49
C10 CLR X . 17.23 24.27 18.69
C11 CLR X . 17.73 26.32 17.11
C12 CLR X . 18.23 27.77 17.03
C13 CLR X . 17.51 28.65 18.06
C14 CLR X . 17.96 28.09 19.43
C15 CLR X . 17.49 29.20 20.37
C16 CLR X . 17.50 30.51 19.55
C17 CLR X . 17.88 30.17 18.10
C18 CLR X . 16.00 28.53 17.90
C19 CLR X . 15.76 24.47 18.31
C20 CLR X . 17.17 31.09 17.01
C21 CLR X . 17.18 30.47 15.62
C22 CLR X . 17.71 32.53 16.94
C23 CLR X . 17.10 33.50 17.97
C24 CLR X . 18.05 34.63 18.44
C25 CLR X . 17.70 36.05 17.92
C26 CLR X . 17.95 36.13 16.41
C27 CLR X . 18.51 37.14 18.63
O1 CLR X . 17.54 20.00 19.40
H11 CLR X . 17.69 23.53 16.77
H12 CLR X . 18.83 23.30 17.69
H21 CLR X . 17.78 21.27 17.18
H22 CLR X . 16.48 21.73 17.82
H3 CLR X . 18.92 21.36 19.23
H41 CLR X . 17.78 21.98 21.15
H42 CLR X . 16.45 21.97 20.48
H6 CLR X . 17.99 24.26 21.98
H71 CLR X . 19.04 26.24 21.06
H72 CLR X . 17.76 26.52 21.74
H8 CLR X . 16.57 26.57 19.82
H9 CLR X . 18.84 25.38 18.55
H111 CLR X . 16.83 26.28 16.80
H112 CLR X . 18.21 25.83 16.41
H121 CLR X . 18.15 28.11 16.13
H122 CLR X . 19.18 27.79 17.17
H14 CLR X . 18.92 28.07 19.48
H151 CLR X . 18.03 29.25 21.19
H152 CLR X . 16.61 29.03 20.76
H161 CLR X . 18.11 31.17 19.94
H162 CLR X . 16.65 30.98 19.61
H17 CLR X . 18.82 30.28 17.98
H181 CLR X . 15.57 27.88 18.47
H182 CLR X . 15.47 29.29 18.18
H183 CLR X . 15.75 28.28 17.00
H191 CLR X . 15.19 23.82 18.75
H192 CLR X . 15.40 25.34 18.55
H193 CLR X . 15.59 24.32 17.38
H20 CLR X . 16.24 31.19 17.26
H211 CLR X . 16.61 29.69 15.53
H212 CLR X . 16.82 31.07 14.95
H213 CLR X . 18.06 30.23 15.31
H221 CLR X . 17.54 32.88 16.04
H222 CLR X . 18.67 32.52 17.01
H231 CLR X . 16.78 33.01 18.73
H232 CLR X . 16.31 33.91 17.58
H241 CLR X . 18.96 34.40 18.22
H242 CLR X . 18.05 34.64 19.42
H25 CLR X . 16.77 36.23 18.07
H261 CLR X . 17.25 35.73 15.88
H262 CLR X . 18.02 37.05 16.11
H263 CLR X . 18.77 35.70 16.13
H271 CLR X . 19.46 37.07 18.48
H272 CLR X . 18.28 38.03 18.35
H273 CLR X . 18.39 37.14 19.60
H1 CLR X . 17.15 19.94 20.15
C1 PAM Y . -7.66 18.74 30.00
O1 PAM Y . -7.68 17.84 30.88
O2 PAM Y . -8.19 18.67 28.87
C2 PAM Y . -6.94 20.05 30.38
C3 PAM Y . -7.81 21.27 30.11
C4 PAM Y . -7.00 22.56 29.83
C5 PAM Y . -7.85 23.76 29.35
C6 PAM Y . -7.85 24.02 27.82
C7 PAM Y . -7.70 25.52 27.40
C8 PAM Y . -7.92 25.83 25.89
C9 PAM Y . -8.51 27.17 25.51
C10 PAM Y . -7.98 28.07 24.66
C11 PAM Y . -8.06 28.00 23.15
C12 PAM Y . -9.00 28.97 22.39
C13 PAM Y . -8.35 30.31 21.97
C14 PAM Y . -9.29 31.53 21.95
C15 PAM Y . -8.70 32.79 21.30
C16 PAM Y . -8.28 32.57 19.85
H21 PAM Y . -6.15 20.05 29.86
H22 PAM Y . -6.67 19.99 31.28
H31 PAM Y . -8.39 21.39 30.83
H32 PAM Y . -8.39 21.07 29.39
H41 PAM Y . -6.53 22.79 30.61
H42 PAM Y . -6.34 22.36 29.20
H51 PAM Y . -7.55 24.53 29.80
H52 PAM Y . -8.73 23.64 29.65
H61 PAM Y . -7.16 23.52 27.42
H62 PAM Y . -8.64 23.67 27.45
H71 PAM Y . -8.31 26.03 27.91
H72 PAM Y . -6.87 25.83 27.67
H81 PAM Y . -7.10 25.78 25.46
H82 PAM Y . -8.43 25.13 25.52
H9 PAM Y . -9.21 27.45 26.10
H10 PAM Y . -7.77 28.93 24.98
H111 PAM Y . -8.25 27.13 22.87
H112 PAM Y . -7.19 28.18 22.85
H121 PAM Y . -9.75 29.16 22.93
H122 PAM Y . -9.36 28.55 21.63
H131 PAM Y . -7.62 30.50 22.52
H132 PAM Y . -7.97 30.21 21.12
H141 PAM Y . -10.09 31.32 21.51
H142 PAM Y . -9.55 31.76 22.83
H151 PAM Y . -7.96 33.10 21.78
H152 PAM Y . -9.31 33.49 21.32
H161 PAM Y . -7.40 32.29 19.75
H162 PAM Y . -8.37 33.34 19.31
H163 PAM Y . -8.80 31.91 19.43
OAA ZK1 Z . -30.08 -35.21 15.12
OAB ZK1 Z . -28.01 -34.74 17.02
OAC ZK1 Z . -25.68 -30.07 16.93
OAD ZK1 Z . -24.58 -32.15 17.69
OAE ZK1 Z . -25.77 -32.11 15.53
FAF ZK1 Z . -32.43 -28.20 13.95
FAG ZK1 Z . -30.49 -27.17 13.57
FAH ZK1 Z . -31.54 -26.86 15.50
CAI ZK1 Z . -28.78 -29.79 16.63
CAJ ZK1 Z . -30.84 -30.26 14.74
CAK ZK1 Z . -27.48 -25.62 16.65
CAL ZK1 Z . -29.26 -25.65 18.16
CAM ZK1 Z . -27.74 -27.10 16.33
CAN ZK1 Z . -29.58 -27.09 17.81
CAO ZK1 Z . -27.33 -32.09 17.81
NAP ZK1 Z . -30.46 -32.80 14.94
OAQ ZK1 Z . -28.67 -25.02 17.07
CAR ZK1 Z . -29.48 -28.71 16.07
CAS ZK1 Z . -30.52 -28.95 15.12
CAT ZK1 Z . -29.76 -33.90 15.49
CAU ZK1 Z . -28.70 -33.66 16.46
CAV ZK1 Z . -30.10 -31.42 15.34
CAW ZK1 Z . -29.12 -31.20 16.24
NAX ZK1 Z . -29.17 -27.34 16.44
NAY ZK1 Z . -28.38 -32.34 16.84
CAZ ZK1 Z . -31.26 -27.76 14.52
PBA ZK1 Z . -25.77 -31.59 16.95
HAI ZK1 Z . -28.11 -29.63 17.25
HAJ ZK1 Z . -31.52 -30.41 14.12
HAK ZK1 Z . -27.14 -25.17 15.86
HAKA ZK1 Z . -26.82 -25.57 17.37
HAL ZK1 Z . -30.08 -25.19 18.40
HALA ZK1 Z . -28.64 -25.64 18.91
HAM ZK1 Z . -27.45 -27.29 15.43
HAMA ZK1 Z . -27.26 -27.64 16.97
HAN ZK1 Z . -30.54 -27.24 17.88
HANA ZK1 Z . -29.11 -27.69 18.40
HAO ZK1 Z . -27.16 -32.91 18.31
HAOA ZK1 Z . -27.60 -31.40 18.42
HNAP ZK1 Z . -31.08 -32.94 14.36
C18 OLC AA . -6.71 33.39 14.01
C10 OLC AA . -8.80 26.68 18.95
C9 OLC AA . -8.76 25.32 19.26
C17 OLC AA . -6.12 33.39 15.42
C11 OLC AA . -7.74 27.54 18.28
C8 OLC AA . -7.95 24.59 20.30
C24 OLC AA . -7.58 17.29 21.22
C16 OLC AA . -6.27 32.01 16.13
C12 OLC AA . -7.53 27.45 16.72
C7 OLC AA . -8.65 23.49 21.21
C15 OLC AA . -5.88 30.79 15.25
C13 OLC AA . -7.42 28.83 16.00
C6 OLC AA . -8.12 23.43 22.69
C14 OLC AA . -5.99 29.43 15.99
C5 OLC AA . -8.40 22.08 23.43
C4 OLC AA . -9.86 21.51 23.25
C3 OLC AA . -9.93 20.01 22.85
C2 OLC AA . -10.25 19.01 24.03
C21 OLC AA . -6.91 17.00 23.76
C1 OLC AA . -9.17 17.90 24.22
C22 OLC AA . -6.80 16.36 22.27
O19 OLC AA . -9.44 16.82 24.70
O25 OLC AA . -8.87 16.76 21.01
O23 OLC AA . -5.46 16.31 21.92
O20 OLC AA . -7.83 18.12 23.85
H18 OLC AA . -6.18 32.90 13.41
H18A OLC AA . -7.54 32.97 13.98
H18B OLC AA . -6.85 34.24 13.63
H10 OLC AA . -9.37 27.16 19.52
H9 OLC AA . -9.00 24.77 18.52
H17 OLC AA . -5.22 33.63 15.41
H17A OLC AA . -6.55 34.02 15.96
H11 OLC AA . -6.91 27.36 18.68
H11A OLC AA . -7.95 28.44 18.47
H8 OLC AA . -7.59 25.23 20.88
H8A OLC AA . -7.23 24.16 19.88
H24 OLC AA . -7.10 17.32 20.41
H24A OLC AA . -7.64 18.16 21.53
H16 OLC AA . -7.16 31.92 16.41
H16A OLC AA . -5.77 32.02 16.92
H12 OLC AA . -6.75 26.95 16.53
H12A OLC AA . -8.23 26.97 16.33
H7 OLC AA . -9.59 23.65 21.25
H7A OLC AA . -8.56 22.65 20.82
H15 OLC AA . -6.41 30.78 14.49
H15A OLC AA . -5.01 30.91 14.95
H13 OLC AA . -7.74 28.76 15.13
H13A OLC AA . -8.00 29.44 16.42
H6 OLC AA . -8.47 24.14 23.19
H6A OLC AA . -7.19 23.57 22.67
H14 OLC AA . -5.41 28.82 15.58
H14A OLC AA . -5.68 29.52 16.86
H5 OLC AA . -8.23 22.20 24.34
H5A OLC AA . -7.77 21.44 23.15
H4 OLC AA . -10.32 21.63 24.07
H4A OLC AA . -10.32 22.03 22.63
H3 OLC AA . -10.57 19.90 22.18
H3A OLC AA . -9.11 19.77 22.44
H2 OLC AA . -10.37 19.51 24.81
H2A OLC AA . -11.09 18.62 23.85
H21 OLC AA . -6.05 17.28 24.03
H21A OLC AA . -7.19 16.32 24.34
H22 OLC AA . -7.20 15.52 22.28
HO25 OLC AA . -9.12 16.88 20.22
HO23 OLC AA . -5.18 17.05 21.67
C18 OLC BA . -3.83 28.30 8.52
C10 OLC BA . -2.64 37.10 10.68
C9 OLC BA . -2.22 38.42 10.83
C17 OLC BA . -4.59 29.27 9.44
C11 OLC BA . -2.45 36.14 9.53
C8 OLC BA . -1.04 39.14 10.18
C24 OLC BA . -1.15 49.15 3.85
C16 OLC BA . -4.61 30.71 8.87
C12 OLC BA . -3.68 35.33 8.95
C7 OLC BA . -0.17 40.15 11.04
C15 OLC BA . -5.14 31.78 9.87
C13 OLC BA . -4.29 34.28 9.94
C6 OLC BA . -0.83 41.57 11.25
C14 OLC BA . -5.22 33.22 9.27
C5 OLC BA . -1.21 42.34 9.94
C4 OLC BA . -1.82 43.75 10.17
C3 OLC BA . -2.97 44.14 9.19
C2 OLC BA . -2.91 45.62 8.66
C21 OLC BA . -1.93 47.70 5.90
C1 OLC BA . -2.02 45.75 7.38
C22 OLC BA . -0.99 48.92 5.44
O19 OLC BA . -1.82 44.80 6.66
O25 OLC BA . -0.18 48.39 3.17
O23 OLC BA . -1.38 50.07 6.12
O20 OLC BA . -1.42 46.97 7.03
H18 OLC BA . -3.75 27.44 8.90
H18A OLC BA . -2.95 28.57 8.39
H18B OLC BA . -4.19 28.19 7.66
H10 OLC BA . -3.44 36.93 11.17
H9 OLC BA . -2.92 39.00 11.07
H17 OLC BA . -4.22 29.27 10.29
H17A OLC BA . -5.48 28.99 9.53
H11 OLC BA . -2.07 36.60 8.82
H11A OLC BA . -1.82 35.50 9.80
H8 OLC BA . -0.47 38.48 9.86
H8A OLC BA . -1.36 39.61 9.44
H24 OLC BA . -2.01 48.91 3.59
H24A OLC BA . -1.04 50.06 3.66
H16 OLC BA . -3.75 30.93 8.60
H16A OLC BA . -5.13 30.72 8.10
H12 OLC BA . -4.36 35.90 8.69
H12A OLC BA . -3.43 34.87 8.17
H7 OLC BA . 0.00 39.79 11.88
H7A OLC BA . 0.66 40.26 10.64
H15 OLC BA . -5.98 31.52 10.18
H15A OLC BA . -4.60 31.80 10.62
H13 OLC BA . -3.61 33.84 10.40
H13A OLC BA . -4.78 34.72 10.60
H6 OLC BA . -1.58 41.50 11.79
H6A OLC BA . -0.23 42.10 11.73
H14 OLC BA . -5.02 33.17 8.36
H14A OLC BA . -6.11 33.52 9.30
H5 OLC BA . -0.45 42.41 9.40
H5A OLC BA . -1.81 41.81 9.44
H4 OLC BA . -1.14 44.39 10.11
H4A OLC BA . -2.13 43.81 11.06
H3 OLC BA . -3.79 44.02 9.61
H3A OLC BA . -2.97 43.54 8.48
H2 OLC BA . -2.61 46.18 9.35
H2A OLC BA . -3.78 45.90 8.48
H21 OLC BA . -2.79 48.03 6.09
H21A OLC BA . -2.02 47.11 5.17
H22 OLC BA . -0.10 48.69 5.61
HO25 OLC BA . -0.53 47.94 2.57
HO23 OLC BA . -1.52 49.91 6.91
C1 PAM CA . -3.19 18.96 25.93
O1 PAM CA . -2.29 18.26 26.50
O2 PAM CA . -4.29 19.25 26.42
C2 PAM CA . -2.83 19.50 24.53
C3 PAM CA . -4.07 19.55 23.62
C4 PAM CA . -3.89 20.49 22.40
C5 PAM CA . -5.21 20.82 21.66
C6 PAM CA . -5.35 20.16 20.26
C7 PAM CA . -6.57 20.57 19.38
C8 PAM CA . -6.23 21.55 18.20
C9 PAM CA . -6.96 21.44 16.87
C10 PAM CA . -7.23 22.46 16.02
C11 PAM CA . -6.55 22.74 14.68
C12 PAM CA . -7.37 23.30 13.49
C13 PAM CA . -6.49 24.02 12.40
C14 PAM CA . -7.28 24.79 11.32
C15 PAM CA . -7.23 26.32 11.47
C16 PAM CA . -7.39 27.07 10.15
H21 PAM CA . -2.18 18.91 24.20
H22 PAM CA . -2.42 20.33 24.62
H31 PAM CA . -4.80 19.82 24.14
H32 PAM CA . -4.27 18.67 23.36
H41 PAM CA . -3.47 21.27 22.67
H42 PAM CA . -3.28 20.09 21.81
H51 PAM CA . -5.28 21.75 21.58
H52 PAM CA . -5.93 20.57 22.19
H61 PAM CA . -4.56 20.34 19.79
H62 PAM CA . -5.35 19.23 20.37
H71 PAM CA . -6.97 19.79 19.04
H72 PAM CA . -7.22 20.95 19.94
H81 PAM CA . -6.39 22.42 18.51
H82 PAM CA . -5.31 21.50 18.06
H9 PAM CA . -7.13 20.55 16.61
H10 PAM CA . -7.85 23.12 16.27
H111 PAM CA . -6.10 21.98 14.39
H112 PAM CA . -5.89 23.37 14.88
H121 PAM CA . -8.01 23.91 13.79
H122 PAM CA . -7.86 22.63 13.08
H131 PAM CA . -5.90 24.61 12.81
H132 PAM CA . -5.95 23.39 11.98
H141 PAM CA . -6.95 24.58 10.47
H142 PAM CA . -8.18 24.52 11.32
H151 PAM CA . -6.43 26.60 11.86
H152 PAM CA . -7.90 26.63 12.05
H161 PAM CA . -7.40 28.00 10.25
H162 PAM CA . -8.16 26.85 9.68
H163 PAM CA . -6.68 26.90 9.56
C1 PAM DA . -12.70 15.52 18.82
O1 PAM DA . -12.43 14.54 19.58
O2 PAM DA . -13.66 15.58 18.03
C2 PAM DA . -11.74 16.73 18.90
C3 PAM DA . -12.33 17.95 18.20
C4 PAM DA . -11.39 19.17 18.20
C5 PAM DA . -12.04 20.49 17.70
C6 PAM DA . -11.64 20.94 16.27
C7 PAM DA . -10.82 22.25 16.17
C8 PAM DA . -11.37 23.28 15.11
C9 PAM DA . -12.36 24.35 15.55
C10 PAM DA . -12.27 25.68 15.32
C11 PAM DA . -11.57 26.35 14.16
C12 PAM DA . -12.21 27.61 13.47
C13 PAM DA . -11.26 28.40 12.52
C14 PAM DA . -11.82 29.74 11.99
C15 PAM DA . -10.76 30.83 11.76
C16 PAM DA . -9.87 30.59 10.55
H21 PAM DA . -10.94 16.44 18.50
H22 PAM DA . -11.54 16.89 19.81
H31 PAM DA . -13.15 18.15 18.61
H32 PAM DA . -12.55 17.70 17.33
H41 PAM DA . -11.05 19.29 19.07
H42 PAM DA . -10.63 18.98 17.68
H51 PAM DA . -11.84 21.17 18.31
H52 PAM DA . -12.97 20.39 17.76
H61 PAM DA . -11.16 20.24 15.87
H62 PAM DA . -12.42 21.01 15.76
H71 PAM DA . -10.79 22.67 17.01
H72 PAM DA . -9.93 22.05 15.96
H81 PAM DA . -10.63 23.74 14.77
H82 PAM DA . -11.71 22.79 14.40
H9 PAM DA . -13.05 24.01 16.11
H10 PAM DA . -12.49 26.28 16.02
H111 PAM DA . -11.38 25.72 13.49
H112 PAM DA . -10.73 26.62 14.49
H121 PAM DA . -12.53 28.19 14.13
H122 PAM DA . -12.97 27.35 12.99
H131 PAM DA . -10.44 28.58 12.95
H132 PAM DA . -11.02 27.87 11.79
H141 PAM DA . -12.28 29.60 11.18
H142 PAM DA . -12.47 30.07 12.57
H151 PAM DA . -10.20 30.92 12.51
H152 PAM DA . -11.15 31.68 11.67
H161 PAM DA . -9.05 31.06 10.58
H162 PAM DA . -10.27 30.84 9.73
H163 PAM DA . -9.64 29.70 10.45
C1 PAM EA . -16.40 14.14 18.04
O1 PAM EA . -15.56 13.18 18.02
O2 PAM EA . -17.04 14.55 17.06
C2 PAM EA . -16.61 14.83 19.40
C3 PAM EA . -17.41 16.12 19.24
C4 PAM EA . -16.66 17.23 18.47
C5 PAM EA . -17.55 18.34 17.83
C6 PAM EA . -18.91 17.86 17.24
C7 PAM EA . -19.55 18.76 16.13
C8 PAM EA . -19.45 20.30 16.37
C9 PAM EA . -18.55 21.12 15.45
C10 PAM EA . -18.16 22.40 15.64
C11 PAM EA . -17.29 23.20 14.70
C12 PAM EA . -17.06 24.74 14.90
C13 PAM EA . -16.39 25.44 13.69
C14 PAM EA . -16.63 26.96 13.58
C15 PAM EA . -15.53 27.83 14.22
C16 PAM EA . -15.20 29.09 13.42
H21 PAM EA . -15.75 14.99 19.74
H22 PAM EA . -17.03 14.22 19.98
H31 PAM EA . -17.67 16.42 20.10
H32 PAM EA . -18.23 15.90 18.84
H41 PAM EA . -16.03 17.63 19.05
H42 PAM EA . -16.13 16.83 17.80
H51 PAM EA . -17.05 18.77 17.15
H52 PAM EA . -17.70 19.01 18.47
H61 PAM EA . -18.79 16.99 16.90
H62 PAM EA . -19.51 17.76 17.94
H71 PAM EA . -19.18 18.54 15.31
H72 PAM EA . -20.46 18.51 16.04
H81 PAM EA . -19.13 20.44 17.23
H82 PAM EA . -20.31 20.66 16.35
H9 PAM EA . -18.46 20.75 14.58
H10 PAM EA . -18.67 22.95 16.22
H111 PAM EA . -17.58 23.08 13.83
H112 PAM EA . -16.45 22.80 14.74
H121 PAM EA . -17.87 25.15 15.08
H122 PAM EA . -16.54 24.89 15.67
H131 PAM EA . -15.46 25.29 13.71
H132 PAM EA . -16.68 25.04 12.90
H141 PAM EA . -16.70 27.21 12.67
H142 PAM EA . -17.45 27.20 13.96
H151 PAM EA . -14.75 27.34 14.36
H152 PAM EA . -15.79 28.10 15.09
H161 PAM EA . -14.46 29.57 13.76
H162 PAM EA . -15.01 28.91 12.52
H163 PAM EA . -15.91 29.70 13.40
OAA ZK1 FA . 25.50 -32.57 27.81
OAB ZK1 FA . 26.76 -30.48 29.29
OAC ZK1 FA . 24.96 -25.68 28.27
OAD ZK1 FA . 27.24 -25.98 29.14
OAE ZK1 FA . 26.46 -27.33 27.23
FAF ZK1 FA . 18.97 -29.33 26.14
FAG ZK1 FA . 19.49 -27.18 25.79
FAH ZK1 FA . 18.58 -27.81 27.73
CAI ZK1 FA . 22.73 -27.56 28.57
CAJ ZK1 FA . 21.48 -29.63 27.09
CAK ZK1 FA . 20.72 -23.72 27.82
CAL ZK1 FA . 19.80 -24.55 29.80
CAM ZK1 FA . 21.51 -25.02 27.62
CAN ZK1 FA . 20.60 -25.83 29.64
CAO ZK1 FA . 25.44 -27.99 29.70
NAP ZK1 FA . 23.55 -31.16 27.47
OAQ ZK1 FA . 19.55 -23.99 28.54
CAR ZK1 FA . 21.46 -27.37 28.04
CAS ZK1 FA . 20.82 -28.41 27.30
CAT ZK1 FA . 24.84 -31.36 28.00
CAU ZK1 FA . 25.48 -30.29 28.76
CAV ZK1 FA . 22.86 -29.85 27.67
CAW ZK1 FA . 23.45 -28.87 28.37
NAX ZK1 FA . 20.76 -26.11 28.22
NAY ZK1 FA . 24.81 -29.06 28.95
CAZ ZK1 FA . 19.43 -28.18 26.72
PBA ZK1 FA . 26.05 -26.69 28.53
HAI ZK1 FA . 23.15 -26.88 29.05
HAJ ZK1 FA . 21.07 -30.32 26.61
HAK ZK1 FA . 20.48 -23.36 26.95
HAKA ZK1 FA . 21.27 -23.10 28.30
HAL ZK1 FA . 18.95 -24.75 30.23
HALA ZK1 FA . 20.31 -23.92 30.34
HAM ZK1 FA . 21.61 -25.19 26.67
HAMA ZK1 FA . 22.37 -24.94 28.04
HAN ZK1 FA . 20.13 -26.58 30.06
HANA ZK1 FA . 21.47 -25.72 30.05
HAO ZK1 FA . 26.20 -28.35 30.19
HAOA ZK1 FA . 24.80 -27.60 30.31
HNAP ZK1 FA . 23.16 -31.78 27.02
C18 OLC GA . 22.01 32.43 1.46
C10 OLC GA . 23.52 23.55 4.79
C9 OLC GA . 24.47 22.58 5.03
C17 OLC GA . 22.40 31.32 0.45
C11 OLC GA . 23.59 24.81 3.94
C8 OLC GA . 24.32 21.07 5.14
C24 OLC GA . 28.94 11.98 1.27
C16 OLC GA . 23.12 30.12 1.14
C12 OLC GA . 22.28 25.41 3.30
C7 OLC GA . 24.75 20.32 6.48
C15 OLC GA . 22.25 28.84 1.25
C13 OLC GA . 22.53 26.36 2.07
C6 OLC GA . 26.01 19.39 6.33
C14 OLC GA . 22.65 27.88 2.41
C5 OLC GA . 25.84 17.96 6.93
C4 OLC GA . 26.02 16.78 5.89
C3 OLC GA . 26.88 15.57 6.39
C2 OLC GA . 26.08 14.22 6.55
C21 OLC GA . 27.33 12.60 3.28
C1 OLC GA . 26.08 13.35 5.24
C22 OLC GA . 28.79 12.85 2.62
O19 OLC GA . 25.34 12.40 5.12
O25 OLC GA . 27.95 12.35 0.36
O23 OLC GA . 28.91 14.20 2.29
O20 OLC GA . 26.92 13.66 4.17
H18 OLC GA . 21.41 32.12 2.11
H18A OLC GA . 21.56 33.13 1.04
H18B OLC GA . 22.73 32.83 1.91
H10 OLC GA . 22.63 23.21 4.85
H9 OLC GA . 25.33 22.83 4.71
H17 OLC GA . 22.95 31.68 -0.22
H17A OLC GA . 21.63 30.99 0.03
H11 OLC GA . 23.98 25.49 4.46
H11A OLC GA . 24.18 24.63 3.24
H8 OLC GA . 24.82 20.70 4.45
H8A OLC GA . 23.42 20.85 4.99
H24 OLC GA . 28.89 11.07 1.48
H24A OLC GA . 29.80 12.13 0.90
H16 OLC GA . 23.89 29.93 0.66
H16A OLC GA . 23.40 30.38 1.99
H12 OLC GA . 21.71 24.72 3.03
H12A OLC GA . 21.81 25.89 3.95
H7 OLC GA . 24.04 19.81 6.80
H7A OLC GA . 24.93 20.95 7.16
H15 OLC GA . 21.34 29.07 1.34
H15A OLC GA . 22.29 28.37 0.44
H13 OLC GA . 23.30 26.08 1.62
H13A OLC GA . 21.84 26.24 1.45
H6 OLC GA . 26.76 19.81 6.72
H6A OLC GA . 26.24 19.32 5.42
H14 OLC GA . 23.52 28.07 2.68
H14A OLC GA . 22.11 28.06 3.17
H5 OLC GA . 26.46 17.83 7.62
H5A OLC GA . 25.01 17.88 7.33
H4 OLC GA . 26.40 17.13 5.10
H4A OLC GA . 25.17 16.48 5.63
H3 OLC GA . 27.59 15.43 5.79
H3A OLC GA . 27.28 15.80 7.19
H2 OLC GA . 25.20 14.42 6.83
H2A OLC GA . 26.46 13.74 7.25
H21 OLC GA . 27.34 11.77 3.73
H21A OLC GA . 26.71 12.53 2.57
H22 OLC GA . 29.45 12.57 3.22
HO25 OLC GA . 27.26 11.90 0.47
HO23 OLC GA . 28.25 14.63 2.57
C18 OLC HA . 5.95 22.34 -18.67
C10 OLC HA . 4.77 30.16 -23.43
C9 OLC HA . 4.64 31.36 -24.11
C17 OLC HA . 6.09 23.51 -19.64
C11 OLC HA . 5.95 29.22 -23.31
C8 OLC HA . 4.13 31.63 -25.51
C24 OLC HA . 6.86 42.40 -23.88
C16 OLC HA . 7.55 23.70 -20.12
C12 OLC HA . 6.23 28.42 -21.97
C7 OLC HA . 3.18 32.87 -25.80
C15 OLC HA . 7.73 24.77 -21.24
C13 OLC HA . 7.10 27.13 -22.16
C6 OLC HA . 3.89 34.28 -25.70
C14 OLC HA . 7.16 26.18 -20.94
C5 OLC HA . 4.18 34.77 -24.26
C4 OLC HA . 3.94 36.30 -24.03
C3 OLC HA . 5.18 37.21 -24.33
C2 OLC HA . 5.83 36.99 -25.76
C21 OLC HA . 6.29 40.25 -25.29
C1 OLC HA . 6.96 38.02 -26.06
C22 OLC HA . 6.08 41.00 -23.87
O19 OLC HA . 7.66 37.91 -27.05
O25 OLC HA . 8.18 42.20 -23.44
O23 OLC HA . 4.73 41.22 -23.68
O20 OLC HA . 7.19 39.11 -25.23
H18 OLC HA . 5.14 22.35 -18.19
H18A OLC HA . 6.60 22.36 -18.00
H18B OLC HA . 6.02 21.48 -19.05
H10 OLC HA . 4.19 30.11 -22.67
H9 OLC HA . 4.48 32.09 -23.52
H17 OLC HA . 5.78 24.30 -19.24
H17A OLC HA . 5.56 23.37 -20.40
H11 OLC HA . 5.89 28.59 -24.00
H11A OLC HA . 6.72 29.73 -23.48
H8 OLC HA . 4.89 31.75 -26.07
H8A OLC HA . 3.69 30.88 -25.82
H24 OLC HA . 6.84 42.77 -24.74
H24A OLC HA . 6.41 43.01 -23.32
H16 OLC HA . 8.08 23.94 -19.38
H16A OLC HA . 7.89 22.88 -20.40
H12 OLC HA . 6.64 28.98 -21.34
H12A OLC HA . 5.42 28.16 -21.58
H7 OLC HA . 2.80 32.80 -26.64
H7A OLC HA . 2.46 32.87 -25.20
H15 OLC HA . 8.64 24.83 -21.45
H15A OLC HA . 7.33 24.44 -22.03
H13 OLC HA . 6.81 26.66 -22.91
H13A OLC HA . 7.98 27.39 -22.37
H6 OLC HA . 4.69 34.26 -26.20
H6A OLC HA . 3.35 34.92 -26.14
H14 OLC HA . 6.29 26.08 -20.57
H14A OLC HA . 7.66 26.57 -20.25
H5 OLC HA . 5.07 34.57 -24.03
H5A OLC HA . 3.66 34.28 -23.64
H4 OLC HA . 3.68 36.43 -23.14
H4A OLC HA . 3.22 36.58 -24.54
H3 OLC HA . 5.83 37.06 -23.69
H3A OLC HA . 4.93 38.10 -24.23
H2 OLC HA . 5.15 37.02 -26.41
H2A OLC HA . 6.17 36.12 -25.79
H21 OLC HA . 6.58 40.86 -25.92
H21A OLC HA . 5.44 39.94 -25.58
H22 OLC HA . 6.46 40.46 -23.20
HO25 OLC HA . 8.34 42.68 -22.77
HO23 OLC HA . 4.46 40.86 -22.98
C18 OLC IA . 15.10 25.68 -0.05
C10 OLC IA . 18.49 33.72 -3.42
C9 OLC IA . 19.29 34.58 -4.15
C17 OLC IA . 15.79 26.78 0.78
C11 OLC IA . 18.50 33.37 -1.93
C8 OLC IA . 19.26 36.09 -4.26
C24 OLC IA . 19.30 47.73 -6.08
C16 OLC IA . 15.98 28.10 -0.01
C12 OLC IA . 17.33 32.52 -1.30
C7 OLC IA . 20.26 36.83 -5.24
C15 OLC IA . 16.98 29.09 0.65
C13 OLC IA . 17.81 31.39 -0.32
C6 OLC IA . 19.78 38.23 -5.75
C14 OLC IA . 16.67 30.59 0.36
C5 OLC IA . 20.01 39.41 -4.75
C4 OLC IA . 18.82 39.69 -3.77
C3 OLC IA . 18.27 41.14 -3.80
C2 OLC IA . 19.18 42.22 -3.09
C21 OLC IA . 19.01 45.65 -4.48
C1 OLC IA . 18.56 43.65 -3.14
C22 OLC IA . 19.20 46.13 -6.01
O19 OLC IA . 18.20 44.21 -2.13
O25 OLC IA . 20.47 48.09 -6.77
O23 OLC IA . 20.36 45.58 -6.52
O20 OLC IA . 18.43 44.35 -4.34
H18 OLC IA . 14.96 24.90 0.45
H18A OLC IA . 15.65 25.40 -0.75
H18B OLC IA . 14.29 25.93 -0.45
H10 OLC IA . 17.63 33.61 -3.80
H9 OLC IA . 20.16 34.22 -4.28
H17 OLC IA . 16.62 26.48 1.08
H17A OLC IA . 15.28 26.97 1.54
H11 OLC IA . 19.30 32.93 -1.74
H11A OLC IA . 18.53 34.18 -1.47
H8 OLC IA . 18.39 36.33 -4.53
H8A OLC IA . 19.40 36.46 -3.41
H24 OLC IA . 19.31 48.09 -5.20
H24A OLC IA . 18.55 48.08 -6.51
H16 OLC IA . 16.28 27.88 -0.86
H16A OLC IA . 15.15 28.50 -0.13
H12 OLC IA . 16.74 33.06 -0.83
H12A OLC IA . 16.83 32.12 -1.98
H7 OLC IA . 20.44 36.29 -5.99
H7A OLC IA . 21.10 36.95 -4.82
H15 OLC IA . 17.00 28.94 1.57
H15A OLC IA . 17.85 28.90 0.36
H13 OLC IA . 18.37 30.79 -0.78
H13A OLC IA . 18.36 31.77 0.34
H6 OLC IA . 18.86 38.18 -5.97
H6A OLC IA . 20.20 38.43 -6.56
H14 OLC IA . 15.90 30.65 -0.17
H14A OLC IA . 16.44 31.01 1.17
H5 OLC IA . 20.78 39.25 -4.25
H5A OLC IA . 20.19 40.20 -5.23
H4 OLC IA . 19.10 39.48 -2.90
H4A OLC IA . 18.12 39.08 -3.94
H3 OLC IA . 18.15 41.41 -4.70
H3A OLC IA . 17.41 41.16 -3.43
H2 OLC IA . 20.03 42.20 -3.48
H2A OLC IA . 19.30 41.94 -2.20
H21 OLC IA . 19.85 45.68 -4.05
H21A OLC IA . 18.46 46.28 -4.05
H22 OLC IA . 18.43 45.87 -6.50
HO25 OLC IA . 20.91 48.64 -6.34
HO23 OLC IA . 20.85 46.16 -6.85
C1 PAM JA . 26.63 15.32 0.07
O1 PAM JA . 27.22 15.91 -0.88
O2 PAM JA . 26.51 14.08 0.20
C2 PAM JA . 26.01 16.22 1.16
C3 PAM JA . 24.69 15.66 1.68
C4 PAM JA . 24.24 16.24 3.04
C5 PAM JA . 22.73 16.64 3.13
C6 PAM JA . 22.17 16.82 4.56
C7 PAM JA . 20.68 17.25 4.65
C8 PAM JA . 20.44 18.78 4.42
C9 PAM JA . 19.51 19.23 3.30
C10 PAM JA . 18.40 19.96 3.45
C11 PAM JA . 18.14 20.99 4.52
C12 PAM JA . 16.99 22.03 4.34
C13 PAM JA . 17.12 22.90 3.07
C14 PAM JA . 16.47 24.29 3.12
C15 PAM JA . 16.81 25.11 4.39
C16 PAM JA . 16.75 26.62 4.20
H21 PAM JA . 25.90 17.05 0.74
H22 PAM JA . 26.64 16.34 1.85
H31 PAM JA . 24.78 14.72 1.72
H32 PAM JA . 24.05 15.78 1.01
H41 PAM JA . 24.43 15.61 3.70
H42 PAM JA . 24.78 16.98 3.24
H51 PAM JA . 22.22 16.03 2.67
H52 PAM JA . 22.63 17.43 2.66
H61 PAM JA . 22.28 16.02 5.03
H62 PAM JA . 22.70 17.45 5.02
H71 PAM JA . 20.19 16.77 4.01
H72 PAM JA . 20.33 16.99 5.48
H81 PAM JA . 20.06 19.12 5.21
H82 PAM JA . 21.27 19.19 4.34
H9 PAM JA . 19.93 19.19 2.45
H10 PAM JA . 17.60 19.68 3.01
H111 PAM JA . 18.92 21.46 4.71
H112 PAM JA . 17.95 20.50 5.30
H121 PAM JA . 16.95 22.59 5.09
H122 PAM JA . 16.17 21.59 4.33
H131 PAM JA . 18.02 23.01 2.84
H132 PAM JA . 16.75 22.44 2.33
H141 PAM JA . 16.71 24.79 2.39
H142 PAM JA . 15.54 24.23 3.06
H151 PAM JA . 17.66 24.89 4.70
H152 PAM JA . 16.24 24.88 5.09
H161 PAM JA . 17.50 27.07 4.49
H162 PAM JA . 16.02 27.02 4.62
H163 PAM JA . 16.66 26.85 3.30
C1 PAM KA . 22.91 10.83 11.40
O1 PAM KA . 23.63 9.96 11.96
O2 PAM KA . 21.68 10.93 11.53
C2 PAM KA . 23.65 11.83 10.47
C3 PAM KA . 22.68 12.73 9.70
C4 PAM KA . 22.54 14.16 10.28
C5 PAM KA . 22.21 15.25 9.23
C6 PAM KA . 21.58 16.56 9.78
C7 PAM KA . 21.30 17.68 8.73
C8 PAM KA . 21.14 19.11 9.33
C9 PAM KA . 20.84 20.29 8.41
C10 PAM KA . 20.43 21.51 8.82
C11 PAM KA . 20.31 22.78 7.99
C12 PAM KA . 20.44 24.18 8.67
C13 PAM KA . 19.90 25.40 7.85
C14 PAM KA . 19.26 26.52 8.72
C15 PAM KA . 19.24 27.92 8.10
C16 PAM KA . 18.57 28.02 6.74
H21 PAM KA . 24.16 11.29 9.90
H22 PAM KA . 24.24 12.32 11.01
H31 PAM KA . 21.85 12.31 9.65
H32 PAM KA . 22.98 12.75 8.80
H41 PAM KA . 21.87 14.14 10.95
H42 PAM KA . 23.33 14.37 10.74
H51 PAM KA . 21.64 14.88 8.58
H52 PAM KA . 23.01 15.45 8.77
H61 PAM KA . 20.79 16.35 10.22
H62 PAM KA . 22.14 16.91 10.45
H71 PAM KA . 21.98 17.68 8.10
H72 PAM KA . 20.53 17.45 8.25
H81 PAM KA . 20.42 19.08 9.93
H82 PAM KA . 21.89 19.29 9.85
H9 PAM KA . 20.72 20.05 7.51
H10 PAM KA . 20.40 21.70 9.75
H111 PAM KA . 19.52 22.77 7.49
H112 PAM KA . 20.99 22.72 7.35
H121 PAM KA . 21.35 24.35 8.87
H122 PAM KA . 20.03 24.16 9.51
H131 PAM KA . 20.59 25.78 7.34
H132 PAM KA . 19.27 25.10 7.23
H141 PAM KA . 18.38 26.29 8.94
H142 PAM KA . 19.70 26.58 9.53
H151 PAM KA . 20.11 28.27 8.02
H152 PAM KA . 18.82 28.53 8.67
H161 PAM KA . 18.61 28.87 6.36
H162 PAM KA . 17.67 27.77 6.76
H163 PAM KA . 18.97 27.45 6.12
C1 PAM LA . 20.15 10.99 15.54
O1 PAM LA . 20.43 12.14 15.07
O2 PAM LA . 19.36 10.19 15.03
C2 PAM LA . 20.88 10.59 16.84
C3 PAM LA . 20.98 11.76 17.80
C4 PAM LA . 19.60 12.35 18.22
C5 PAM LA . 19.34 13.79 17.71
C6 PAM LA . 20.32 14.87 18.24
C7 PAM LA . 20.76 15.96 17.22
C8 PAM LA . 20.38 17.41 17.62
C9 PAM LA . 20.62 18.55 16.63
C10 PAM LA . 19.80 19.60 16.45
C11 PAM LA . 20.19 20.99 15.98
C12 PAM LA . 19.42 21.69 14.84
C13 PAM LA . 19.76 23.20 14.67
C14 PAM LA . 19.22 23.86 13.39
C15 PAM LA . 19.26 25.39 13.42
C16 PAM LA . 19.18 26.02 12.04
H21 PAM LA . 21.72 10.30 16.55
H22 PAM LA . 20.43 9.86 17.20
H31 PAM LA . 21.51 12.43 17.42
H32 PAM LA . 21.47 11.48 18.56
H41 PAM LA . 18.93 11.77 17.92
H42 PAM LA . 19.53 12.32 19.16
H51 PAM LA . 18.47 14.02 17.94
H52 PAM LA . 19.35 13.78 16.78
H61 PAM LA . 19.93 15.29 18.98
H62 PAM LA . 21.08 14.44 18.58
H71 PAM LA . 21.69 15.90 17.09
H72 PAM LA . 20.38 15.76 16.38
H81 PAM LA . 19.47 17.43 17.81
H82 PAM LA . 20.80 17.61 18.44
H9 PAM LA . 21.25 18.33 15.96
H10 PAM LA . 18.86 19.46 16.43
H111 PAM LA . 21.10 21.01 15.77
H112 PAM LA . 20.10 21.54 16.74
H121 PAM LA . 18.50 21.62 14.99
H122 PAM LA . 19.56 21.25 14.02
H131 PAM LA . 19.46 23.68 15.40
H132 PAM LA . 20.69 23.30 14.67
H141 PAM LA . 19.71 23.57 12.64
H142 PAM LA . 18.35 23.59 13.22
H151 PAM LA . 20.02 25.70 13.84
H152 PAM LA . 18.55 25.73 13.93
H161 PAM LA . 19.66 26.81 11.95
H162 PAM LA . 18.30 26.21 11.76
H163 PAM LA . 19.52 25.45 11.38
#